data_8Z0K
#
_entry.id   8Z0K
#
_cell.length_a   1.00
_cell.length_b   1.00
_cell.length_c   1.00
_cell.angle_alpha   90.00
_cell.angle_beta   90.00
_cell.angle_gamma   90.00
#
_symmetry.space_group_name_H-M   'P 1'
#
loop_
_entity.id
_entity.type
_entity.pdbx_description
1 polymer 'type I-F CRISPR-associated protein Csy3'
2 polymer 'hypothetical protein J6N51_11000'
3 polymer 'HNH endonuclease'
4 polymer 'DNA (37-MER)'
5 polymer "DNA (5'-D(P*GP*TP*GP*CP*GP*GP*A)-3')"
6 polymer 'RNA (69-MER)'
7 polymer 'type I-F CRISPR-associated endoribonuclease Cas6/Csy4'
#
loop_
_entity_poly.entity_id
_entity_poly.type
_entity_poly.pdbx_seq_one_letter_code
_entity_poly.pdbx_strand_id
1 'polypeptide(L)'
;TLKSRPENLSFARCLNTTEAKFWQTDFLKRHTFKLPLLITDKAVLASKGHEMPPDKLEKEIMDPNPQKSQSCTLSTECDT
LRIDFGIKVLPVKESMYSCSDYNYRTAIYQKIDEYIAEDGFLTLAKRYVNNIANARFLWRNRKGAEIIETIVTIEDKEYP
SFNSKSFNLDTFVEDNATINEIAQQIADTFAGKREYLNIYVTCFVKIGCAMEVYPSQEMTFDDDDKGKKLFKFEGSAGMH
SQKINNALRTIDTWYPDYTTYEFPIPVENYGAARSIGIPFRPDTKSFYKLIDRMILKNEDLPIEDKHYVMAILIRGGMFS
KKQEK
;
A,B,C,D,G,H
2 'polypeptide(L)'
;MMKGYILLEKVNIENANAFNNIIVGIPAITSFLGFARALERKLNAKEIAIRINGVGLEFHEYELKGYKNKRGQYVTSCPL
PGSIPGQNEKKLDAHIMNQAYIDLNMSFLLEVEGPHVDMSTCKSIKSTMETLRIAGGIIRNYKKIRLIDTLADIPYGYFL
TLRQDNLNDAAGDDMLDKMIHALQQEDTLVPIAVGFKALSEVGHVEGQRDPEKDHCFVESIFSLGGFECSKILEDINSCL
WRYKTEEGLYLCTII
;
E
3 'polypeptide(L)'
;MLRNKILAAISQKIPEEQKINKYIEGLFQSIDKNHLATHVAKFTETNSPGNIGAYDILSSDMNCGYLDTANAGWKEPDIV
TNDAKYKRPQGFVAMEMSDGRTVMEHLQEDSAELRHEMEELTDKYDEIRDGILNMPSMQPYRTNQFIKQVFFPVGGSYHL
LSILPSTVLNYEVSDRLYRSKIPKIRLRLLSSNAASTTGSRLVSKNKWPLVFQALPPKFLEKNLAKALDKEYLLPDINID
ELEGVDNGCLIDEALLPLIIDEGKRKGEGNYRPRHLRDERKEETVQAFLDKYGYCNIPVGYEVHHIVPLSQGGADSIKNM
IMLSIEHHERVTEAHASYFKWRNT
;
F
4 'polydeoxyribonucleotide'
;(DT)(DG)(DC)(DT)(DA)(DA)(DG)(DC)(DG)(DC)(DA)(DC)(DC)(DT)(DA)(DA)(DT)(DT)(DT)(DC)
(DC)(DT)(DG)(DA)(DC)(DG)(DG)(DC)(DA)(DA)(DT)(DC)(DC)(DG)(DC)(DA)(DC)
;
I
5 'polydeoxyribonucleotide' (DG)(DT)(DG)(DC)(DG)(DG)(DA) J
6 'polyribonucleotide' GUUUAGAAGGAUUGCCGUCAGGAAAUUAGGUGCGCUUAGCAGUGUACCGCCGGAUAGGCGGUUUAGAAG L
7 'polypeptide(L)'
;MFSQILIIKPGTGISPNIIISEDIFPVLHSLFVEHDKKFGITFPAYSFDKKGHLGNIIEVLSEDKEALASLCLEEHLAEV
TDYVKVKKEITFTDDYVLFKRIREENQYETTARRMRKRGHTELGRPLEMHIKKKNQQIFCHAYIKVKSASTGQSYNIFLA
PTDIKHGSFSAYGLLRGDTHA
;
M
#
loop_
_chem_comp.id
_chem_comp.type
_chem_comp.name
_chem_comp.formula
A RNA linking ADENOSINE-5'-MONOPHOSPHATE 'C10 H14 N5 O7 P'
C RNA linking CYTIDINE-5'-MONOPHOSPHATE 'C9 H14 N3 O8 P'
DA DNA linking 2'-DEOXYADENOSINE-5'-MONOPHOSPHATE 'C10 H14 N5 O6 P'
DC DNA linking 2'-DEOXYCYTIDINE-5'-MONOPHOSPHATE 'C9 H14 N3 O7 P'
DG DNA linking 2'-DEOXYGUANOSINE-5'-MONOPHOSPHATE 'C10 H14 N5 O7 P'
DT DNA linking THYMIDINE-5'-MONOPHOSPHATE 'C10 H15 N2 O8 P'
G RNA linking GUANOSINE-5'-MONOPHOSPHATE 'C10 H14 N5 O8 P'
U RNA linking URIDINE-5'-MONOPHOSPHATE 'C9 H13 N2 O9 P'
#
# COMPACT_ATOMS: atom_id res chain seq x y z
N THR A 1 -58.20 27.10 44.00
CA THR A 1 -58.67 25.89 43.36
C THR A 1 -58.23 25.82 41.92
N LEU A 2 -57.67 24.70 41.50
CA LEU A 2 -57.20 24.53 40.16
C LEU A 2 -58.21 23.66 39.41
N LYS A 3 -58.51 23.96 38.16
CA LYS A 3 -59.54 23.23 37.41
C LYS A 3 -59.13 22.42 36.18
N SER A 4 -58.05 22.77 35.49
CA SER A 4 -57.56 22.02 34.35
C SER A 4 -56.05 22.01 34.33
N ARG A 5 -55.44 21.10 33.61
CA ARG A 5 -54.00 21.08 33.52
C ARG A 5 -53.58 22.28 32.72
N PRO A 6 -52.39 22.79 32.93
CA PRO A 6 -51.97 24.03 32.27
C PRO A 6 -51.83 23.87 30.77
N GLU A 7 -51.82 25.01 30.09
CA GLU A 7 -51.84 25.03 28.63
C GLU A 7 -50.54 24.58 28.01
N ASN A 8 -49.43 24.66 28.74
CA ASN A 8 -48.16 24.14 28.26
C ASN A 8 -47.39 23.52 29.43
N LEU A 9 -47.32 22.19 29.44
CA LEU A 9 -46.50 21.45 30.39
C LEU A 9 -45.70 20.41 29.63
N SER A 10 -44.40 20.36 29.89
CA SER A 10 -43.52 19.41 29.22
C SER A 10 -42.52 18.86 30.22
N PHE A 11 -42.10 17.62 29.97
CA PHE A 11 -41.09 16.94 30.78
C PHE A 11 -40.02 16.36 29.86
N ALA A 12 -38.87 16.09 30.45
CA ALA A 12 -37.75 15.50 29.73
C ALA A 12 -37.41 14.15 30.34
N ARG A 13 -36.63 13.36 29.59
CA ARG A 13 -36.16 12.08 30.09
C ARG A 13 -35.19 12.27 31.26
N CYS A 14 -35.33 11.40 32.26
CA CYS A 14 -34.39 11.34 33.36
C CYS A 14 -33.42 10.19 33.22
N LEU A 15 -33.71 9.22 32.36
CA LEU A 15 -32.80 8.12 32.03
C LEU A 15 -32.43 8.25 30.56
N ASN A 16 -31.29 8.84 30.28
CA ASN A 16 -30.84 9.04 28.93
C ASN A 16 -29.81 8.00 28.59
N THR A 17 -29.98 7.35 27.47
CA THR A 17 -29.12 6.25 27.05
C THR A 17 -28.43 6.64 25.75
N THR A 18 -27.22 6.13 25.55
CA THR A 18 -26.44 6.37 24.35
C THR A 18 -26.50 5.15 23.46
N GLU A 19 -26.05 5.32 22.21
CA GLU A 19 -26.06 4.23 21.25
C GLU A 19 -25.00 3.20 21.62
N ALA A 20 -25.24 1.97 21.19
CA ALA A 20 -24.36 0.84 21.48
C ALA A 20 -23.49 0.53 20.28
N LYS A 21 -22.31 0.00 20.55
CA LYS A 21 -21.39 -0.42 19.49
C LYS A 21 -20.99 -1.86 19.74
N PHE A 22 -20.94 -2.66 18.68
CA PHE A 22 -20.76 -4.09 18.80
C PHE A 22 -19.31 -4.47 18.50
N TRP A 23 -18.84 -5.51 19.17
CA TRP A 23 -17.50 -6.04 18.96
C TRP A 23 -17.54 -7.56 19.03
N GLN A 24 -16.46 -8.17 18.54
CA GLN A 24 -16.25 -9.62 18.64
C GLN A 24 -14.99 -9.88 19.45
N THR A 25 -15.00 -10.99 20.18
CA THR A 25 -13.98 -11.28 21.17
C THR A 25 -13.75 -12.79 21.20
N ASP A 26 -12.90 -13.24 22.13
CA ASP A 26 -12.83 -14.63 22.52
C ASP A 26 -13.01 -14.68 24.03
N PHE A 27 -13.69 -15.71 24.53
CA PHE A 27 -14.15 -15.71 25.92
C PHE A 27 -13.00 -15.84 26.92
N LEU A 28 -11.98 -16.61 26.60
CA LEU A 28 -10.86 -16.77 27.52
C LEU A 28 -9.81 -15.68 27.36
N LYS A 29 -10.05 -14.72 26.46
CA LYS A 29 -9.21 -13.54 26.31
C LYS A 29 -10.09 -12.31 26.14
N ARG A 30 -11.15 -12.22 26.94
CA ARG A 30 -12.16 -11.19 26.77
C ARG A 30 -11.84 -9.91 27.49
N HIS A 31 -10.77 -9.88 28.28
CA HIS A 31 -10.38 -8.66 29.00
C HIS A 31 -9.17 -7.99 28.37
N THR A 32 -8.65 -8.52 27.25
CA THR A 32 -7.40 -8.02 26.69
C THR A 32 -7.52 -7.72 25.20
N PHE A 33 -8.56 -8.22 24.53
CA PHE A 33 -8.57 -8.35 23.08
C PHE A 33 -9.96 -8.00 22.57
N LYS A 34 -10.04 -7.23 21.48
CA LYS A 34 -11.32 -6.94 20.81
C LYS A 34 -11.08 -6.62 19.34
N LEU A 35 -12.00 -7.10 18.48
CA LEU A 35 -11.97 -6.88 17.04
C LEU A 35 -13.26 -6.20 16.57
N PRO A 36 -13.21 -5.45 15.47
CA PRO A 36 -14.43 -4.82 14.96
C PRO A 36 -15.36 -5.81 14.26
N LEU A 37 -16.66 -5.49 14.30
CA LEU A 37 -17.70 -6.27 13.65
C LEU A 37 -18.38 -5.42 12.58
N LEU A 38 -18.53 -5.97 11.38
CA LEU A 38 -19.01 -5.21 10.23
C LEU A 38 -20.24 -5.87 9.62
N ILE A 39 -20.99 -5.07 8.87
CA ILE A 39 -22.21 -5.49 8.19
C ILE A 39 -21.90 -5.74 6.72
N THR A 40 -22.48 -6.81 6.17
CA THR A 40 -22.23 -7.22 4.79
C THR A 40 -23.53 -7.13 4.00
N ASP A 41 -23.38 -7.26 2.68
CA ASP A 41 -24.51 -7.21 1.75
C ASP A 41 -24.86 -8.62 1.29
N LYS A 42 -26.16 -8.95 1.34
CA LYS A 42 -26.65 -10.26 0.95
C LYS A 42 -27.84 -10.10 0.02
N ALA A 43 -27.79 -10.80 -1.11
CA ALA A 43 -28.92 -10.88 -2.03
C ALA A 43 -29.35 -12.33 -2.16
N VAL A 44 -30.67 -12.55 -2.26
CA VAL A 44 -31.24 -13.88 -2.21
C VAL A 44 -32.17 -14.10 -3.39
N LEU A 45 -32.43 -15.37 -3.67
CA LEU A 45 -33.45 -15.79 -4.63
C LEU A 45 -34.53 -16.54 -3.85
N ALA A 46 -35.78 -16.12 -4.02
CA ALA A 46 -36.86 -16.68 -3.23
C ALA A 46 -38.01 -17.18 -4.08
N SER A 47 -39.10 -17.55 -3.43
CA SER A 47 -40.33 -17.94 -4.11
C SER A 47 -41.47 -17.10 -3.53
N LYS A 48 -42.53 -16.94 -4.32
CA LYS A 48 -43.68 -16.14 -3.89
C LYS A 48 -44.55 -16.99 -2.98
N GLY A 49 -44.49 -16.73 -1.68
CA GLY A 49 -45.24 -17.49 -0.71
C GLY A 49 -46.13 -16.63 0.16
N HIS A 50 -46.57 -15.50 -0.36
CA HIS A 50 -47.52 -14.65 0.33
C HIS A 50 -48.94 -15.06 -0.07
N GLU A 51 -49.90 -14.63 0.74
CA GLU A 51 -51.29 -14.97 0.48
C GLU A 51 -51.85 -14.02 -0.58
N MET A 52 -52.27 -14.59 -1.71
CA MET A 52 -52.75 -13.82 -2.85
C MET A 52 -54.18 -14.22 -3.19
N PRO A 53 -54.94 -13.34 -3.85
CA PRO A 53 -56.27 -13.71 -4.37
C PRO A 53 -56.18 -14.84 -5.39
N PRO A 54 -57.24 -15.65 -5.52
CA PRO A 54 -57.18 -16.86 -6.37
C PRO A 54 -56.94 -16.61 -7.85
N ASP A 55 -57.30 -15.43 -8.37
CA ASP A 55 -56.98 -15.11 -9.75
C ASP A 55 -55.47 -14.94 -9.95
N LYS A 56 -54.83 -14.17 -9.08
CA LYS A 56 -53.39 -13.94 -9.19
C LYS A 56 -52.58 -15.17 -8.82
N LEU A 57 -53.16 -16.08 -8.03
CA LEU A 57 -52.45 -17.29 -7.60
C LEU A 57 -52.19 -18.23 -8.76
N GLU A 58 -53.12 -18.33 -9.71
CA GLU A 58 -52.93 -19.22 -10.85
C GLU A 58 -51.84 -18.71 -11.79
N LYS A 59 -51.58 -17.41 -11.79
CA LYS A 59 -50.56 -16.82 -12.66
C LYS A 59 -49.21 -16.65 -11.98
N GLU A 60 -49.15 -16.52 -10.67
CA GLU A 60 -47.90 -16.16 -10.00
C GLU A 60 -47.43 -17.19 -8.96
N ILE A 61 -47.88 -18.44 -9.04
CA ILE A 61 -47.49 -19.40 -8.00
C ILE A 61 -46.06 -19.89 -8.21
N MET A 62 -45.58 -19.88 -9.45
CA MET A 62 -44.27 -20.48 -9.73
C MET A 62 -43.30 -19.48 -10.32
N ASP A 63 -43.24 -18.29 -9.74
CA ASP A 63 -42.42 -17.26 -10.34
C ASP A 63 -41.26 -16.92 -9.42
N PRO A 64 -40.10 -16.54 -9.97
CA PRO A 64 -38.96 -16.22 -9.12
C PRO A 64 -39.13 -14.87 -8.45
N ASN A 65 -38.47 -14.70 -7.30
CA ASN A 65 -38.60 -13.50 -6.49
C ASN A 65 -37.21 -13.17 -5.93
N PRO A 66 -36.36 -12.45 -6.68
CA PRO A 66 -35.14 -11.91 -6.07
C PRO A 66 -35.44 -10.75 -5.13
N GLN A 67 -34.71 -10.71 -4.01
CA GLN A 67 -34.75 -9.58 -3.08
C GLN A 67 -33.35 -9.25 -2.57
N LYS A 68 -33.23 -8.03 -2.04
CA LYS A 68 -32.02 -7.51 -1.43
C LYS A 68 -32.15 -7.46 0.09
N SER A 69 -31.04 -7.69 0.77
CA SER A 69 -31.02 -7.73 2.24
C SER A 69 -29.63 -7.35 2.72
N GLN A 70 -29.42 -7.45 4.03
CA GLN A 70 -28.13 -7.23 4.67
C GLN A 70 -28.03 -8.19 5.86
N SER A 71 -26.82 -8.50 6.27
CA SER A 71 -26.62 -9.47 7.34
C SER A 71 -25.38 -9.12 8.15
N CYS A 72 -25.31 -9.67 9.36
CA CYS A 72 -24.17 -9.51 10.24
C CYS A 72 -23.90 -10.83 10.95
N THR A 73 -22.67 -11.33 10.85
CA THR A 73 -22.27 -12.58 11.47
C THR A 73 -20.88 -12.43 12.06
N LEU A 74 -20.56 -13.28 13.04
CA LEU A 74 -19.24 -13.34 13.62
C LEU A 74 -18.27 -14.07 12.67
N SER A 75 -16.98 -13.98 12.99
CA SER A 75 -15.96 -14.64 12.19
C SER A 75 -15.85 -16.11 12.58
N THR A 76 -14.94 -16.82 11.93
CA THR A 76 -14.73 -18.24 12.19
C THR A 76 -13.76 -18.48 13.34
N GLU A 77 -13.17 -17.43 13.89
CA GLU A 77 -12.19 -17.56 14.98
C GLU A 77 -12.62 -16.85 16.26
N CYS A 78 -13.77 -16.20 16.27
CA CYS A 78 -14.29 -15.50 17.43
C CYS A 78 -15.64 -16.08 17.82
N ASP A 79 -15.90 -16.19 19.12
CA ASP A 79 -17.12 -16.82 19.59
C ASP A 79 -17.98 -15.97 20.52
N THR A 80 -17.60 -14.72 20.80
CA THR A 80 -18.36 -13.89 21.72
C THR A 80 -18.68 -12.53 21.11
N LEU A 81 -19.73 -11.91 21.64
CA LEU A 81 -20.19 -10.59 21.25
C LEU A 81 -20.11 -9.64 22.43
N ARG A 82 -19.56 -8.44 22.20
CA ARG A 82 -19.35 -7.45 23.25
C ARG A 82 -20.15 -6.19 22.93
N ILE A 83 -20.95 -5.74 23.90
CA ILE A 83 -21.86 -4.60 23.74
C ILE A 83 -21.54 -3.58 24.82
N ASP A 84 -21.26 -2.35 24.41
CA ASP A 84 -20.96 -1.27 25.33
C ASP A 84 -21.82 -0.03 25.14
N PHE A 85 -22.55 0.40 26.16
CA PHE A 85 -23.35 1.63 26.10
C PHE A 85 -23.24 2.34 27.44
N GLY A 86 -23.92 3.48 27.56
CA GLY A 86 -23.84 4.29 28.76
C GLY A 86 -25.14 5.01 29.05
N ILE A 87 -25.40 5.23 30.34
CA ILE A 87 -26.64 5.84 30.83
C ILE A 87 -26.30 7.08 31.65
N LYS A 88 -27.08 8.14 31.47
CA LYS A 88 -26.99 9.37 32.27
C LYS A 88 -28.29 9.56 33.05
N VAL A 89 -28.18 9.72 34.37
CA VAL A 89 -29.33 9.88 35.26
C VAL A 89 -29.38 11.32 35.74
N LEU A 90 -30.56 11.94 35.64
CA LEU A 90 -30.77 13.33 36.00
C LEU A 90 -31.96 13.45 36.96
N PRO A 91 -32.01 14.50 37.80
CA PRO A 91 -33.11 14.65 38.76
C PRO A 91 -34.47 14.92 38.11
N VAL A 92 -35.52 14.58 38.86
CA VAL A 92 -36.88 14.62 38.34
C VAL A 92 -37.45 16.04 38.37
N LYS A 93 -37.32 16.73 39.50
CA LYS A 93 -37.92 18.05 39.66
C LYS A 93 -37.25 19.13 38.83
N GLU A 94 -36.04 18.89 38.33
CA GLU A 94 -35.35 19.84 37.47
C GLU A 94 -35.49 19.47 36.00
N SER A 95 -36.49 18.63 35.71
CA SER A 95 -36.73 18.17 34.35
C SER A 95 -38.05 18.65 33.83
N MET A 96 -38.60 19.69 34.42
CA MET A 96 -39.79 20.35 33.94
C MET A 96 -39.37 21.57 33.14
N TYR A 97 -39.38 21.44 31.82
CA TYR A 97 -38.89 22.51 30.95
C TYR A 97 -39.94 23.57 30.65
N SER A 98 -41.22 23.31 30.93
CA SER A 98 -42.28 24.28 30.66
C SER A 98 -43.42 24.06 31.63
N CYS A 99 -43.93 25.15 32.20
CA CYS A 99 -45.15 25.12 33.02
C CYS A 99 -45.73 26.53 33.02
N SER A 100 -46.88 26.71 32.37
CA SER A 100 -47.46 28.04 32.21
C SER A 100 -48.03 28.55 33.53
N ASP A 101 -48.74 27.71 34.27
CA ASP A 101 -49.37 28.13 35.52
C ASP A 101 -48.40 27.91 36.68
N TYR A 102 -48.45 28.79 37.68
CA TYR A 102 -47.53 28.73 38.81
C TYR A 102 -48.07 27.85 39.93
N ASN A 103 -49.40 27.81 40.11
CA ASN A 103 -50.01 27.01 41.17
C ASN A 103 -49.87 25.52 40.90
N TYR A 104 -49.96 25.12 39.63
CA TYR A 104 -49.76 23.73 39.26
C TYR A 104 -48.31 23.30 39.52
N ARG A 105 -47.36 24.22 39.31
CA ARG A 105 -45.96 23.96 39.63
C ARG A 105 -45.77 23.73 41.12
N THR A 106 -46.39 24.59 41.94
CA THR A 106 -46.30 24.46 43.40
C THR A 106 -46.91 23.14 43.88
N ALA A 107 -48.09 22.78 43.35
CA ALA A 107 -48.77 21.56 43.76
C ALA A 107 -48.01 20.31 43.35
N ILE A 108 -47.49 20.30 42.12
CA ILE A 108 -46.74 19.13 41.65
C ILE A 108 -45.40 19.01 42.39
N TYR A 109 -44.80 20.14 42.79
CA TYR A 109 -43.57 20.05 43.57
C TYR A 109 -43.83 19.51 44.96
N GLN A 110 -44.97 19.87 45.54
CA GLN A 110 -45.36 19.30 46.84
C GLN A 110 -45.62 17.80 46.74
N LYS A 111 -46.26 17.35 45.66
CA LYS A 111 -46.52 15.91 45.50
C LYS A 111 -45.23 15.12 45.28
N ILE A 112 -44.29 15.66 44.50
CA ILE A 112 -43.00 14.96 44.34
C ILE A 112 -42.21 14.95 45.65
N ASP A 113 -42.29 16.02 46.46
CA ASP A 113 -41.61 16.00 47.76
C ASP A 113 -42.23 14.99 48.73
N GLU A 114 -43.56 14.83 48.70
CA GLU A 114 -44.18 13.78 49.51
C GLU A 114 -43.85 12.38 48.99
N TYR A 115 -43.57 12.23 47.70
CA TYR A 115 -43.12 10.94 47.20
C TYR A 115 -41.65 10.69 47.56
N ILE A 116 -40.85 11.75 47.69
CA ILE A 116 -39.49 11.58 48.23
C ILE A 116 -39.54 11.16 49.68
N ALA A 117 -40.54 11.65 50.44
CA ALA A 117 -40.66 11.33 51.86
C ALA A 117 -40.97 9.86 52.09
N GLU A 118 -41.94 9.31 51.37
CA GLU A 118 -42.35 7.90 51.49
C GLU A 118 -41.97 7.16 50.21
N ASP A 119 -41.08 6.16 50.34
CA ASP A 119 -40.49 5.41 49.23
C ASP A 119 -39.75 6.32 48.27
N GLY A 120 -38.64 6.90 48.72
CA GLY A 120 -37.89 7.86 47.94
C GLY A 120 -37.18 7.31 46.72
N PHE A 121 -37.98 6.93 45.71
CA PHE A 121 -37.54 6.50 44.38
C PHE A 121 -36.65 5.26 44.42
N LEU A 122 -36.91 4.37 45.38
CA LEU A 122 -36.06 3.20 45.56
C LEU A 122 -36.60 1.96 44.86
N THR A 123 -37.91 1.75 44.86
CA THR A 123 -38.51 0.57 44.22
C THR A 123 -38.33 0.63 42.69
N LEU A 124 -38.61 1.79 42.12
CA LEU A 124 -38.49 1.98 40.67
C LEU A 124 -37.05 1.83 40.22
N ALA A 125 -36.10 2.37 41.01
CA ALA A 125 -34.68 2.25 40.71
C ALA A 125 -34.21 0.80 40.81
N LYS A 126 -34.77 0.04 41.75
CA LYS A 126 -34.46 -1.39 41.86
C LYS A 126 -34.93 -2.13 40.62
N ARG A 127 -36.10 -1.77 40.09
CA ARG A 127 -36.59 -2.40 38.86
C ARG A 127 -35.73 -2.01 37.65
N TYR A 128 -35.26 -0.75 37.59
CA TYR A 128 -34.41 -0.34 36.47
C TYR A 128 -33.05 -1.03 36.52
N VAL A 129 -32.45 -1.19 37.70
CA VAL A 129 -31.20 -1.95 37.80
C VAL A 129 -31.44 -3.44 37.54
N ASN A 130 -32.58 -3.97 37.80
CA ASN A 130 -32.85 -5.38 37.49
C ASN A 130 -32.92 -5.57 36.01
N ASN A 131 -33.54 -4.58 35.32
CA ASN A 131 -33.61 -4.74 33.87
C ASN A 131 -32.28 -4.45 33.19
N ILE A 132 -31.25 -4.13 33.97
CA ILE A 132 -29.87 -4.20 33.52
C ILE A 132 -29.23 -5.52 33.93
N ALA A 133 -29.69 -6.12 35.02
CA ALA A 133 -29.11 -7.36 35.50
C ALA A 133 -29.55 -8.58 34.69
N ASN A 134 -30.81 -8.63 34.21
CA ASN A 134 -31.24 -9.79 33.43
C ASN A 134 -30.94 -9.67 31.94
N ALA A 135 -30.40 -8.53 31.50
CA ALA A 135 -30.00 -8.26 30.11
C ALA A 135 -31.18 -8.39 29.13
N ARG A 136 -32.18 -7.54 29.33
CA ARG A 136 -33.31 -7.47 28.40
C ARG A 136 -33.00 -6.59 27.20
N PHE A 137 -31.92 -5.81 27.25
CA PHE A 137 -31.46 -5.03 26.10
C PHE A 137 -30.89 -5.89 24.99
N LEU A 138 -30.67 -7.18 25.23
CA LEU A 138 -30.48 -8.16 24.19
C LEU A 138 -31.85 -8.68 23.80
N TRP A 139 -32.30 -8.39 22.59
CA TRP A 139 -33.66 -8.78 22.25
C TRP A 139 -33.67 -10.15 21.57
N ARG A 140 -33.03 -10.27 20.42
CA ARG A 140 -32.91 -11.57 19.78
C ARG A 140 -31.52 -12.16 19.98
N ASN A 141 -30.65 -11.45 20.69
CA ASN A 141 -29.29 -11.90 20.98
C ASN A 141 -29.21 -12.61 22.32
N ARG A 142 -30.34 -12.84 22.97
CA ARG A 142 -30.40 -13.56 24.22
C ARG A 142 -30.85 -15.00 24.03
N LYS A 143 -31.35 -15.34 22.84
CA LYS A 143 -31.82 -16.69 22.54
C LYS A 143 -30.66 -17.53 22.04
N GLY A 144 -30.26 -18.52 22.82
CA GLY A 144 -29.21 -19.42 22.40
C GLY A 144 -27.81 -18.99 22.82
N ALA A 145 -27.64 -18.72 24.11
CA ALA A 145 -26.36 -18.30 24.66
C ALA A 145 -26.01 -19.15 25.85
N GLU A 146 -24.74 -19.55 25.93
CA GLU A 146 -24.30 -20.38 27.05
C GLU A 146 -23.93 -19.54 28.27
N ILE A 147 -23.26 -18.42 28.08
CA ILE A 147 -22.86 -17.54 29.18
C ILE A 147 -23.20 -16.11 28.79
N ILE A 148 -23.94 -15.41 29.65
CA ILE A 148 -24.17 -13.97 29.51
C ILE A 148 -23.64 -13.31 30.78
N GLU A 149 -22.71 -12.36 30.60
CA GLU A 149 -22.03 -11.70 31.71
C GLU A 149 -22.15 -10.19 31.54
N THR A 150 -22.59 -9.51 32.59
CA THR A 150 -22.85 -8.06 32.56
C THR A 150 -22.08 -7.38 33.68
N ILE A 151 -21.35 -6.33 33.33
CA ILE A 151 -20.52 -5.57 34.27
C ILE A 151 -21.00 -4.12 34.28
N VAL A 152 -21.18 -3.56 35.47
CA VAL A 152 -21.64 -2.19 35.65
C VAL A 152 -20.56 -1.39 36.35
N THR A 153 -20.17 -0.26 35.77
CA THR A 153 -19.18 0.65 36.34
C THR A 153 -19.83 2.00 36.60
N ILE A 154 -19.72 2.48 37.83
CA ILE A 154 -20.15 3.83 38.22
C ILE A 154 -18.91 4.57 38.68
N GLU A 155 -18.66 5.74 38.06
CA GLU A 155 -17.52 6.62 38.31
C GLU A 155 -16.24 5.87 37.92
N ASP A 156 -15.40 5.55 38.90
CA ASP A 156 -14.23 4.74 38.66
C ASP A 156 -14.21 3.48 39.54
N LYS A 157 -15.39 2.98 39.89
CA LYS A 157 -15.53 1.77 40.68
C LYS A 157 -16.26 0.71 39.86
N GLU A 158 -15.57 -0.41 39.61
CA GLU A 158 -16.18 -1.54 38.91
C GLU A 158 -16.80 -2.48 39.94
N TYR A 159 -18.09 -2.72 39.79
CA TYR A 159 -18.86 -3.56 40.70
C TYR A 159 -18.71 -5.03 40.33
N PRO A 160 -18.95 -5.95 41.26
CA PRO A 160 -18.94 -7.37 40.91
C PRO A 160 -20.04 -7.73 39.92
N SER A 161 -19.77 -8.77 39.14
CA SER A 161 -20.48 -9.04 37.91
C SER A 161 -21.77 -9.83 38.16
N PHE A 162 -22.56 -9.95 37.09
CA PHE A 162 -23.85 -10.62 37.11
C PHE A 162 -23.82 -11.81 36.16
N ASN A 163 -24.51 -12.89 36.55
CA ASN A 163 -24.80 -14.01 35.65
C ASN A 163 -26.24 -13.74 35.25
N SER A 164 -26.44 -13.30 34.01
CA SER A 164 -27.74 -12.83 33.54
C SER A 164 -28.67 -13.95 33.11
N LYS A 165 -28.23 -15.20 33.18
CA LYS A 165 -29.08 -16.35 32.88
C LYS A 165 -29.70 -16.93 34.13
N SER A 166 -29.44 -16.34 35.29
CA SER A 166 -30.03 -16.80 36.55
C SER A 166 -31.17 -15.91 37.02
N PHE A 167 -31.53 -14.90 36.24
CA PHE A 167 -32.68 -14.05 36.52
C PHE A 167 -33.81 -14.39 35.56
N ASN A 168 -35.02 -14.42 36.08
CA ASN A 168 -36.22 -14.66 35.27
C ASN A 168 -36.72 -13.31 34.77
N LEU A 169 -37.32 -13.32 33.57
CA LEU A 169 -37.79 -12.11 32.93
C LEU A 169 -39.21 -11.72 33.37
N ASP A 170 -39.72 -12.33 34.43
CA ASP A 170 -41.06 -12.04 34.93
C ASP A 170 -41.10 -11.70 36.41
N THR A 171 -40.02 -11.89 37.15
CA THR A 171 -39.96 -11.60 38.58
C THR A 171 -38.87 -10.59 38.84
N PHE A 172 -39.09 -9.72 39.82
CA PHE A 172 -38.13 -8.70 40.19
C PHE A 172 -37.53 -9.03 41.56
N VAL A 173 -36.20 -9.02 41.64
CA VAL A 173 -35.47 -9.44 42.81
C VAL A 173 -35.16 -8.23 43.68
N GLU A 174 -35.37 -8.36 44.99
CA GLU A 174 -35.11 -7.28 45.93
C GLU A 174 -34.25 -7.72 47.11
N ASP A 175 -33.20 -8.51 46.87
CA ASP A 175 -32.34 -9.02 47.93
C ASP A 175 -30.90 -9.23 47.47
N ASN A 176 -30.50 -8.60 46.39
CA ASN A 176 -29.13 -8.67 45.90
C ASN A 176 -28.42 -7.39 46.30
N ALA A 177 -27.21 -7.53 46.87
CA ALA A 177 -26.48 -6.40 47.44
C ALA A 177 -26.01 -5.42 46.37
N THR A 178 -25.53 -5.93 45.23
CA THR A 178 -25.02 -5.06 44.17
C THR A 178 -26.14 -4.25 43.53
N ILE A 179 -27.29 -4.88 43.29
CA ILE A 179 -28.45 -4.20 42.73
C ILE A 179 -28.95 -3.13 43.69
N ASN A 180 -28.95 -3.44 45.00
CA ASN A 180 -29.37 -2.49 46.02
C ASN A 180 -28.43 -1.30 46.11
N GLU A 181 -27.12 -1.55 45.93
CA GLU A 181 -26.14 -0.48 46.07
C GLU A 181 -26.15 0.45 44.86
N ILE A 182 -26.36 -0.08 43.66
CA ILE A 182 -26.58 0.79 42.50
C ILE A 182 -27.91 1.53 42.60
N ALA A 183 -28.95 0.85 43.11
CA ALA A 183 -30.29 1.43 43.16
C ALA A 183 -30.37 2.57 44.16
N GLN A 184 -29.59 2.51 45.24
CA GLN A 184 -29.55 3.62 46.19
C GLN A 184 -28.98 4.88 45.57
N GLN A 185 -27.92 4.76 44.77
CA GLN A 185 -27.35 5.93 44.13
C GLN A 185 -28.25 6.49 43.05
N ILE A 186 -28.94 5.62 42.30
CA ILE A 186 -29.91 6.10 41.31
C ILE A 186 -31.11 6.76 41.99
N ALA A 187 -31.51 6.25 43.16
CA ALA A 187 -32.58 6.89 43.94
C ALA A 187 -32.15 8.26 44.46
N ASP A 188 -30.91 8.39 44.91
CA ASP A 188 -30.41 9.68 45.38
C ASP A 188 -30.28 10.67 44.23
N THR A 189 -29.94 10.20 43.03
CA THR A 189 -29.90 11.09 41.87
C THR A 189 -31.30 11.53 41.47
N PHE A 190 -32.27 10.60 41.50
CA PHE A 190 -33.66 10.95 41.21
C PHE A 190 -34.28 11.88 42.25
N ALA A 191 -33.82 11.83 43.50
CA ALA A 191 -34.45 12.57 44.57
C ALA A 191 -33.87 13.97 44.77
N GLY A 192 -32.78 14.30 44.11
CA GLY A 192 -32.21 15.63 44.19
C GLY A 192 -30.99 15.75 45.06
N LYS A 193 -30.66 14.71 45.84
CA LYS A 193 -29.48 14.77 46.71
C LYS A 193 -28.18 14.66 45.94
N ARG A 194 -28.23 14.39 44.65
CA ARG A 194 -27.04 14.43 43.82
C ARG A 194 -27.57 15.15 42.60
N GLU A 195 -26.73 15.50 41.64
CA GLU A 195 -27.16 16.28 40.50
C GLU A 195 -26.94 15.59 39.16
N TYR A 196 -26.10 14.55 39.09
CA TYR A 196 -25.85 13.80 37.87
C TYR A 196 -25.18 12.48 38.23
N LEU A 197 -25.49 11.43 37.47
CA LEU A 197 -24.83 10.14 37.63
C LEU A 197 -24.58 9.53 36.27
N ASN A 198 -23.37 9.01 36.06
CA ASN A 198 -22.96 8.39 34.81
C ASN A 198 -22.67 6.91 35.03
N ILE A 199 -23.37 6.05 34.29
CA ILE A 199 -23.24 4.60 34.39
C ILE A 199 -22.68 4.06 33.08
N TYR A 200 -21.78 3.08 33.17
CA TYR A 200 -21.20 2.42 32.01
C TYR A 200 -21.46 0.91 32.11
N VAL A 201 -22.04 0.34 31.06
CA VAL A 201 -22.48 -1.06 31.05
C VAL A 201 -21.76 -1.80 29.92
N THR A 202 -21.16 -2.95 30.24
CA THR A 202 -20.50 -3.81 29.28
C THR A 202 -21.07 -5.22 29.41
N CYS A 203 -21.40 -5.85 28.28
CA CYS A 203 -22.02 -7.18 28.26
C CYS A 203 -21.25 -8.12 27.34
N PHE A 204 -21.12 -9.38 27.76
CA PHE A 204 -20.45 -10.42 26.99
C PHE A 204 -21.44 -11.57 26.76
N VAL A 205 -21.69 -11.89 25.49
CA VAL A 205 -22.62 -12.95 25.11
C VAL A 205 -21.85 -14.00 24.31
N LYS A 206 -21.92 -15.25 24.76
CA LYS A 206 -21.26 -16.36 24.05
C LYS A 206 -22.31 -17.14 23.27
N ILE A 207 -22.32 -16.98 21.95
CA ILE A 207 -23.34 -17.61 21.12
C ILE A 207 -22.78 -18.75 20.30
N GLY A 208 -21.51 -18.67 19.92
CA GLY A 208 -20.87 -19.67 19.10
C GLY A 208 -19.97 -19.01 18.07
N CYS A 209 -19.27 -19.83 17.29
CA CYS A 209 -18.24 -19.31 16.40
C CYS A 209 -18.75 -18.46 15.25
N ALA A 210 -19.32 -19.07 14.21
CA ALA A 210 -19.78 -18.28 13.08
C ALA A 210 -21.27 -17.96 13.15
N MET A 211 -21.76 -17.51 14.29
CA MET A 211 -23.19 -17.37 14.48
C MET A 211 -23.66 -15.96 14.12
N GLU A 212 -24.98 -15.77 14.11
CA GLU A 212 -25.58 -14.55 13.58
C GLU A 212 -25.88 -13.58 14.70
N VAL A 213 -25.43 -12.35 14.54
CA VAL A 213 -25.73 -11.24 15.42
C VAL A 213 -26.83 -10.43 14.75
N TYR A 214 -27.76 -9.90 15.54
CA TYR A 214 -28.94 -9.21 15.03
C TYR A 214 -28.88 -7.73 15.44
N PRO A 215 -28.37 -6.85 14.56
CA PRO A 215 -28.36 -5.42 14.89
C PRO A 215 -29.73 -4.77 14.79
N SER A 216 -29.78 -3.46 14.99
CA SER A 216 -31.02 -2.72 14.84
C SER A 216 -31.23 -2.35 13.38
N GLN A 217 -32.49 -2.30 12.98
CA GLN A 217 -32.88 -2.07 11.59
C GLN A 217 -33.48 -0.68 11.45
N GLU A 218 -33.10 0.01 10.39
CA GLU A 218 -33.47 1.40 10.19
C GLU A 218 -34.76 1.51 9.39
N MET A 219 -35.50 2.58 9.65
CA MET A 219 -36.75 2.87 8.96
C MET A 219 -36.49 3.97 7.93
N THR A 220 -36.25 3.57 6.70
CA THR A 220 -35.94 4.48 5.61
C THR A 220 -36.95 4.29 4.49
N PHE A 221 -37.28 5.40 3.82
CA PHE A 221 -38.28 5.42 2.75
C PHE A 221 -37.61 5.88 1.46
N ASP A 222 -37.27 4.93 0.60
CA ASP A 222 -36.76 5.22 -0.74
C ASP A 222 -37.53 4.33 -1.71
N ASP A 223 -37.72 4.84 -2.93
CA ASP A 223 -38.55 4.15 -3.92
C ASP A 223 -37.77 3.25 -4.85
N ASP A 224 -36.53 3.62 -5.20
CA ASP A 224 -35.72 2.78 -6.07
C ASP A 224 -35.30 1.49 -5.37
N ASP A 225 -34.78 1.60 -4.15
CA ASP A 225 -34.36 0.45 -3.36
C ASP A 225 -35.35 0.21 -2.23
N LYS A 226 -35.73 -1.06 -2.03
CA LYS A 226 -36.59 -1.46 -0.94
C LYS A 226 -36.00 -2.76 -0.36
N GLY A 227 -35.13 -2.61 0.64
CA GLY A 227 -34.48 -3.75 1.24
C GLY A 227 -34.22 -3.51 2.71
N LYS A 228 -33.77 -4.56 3.38
CA LYS A 228 -33.39 -4.46 4.78
C LYS A 228 -32.12 -3.62 4.92
N LYS A 229 -32.19 -2.60 5.78
CA LYS A 229 -31.06 -1.72 6.05
C LYS A 229 -30.79 -1.73 7.55
N LEU A 230 -29.54 -2.03 7.91
CA LEU A 230 -29.16 -2.16 9.32
C LEU A 230 -28.32 -0.97 9.76
N PHE A 231 -28.25 -0.79 11.08
CA PHE A 231 -27.60 0.37 11.66
C PHE A 231 -26.08 0.23 11.59
N LYS A 232 -25.42 1.27 11.08
CA LYS A 232 -23.96 1.37 11.07
C LYS A 232 -23.56 2.59 11.89
N PHE A 233 -22.89 2.35 13.01
CA PHE A 233 -22.44 3.39 13.92
C PHE A 233 -20.92 3.46 13.81
N GLU A 234 -20.43 4.54 13.18
CA GLU A 234 -19.01 4.84 13.01
C GLU A 234 -18.26 3.71 12.29
N GLY A 235 -18.90 3.13 11.28
CA GLY A 235 -18.33 2.07 10.50
C GLY A 235 -18.65 0.66 10.96
N SER A 236 -19.11 0.50 12.19
CA SER A 236 -19.41 -0.82 12.76
C SER A 236 -20.89 -0.91 13.11
N ALA A 237 -21.31 -2.12 13.50
CA ALA A 237 -22.71 -2.39 13.79
C ALA A 237 -23.08 -1.87 15.17
N GLY A 238 -24.37 -1.67 15.38
CA GLY A 238 -24.82 -1.11 16.65
C GLY A 238 -26.32 -1.20 16.83
N MET A 239 -26.80 -0.73 17.98
CA MET A 239 -28.20 -0.72 18.31
C MET A 239 -28.62 0.67 18.71
N HIS A 240 -29.85 1.07 18.47
CA HIS A 240 -30.38 2.38 18.77
C HIS A 240 -30.56 2.57 20.27
N SER A 241 -30.62 3.83 20.68
CA SER A 241 -30.83 4.14 22.09
C SER A 241 -32.27 3.88 22.51
N GLN A 242 -33.22 4.05 21.59
CA GLN A 242 -34.63 3.86 21.89
C GLN A 242 -34.96 2.40 22.20
N LYS A 243 -34.27 1.47 21.52
CA LYS A 243 -34.45 0.05 21.74
C LYS A 243 -34.02 -0.34 23.16
N ILE A 244 -32.85 0.15 23.58
CA ILE A 244 -32.31 -0.12 24.91
C ILE A 244 -33.18 0.54 25.97
N ASN A 245 -33.74 1.70 25.69
CA ASN A 245 -34.60 2.29 26.69
C ASN A 245 -35.98 1.65 26.83
N ASN A 246 -36.54 1.09 25.77
CA ASN A 246 -37.81 0.41 25.90
C ASN A 246 -37.61 -0.79 26.77
N ALA A 247 -36.48 -1.45 26.59
CA ALA A 247 -36.19 -2.59 27.41
C ALA A 247 -36.06 -2.12 28.80
N LEU A 248 -35.43 -0.98 29.03
CA LEU A 248 -35.30 -0.62 30.45
C LEU A 248 -36.61 -0.23 31.11
N ARG A 249 -37.57 0.36 30.38
CA ARG A 249 -38.82 0.77 31.02
C ARG A 249 -39.86 -0.34 31.19
N THR A 250 -39.52 -1.61 30.94
CA THR A 250 -40.48 -2.70 31.08
C THR A 250 -40.55 -3.11 32.56
N ILE A 251 -41.23 -2.26 33.35
CA ILE A 251 -41.28 -2.42 34.81
C ILE A 251 -42.70 -2.36 35.36
N ASP A 252 -43.71 -2.36 34.48
CA ASP A 252 -45.08 -2.14 34.91
C ASP A 252 -45.75 -3.48 35.19
N THR A 253 -46.10 -3.71 36.45
CA THR A 253 -46.86 -4.88 36.88
C THR A 253 -48.07 -4.46 37.70
N TRP A 254 -48.66 -3.30 37.38
CA TRP A 254 -49.74 -2.75 38.18
C TRP A 254 -50.98 -2.43 37.33
N TYR A 255 -51.07 -3.00 36.12
CA TYR A 255 -52.19 -2.71 35.23
C TYR A 255 -53.43 -3.45 35.72
N PRO A 256 -54.65 -3.03 35.29
CA PRO A 256 -55.88 -3.58 35.91
C PRO A 256 -56.12 -5.08 35.80
N ASP A 257 -55.55 -5.78 34.81
CA ASP A 257 -55.72 -7.22 34.68
C ASP A 257 -54.41 -8.00 34.62
N TYR A 258 -53.66 -8.06 35.69
CA TYR A 258 -52.35 -8.69 35.75
C TYR A 258 -52.43 -10.13 36.24
N THR A 259 -53.56 -10.54 36.81
CA THR A 259 -53.68 -11.92 37.24
C THR A 259 -53.99 -12.87 36.08
N THR A 260 -54.46 -12.35 34.95
CA THR A 260 -54.65 -13.17 33.74
C THR A 260 -53.37 -13.18 32.91
N TYR A 261 -52.93 -12.00 32.48
CA TYR A 261 -51.65 -11.87 31.78
C TYR A 261 -50.57 -11.54 32.80
N GLU A 262 -49.57 -12.41 32.93
CA GLU A 262 -48.63 -12.29 34.04
C GLU A 262 -47.22 -11.94 33.58
N PHE A 263 -47.12 -10.97 32.66
CA PHE A 263 -45.86 -10.44 32.21
C PHE A 263 -45.82 -8.93 32.40
N PRO A 264 -44.65 -8.34 32.60
CA PRO A 264 -44.57 -6.88 32.75
C PRO A 264 -44.59 -6.18 31.39
N ILE A 265 -45.30 -5.07 31.32
CA ILE A 265 -45.45 -4.30 30.08
C ILE A 265 -44.63 -3.02 30.17
N PRO A 266 -44.30 -2.37 29.06
CA PRO A 266 -43.65 -1.05 29.15
C PRO A 266 -44.58 0.02 29.68
N VAL A 267 -43.97 1.07 30.21
CA VAL A 267 -44.71 2.18 30.81
C VAL A 267 -45.11 3.16 29.70
N GLU A 268 -46.41 3.29 29.48
CA GLU A 268 -46.94 4.19 28.46
C GLU A 268 -48.18 4.87 29.02
N ASN A 269 -48.68 5.88 28.31
CA ASN A 269 -49.77 6.72 28.81
C ASN A 269 -51.12 6.04 28.78
N TYR A 270 -51.31 5.06 27.90
CA TYR A 270 -52.56 4.32 27.85
C TYR A 270 -52.33 2.82 27.92
N GLY A 271 -51.13 2.41 28.34
CA GLY A 271 -50.78 1.01 28.39
C GLY A 271 -50.75 0.33 27.03
N ALA A 272 -50.21 1.02 26.03
CA ALA A 272 -50.23 0.53 24.65
C ALA A 272 -48.89 -0.13 24.37
N ALA A 273 -48.82 -1.45 24.60
CA ALA A 273 -47.66 -2.24 24.23
C ALA A 273 -47.79 -2.66 22.77
N ARG A 274 -46.65 -2.72 22.08
CA ARG A 274 -46.67 -3.06 20.66
C ARG A 274 -46.82 -4.55 20.39
N SER A 275 -46.78 -5.39 21.43
CA SER A 275 -46.92 -6.82 21.23
C SER A 275 -48.40 -7.24 21.19
N ILE A 276 -49.21 -6.74 22.12
CA ILE A 276 -50.63 -7.02 22.15
C ILE A 276 -51.38 -5.79 21.67
N GLY A 277 -52.32 -6.00 20.75
CA GLY A 277 -53.02 -4.93 20.07
C GLY A 277 -54.22 -4.34 20.77
N ILE A 278 -54.47 -4.72 22.01
CA ILE A 278 -55.51 -4.11 22.85
C ILE A 278 -54.80 -3.37 23.99
N PRO A 279 -55.08 -2.08 24.18
CA PRO A 279 -54.47 -1.33 25.29
C PRO A 279 -54.86 -1.87 26.66
N PHE A 280 -53.94 -1.74 27.61
CA PHE A 280 -54.10 -2.36 28.92
C PHE A 280 -54.68 -1.41 29.97
N ARG A 281 -54.51 -0.10 29.81
CA ARG A 281 -55.01 0.89 30.77
C ARG A 281 -55.82 1.94 30.02
N PRO A 282 -57.05 1.61 29.57
CA PRO A 282 -57.71 2.50 28.63
C PRO A 282 -58.67 3.56 29.17
N ASP A 283 -59.13 3.46 30.39
CA ASP A 283 -60.00 4.50 30.84
C ASP A 283 -59.83 4.95 32.22
N THR A 284 -59.88 4.05 33.18
CA THR A 284 -59.92 4.52 34.56
C THR A 284 -58.55 4.54 35.22
N LYS A 285 -57.61 3.72 34.75
CA LYS A 285 -56.27 3.64 35.33
C LYS A 285 -55.24 4.16 34.35
N SER A 286 -55.59 5.23 33.64
CA SER A 286 -54.68 5.92 32.74
C SER A 286 -54.01 7.07 33.47
N PHE A 287 -52.98 7.62 32.84
CA PHE A 287 -52.17 8.66 33.48
C PHE A 287 -52.95 9.96 33.67
N TYR A 288 -53.75 10.35 32.67
CA TYR A 288 -54.44 11.63 32.74
C TYR A 288 -55.49 11.65 33.85
N LYS A 289 -56.22 10.54 34.02
CA LYS A 289 -57.25 10.49 35.06
C LYS A 289 -56.63 10.39 36.45
N LEU A 290 -55.53 9.68 36.59
CA LEU A 290 -54.87 9.59 37.90
C LEU A 290 -54.18 10.90 38.29
N ILE A 291 -53.60 11.63 37.33
CA ILE A 291 -53.00 12.90 37.71
C ILE A 291 -54.05 14.00 37.86
N ASP A 292 -55.23 13.82 37.25
CA ASP A 292 -56.32 14.73 37.55
C ASP A 292 -57.05 14.37 38.84
N ARG A 293 -56.85 13.15 39.35
CA ARG A 293 -57.34 12.81 40.69
C ARG A 293 -56.31 13.08 41.77
N MET A 294 -55.03 13.20 41.43
CA MET A 294 -54.03 13.45 42.45
C MET A 294 -53.90 14.93 42.76
N ILE A 295 -53.90 15.78 41.73
CA ILE A 295 -53.52 17.17 41.88
C ILE A 295 -54.74 18.09 41.93
N LEU A 296 -55.71 17.86 41.05
CA LEU A 296 -56.81 18.79 40.87
C LEU A 296 -57.96 18.57 41.84
N LYS A 297 -58.15 17.33 42.28
CA LYS A 297 -59.12 16.99 43.29
C LYS A 297 -58.26 16.29 44.29
N ASN A 298 -57.76 16.97 45.28
CA ASN A 298 -56.78 16.45 46.25
C ASN A 298 -57.29 15.24 47.02
N GLU A 299 -56.60 14.11 46.83
CA GLU A 299 -57.08 12.81 47.28
C GLU A 299 -55.90 11.84 47.29
N ASP A 300 -55.85 10.99 48.31
CA ASP A 300 -54.75 10.04 48.45
C ASP A 300 -55.03 8.80 47.62
N LEU A 301 -54.08 8.44 46.77
CA LEU A 301 -54.13 7.30 45.89
C LEU A 301 -53.39 6.12 46.52
N PRO A 302 -53.70 4.89 46.09
CA PRO A 302 -52.86 3.76 46.46
C PRO A 302 -51.46 3.87 45.88
N ILE A 303 -50.52 3.16 46.51
CA ILE A 303 -49.10 3.37 46.25
C ILE A 303 -48.70 2.89 44.86
N GLU A 304 -49.43 1.92 44.31
CA GLU A 304 -49.12 1.39 42.97
C GLU A 304 -49.41 2.43 41.89
N ASP A 305 -50.50 3.18 42.04
CA ASP A 305 -50.83 4.25 41.11
C ASP A 305 -49.83 5.40 41.21
N LYS A 306 -49.32 5.68 42.41
CA LYS A 306 -48.25 6.65 42.57
C LYS A 306 -46.97 6.19 41.89
N HIS A 307 -46.67 4.88 41.99
CA HIS A 307 -45.52 4.31 41.29
C HIS A 307 -45.64 4.48 39.78
N TYR A 308 -46.85 4.25 39.24
CA TYR A 308 -47.07 4.41 37.80
C TYR A 308 -46.95 5.87 37.37
N VAL A 309 -47.53 6.80 38.14
CA VAL A 309 -47.46 8.23 37.80
C VAL A 309 -46.02 8.74 37.83
N MET A 310 -45.26 8.36 38.87
CA MET A 310 -43.87 8.77 38.92
C MET A 310 -43.03 8.11 37.83
N ALA A 311 -43.35 6.87 37.43
CA ALA A 311 -42.63 6.27 36.32
C ALA A 311 -42.93 6.95 34.99
N ILE A 312 -44.14 7.46 34.81
CA ILE A 312 -44.46 8.22 33.60
C ILE A 312 -43.69 9.54 33.62
N LEU A 313 -43.58 10.18 34.78
CA LEU A 313 -42.81 11.43 34.86
C LEU A 313 -41.30 11.22 34.71
N ILE A 314 -40.79 10.02 35.02
CA ILE A 314 -39.41 9.71 34.65
C ILE A 314 -39.31 9.47 33.14
N ARG A 315 -40.34 8.90 32.50
CA ARG A 315 -40.25 8.64 31.05
C ARG A 315 -40.27 9.94 30.25
N GLY A 316 -41.16 10.87 30.58
CA GLY A 316 -41.21 12.16 29.91
C GLY A 316 -42.32 12.23 28.88
N GLY A 317 -42.50 13.43 28.34
CA GLY A 317 -43.51 13.67 27.34
C GLY A 317 -44.19 15.01 27.41
N MET A 318 -45.18 15.24 26.54
CA MET A 318 -45.95 16.47 26.48
C MET A 318 -47.31 16.21 27.11
N PHE A 319 -47.50 16.68 28.35
CA PHE A 319 -48.69 16.37 29.14
C PHE A 319 -49.46 17.65 29.37
N SER A 320 -50.48 17.92 28.54
CA SER A 320 -51.16 19.20 28.64
C SER A 320 -52.64 19.04 28.35
N LYS A 321 -53.34 20.15 28.45
CA LYS A 321 -54.77 20.17 28.22
C LYS A 321 -55.15 20.02 26.78
N LYS A 322 -56.31 19.45 26.52
CA LYS A 322 -56.78 19.33 25.17
C LYS A 322 -56.72 20.68 24.60
N GLN A 323 -56.08 20.73 23.38
CA GLN A 323 -55.89 22.01 22.75
C GLN A 323 -57.11 22.46 22.02
N GLU A 324 -57.60 23.71 22.41
CA GLU A 324 -58.77 24.21 21.74
C GLU A 324 -58.39 25.18 20.68
N LYS A 325 -59.30 25.44 19.76
CA LYS A 325 -59.04 26.36 18.67
C LYS A 325 -59.56 27.76 19.00
N THR B 1 -64.34 -19.77 19.38
CA THR B 1 -64.49 -18.37 19.66
C THR B 1 -63.49 -17.55 18.88
N LEU B 2 -62.76 -18.18 17.98
CA LEU B 2 -61.72 -17.46 17.26
C LEU B 2 -62.04 -17.34 15.80
N LYS B 3 -62.26 -16.13 15.34
CA LYS B 3 -62.50 -15.89 13.94
C LYS B 3 -61.35 -15.12 13.36
N SER B 4 -60.76 -15.62 12.31
CA SER B 4 -59.62 -15.01 11.62
C SER B 4 -58.27 -15.20 12.31
N ARG B 5 -57.19 -14.96 11.59
CA ARG B 5 -55.86 -14.93 12.14
C ARG B 5 -55.50 -13.51 12.57
N PRO B 6 -54.63 -13.33 13.56
CA PRO B 6 -54.29 -11.97 14.00
C PRO B 6 -53.55 -11.17 12.95
N GLU B 7 -53.58 -9.85 13.12
CA GLU B 7 -53.13 -8.92 12.10
C GLU B 7 -51.61 -8.86 12.01
N ASN B 8 -50.88 -9.39 12.99
CA ASN B 8 -49.43 -9.42 12.99
C ASN B 8 -48.99 -10.78 13.58
N LEU B 9 -48.71 -11.73 12.69
CA LEU B 9 -48.18 -13.03 13.07
C LEU B 9 -46.91 -13.31 12.28
N SER B 10 -45.86 -13.71 12.99
CA SER B 10 -44.59 -14.04 12.37
C SER B 10 -43.87 -15.06 13.23
N PHE B 11 -43.05 -15.89 12.59
CA PHE B 11 -42.24 -16.89 13.27
C PHE B 11 -40.77 -16.70 12.92
N ALA B 12 -39.92 -17.31 13.75
CA ALA B 12 -38.49 -17.26 13.58
C ALA B 12 -37.95 -18.67 13.35
N ARG B 13 -36.78 -18.72 12.72
CA ARG B 13 -36.10 -19.97 12.41
C ARG B 13 -35.74 -20.75 13.66
N CYS B 14 -35.91 -22.07 13.60
CA CYS B 14 -35.43 -22.96 14.64
C CYS B 14 -34.21 -23.76 14.21
N LEU B 15 -33.77 -23.61 12.96
CA LEU B 15 -32.54 -24.22 12.46
C LEU B 15 -31.72 -23.11 11.81
N ASN B 16 -30.82 -22.50 12.59
CA ASN B 16 -29.96 -21.44 12.07
C ASN B 16 -28.66 -22.05 11.57
N THR B 17 -28.37 -21.83 10.30
CA THR B 17 -27.21 -22.43 9.65
C THR B 17 -26.23 -21.34 9.29
N THR B 18 -24.95 -21.61 9.52
CA THR B 18 -23.89 -20.67 9.23
C THR B 18 -23.48 -20.79 7.78
N GLU B 19 -22.63 -19.87 7.33
CA GLU B 19 -22.09 -19.97 5.99
C GLU B 19 -20.93 -20.96 5.98
N ALA B 20 -20.59 -21.43 4.79
CA ALA B 20 -19.61 -22.48 4.61
C ALA B 20 -18.30 -21.91 4.09
N LYS B 21 -17.19 -22.47 4.54
CA LYS B 21 -15.86 -22.10 4.06
C LYS B 21 -15.19 -23.34 3.48
N PHE B 22 -14.47 -23.16 2.37
CA PHE B 22 -13.91 -24.26 1.60
C PHE B 22 -12.39 -24.31 1.76
N TRP B 23 -11.87 -25.52 1.90
CA TRP B 23 -10.45 -25.79 2.05
C TRP B 23 -10.04 -26.90 1.09
N GLN B 24 -8.73 -27.07 0.90
CA GLN B 24 -8.19 -28.18 0.14
C GLN B 24 -7.15 -28.95 0.94
N THR B 25 -7.20 -30.27 0.85
CA THR B 25 -6.35 -31.19 1.62
C THR B 25 -5.86 -32.29 0.69
N ASP B 26 -5.20 -33.28 1.27
CA ASP B 26 -4.95 -34.59 0.67
C ASP B 26 -5.67 -35.64 1.49
N PHE B 27 -6.10 -36.74 0.85
CA PHE B 27 -6.97 -37.68 1.53
C PHE B 27 -6.23 -38.50 2.58
N LEU B 28 -4.99 -38.90 2.31
CA LEU B 28 -4.24 -39.68 3.29
C LEU B 28 -3.76 -38.82 4.45
N LYS B 29 -3.65 -37.50 4.24
CA LYS B 29 -3.21 -36.59 5.29
C LYS B 29 -4.28 -35.57 5.61
N ARG B 30 -5.54 -35.98 5.71
CA ARG B 30 -6.65 -35.05 5.90
C ARG B 30 -6.90 -34.70 7.35
N HIS B 31 -6.23 -35.36 8.30
CA HIS B 31 -6.41 -35.04 9.71
C HIS B 31 -5.33 -34.11 10.23
N THR B 32 -4.33 -33.77 9.40
CA THR B 32 -3.22 -32.93 9.87
C THR B 32 -2.83 -31.82 8.91
N PHE B 33 -3.64 -31.48 7.92
CA PHE B 33 -3.16 -30.63 6.83
C PHE B 33 -4.34 -30.02 6.10
N LYS B 34 -4.42 -28.68 6.06
CA LYS B 34 -5.42 -27.98 5.26
C LYS B 34 -4.84 -26.70 4.69
N LEU B 35 -5.23 -26.37 3.46
CA LEU B 35 -4.75 -25.21 2.72
C LEU B 35 -5.93 -24.37 2.23
N PRO B 36 -5.75 -23.07 2.05
CA PRO B 36 -6.85 -22.24 1.56
C PRO B 36 -7.12 -22.41 0.07
N LEU B 37 -8.35 -22.13 -0.32
CA LEU B 37 -8.81 -22.20 -1.70
C LEU B 37 -9.36 -20.83 -2.11
N LEU B 38 -8.97 -20.37 -3.30
CA LEU B 38 -9.28 -19.01 -3.73
C LEU B 38 -9.98 -19.01 -5.08
N ILE B 39 -10.62 -17.88 -5.39
CA ILE B 39 -11.36 -17.65 -6.63
C ILE B 39 -10.50 -16.86 -7.60
N THR B 40 -10.43 -17.32 -8.85
CA THR B 40 -9.60 -16.72 -9.88
C THR B 40 -10.49 -16.01 -10.89
N ASP B 41 -9.91 -15.03 -11.59
CA ASP B 41 -10.62 -14.26 -12.61
C ASP B 41 -10.32 -14.83 -13.98
N LYS B 42 -11.36 -15.15 -14.73
CA LYS B 42 -11.21 -15.71 -16.07
C LYS B 42 -11.90 -14.82 -17.10
N ALA B 43 -11.36 -14.81 -18.31
CA ALA B 43 -12.02 -14.19 -19.44
C ALA B 43 -11.94 -15.14 -20.62
N VAL B 44 -13.04 -15.24 -21.36
CA VAL B 44 -13.18 -16.23 -22.43
C VAL B 44 -13.69 -15.57 -23.69
N LEU B 45 -13.20 -16.05 -24.83
CA LEU B 45 -13.66 -15.66 -26.14
C LEU B 45 -14.64 -16.73 -26.62
N ALA B 46 -15.72 -16.30 -27.28
CA ALA B 46 -16.78 -17.22 -27.60
C ALA B 46 -17.24 -17.00 -29.05
N SER B 47 -18.27 -17.73 -29.43
CA SER B 47 -18.98 -17.53 -30.67
C SER B 47 -20.44 -17.19 -30.34
N LYS B 48 -21.08 -16.50 -31.27
CA LYS B 48 -22.47 -16.09 -31.06
C LYS B 48 -23.37 -17.27 -31.37
N GLY B 49 -23.78 -18.00 -30.33
CA GLY B 49 -24.55 -19.21 -30.51
C GLY B 49 -25.92 -19.14 -29.86
N HIS B 50 -26.33 -17.97 -29.42
CA HIS B 50 -27.69 -17.81 -28.93
C HIS B 50 -28.66 -17.70 -30.09
N GLU B 51 -29.92 -17.99 -29.81
CA GLU B 51 -30.94 -17.96 -30.86
C GLU B 51 -31.30 -16.53 -31.21
N MET B 52 -31.32 -16.22 -32.50
CA MET B 52 -31.52 -14.87 -33.00
C MET B 52 -32.60 -14.86 -34.06
N PRO B 53 -33.27 -13.71 -34.26
CA PRO B 53 -34.19 -13.57 -35.40
C PRO B 53 -33.46 -13.69 -36.73
N PRO B 54 -34.18 -14.09 -37.80
CA PRO B 54 -33.50 -14.37 -39.09
C PRO B 54 -32.74 -13.22 -39.73
N ASP B 55 -33.20 -11.97 -39.52
CA ASP B 55 -32.49 -10.84 -40.12
C ASP B 55 -31.16 -10.58 -39.43
N LYS B 56 -31.13 -10.59 -38.10
CA LYS B 56 -29.90 -10.34 -37.37
C LYS B 56 -28.90 -11.49 -37.49
N LEU B 57 -29.40 -12.71 -37.75
CA LEU B 57 -28.53 -13.88 -37.83
C LEU B 57 -27.64 -13.81 -39.07
N GLU B 58 -28.13 -13.25 -40.16
CA GLU B 58 -27.34 -13.16 -41.38
C GLU B 58 -26.19 -12.17 -41.22
N LYS B 59 -26.30 -11.22 -40.30
CA LYS B 59 -25.26 -10.23 -40.08
C LYS B 59 -24.37 -10.50 -38.87
N GLU B 60 -24.81 -11.33 -37.91
CA GLU B 60 -24.04 -11.54 -36.67
C GLU B 60 -23.87 -13.02 -36.34
N ILE B 61 -23.44 -13.83 -37.31
CA ILE B 61 -23.21 -15.25 -37.07
C ILE B 61 -21.72 -15.59 -36.99
N MET B 62 -20.85 -14.82 -37.64
CA MET B 62 -19.41 -15.05 -37.61
C MET B 62 -18.70 -13.91 -36.91
N ASP B 63 -19.29 -13.43 -35.82
CA ASP B 63 -18.71 -12.34 -35.06
C ASP B 63 -18.18 -12.86 -33.73
N PRO B 64 -17.03 -12.34 -33.27
CA PRO B 64 -16.50 -12.76 -31.98
C PRO B 64 -17.30 -12.21 -30.81
N ASN B 65 -17.25 -12.92 -29.69
CA ASN B 65 -18.04 -12.57 -28.50
C ASN B 65 -17.14 -12.64 -27.27
N PRO B 66 -16.48 -11.54 -26.91
CA PRO B 66 -15.74 -11.51 -25.64
C PRO B 66 -16.66 -11.47 -24.43
N GLN B 67 -16.33 -12.23 -23.40
CA GLN B 67 -17.11 -12.27 -22.17
C GLN B 67 -16.19 -12.46 -20.97
N LYS B 68 -16.69 -12.03 -19.80
CA LYS B 68 -15.99 -12.13 -18.53
C LYS B 68 -16.66 -13.16 -17.63
N SER B 69 -15.86 -13.76 -16.74
CA SER B 69 -16.34 -14.84 -15.89
C SER B 69 -15.43 -14.96 -14.66
N GLN B 70 -15.71 -15.96 -13.84
CA GLN B 70 -14.90 -16.33 -12.69
C GLN B 70 -14.93 -17.84 -12.53
N SER B 71 -13.89 -18.38 -11.92
CA SER B 71 -13.77 -19.81 -11.71
C SER B 71 -12.99 -20.20 -10.49
N CYS B 72 -13.21 -21.39 -10.00
CA CYS B 72 -12.49 -21.93 -8.85
C CYS B 72 -12.10 -23.37 -9.14
N THR B 73 -10.80 -23.68 -9.01
CA THR B 73 -10.28 -25.03 -9.21
C THR B 73 -9.32 -25.35 -8.07
N LEU B 74 -9.08 -26.64 -7.88
CA LEU B 74 -8.08 -27.09 -6.91
C LEU B 74 -6.69 -27.00 -7.52
N SER B 75 -5.67 -27.23 -6.68
CA SER B 75 -4.30 -27.19 -7.12
C SER B 75 -3.90 -28.52 -7.76
N THR B 76 -2.64 -28.61 -8.18
CA THR B 76 -2.09 -29.81 -8.80
C THR B 76 -1.70 -30.85 -7.76
N GLU B 77 -1.43 -30.42 -6.54
CA GLU B 77 -0.95 -31.31 -5.48
C GLU B 77 -2.04 -31.70 -4.49
N CYS B 78 -3.29 -31.27 -4.69
CA CYS B 78 -4.38 -31.54 -3.77
C CYS B 78 -5.51 -32.25 -4.49
N ASP B 79 -6.21 -33.14 -3.78
CA ASP B 79 -7.29 -33.92 -4.37
C ASP B 79 -8.60 -33.93 -3.59
N THR B 80 -8.70 -33.18 -2.49
CA THR B 80 -9.85 -33.31 -1.62
C THR B 80 -10.38 -31.93 -1.24
N LEU B 81 -11.71 -31.78 -1.27
CA LEU B 81 -12.39 -30.56 -0.85
C LEU B 81 -12.93 -30.74 0.56
N ARG B 82 -12.73 -29.73 1.40
CA ARG B 82 -13.24 -29.74 2.78
C ARG B 82 -14.15 -28.54 3.00
N ILE B 83 -15.39 -28.81 3.42
CA ILE B 83 -16.39 -27.78 3.67
C ILE B 83 -16.84 -27.86 5.13
N ASP B 84 -16.87 -26.70 5.80
CA ASP B 84 -17.21 -26.60 7.22
C ASP B 84 -18.35 -25.62 7.41
N PHE B 85 -19.36 -26.02 8.20
CA PHE B 85 -20.46 -25.13 8.58
C PHE B 85 -21.01 -25.58 9.92
N GLY B 86 -21.96 -24.81 10.45
CA GLY B 86 -22.52 -25.10 11.76
C GLY B 86 -24.02 -24.83 11.79
N ILE B 87 -24.70 -25.51 12.73
CA ILE B 87 -26.14 -25.41 12.91
C ILE B 87 -26.44 -25.13 14.38
N LYS B 88 -27.33 -24.17 14.62
CA LYS B 88 -27.88 -23.90 15.95
C LYS B 88 -29.36 -24.26 15.97
N VAL B 89 -29.78 -25.04 16.96
CA VAL B 89 -31.14 -25.54 17.07
C VAL B 89 -31.80 -24.87 18.28
N LEU B 90 -32.98 -24.28 18.05
CA LEU B 90 -33.73 -23.54 19.06
C LEU B 90 -35.11 -24.16 19.27
N PRO B 91 -35.71 -23.97 20.45
CA PRO B 91 -37.06 -24.52 20.69
C PRO B 91 -38.14 -23.87 19.82
N VAL B 92 -39.25 -24.60 19.68
CA VAL B 92 -40.31 -24.21 18.76
C VAL B 92 -41.38 -23.33 19.42
N LYS B 93 -41.65 -23.53 20.71
CA LYS B 93 -42.63 -22.71 21.40
C LYS B 93 -42.12 -21.32 21.74
N GLU B 94 -40.81 -21.09 21.62
CA GLU B 94 -40.19 -19.81 21.93
C GLU B 94 -39.64 -19.16 20.67
N SER B 95 -40.24 -19.45 19.51
CA SER B 95 -39.81 -18.92 18.24
C SER B 95 -40.89 -18.07 17.59
N MET B 96 -41.79 -17.52 18.40
CA MET B 96 -42.94 -16.76 17.93
C MET B 96 -42.67 -15.29 18.15
N TYR B 97 -42.37 -14.57 17.06
CA TYR B 97 -41.86 -13.21 17.18
C TYR B 97 -42.97 -12.21 17.46
N SER B 98 -44.15 -12.36 16.85
CA SER B 98 -45.23 -11.39 16.98
C SER B 98 -46.58 -12.09 16.96
N CYS B 99 -47.46 -11.72 17.90
CA CYS B 99 -48.86 -12.11 17.85
C CYS B 99 -49.68 -11.07 18.61
N SER B 100 -50.69 -10.51 17.94
CA SER B 100 -51.47 -9.42 18.50
C SER B 100 -52.72 -9.88 19.24
N ASP B 101 -52.95 -11.19 19.41
CA ASP B 101 -54.09 -11.70 20.14
C ASP B 101 -53.63 -12.79 21.05
N TYR B 102 -53.96 -12.74 22.31
CA TYR B 102 -53.46 -13.70 23.30
C TYR B 102 -54.10 -15.08 23.16
N ASN B 103 -55.35 -15.14 22.71
CA ASN B 103 -56.07 -16.40 22.61
C ASN B 103 -55.49 -17.30 21.52
N TYR B 104 -55.04 -16.70 20.41
CA TYR B 104 -54.41 -17.45 19.34
C TYR B 104 -53.07 -18.03 19.78
N ARG B 105 -52.36 -17.29 20.65
CA ARG B 105 -51.13 -17.79 21.25
C ARG B 105 -51.40 -18.99 22.16
N THR B 106 -52.47 -18.92 22.97
CA THR B 106 -52.81 -20.04 23.84
C THR B 106 -53.21 -21.28 23.02
N ALA B 107 -53.95 -21.07 21.93
CA ALA B 107 -54.35 -22.17 21.07
C ALA B 107 -53.17 -22.82 20.37
N ILE B 108 -52.24 -22.01 19.85
CA ILE B 108 -51.05 -22.55 19.18
C ILE B 108 -50.17 -23.32 20.17
N TYR B 109 -50.05 -22.80 21.40
CA TYR B 109 -49.23 -23.47 22.41
C TYR B 109 -49.85 -24.81 22.81
N GLN B 110 -51.19 -24.87 22.87
CA GLN B 110 -51.86 -26.13 23.20
C GLN B 110 -51.70 -27.17 22.08
N LYS B 111 -51.78 -26.74 20.81
CA LYS B 111 -51.56 -27.70 19.72
C LYS B 111 -50.12 -28.17 19.62
N ILE B 112 -49.14 -27.30 19.91
CA ILE B 112 -47.75 -27.76 19.94
C ILE B 112 -47.51 -28.72 21.10
N ASP B 113 -48.14 -28.48 22.26
CA ASP B 113 -48.01 -29.42 23.39
C ASP B 113 -48.67 -30.76 23.09
N GLU B 114 -49.79 -30.75 22.37
CA GLU B 114 -50.38 -32.01 21.90
C GLU B 114 -49.47 -32.74 20.91
N TYR B 115 -48.78 -31.99 20.05
CA TYR B 115 -47.80 -32.59 19.15
C TYR B 115 -46.64 -33.24 19.90
N ILE B 116 -46.14 -32.59 20.95
CA ILE B 116 -45.05 -33.17 21.75
C ILE B 116 -45.58 -34.35 22.55
N ALA B 117 -46.89 -34.37 22.80
CA ALA B 117 -47.50 -35.50 23.49
C ALA B 117 -47.70 -36.72 22.62
N GLU B 118 -47.92 -36.57 21.30
CA GLU B 118 -47.99 -37.75 20.45
C GLU B 118 -46.62 -38.19 19.94
N ASP B 119 -45.93 -37.34 19.19
CA ASP B 119 -44.63 -37.67 18.61
C ASP B 119 -43.68 -36.55 18.98
N GLY B 120 -42.66 -36.86 19.77
CA GLY B 120 -41.77 -35.84 20.32
C GLY B 120 -40.76 -35.25 19.36
N PHE B 121 -41.23 -34.78 18.19
CA PHE B 121 -40.42 -34.14 17.14
C PHE B 121 -39.31 -35.04 16.64
N LEU B 122 -39.59 -36.34 16.57
CA LEU B 122 -38.57 -37.34 16.29
C LEU B 122 -38.48 -37.75 14.83
N THR B 123 -39.62 -37.85 14.13
CA THR B 123 -39.63 -38.21 12.71
C THR B 123 -38.97 -37.13 11.87
N LEU B 124 -39.34 -35.87 12.13
CA LEU B 124 -38.79 -34.73 11.40
C LEU B 124 -37.29 -34.60 11.65
N ALA B 125 -36.86 -34.79 12.91
CA ALA B 125 -35.45 -34.67 13.26
C ALA B 125 -34.63 -35.79 12.64
N LYS B 126 -35.19 -37.00 12.56
CA LYS B 126 -34.52 -38.09 11.84
C LYS B 126 -34.36 -37.76 10.37
N ARG B 127 -35.34 -37.09 9.77
CA ARG B 127 -35.19 -36.67 8.37
C ARG B 127 -34.13 -35.57 8.21
N TYR B 128 -34.04 -34.65 9.19
CA TYR B 128 -33.01 -33.61 9.12
C TYR B 128 -31.61 -34.18 9.27
N VAL B 129 -31.42 -35.14 10.18
CA VAL B 129 -30.11 -35.80 10.30
C VAL B 129 -29.83 -36.71 9.11
N ASN B 130 -30.86 -37.26 8.48
CA ASN B 130 -30.67 -38.03 7.25
C ASN B 130 -30.16 -37.16 6.12
N ASN B 131 -30.65 -35.93 6.01
CA ASN B 131 -30.14 -35.02 4.98
C ASN B 131 -28.74 -34.50 5.29
N ILE B 132 -28.27 -34.60 6.54
CA ILE B 132 -26.86 -34.38 6.83
C ILE B 132 -26.05 -35.63 6.48
N ALA B 133 -26.64 -36.81 6.59
CA ALA B 133 -25.91 -38.05 6.41
C ALA B 133 -25.66 -38.41 4.95
N ASN B 134 -26.55 -38.01 4.02
CA ASN B 134 -26.32 -38.33 2.61
C ASN B 134 -25.60 -37.23 1.84
N ALA B 135 -25.29 -36.10 2.49
CA ALA B 135 -24.56 -34.95 1.90
C ALA B 135 -25.31 -34.36 0.71
N ARG B 136 -26.53 -33.91 0.96
CA ARG B 136 -27.33 -33.24 -0.05
C ARG B 136 -26.96 -31.78 -0.22
N PHE B 137 -26.19 -31.22 0.73
CA PHE B 137 -25.69 -29.85 0.62
C PHE B 137 -24.55 -29.71 -0.38
N LEU B 138 -24.03 -30.82 -0.91
CA LEU B 138 -23.10 -30.78 -2.03
C LEU B 138 -23.93 -30.87 -3.30
N TRP B 139 -24.14 -29.75 -3.97
CA TRP B 139 -25.10 -29.76 -5.06
C TRP B 139 -24.48 -30.26 -6.36
N ARG B 140 -23.51 -29.55 -6.90
CA ARG B 140 -22.83 -30.03 -8.10
C ARG B 140 -21.46 -30.61 -7.77
N ASN B 141 -21.03 -30.50 -6.52
CA ASN B 141 -19.77 -31.09 -6.07
C ASN B 141 -19.93 -32.51 -5.59
N ARG B 142 -21.10 -33.12 -5.82
CA ARG B 142 -21.36 -34.51 -5.48
C ARG B 142 -21.32 -35.41 -6.70
N LYS B 143 -21.44 -34.85 -7.90
CA LYS B 143 -21.32 -35.62 -9.13
C LYS B 143 -19.85 -35.86 -9.43
N GLY B 144 -19.44 -37.13 -9.46
CA GLY B 144 -18.07 -37.45 -9.82
C GLY B 144 -17.13 -37.47 -8.65
N ALA B 145 -17.49 -38.23 -7.62
CA ALA B 145 -16.68 -38.31 -6.40
C ALA B 145 -16.38 -39.76 -6.09
N GLU B 146 -15.16 -40.02 -5.62
CA GLU B 146 -14.77 -41.36 -5.21
C GLU B 146 -15.21 -41.68 -3.79
N ILE B 147 -14.84 -40.85 -2.82
CA ILE B 147 -15.17 -41.08 -1.42
C ILE B 147 -15.74 -39.78 -0.85
N ILE B 148 -16.88 -39.89 -0.16
CA ILE B 148 -17.47 -38.78 0.58
C ILE B 148 -17.62 -39.23 2.03
N GLU B 149 -17.06 -38.46 2.96
CA GLU B 149 -17.14 -38.77 4.39
C GLU B 149 -17.60 -37.52 5.14
N THR B 150 -18.58 -37.69 6.03
CA THR B 150 -19.15 -36.60 6.80
C THR B 150 -19.03 -36.91 8.29
N ILE B 151 -18.47 -35.97 9.05
CA ILE B 151 -18.28 -36.11 10.49
C ILE B 151 -19.11 -35.06 11.21
N VAL B 152 -19.79 -35.46 12.27
CA VAL B 152 -20.66 -34.58 13.04
C VAL B 152 -20.11 -34.47 14.46
N THR B 153 -19.91 -33.23 14.93
CA THR B 153 -19.37 -32.97 16.25
C THR B 153 -20.38 -32.16 17.06
N ILE B 154 -20.76 -32.68 18.22
CA ILE B 154 -21.57 -31.96 19.21
C ILE B 154 -20.74 -31.90 20.48
N GLU B 155 -20.48 -30.68 20.95
CA GLU B 155 -19.70 -30.35 22.15
C GLU B 155 -18.24 -30.78 21.95
N ASP B 156 -17.80 -31.78 22.70
CA ASP B 156 -16.44 -32.31 22.56
C ASP B 156 -16.47 -33.80 22.20
N LYS B 157 -17.57 -34.27 21.64
CA LYS B 157 -17.71 -35.66 21.21
C LYS B 157 -17.81 -35.69 19.69
N GLU B 158 -16.87 -36.38 19.05
CA GLU B 158 -16.94 -36.63 17.62
C GLU B 158 -17.62 -37.97 17.38
N TYR B 159 -18.78 -37.92 16.74
CA TYR B 159 -19.52 -39.13 16.43
C TYR B 159 -18.84 -39.87 15.29
N PRO B 160 -19.04 -41.19 15.19
CA PRO B 160 -18.41 -41.95 14.09
C PRO B 160 -18.94 -41.54 12.73
N SER B 161 -18.09 -41.72 11.72
CA SER B 161 -18.24 -41.08 10.42
C SER B 161 -19.37 -41.71 9.62
N PHE B 162 -19.69 -41.05 8.51
CA PHE B 162 -20.77 -41.46 7.61
C PHE B 162 -20.20 -41.64 6.21
N ASN B 163 -20.63 -42.71 5.54
CA ASN B 163 -20.33 -42.92 4.13
C ASN B 163 -21.56 -42.42 3.37
N SER B 164 -21.41 -41.31 2.65
CA SER B 164 -22.53 -40.61 2.05
C SER B 164 -22.85 -41.07 0.64
N LYS B 165 -22.17 -42.12 0.15
CA LYS B 165 -22.48 -42.71 -1.14
C LYS B 165 -23.20 -44.04 -1.01
N SER B 166 -23.65 -44.37 0.19
CA SER B 166 -24.45 -45.56 0.42
C SER B 166 -25.88 -45.24 0.81
N PHE B 167 -26.22 -43.97 0.99
CA PHE B 167 -27.58 -43.54 1.26
C PHE B 167 -28.21 -43.07 -0.05
N ASN B 168 -29.41 -43.58 -0.33
CA ASN B 168 -30.16 -43.15 -1.49
C ASN B 168 -30.81 -41.81 -1.19
N LEU B 169 -31.02 -41.02 -2.25
CA LEU B 169 -31.55 -39.67 -2.10
C LEU B 169 -33.07 -39.63 -2.13
N ASP B 170 -33.72 -40.78 -2.23
CA ASP B 170 -35.17 -40.87 -2.30
C ASP B 170 -35.76 -41.72 -1.19
N THR B 171 -34.96 -42.13 -0.21
CA THR B 171 -35.45 -42.94 0.89
C THR B 171 -34.83 -42.42 2.19
N PHE B 172 -35.50 -42.68 3.30
CA PHE B 172 -35.06 -42.22 4.60
C PHE B 172 -34.83 -43.42 5.52
N VAL B 173 -33.66 -43.47 6.14
CA VAL B 173 -33.26 -44.59 6.99
C VAL B 173 -33.64 -44.28 8.43
N GLU B 174 -34.18 -45.30 9.13
CA GLU B 174 -34.59 -45.15 10.52
C GLU B 174 -33.94 -46.18 11.43
N ASP B 175 -32.94 -46.91 10.95
CA ASP B 175 -32.31 -47.98 11.71
C ASP B 175 -30.85 -47.70 12.07
N ASN B 176 -30.31 -46.56 11.66
CA ASN B 176 -28.91 -46.25 11.92
C ASN B 176 -28.80 -45.64 13.31
N ALA B 177 -27.89 -46.17 14.13
CA ALA B 177 -27.82 -45.79 15.55
C ALA B 177 -27.30 -44.38 15.74
N THR B 178 -26.30 -43.96 14.95
CA THR B 178 -25.73 -42.62 15.09
C THR B 178 -26.73 -41.54 14.72
N ILE B 179 -27.51 -41.78 13.66
CA ILE B 179 -28.56 -40.87 13.23
C ILE B 179 -29.62 -40.72 14.31
N ASN B 180 -29.99 -41.84 14.94
CA ASN B 180 -30.96 -41.83 16.03
C ASN B 180 -30.43 -41.08 17.25
N GLU B 181 -29.13 -41.24 17.54
CA GLU B 181 -28.53 -40.61 18.70
C GLU B 181 -28.45 -39.09 18.55
N ILE B 182 -28.10 -38.60 17.36
CA ILE B 182 -28.13 -37.15 17.10
C ILE B 182 -29.57 -36.64 17.06
N ALA B 183 -30.47 -37.43 16.45
CA ALA B 183 -31.85 -36.99 16.24
C ALA B 183 -32.62 -36.89 17.55
N GLN B 184 -32.27 -37.72 18.54
CA GLN B 184 -32.90 -37.62 19.85
C GLN B 184 -32.57 -36.30 20.54
N GLN B 185 -31.31 -35.84 20.42
CA GLN B 185 -30.94 -34.57 21.01
C GLN B 185 -31.57 -33.40 20.26
N ILE B 186 -31.67 -33.49 18.93
CA ILE B 186 -32.36 -32.45 18.16
C ILE B 186 -33.85 -32.40 18.51
N ALA B 187 -34.46 -33.57 18.71
CA ALA B 187 -35.86 -33.65 19.12
C ALA B 187 -36.08 -33.08 20.52
N ASP B 188 -35.16 -33.36 21.44
CA ASP B 188 -35.27 -32.80 22.78
C ASP B 188 -35.04 -31.30 22.78
N THR B 189 -34.24 -30.78 21.85
CA THR B 189 -34.08 -29.33 21.73
C THR B 189 -35.34 -28.70 21.15
N PHE B 190 -35.98 -29.37 20.19
CA PHE B 190 -37.25 -28.88 19.64
C PHE B 190 -38.37 -28.93 20.67
N ALA B 191 -38.36 -29.92 21.57
CA ALA B 191 -39.45 -30.07 22.52
C ALA B 191 -39.43 -28.97 23.58
N GLY B 192 -38.27 -28.69 24.14
CA GLY B 192 -38.18 -27.68 25.18
C GLY B 192 -37.52 -28.21 26.43
N LYS B 193 -36.95 -29.40 26.33
CA LYS B 193 -36.24 -30.02 27.45
C LYS B 193 -34.78 -29.58 27.52
N ARG B 194 -34.31 -28.75 26.67
CA ARG B 194 -32.94 -28.23 26.63
C ARG B 194 -33.11 -26.88 25.96
N GLU B 195 -32.25 -25.92 26.05
CA GLU B 195 -32.47 -24.57 25.56
C GLU B 195 -31.80 -24.26 24.23
N TYR B 196 -30.76 -25.01 23.85
CA TYR B 196 -30.04 -24.78 22.60
C TYR B 196 -29.21 -26.01 22.28
N LEU B 197 -28.79 -26.12 21.03
CA LEU B 197 -27.86 -27.17 20.61
C LEU B 197 -27.05 -26.66 19.43
N ASN B 198 -25.73 -26.85 19.49
CA ASN B 198 -24.81 -26.41 18.44
C ASN B 198 -24.14 -27.63 17.82
N ILE B 199 -24.30 -27.79 16.51
CA ILE B 199 -23.75 -28.92 15.75
C ILE B 199 -22.80 -28.38 14.70
N TYR B 200 -21.60 -28.94 14.62
CA TYR B 200 -20.61 -28.57 13.62
C TYR B 200 -20.34 -29.76 12.70
N VAL B 201 -20.35 -29.50 11.39
CA VAL B 201 -20.30 -30.54 10.36
C VAL B 201 -19.08 -30.32 9.47
N THR B 202 -18.32 -31.40 9.23
CA THR B 202 -17.16 -31.39 8.33
C THR B 202 -17.32 -32.49 7.30
N CYS B 203 -17.06 -32.17 6.03
CA CYS B 203 -17.23 -33.11 4.93
C CYS B 203 -15.99 -33.11 4.04
N PHE B 204 -15.56 -34.30 3.63
CA PHE B 204 -14.41 -34.48 2.75
C PHE B 204 -14.88 -35.10 1.44
N VAL B 205 -14.55 -34.47 0.31
CA VAL B 205 -14.97 -34.91 -1.01
C VAL B 205 -13.72 -35.15 -1.85
N LYS B 206 -13.47 -36.40 -2.22
CA LYS B 206 -12.37 -36.71 -3.13
C LYS B 206 -12.86 -36.57 -4.57
N ILE B 207 -12.24 -35.69 -5.34
CA ILE B 207 -12.68 -35.43 -6.70
C ILE B 207 -11.52 -35.55 -7.68
N GLY B 208 -10.30 -35.48 -7.19
CA GLY B 208 -9.13 -35.58 -8.02
C GLY B 208 -8.30 -34.31 -8.01
N CYS B 209 -7.22 -34.33 -8.78
CA CYS B 209 -6.26 -33.25 -8.82
C CYS B 209 -6.63 -32.27 -9.92
N ALA B 210 -6.59 -30.97 -9.58
CA ALA B 210 -6.83 -29.82 -10.46
C ALA B 210 -8.25 -29.77 -11.02
N MET B 211 -9.20 -30.47 -10.41
CA MET B 211 -10.58 -30.50 -10.88
C MET B 211 -11.37 -29.33 -10.29
N GLU B 212 -12.52 -29.06 -10.92
CA GLU B 212 -13.27 -27.85 -10.65
C GLU B 212 -14.14 -27.99 -9.40
N VAL B 213 -14.23 -26.90 -8.65
CA VAL B 213 -15.09 -26.78 -7.48
C VAL B 213 -16.09 -25.67 -7.79
N TYR B 214 -17.37 -25.89 -7.46
CA TYR B 214 -18.44 -24.97 -7.83
C TYR B 214 -19.00 -24.26 -6.60
N PRO B 215 -18.60 -23.01 -6.31
CA PRO B 215 -19.21 -22.26 -5.21
C PRO B 215 -20.57 -21.68 -5.57
N SER B 216 -21.12 -20.85 -4.68
CA SER B 216 -22.36 -20.14 -4.92
C SER B 216 -22.10 -18.85 -5.68
N GLN B 217 -23.09 -18.46 -6.47
CA GLN B 217 -23.02 -17.27 -7.32
C GLN B 217 -23.90 -16.17 -6.74
N GLU B 218 -23.45 -14.93 -6.90
CA GLU B 218 -24.14 -13.77 -6.35
C GLU B 218 -25.14 -13.20 -7.33
N MET B 219 -26.24 -12.69 -6.78
CA MET B 219 -27.33 -12.13 -7.57
C MET B 219 -27.03 -10.70 -7.98
N THR B 220 -27.30 -10.40 -9.25
CA THR B 220 -27.14 -9.06 -9.82
C THR B 220 -28.51 -8.53 -10.23
N PHE B 221 -28.71 -7.22 -10.05
CA PHE B 221 -30.03 -6.62 -10.21
C PHE B 221 -30.14 -5.68 -11.40
N ASP B 222 -29.05 -5.14 -11.91
CA ASP B 222 -29.13 -4.15 -13.00
C ASP B 222 -28.50 -4.64 -14.27
N ASP B 223 -28.09 -3.72 -15.13
CA ASP B 223 -27.49 -4.09 -16.41
C ASP B 223 -26.10 -3.51 -16.59
N LYS B 226 -25.42 -8.92 -16.44
CA LYS B 226 -24.08 -8.71 -15.94
C LYS B 226 -23.31 -10.01 -15.85
N GLY B 227 -22.06 -9.96 -15.42
CA GLY B 227 -21.24 -11.15 -15.40
C GLY B 227 -21.33 -12.07 -14.24
N LYS B 228 -20.41 -13.01 -14.17
CA LYS B 228 -20.45 -14.02 -13.12
C LYS B 228 -19.61 -13.58 -11.94
N LYS B 229 -20.23 -13.47 -10.76
CA LYS B 229 -19.53 -13.15 -9.52
C LYS B 229 -19.79 -14.27 -8.52
N LEU B 230 -18.72 -14.74 -7.88
CA LEU B 230 -18.81 -15.88 -6.97
C LEU B 230 -18.64 -15.41 -5.52
N PHE B 231 -19.14 -16.23 -4.60
CA PHE B 231 -19.18 -15.88 -3.18
C PHE B 231 -17.81 -16.04 -2.52
N LYS B 232 -17.40 -15.01 -1.77
CA LYS B 232 -16.18 -15.02 -1.00
C LYS B 232 -16.52 -14.85 0.48
N PHE B 233 -16.06 -15.79 1.30
CA PHE B 233 -16.26 -15.74 2.75
C PHE B 233 -14.89 -15.73 3.42
N GLU B 234 -14.53 -14.56 3.99
CA GLU B 234 -13.22 -14.32 4.63
C GLU B 234 -12.05 -14.58 3.68
N GLY B 235 -12.21 -14.20 2.42
CA GLY B 235 -11.15 -14.33 1.45
C GLY B 235 -11.15 -15.61 0.66
N SER B 236 -11.80 -16.66 1.16
CA SER B 236 -11.83 -17.96 0.50
C SER B 236 -13.20 -18.17 -0.13
N ALA B 237 -13.30 -19.22 -0.95
CA ALA B 237 -14.58 -19.55 -1.57
C ALA B 237 -15.51 -20.18 -0.54
N GLY B 238 -16.80 -20.17 -0.85
CA GLY B 238 -17.76 -20.68 0.10
C GLY B 238 -19.16 -20.73 -0.46
N MET B 239 -20.10 -21.09 0.42
CA MET B 239 -21.49 -21.28 0.05
C MET B 239 -22.39 -20.45 0.95
N HIS B 240 -23.56 -20.08 0.42
CA HIS B 240 -24.57 -19.37 1.19
C HIS B 240 -25.21 -20.31 2.21
N SER B 241 -25.76 -19.70 3.27
CA SER B 241 -26.49 -20.46 4.27
C SER B 241 -27.83 -20.95 3.75
N GLN B 242 -28.47 -20.15 2.87
CA GLN B 242 -29.78 -20.49 2.34
C GLN B 242 -29.71 -21.73 1.45
N LYS B 243 -28.62 -21.90 0.71
CA LYS B 243 -28.46 -23.06 -0.15
C LYS B 243 -28.27 -24.35 0.64
N ILE B 244 -27.56 -24.28 1.77
CA ILE B 244 -27.43 -25.42 2.66
C ILE B 244 -28.77 -25.73 3.33
N ASN B 245 -29.46 -24.69 3.78
CA ASN B 245 -30.71 -24.89 4.50
C ASN B 245 -31.83 -25.39 3.59
N ASN B 246 -31.81 -25.03 2.30
CA ASN B 246 -32.75 -25.63 1.36
C ASN B 246 -32.45 -27.10 1.15
N ALA B 247 -31.18 -27.50 1.23
CA ALA B 247 -30.83 -28.89 1.08
C ALA B 247 -31.06 -29.69 2.37
N LEU B 248 -31.35 -29.02 3.48
CA LEU B 248 -31.73 -29.74 4.69
C LEU B 248 -33.24 -29.80 4.92
N ARG B 249 -34.05 -29.13 4.10
CA ARG B 249 -35.51 -29.19 4.22
C ARG B 249 -36.19 -30.03 3.14
N THR B 250 -35.44 -30.84 2.40
CA THR B 250 -36.04 -31.69 1.37
C THR B 250 -36.54 -32.99 2.03
N ILE B 251 -37.58 -32.83 2.84
CA ILE B 251 -38.06 -33.90 3.73
C ILE B 251 -39.56 -34.14 3.57
N ASP B 252 -40.19 -33.51 2.59
CA ASP B 252 -41.64 -33.62 2.40
C ASP B 252 -42.05 -34.68 1.44
N THR B 253 -42.70 -35.68 1.97
CA THR B 253 -43.20 -36.78 1.16
C THR B 253 -44.68 -37.01 1.42
N TRP B 254 -45.42 -35.94 1.76
CA TRP B 254 -46.81 -36.07 2.17
C TRP B 254 -47.74 -35.27 1.27
N TYR B 255 -47.29 -34.88 0.08
CA TYR B 255 -48.12 -34.13 -0.83
C TYR B 255 -49.13 -35.06 -1.51
N PRO B 256 -50.25 -34.53 -2.04
CA PRO B 256 -51.31 -35.40 -2.59
C PRO B 256 -50.93 -36.33 -3.73
N ASP B 257 -49.97 -35.96 -4.57
CA ASP B 257 -49.67 -36.76 -5.75
C ASP B 257 -48.28 -37.39 -5.63
N TYR B 258 -47.99 -37.95 -4.45
CA TYR B 258 -46.68 -38.55 -4.19
C TYR B 258 -46.53 -39.92 -4.85
N THR B 259 -47.63 -40.65 -5.03
CA THR B 259 -47.54 -41.99 -5.58
C THR B 259 -47.18 -42.00 -7.06
N THR B 260 -47.35 -40.88 -7.76
CA THR B 260 -46.92 -40.76 -9.15
C THR B 260 -45.47 -40.28 -9.25
N TYR B 261 -45.13 -39.19 -8.60
CA TYR B 261 -43.76 -38.73 -8.55
C TYR B 261 -43.30 -39.12 -7.17
N GLU B 262 -42.41 -40.08 -7.05
CA GLU B 262 -41.94 -40.62 -5.77
C GLU B 262 -40.57 -40.03 -5.40
N PHE B 263 -40.57 -38.74 -5.02
CA PHE B 263 -39.37 -38.03 -4.61
C PHE B 263 -39.70 -36.98 -3.55
N PRO B 264 -38.77 -36.70 -2.61
CA PRO B 264 -39.02 -35.64 -1.62
C PRO B 264 -38.82 -34.24 -2.19
N ILE B 265 -39.71 -33.32 -1.81
CA ILE B 265 -39.64 -31.93 -2.25
C ILE B 265 -39.31 -31.04 -1.06
N PRO B 266 -38.74 -29.86 -1.26
CA PRO B 266 -38.55 -28.93 -0.13
C PRO B 266 -39.87 -28.39 0.39
N VAL B 267 -39.85 -28.00 1.67
CA VAL B 267 -41.06 -27.61 2.39
C VAL B 267 -41.33 -26.13 2.17
N GLU B 268 -42.44 -25.80 1.51
CA GLU B 268 -42.87 -24.42 1.32
C GLU B 268 -44.38 -24.32 1.51
N ASN B 269 -44.90 -23.12 1.29
CA ASN B 269 -46.28 -22.82 1.63
C ASN B 269 -47.26 -23.34 0.57
N TYR B 270 -46.93 -23.19 -0.71
CA TYR B 270 -47.79 -23.66 -1.78
C TYR B 270 -47.19 -24.88 -2.49
N GLY B 271 -46.10 -25.41 -1.96
CA GLY B 271 -45.41 -26.58 -2.50
C GLY B 271 -44.94 -26.43 -3.93
N ALA B 272 -44.02 -25.50 -4.17
CA ALA B 272 -43.54 -25.19 -5.51
C ALA B 272 -42.18 -25.83 -5.71
N ALA B 273 -42.07 -26.68 -6.71
CA ALA B 273 -40.81 -27.34 -7.03
C ALA B 273 -40.20 -26.59 -8.19
N ARG B 274 -39.01 -26.04 -8.02
CA ARG B 274 -38.45 -25.29 -9.12
C ARG B 274 -37.86 -26.27 -10.09
N SER B 275 -37.39 -27.39 -9.59
CA SER B 275 -36.84 -28.41 -10.45
C SER B 275 -37.90 -28.87 -11.39
N ILE B 276 -38.74 -29.78 -10.94
CA ILE B 276 -39.87 -30.25 -11.74
C ILE B 276 -40.96 -29.19 -11.70
N GLY B 277 -41.33 -28.68 -12.88
CA GLY B 277 -42.17 -27.49 -12.92
C GLY B 277 -43.64 -27.66 -12.62
N ILE B 278 -43.97 -28.23 -11.45
CA ILE B 278 -45.37 -28.36 -11.00
C ILE B 278 -45.51 -27.90 -9.54
N PRO B 279 -46.46 -27.01 -9.24
CA PRO B 279 -46.84 -26.79 -7.84
C PRO B 279 -47.64 -27.97 -7.29
N PHE B 280 -47.27 -28.43 -6.10
CA PHE B 280 -47.83 -29.67 -5.57
C PHE B 280 -48.85 -29.49 -4.45
N ARG B 281 -48.97 -28.30 -3.87
CA ARG B 281 -49.94 -28.03 -2.79
C ARG B 281 -50.67 -26.73 -3.08
N PRO B 282 -51.58 -26.70 -4.07
CA PRO B 282 -52.13 -25.41 -4.49
C PRO B 282 -53.44 -24.94 -3.87
N ASP B 283 -54.37 -25.81 -3.46
CA ASP B 283 -55.63 -25.29 -2.97
C ASP B 283 -55.96 -25.75 -1.55
N THR B 284 -56.10 -27.06 -1.34
CA THR B 284 -56.67 -27.54 -0.08
C THR B 284 -55.62 -28.02 0.91
N LYS B 285 -54.42 -28.38 0.46
CA LYS B 285 -53.38 -28.86 1.36
C LYS B 285 -52.24 -27.87 1.47
N SER B 286 -52.54 -26.59 1.30
CA SER B 286 -51.59 -25.53 1.56
C SER B 286 -51.52 -25.26 3.06
N PHE B 287 -50.58 -24.41 3.46
CA PHE B 287 -50.42 -24.11 4.87
C PHE B 287 -51.56 -23.26 5.41
N TYR B 288 -52.09 -22.35 4.60
CA TYR B 288 -53.07 -21.38 5.09
C TYR B 288 -54.39 -22.06 5.42
N LYS B 289 -54.86 -22.94 4.52
CA LYS B 289 -56.11 -23.67 4.75
C LYS B 289 -55.97 -24.66 5.89
N LEU B 290 -54.81 -25.29 6.04
CA LEU B 290 -54.61 -26.24 7.12
C LEU B 290 -54.48 -25.56 8.48
N ILE B 291 -53.85 -24.38 8.53
CA ILE B 291 -53.73 -23.72 9.83
C ILE B 291 -55.04 -23.02 10.17
N ASP B 292 -55.88 -22.72 9.18
CA ASP B 292 -57.22 -22.23 9.45
C ASP B 292 -58.22 -23.35 9.71
N ARG B 293 -57.85 -24.59 9.41
CA ARG B 293 -58.69 -25.74 9.75
C ARG B 293 -58.18 -26.46 10.99
N MET B 294 -57.05 -26.05 11.55
CA MET B 294 -56.53 -26.61 12.78
C MET B 294 -56.83 -25.77 14.00
N ILE B 295 -56.76 -24.45 13.89
CA ILE B 295 -56.84 -23.56 15.04
C ILE B 295 -58.23 -22.92 15.12
N LEU B 296 -58.81 -22.59 13.96
CA LEU B 296 -60.02 -21.79 13.90
C LEU B 296 -61.29 -22.64 13.84
N LYS B 297 -61.17 -23.96 13.68
CA LYS B 297 -62.35 -24.79 13.68
C LYS B 297 -62.18 -26.08 14.49
N ASN B 298 -61.07 -26.23 15.22
CA ASN B 298 -60.75 -27.35 16.11
C ASN B 298 -61.02 -28.74 15.54
N GLU B 299 -60.37 -29.08 14.43
CA GLU B 299 -60.55 -30.36 13.77
C GLU B 299 -59.27 -31.17 13.86
N ASP B 300 -59.42 -32.47 14.10
CA ASP B 300 -58.28 -33.36 14.25
C ASP B 300 -57.84 -33.83 12.88
N LEU B 301 -56.70 -33.33 12.42
CA LEU B 301 -56.13 -33.65 11.13
C LEU B 301 -55.37 -34.95 11.20
N PRO B 302 -55.12 -35.61 10.06
CA PRO B 302 -54.18 -36.74 10.06
C PRO B 302 -52.74 -36.28 10.35
N ILE B 303 -51.90 -37.26 10.68
CA ILE B 303 -50.59 -36.97 11.26
C ILE B 303 -49.64 -36.38 10.21
N GLU B 304 -49.85 -36.68 8.93
CA GLU B 304 -48.99 -36.18 7.87
C GLU B 304 -49.15 -34.67 7.69
N ASP B 305 -50.40 -34.19 7.78
CA ASP B 305 -50.65 -32.76 7.73
C ASP B 305 -50.08 -32.03 8.93
N LYS B 306 -50.09 -32.67 10.10
CA LYS B 306 -49.42 -32.10 11.28
C LYS B 306 -47.92 -32.05 11.09
N HIS B 307 -47.34 -33.06 10.43
CA HIS B 307 -45.92 -33.05 10.09
C HIS B 307 -45.58 -31.86 9.19
N TYR B 308 -46.44 -31.58 8.21
CA TYR B 308 -46.24 -30.44 7.31
C TYR B 308 -46.36 -29.10 8.05
N VAL B 309 -47.35 -28.97 8.95
CA VAL B 309 -47.54 -27.71 9.68
C VAL B 309 -46.38 -27.44 10.63
N MET B 310 -45.91 -28.46 11.34
CA MET B 310 -44.75 -28.24 12.21
C MET B 310 -43.47 -28.03 11.40
N ALA B 311 -43.35 -28.61 10.20
CA ALA B 311 -42.18 -28.31 9.37
C ALA B 311 -42.16 -26.86 8.90
N ILE B 312 -43.34 -26.31 8.56
CA ILE B 312 -43.41 -24.90 8.19
C ILE B 312 -43.13 -24.02 9.40
N LEU B 313 -43.60 -24.40 10.58
CA LEU B 313 -43.33 -23.61 11.77
C LEU B 313 -41.89 -23.73 12.27
N ILE B 314 -41.14 -24.76 11.85
CA ILE B 314 -39.69 -24.73 12.03
C ILE B 314 -39.01 -23.93 10.94
N ARG B 315 -39.62 -23.78 9.76
CA ARG B 315 -38.98 -22.94 8.74
C ARG B 315 -39.16 -21.45 9.01
N GLY B 316 -40.39 -21.00 9.21
CA GLY B 316 -40.64 -19.62 9.58
C GLY B 316 -41.19 -18.80 8.42
N GLY B 317 -41.79 -17.68 8.77
CA GLY B 317 -42.36 -16.79 7.77
C GLY B 317 -43.32 -15.80 8.38
N MET B 318 -43.87 -14.96 7.50
CA MET B 318 -44.85 -13.94 7.86
C MET B 318 -46.23 -14.43 7.42
N PHE B 319 -47.11 -14.66 8.38
CA PHE B 319 -48.45 -15.19 8.09
C PHE B 319 -49.49 -14.26 8.71
N SER B 320 -49.80 -13.16 8.03
CA SER B 320 -50.65 -12.13 8.59
C SER B 320 -51.86 -11.89 7.69
N LYS B 321 -52.98 -11.58 8.31
CA LYS B 321 -54.24 -11.32 7.62
C LYS B 321 -54.57 -9.84 7.74
N LYS B 322 -55.16 -9.29 6.67
CA LYS B 322 -55.42 -7.86 6.54
C LYS B 322 -56.39 -7.30 7.58
N GLN B 323 -57.64 -7.70 7.52
CA GLN B 323 -58.60 -7.11 8.45
C GLN B 323 -58.71 -7.91 9.72
N THR C 1 -48.86 -33.92 -26.25
CA THR C 1 -48.38 -33.13 -27.36
C THR C 1 -47.65 -31.93 -26.83
N LEU C 2 -46.51 -31.61 -27.42
CA LEU C 2 -45.73 -30.53 -26.92
C LEU C 2 -45.59 -29.46 -27.97
N LYS C 3 -45.85 -28.21 -27.60
CA LYS C 3 -45.73 -27.11 -28.53
C LYS C 3 -44.80 -26.07 -27.98
N SER C 4 -43.53 -26.13 -28.33
CA SER C 4 -42.47 -25.19 -27.91
C SER C 4 -41.56 -25.77 -26.85
N ARG C 5 -40.30 -25.32 -26.81
CA ARG C 5 -39.36 -25.70 -25.77
C ARG C 5 -39.71 -24.99 -24.47
N PRO C 6 -39.34 -25.56 -23.31
CA PRO C 6 -39.63 -24.90 -22.04
C PRO C 6 -38.84 -23.62 -21.87
N GLU C 7 -39.35 -22.76 -20.99
CA GLU C 7 -38.83 -21.41 -20.80
C GLU C 7 -37.49 -21.39 -20.07
N ASN C 8 -37.09 -22.50 -19.44
CA ASN C 8 -35.78 -22.62 -18.80
C ASN C 8 -35.26 -24.02 -19.10
N LEU C 9 -34.32 -24.11 -20.04
CA LEU C 9 -33.72 -25.38 -20.41
C LEU C 9 -32.20 -25.22 -20.43
N SER C 10 -31.50 -26.15 -19.79
CA SER C 10 -30.05 -26.08 -19.68
C SER C 10 -29.45 -27.48 -19.58
N PHE C 11 -28.23 -27.62 -20.06
CA PHE C 11 -27.46 -28.85 -19.96
C PHE C 11 -26.05 -28.54 -19.51
N ALA C 12 -25.51 -29.40 -18.64
CA ALA C 12 -24.14 -29.26 -18.15
C ALA C 12 -23.19 -30.06 -19.03
N ARG C 13 -21.90 -29.86 -18.79
CA ARG C 13 -20.87 -30.58 -19.54
C ARG C 13 -20.82 -32.05 -19.12
N CYS C 14 -20.30 -32.87 -20.04
CA CYS C 14 -20.03 -34.27 -19.77
C CYS C 14 -18.58 -34.62 -20.02
N LEU C 15 -17.73 -33.63 -20.32
CA LEU C 15 -16.30 -33.83 -20.52
C LEU C 15 -15.60 -32.62 -19.91
N ASN C 16 -15.22 -32.73 -18.64
CA ASN C 16 -14.57 -31.63 -17.93
C ASN C 16 -13.06 -31.77 -18.06
N THR C 17 -12.42 -30.73 -18.60
CA THR C 17 -10.99 -30.72 -18.81
C THR C 17 -10.35 -29.73 -17.85
N THR C 18 -9.19 -30.09 -17.32
CA THR C 18 -8.45 -29.25 -16.39
C THR C 18 -7.41 -28.43 -17.14
N GLU C 19 -6.86 -27.44 -16.46
CA GLU C 19 -5.86 -26.58 -17.07
C GLU C 19 -4.53 -27.32 -17.18
N ALA C 20 -3.71 -26.89 -18.12
CA ALA C 20 -2.45 -27.55 -18.43
C ALA C 20 -1.29 -26.79 -17.80
N LYS C 21 -0.27 -27.55 -17.38
CA LYS C 21 0.97 -27.00 -16.85
C LYS C 21 2.13 -27.47 -17.71
N PHE C 22 3.07 -26.57 -17.97
CA PHE C 22 4.21 -26.85 -18.85
C PHE C 22 5.48 -27.07 -18.03
N TRP C 23 6.28 -28.04 -18.46
CA TRP C 23 7.57 -28.36 -17.85
C TRP C 23 8.59 -28.52 -18.97
N GLN C 24 9.87 -28.54 -18.60
CA GLN C 24 10.95 -28.79 -19.55
C GLN C 24 11.83 -29.93 -19.04
N THR C 25 12.16 -30.86 -19.95
CA THR C 25 12.96 -32.04 -19.66
C THR C 25 13.98 -32.21 -20.78
N ASP C 26 14.69 -33.33 -20.74
CA ASP C 26 15.45 -33.86 -21.88
C ASP C 26 14.81 -35.16 -22.33
N PHE C 27 14.96 -35.49 -23.62
CA PHE C 27 14.28 -36.64 -24.19
C PHE C 27 14.85 -37.97 -23.70
N LEU C 28 16.17 -38.06 -23.55
CA LEU C 28 16.75 -39.31 -23.11
C LEU C 28 16.68 -39.51 -21.60
N LYS C 29 16.13 -38.54 -20.86
CA LYS C 29 15.90 -38.66 -19.43
C LYS C 29 14.52 -38.16 -19.05
N ARG C 30 13.52 -38.38 -19.91
CA ARG C 30 12.19 -37.84 -19.70
C ARG C 30 11.44 -38.53 -18.56
N HIS C 31 11.83 -39.75 -18.20
CA HIS C 31 11.13 -40.50 -17.17
C HIS C 31 11.74 -40.31 -15.79
N THR C 32 12.71 -39.40 -15.64
CA THR C 32 13.39 -39.19 -14.36
C THR C 32 13.47 -37.74 -13.91
N PHE C 33 13.57 -36.82 -15.01
CA PHE C 33 13.83 -35.41 -14.75
C PHE C 33 12.82 -34.43 -15.26
N LYS C 34 12.64 -33.28 -14.49
CA LYS C 34 11.83 -32.20 -15.04
C LYS C 34 12.12 -30.89 -14.31
N LEU C 35 11.98 -29.78 -15.04
CA LEU C 35 12.20 -28.43 -14.52
C LEU C 35 11.00 -27.53 -14.80
N PRO C 36 10.77 -26.51 -13.99
CA PRO C 36 9.69 -25.55 -14.29
C PRO C 36 10.07 -24.60 -15.42
N LEU C 37 9.01 -24.14 -16.16
CA LEU C 37 9.15 -23.20 -17.28
C LEU C 37 8.45 -21.91 -16.96
N LEU C 38 9.15 -20.77 -17.08
CA LEU C 38 8.62 -19.48 -16.67
C LEU C 38 8.45 -18.55 -17.88
N ILE C 39 7.64 -17.52 -17.69
CA ILE C 39 7.38 -16.51 -18.72
C ILE C 39 8.19 -15.26 -18.41
N THR C 40 8.83 -14.70 -19.42
CA THR C 40 9.67 -13.52 -19.28
C THR C 40 9.01 -12.33 -19.96
N ASP C 41 9.36 -11.13 -19.49
CA ASP C 41 8.82 -9.89 -20.01
C ASP C 41 9.79 -9.29 -21.02
N LYS C 42 9.26 -8.83 -22.15
CA LYS C 42 10.06 -8.26 -23.21
C LYS C 42 9.61 -6.83 -23.50
N ALA C 43 10.53 -6.06 -24.04
CA ALA C 43 10.25 -4.73 -24.58
C ALA C 43 10.99 -4.59 -25.89
N VAL C 44 10.30 -4.04 -26.90
CA VAL C 44 10.83 -4.00 -28.26
C VAL C 44 10.75 -2.58 -28.79
N LEU C 45 11.58 -2.30 -29.78
CA LEU C 45 11.51 -1.08 -30.57
C LEU C 45 11.14 -1.46 -31.99
N ALA C 46 10.11 -0.83 -32.52
CA ALA C 46 9.61 -1.19 -33.83
C ALA C 46 9.52 0.02 -34.75
N SER C 47 8.98 -0.17 -35.94
CA SER C 47 8.74 0.89 -36.88
C SER C 47 7.24 0.98 -37.15
N LYS C 48 6.78 2.20 -37.48
CA LYS C 48 5.38 2.42 -37.80
C LYS C 48 5.13 1.84 -39.18
N GLY C 49 4.61 0.62 -39.23
CA GLY C 49 4.44 -0.09 -40.48
C GLY C 49 3.03 -0.62 -40.67
N HIS C 50 2.05 0.15 -40.19
CA HIS C 50 0.65 -0.15 -40.41
C HIS C 50 0.12 0.80 -41.46
N GLU C 51 -1.00 0.41 -42.08
CA GLU C 51 -1.59 1.22 -43.14
C GLU C 51 -2.15 2.53 -42.59
N MET C 52 -1.75 3.64 -43.19
CA MET C 52 -2.09 4.97 -42.71
C MET C 52 -2.63 5.80 -43.87
N PRO C 53 -3.45 6.81 -43.58
CA PRO C 53 -3.79 7.83 -44.58
C PRO C 53 -2.55 8.58 -45.04
N PRO C 54 -2.52 9.08 -46.28
CA PRO C 54 -1.30 9.74 -46.81
C PRO C 54 -0.84 10.97 -46.06
N ASP C 55 -1.77 11.74 -45.48
CA ASP C 55 -1.40 12.92 -44.70
C ASP C 55 -0.64 12.53 -43.42
N LYS C 56 -1.14 11.53 -42.69
CA LYS C 56 -0.39 11.02 -41.55
C LYS C 56 0.87 10.27 -41.98
N LEU C 57 0.84 9.65 -43.16
CA LEU C 57 1.99 8.86 -43.62
C LEU C 57 3.15 9.75 -44.01
N GLU C 58 2.88 10.94 -44.55
CA GLU C 58 3.94 11.87 -44.89
C GLU C 58 4.64 12.42 -43.64
N LYS C 59 4.01 12.35 -42.48
CA LYS C 59 4.57 12.87 -41.24
C LYS C 59 5.16 11.79 -40.33
N GLU C 60 4.60 10.57 -40.32
CA GLU C 60 4.96 9.57 -39.32
C GLU C 60 5.58 8.32 -39.93
N ILE C 61 6.23 8.42 -41.09
CA ILE C 61 6.80 7.24 -41.72
C ILE C 61 8.12 6.85 -41.06
N MET C 62 8.84 7.82 -40.51
CA MET C 62 10.17 7.60 -39.94
C MET C 62 10.20 7.87 -38.44
N ASP C 63 9.18 7.42 -37.73
CA ASP C 63 9.11 7.65 -36.30
C ASP C 63 9.25 6.33 -35.54
N PRO C 64 10.05 6.30 -34.47
CA PRO C 64 10.20 5.07 -33.68
C PRO C 64 8.92 4.69 -32.95
N ASN C 65 8.79 3.40 -32.65
CA ASN C 65 7.57 2.84 -32.07
C ASN C 65 7.95 1.85 -30.96
N PRO C 66 8.01 2.30 -29.69
CA PRO C 66 8.31 1.39 -28.59
C PRO C 66 7.10 0.64 -28.07
N GLN C 67 7.18 -0.68 -27.94
CA GLN C 67 6.04 -1.48 -27.49
C GLN C 67 6.48 -2.52 -26.46
N LYS C 68 5.50 -3.01 -25.69
CA LYS C 68 5.71 -4.00 -24.64
C LYS C 68 5.08 -5.32 -25.04
N SER C 69 5.69 -6.43 -24.59
CA SER C 69 5.23 -7.76 -24.94
C SER C 69 5.70 -8.75 -23.87
N GLN C 70 5.38 -10.02 -24.08
CA GLN C 70 5.87 -11.11 -23.25
C GLN C 70 6.23 -12.28 -24.16
N SER C 71 7.07 -13.17 -23.64
CA SER C 71 7.57 -14.28 -24.46
C SER C 71 7.96 -15.44 -23.55
N CYS C 72 8.02 -16.63 -24.15
CA CYS C 72 8.31 -17.87 -23.45
C CYS C 72 9.19 -18.75 -24.31
N THR C 73 10.34 -19.16 -23.77
CA THR C 73 11.30 -19.99 -24.50
C THR C 73 11.90 -21.04 -23.57
N LEU C 74 12.49 -22.06 -24.17
CA LEU C 74 13.19 -23.11 -23.43
C LEU C 74 14.61 -22.66 -23.07
N SER C 75 15.28 -23.52 -22.27
CA SER C 75 16.63 -23.24 -21.85
C SER C 75 17.61 -23.78 -22.82
N THR C 76 18.89 -23.51 -22.59
CA THR C 76 19.92 -23.97 -23.51
C THR C 76 20.31 -25.42 -23.25
N GLU C 77 19.95 -25.98 -22.08
CA GLU C 77 20.29 -27.35 -21.73
C GLU C 77 19.08 -28.28 -21.78
N CYS C 78 18.00 -27.86 -22.44
CA CYS C 78 16.79 -28.65 -22.54
C CYS C 78 16.23 -28.55 -23.95
N ASP C 79 15.62 -29.64 -24.39
CA ASP C 79 15.07 -29.76 -25.72
C ASP C 79 13.63 -30.20 -25.85
N THR C 80 12.96 -30.54 -24.76
CA THR C 80 11.61 -31.06 -24.84
C THR C 80 10.65 -30.28 -23.96
N LEU C 81 9.40 -30.24 -24.42
CA LEU C 81 8.27 -29.72 -23.68
C LEU C 81 7.43 -30.85 -23.11
N ARG C 82 6.89 -30.64 -21.91
CA ARG C 82 6.00 -31.60 -21.27
C ARG C 82 4.75 -30.89 -20.80
N ILE C 83 3.58 -31.39 -21.22
CA ILE C 83 2.30 -30.80 -20.89
C ILE C 83 1.43 -31.86 -20.22
N ASP C 84 0.85 -31.51 -19.06
CA ASP C 84 0.03 -32.42 -18.25
C ASP C 84 -1.36 -31.82 -18.04
N PHE C 85 -2.39 -32.62 -18.27
CA PHE C 85 -3.78 -32.20 -18.06
C PHE C 85 -4.62 -33.44 -17.79
N GLY C 86 -5.83 -33.21 -17.29
CA GLY C 86 -6.73 -34.30 -16.93
C GLY C 86 -8.14 -34.05 -17.40
N ILE C 87 -8.88 -35.15 -17.60
CA ILE C 87 -10.24 -35.14 -18.09
C ILE C 87 -11.13 -35.96 -17.14
N LYS C 88 -12.31 -35.42 -16.82
CA LYS C 88 -13.35 -36.14 -16.08
C LYS C 88 -14.57 -36.35 -16.97
N VAL C 89 -15.05 -37.59 -17.02
CA VAL C 89 -16.18 -37.98 -17.87
C VAL C 89 -17.38 -38.33 -17.00
N LEU C 90 -18.54 -37.74 -17.31
CA LEU C 90 -19.78 -37.90 -16.56
C LEU C 90 -20.90 -38.41 -17.47
N PRO C 91 -21.93 -39.07 -16.92
CA PRO C 91 -23.04 -39.55 -17.75
C PRO C 91 -23.85 -38.43 -18.39
N VAL C 92 -24.64 -38.81 -19.41
CA VAL C 92 -25.29 -37.85 -20.29
C VAL C 92 -26.71 -37.60 -19.81
N LYS C 93 -27.37 -38.62 -19.26
CA LYS C 93 -28.74 -38.46 -18.78
C LYS C 93 -28.82 -37.86 -17.39
N GLU C 94 -27.69 -37.56 -16.77
CA GLU C 94 -27.64 -36.85 -15.49
C GLU C 94 -26.99 -35.49 -15.68
N SER C 95 -27.18 -34.92 -16.88
CA SER C 95 -26.60 -33.64 -17.23
C SER C 95 -27.61 -32.55 -17.37
N MET C 96 -28.87 -32.86 -17.21
CA MET C 96 -29.91 -31.85 -17.19
C MET C 96 -29.85 -31.06 -15.90
N TYR C 97 -29.73 -29.74 -16.00
CA TYR C 97 -29.65 -28.91 -14.82
C TYR C 97 -30.93 -28.13 -14.57
N SER C 98 -31.72 -27.84 -15.61
CA SER C 98 -32.95 -27.08 -15.44
C SER C 98 -33.90 -27.43 -16.58
N CYS C 99 -35.11 -27.85 -16.24
CA CYS C 99 -36.19 -28.00 -17.20
C CYS C 99 -37.50 -27.62 -16.51
N SER C 100 -38.30 -26.76 -17.13
CA SER C 100 -39.53 -26.29 -16.53
C SER C 100 -40.76 -27.00 -17.09
N ASP C 101 -40.60 -28.17 -17.69
CA ASP C 101 -41.72 -28.96 -18.17
C ASP C 101 -41.33 -30.43 -18.10
N TYR C 102 -42.13 -31.21 -17.36
CA TYR C 102 -41.80 -32.62 -17.09
C TYR C 102 -41.90 -33.49 -18.33
N ASN C 103 -42.85 -33.18 -19.22
CA ASN C 103 -43.07 -33.99 -20.43
C ASN C 103 -41.90 -33.90 -21.39
N TYR C 104 -41.29 -32.72 -21.49
CA TYR C 104 -40.12 -32.54 -22.35
C TYR C 104 -38.92 -33.32 -21.80
N ARG C 105 -38.81 -33.39 -20.47
CA ARG C 105 -37.79 -34.19 -19.81
C ARG C 105 -37.97 -35.68 -20.09
N THR C 106 -39.22 -36.16 -20.02
CA THR C 106 -39.51 -37.56 -20.32
C THR C 106 -39.18 -37.90 -21.78
N ALA C 107 -39.50 -36.97 -22.69
CA ALA C 107 -39.20 -37.17 -24.10
C ALA C 107 -37.70 -37.21 -24.38
N ILE C 108 -36.94 -36.31 -23.74
CA ILE C 108 -35.48 -36.30 -23.89
C ILE C 108 -34.88 -37.60 -23.37
N TYR C 109 -35.35 -38.07 -22.21
CA TYR C 109 -34.82 -39.29 -21.62
C TYR C 109 -35.12 -40.50 -22.49
N GLN C 110 -36.31 -40.53 -23.10
CA GLN C 110 -36.66 -41.65 -23.98
C GLN C 110 -35.82 -41.65 -25.26
N LYS C 111 -35.53 -40.46 -25.82
CA LYS C 111 -34.67 -40.42 -27.02
C LYS C 111 -33.23 -40.80 -26.71
N ILE C 112 -32.71 -40.42 -25.53
CA ILE C 112 -31.37 -40.88 -25.13
C ILE C 112 -31.35 -42.40 -24.92
N ASP C 113 -32.44 -42.96 -24.38
CA ASP C 113 -32.51 -44.42 -24.26
C ASP C 113 -32.53 -45.12 -25.61
N GLU C 114 -33.23 -44.54 -26.60
CA GLU C 114 -33.17 -45.10 -27.96
C GLU C 114 -31.77 -44.98 -28.57
N TYR C 115 -31.07 -43.87 -28.31
CA TYR C 115 -29.71 -43.73 -28.80
C TYR C 115 -28.76 -44.75 -28.18
N ILE C 116 -28.87 -44.99 -26.87
CA ILE C 116 -28.06 -46.03 -26.22
C ILE C 116 -28.44 -47.42 -26.73
N ALA C 117 -29.71 -47.60 -27.12
CA ALA C 117 -30.13 -48.87 -27.72
C ALA C 117 -29.47 -49.11 -29.09
N GLU C 118 -29.37 -48.07 -29.93
CA GLU C 118 -28.74 -48.28 -31.24
C GLU C 118 -27.21 -48.35 -31.12
N ASP C 119 -26.58 -47.25 -30.71
CA ASP C 119 -25.12 -47.17 -30.65
C ASP C 119 -24.76 -46.70 -29.25
N GLY C 120 -23.99 -47.50 -28.53
CA GLY C 120 -23.69 -47.20 -27.15
C GLY C 120 -22.61 -46.16 -26.91
N PHE C 121 -22.77 -44.99 -27.55
CA PHE C 121 -21.84 -43.84 -27.47
C PHE C 121 -20.42 -44.22 -27.86
N LEU C 122 -20.28 -45.09 -28.86
CA LEU C 122 -18.98 -45.66 -29.19
C LEU C 122 -18.27 -44.91 -30.31
N THR C 123 -19.01 -44.42 -31.31
CA THR C 123 -18.40 -43.69 -32.41
C THR C 123 -17.82 -42.36 -31.95
N LEU C 124 -18.60 -41.62 -31.16
CA LEU C 124 -18.16 -40.31 -30.66
C LEU C 124 -16.98 -40.46 -29.72
N ALA C 125 -16.98 -41.49 -28.87
CA ALA C 125 -15.88 -41.74 -27.93
C ALA C 125 -14.59 -42.08 -28.66
N LYS C 126 -14.69 -42.89 -29.73
CA LYS C 126 -13.53 -43.16 -30.57
C LYS C 126 -12.99 -41.91 -31.23
N ARG C 127 -13.88 -40.99 -31.63
CA ARG C 127 -13.41 -39.74 -32.21
C ARG C 127 -12.73 -38.84 -31.18
N TYR C 128 -13.24 -38.83 -29.93
CA TYR C 128 -12.57 -38.06 -28.87
C TYR C 128 -11.20 -38.63 -28.54
N VAL C 129 -11.07 -39.95 -28.45
CA VAL C 129 -9.77 -40.56 -28.19
C VAL C 129 -8.83 -40.38 -29.38
N ASN C 130 -9.39 -40.34 -30.60
CA ASN C 130 -8.58 -40.03 -31.78
C ASN C 130 -8.03 -38.61 -31.73
N ASN C 131 -8.81 -37.66 -31.24
CA ASN C 131 -8.29 -36.30 -31.07
C ASN C 131 -7.30 -36.20 -29.90
N ILE C 132 -7.43 -37.09 -28.91
CA ILE C 132 -6.40 -37.18 -27.88
C ILE C 132 -5.10 -37.72 -28.46
N ALA C 133 -5.19 -38.72 -29.34
CA ALA C 133 -4.01 -39.43 -29.83
C ALA C 133 -3.23 -38.60 -30.86
N ASN C 134 -3.93 -37.89 -31.75
CA ASN C 134 -3.26 -37.15 -32.82
C ASN C 134 -2.58 -35.87 -32.35
N ALA C 135 -2.76 -35.49 -31.07
CA ALA C 135 -2.12 -34.37 -30.39
C ALA C 135 -2.59 -33.04 -30.94
N ARG C 136 -3.87 -32.96 -31.33
CA ARG C 136 -4.47 -31.72 -31.80
C ARG C 136 -4.58 -30.66 -30.71
N PHE C 137 -4.49 -31.04 -29.43
CA PHE C 137 -4.52 -30.07 -28.35
C PHE C 137 -3.28 -29.19 -28.31
N LEU C 138 -2.23 -29.55 -29.03
CA LEU C 138 -1.10 -28.68 -29.27
C LEU C 138 -1.38 -27.89 -30.53
N TRP C 139 -1.45 -26.57 -30.42
CA TRP C 139 -1.93 -25.79 -31.55
C TRP C 139 -0.80 -25.30 -32.44
N ARG C 140 0.08 -24.45 -31.90
CA ARG C 140 1.22 -23.97 -32.66
C ARG C 140 2.49 -24.69 -32.24
N ASN C 141 2.42 -25.54 -31.21
CA ASN C 141 3.55 -26.30 -30.72
C ASN C 141 3.70 -27.63 -31.44
N ARG C 142 2.88 -27.88 -32.45
CA ARG C 142 2.95 -29.11 -33.23
C ARG C 142 3.71 -28.90 -34.54
N LYS C 143 3.92 -27.66 -34.93
CA LYS C 143 4.67 -27.33 -36.14
C LYS C 143 6.15 -27.27 -35.81
N GLY C 144 6.94 -28.15 -36.40
CA GLY C 144 8.36 -28.14 -36.23
C GLY C 144 8.91 -29.15 -35.24
N ALA C 145 8.14 -30.15 -34.85
CA ALA C 145 8.55 -31.13 -33.86
C ALA C 145 9.17 -32.35 -34.54
N GLU C 146 10.10 -32.99 -33.84
CA GLU C 146 10.73 -34.21 -34.33
C GLU C 146 10.06 -35.47 -33.81
N ILE C 147 9.73 -35.53 -32.52
CA ILE C 147 9.04 -36.67 -31.93
C ILE C 147 7.93 -36.13 -31.04
N ILE C 148 6.73 -36.69 -31.17
CA ILE C 148 5.61 -36.39 -30.28
C ILE C 148 5.11 -37.71 -29.72
N GLU C 149 5.11 -37.84 -28.39
CA GLU C 149 4.66 -39.03 -27.69
C GLU C 149 3.60 -38.66 -26.67
N THR C 150 2.46 -39.37 -26.70
CA THR C 150 1.33 -39.07 -25.82
C THR C 150 0.96 -40.33 -25.04
N ILE C 151 0.88 -40.20 -23.71
CA ILE C 151 0.64 -41.32 -22.80
C ILE C 151 -0.65 -41.06 -22.04
N VAL C 152 -1.49 -42.09 -21.92
CA VAL C 152 -2.78 -42.00 -21.24
C VAL C 152 -2.76 -42.94 -20.04
N THR C 153 -3.19 -42.44 -18.88
CA THR C 153 -3.22 -43.21 -17.64
C THR C 153 -4.63 -43.17 -17.05
N ILE C 154 -5.21 -44.35 -16.82
CA ILE C 154 -6.49 -44.49 -16.14
C ILE C 154 -6.25 -45.35 -14.90
N GLU C 155 -6.68 -44.85 -13.73
CA GLU C 155 -6.54 -45.49 -12.43
C GLU C 155 -5.07 -45.67 -12.07
N ASP C 156 -4.57 -46.91 -12.21
CA ASP C 156 -3.16 -47.19 -11.98
C ASP C 156 -2.54 -47.88 -13.20
N LYS C 157 -3.30 -48.04 -14.27
CA LYS C 157 -2.80 -48.67 -15.49
C LYS C 157 -2.32 -47.60 -16.45
N GLU C 158 -1.10 -47.78 -16.95
CA GLU C 158 -0.55 -46.92 -18.00
C GLU C 158 -0.59 -47.69 -19.32
N TYR C 159 -1.25 -47.12 -20.30
CA TYR C 159 -1.45 -47.72 -21.61
C TYR C 159 -0.23 -47.47 -22.48
N PRO C 160 -0.02 -48.30 -23.52
CA PRO C 160 1.09 -48.07 -24.45
C PRO C 160 0.99 -46.72 -25.16
N SER C 161 2.16 -46.18 -25.51
CA SER C 161 2.28 -44.80 -25.96
C SER C 161 1.75 -44.65 -27.39
N PHE C 162 1.69 -43.40 -27.85
CA PHE C 162 1.17 -43.05 -29.16
C PHE C 162 2.20 -42.21 -29.90
N ASN C 163 2.58 -42.64 -31.10
CA ASN C 163 3.38 -41.82 -31.99
C ASN C 163 2.38 -40.91 -32.70
N SER C 164 2.31 -39.65 -32.27
CA SER C 164 1.27 -38.73 -32.71
C SER C 164 1.58 -38.06 -34.03
N LYS C 165 2.71 -38.38 -34.67
CA LYS C 165 3.03 -37.85 -35.98
C LYS C 165 2.73 -38.85 -37.09
N SER C 166 2.10 -39.97 -36.76
CA SER C 166 1.67 -40.96 -37.74
C SER C 166 0.17 -40.97 -37.93
N PHE C 167 -0.53 -39.99 -37.35
CA PHE C 167 -1.97 -39.84 -37.52
C PHE C 167 -2.25 -38.60 -38.36
N ASN C 168 -3.16 -38.74 -39.31
CA ASN C 168 -3.59 -37.62 -40.13
C ASN C 168 -4.75 -36.90 -39.43
N LEU C 169 -4.75 -35.58 -39.53
CA LEU C 169 -5.69 -34.75 -38.79
C LEU C 169 -7.02 -34.57 -39.52
N ASP C 170 -7.20 -35.23 -40.66
CA ASP C 170 -8.45 -35.20 -41.41
C ASP C 170 -9.10 -36.57 -41.48
N THR C 171 -8.52 -37.58 -40.82
CA THR C 171 -9.00 -38.95 -40.90
C THR C 171 -9.09 -39.53 -39.50
N PHE C 172 -10.10 -40.36 -39.25
CA PHE C 172 -10.34 -40.96 -37.95
C PHE C 172 -10.13 -42.46 -38.03
N VAL C 173 -9.23 -42.98 -37.20
CA VAL C 173 -8.86 -44.39 -37.23
C VAL C 173 -9.79 -45.18 -36.33
N GLU C 174 -10.26 -46.34 -36.82
CA GLU C 174 -11.17 -47.19 -36.06
C GLU C 174 -10.63 -48.61 -35.88
N ASP C 175 -9.32 -48.82 -36.02
CA ASP C 175 -8.76 -50.16 -35.96
C ASP C 175 -7.62 -50.31 -34.96
N ASN C 176 -7.32 -49.28 -34.18
CA ASN C 176 -6.24 -49.33 -33.21
C ASN C 176 -6.82 -49.84 -31.90
N ALA C 177 -6.13 -50.82 -31.29
CA ALA C 177 -6.67 -51.54 -30.14
C ALA C 177 -6.71 -50.68 -28.88
N THR C 178 -5.68 -49.85 -28.66
CA THR C 178 -5.61 -49.02 -27.46
C THR C 178 -6.68 -47.93 -27.48
N ILE C 179 -6.92 -47.35 -28.67
CA ILE C 179 -7.98 -46.36 -28.85
C ILE C 179 -9.34 -46.96 -28.55
N ASN C 180 -9.57 -48.19 -29.04
CA ASN C 180 -10.83 -48.88 -28.76
C ASN C 180 -10.98 -49.24 -27.29
N GLU C 181 -9.87 -49.56 -26.62
CA GLU C 181 -9.93 -49.94 -25.21
C GLU C 181 -10.26 -48.75 -24.31
N ILE C 182 -9.66 -47.59 -24.60
CA ILE C 182 -10.05 -46.38 -23.86
C ILE C 182 -11.46 -45.92 -24.23
N ALA C 183 -11.82 -46.02 -25.51
CA ALA C 183 -13.10 -45.52 -25.99
C ALA C 183 -14.26 -46.35 -25.45
N GLN C 184 -14.04 -47.64 -25.20
CA GLN C 184 -15.07 -48.46 -24.57
C GLN C 184 -15.38 -47.99 -23.15
N GLN C 185 -14.37 -47.62 -22.38
CA GLN C 185 -14.62 -47.14 -21.02
C GLN C 185 -15.28 -45.77 -21.04
N ILE C 186 -14.91 -44.92 -22.00
CA ILE C 186 -15.58 -43.62 -22.16
C ILE C 186 -17.04 -43.83 -22.60
N ALA C 187 -17.29 -44.85 -23.42
CA ALA C 187 -18.64 -45.15 -23.89
C ALA C 187 -19.54 -45.65 -22.76
N ASP C 188 -19.07 -46.51 -21.91
CA ASP C 188 -19.87 -46.94 -20.79
C ASP C 188 -20.04 -45.84 -19.80
N THR C 189 -19.04 -45.00 -19.64
CA THR C 189 -19.24 -43.86 -18.75
C THR C 189 -20.34 -42.94 -19.29
N PHE C 190 -20.38 -42.73 -20.61
CA PHE C 190 -21.42 -41.92 -21.23
C PHE C 190 -22.79 -42.57 -21.11
N ALA C 191 -22.86 -43.90 -21.21
CA ALA C 191 -24.14 -44.61 -21.25
C ALA C 191 -24.83 -44.56 -19.90
N GLY C 192 -24.11 -44.88 -18.84
CA GLY C 192 -24.69 -44.87 -17.51
C GLY C 192 -24.32 -46.09 -16.71
N LYS C 193 -23.45 -46.91 -17.26
CA LYS C 193 -23.04 -48.15 -16.60
C LYS C 193 -21.88 -47.96 -15.63
N ARG C 194 -21.32 -46.76 -15.56
CA ARG C 194 -20.28 -46.44 -14.59
C ARG C 194 -20.52 -44.99 -14.29
N GLU C 195 -20.30 -44.55 -13.06
CA GLU C 195 -20.65 -43.19 -12.66
C GLU C 195 -19.63 -42.07 -12.92
N TYR C 196 -18.40 -42.40 -13.23
CA TYR C 196 -17.36 -41.40 -13.46
C TYR C 196 -16.13 -42.10 -13.99
N LEU C 197 -15.28 -41.33 -14.69
CA LEU C 197 -14.00 -41.82 -15.16
C LEU C 197 -13.02 -40.66 -15.22
N ASN C 198 -11.84 -40.86 -14.63
CA ASN C 198 -10.79 -39.86 -14.58
C ASN C 198 -9.62 -40.29 -15.46
N ILE C 199 -9.28 -39.46 -16.44
CA ILE C 199 -8.22 -39.74 -17.42
C ILE C 199 -7.16 -38.65 -17.30
N TYR C 200 -5.89 -39.05 -17.18
CA TYR C 200 -4.78 -38.11 -17.09
C TYR C 200 -3.84 -38.32 -18.28
N VAL C 201 -3.46 -37.22 -18.93
CA VAL C 201 -2.73 -37.24 -20.19
C VAL C 201 -1.40 -36.51 -20.02
N THR C 202 -0.31 -37.12 -20.53
CA THR C 202 1.01 -36.53 -20.53
C THR C 202 1.61 -36.63 -21.93
N CYS C 203 2.17 -35.52 -22.43
CA CYS C 203 2.72 -35.45 -23.78
C CYS C 203 4.14 -34.89 -23.76
N PHE C 204 4.99 -35.41 -24.64
CA PHE C 204 6.39 -35.01 -24.78
C PHE C 204 6.64 -34.56 -26.21
N VAL C 205 7.04 -33.29 -26.38
CA VAL C 205 7.28 -32.70 -27.69
C VAL C 205 8.74 -32.30 -27.81
N LYS C 206 9.44 -32.87 -28.78
CA LYS C 206 10.84 -32.50 -29.06
C LYS C 206 10.86 -31.37 -30.07
N ILE C 207 11.30 -30.19 -29.64
CA ILE C 207 11.38 -29.04 -30.53
C ILE C 207 12.82 -28.53 -30.73
N GLY C 208 13.71 -28.78 -29.78
CA GLY C 208 15.08 -28.31 -29.88
C GLY C 208 15.47 -27.40 -28.74
N CYS C 209 16.76 -27.07 -28.70
CA CYS C 209 17.31 -26.27 -27.62
C CYS C 209 17.01 -24.79 -27.85
N ALA C 210 16.56 -24.12 -26.80
CA ALA C 210 16.33 -22.67 -26.72
C ALA C 210 15.29 -22.17 -27.71
N MET C 211 14.34 -23.02 -28.09
CA MET C 211 13.31 -22.65 -29.04
C MET C 211 12.09 -22.10 -28.31
N GLU C 212 11.16 -21.55 -29.09
CA GLU C 212 10.01 -20.84 -28.55
C GLU C 212 8.86 -21.78 -28.24
N VAL C 213 8.22 -21.55 -27.10
CA VAL C 213 7.05 -22.27 -26.66
C VAL C 213 5.90 -21.28 -26.61
N TYR C 214 4.75 -21.64 -27.20
CA TYR C 214 3.63 -20.72 -27.34
C TYR C 214 2.52 -21.08 -26.37
N PRO C 215 2.33 -20.35 -25.27
CA PRO C 215 1.20 -20.61 -24.38
C PRO C 215 -0.02 -19.78 -24.79
N SER C 216 -1.11 -20.02 -24.06
CA SER C 216 -2.34 -19.28 -24.31
C SER C 216 -2.20 -17.82 -23.87
N GLN C 217 -2.93 -16.95 -24.54
CA GLN C 217 -2.88 -15.52 -24.31
C GLN C 217 -4.17 -15.07 -23.63
N GLU C 218 -4.04 -14.13 -22.71
CA GLU C 218 -5.17 -13.67 -21.92
C GLU C 218 -5.94 -12.59 -22.67
N MET C 219 -7.19 -12.40 -22.26
CA MET C 219 -8.04 -11.35 -22.82
C MET C 219 -7.87 -10.07 -22.01
N THR C 220 -7.59 -8.98 -22.70
CA THR C 220 -7.56 -7.65 -22.10
C THR C 220 -8.73 -6.83 -22.63
N PHE C 221 -9.44 -6.17 -21.75
CA PHE C 221 -10.54 -5.36 -22.18
C PHE C 221 -10.04 -3.93 -22.32
N ASP C 222 -10.88 -3.01 -22.76
CA ASP C 222 -10.41 -1.64 -23.03
C ASP C 222 -9.81 -0.86 -21.87
N ASP C 223 -10.42 -0.98 -20.70
CA ASP C 223 -9.89 -0.30 -19.53
C ASP C 223 -8.76 -1.12 -18.97
N ASP C 224 -7.71 -1.28 -19.74
CA ASP C 224 -6.61 -2.10 -19.30
C ASP C 224 -5.35 -1.69 -20.01
N ASP C 225 -4.20 -2.04 -19.45
CA ASP C 225 -2.94 -1.70 -20.07
C ASP C 225 -2.88 -2.37 -21.40
N LYS C 226 -2.31 -1.68 -22.37
CA LYS C 226 -2.26 -2.24 -23.69
C LYS C 226 -1.05 -3.13 -23.77
N GLY C 227 -1.26 -4.37 -24.19
CA GLY C 227 -0.14 -5.25 -24.35
C GLY C 227 -0.44 -6.71 -24.33
N LYS C 228 0.52 -7.52 -24.75
CA LYS C 228 0.35 -8.96 -24.77
C LYS C 228 0.65 -9.54 -23.39
N LYS C 229 -0.25 -10.38 -22.89
CA LYS C 229 -0.10 -11.03 -21.60
C LYS C 229 -0.39 -12.52 -21.76
N LEU C 230 0.50 -13.34 -21.24
CA LEU C 230 0.35 -14.79 -21.33
C LEU C 230 -0.15 -15.37 -20.00
N PHE C 231 -0.61 -16.61 -20.07
CA PHE C 231 -1.27 -17.26 -18.94
C PHE C 231 -0.27 -17.90 -17.99
N LYS C 232 -0.47 -17.69 -16.69
CA LYS C 232 0.37 -18.24 -15.65
C LYS C 232 -0.46 -19.12 -14.73
N PHE C 233 -0.16 -20.42 -14.72
CA PHE C 233 -0.84 -21.38 -13.86
C PHE C 233 0.16 -21.89 -12.84
N GLU C 234 -0.07 -21.52 -11.57
CA GLU C 234 0.77 -21.89 -10.42
C GLU C 234 2.22 -21.48 -10.58
N GLY C 235 2.43 -20.29 -11.15
CA GLY C 235 3.76 -19.76 -11.35
C GLY C 235 4.41 -20.09 -12.67
N SER C 236 3.93 -21.10 -13.37
CA SER C 236 4.50 -21.57 -14.62
C SER C 236 3.53 -21.30 -15.77
N ALA C 237 4.01 -21.51 -16.99
CA ALA C 237 3.19 -21.29 -18.16
C ALA C 237 2.21 -22.44 -18.36
N GLY C 238 1.17 -22.19 -19.14
CA GLY C 238 0.16 -23.20 -19.36
C GLY C 238 -0.86 -22.77 -20.39
N MET C 239 -1.88 -23.60 -20.54
CA MET C 239 -2.96 -23.36 -21.49
C MET C 239 -4.30 -23.44 -20.77
N HIS C 240 -5.28 -22.74 -21.34
CA HIS C 240 -6.65 -22.76 -20.84
C HIS C 240 -7.31 -24.11 -21.12
N SER C 241 -8.34 -24.41 -20.33
CA SER C 241 -9.10 -25.64 -20.53
C SER C 241 -9.99 -25.54 -21.76
N GLN C 242 -10.47 -24.33 -22.07
CA GLN C 242 -11.35 -24.13 -23.22
C GLN C 242 -10.65 -24.42 -24.53
N LYS C 243 -9.37 -24.07 -24.64
CA LYS C 243 -8.63 -24.29 -25.88
C LYS C 243 -8.33 -25.77 -26.08
N ILE C 244 -8.14 -26.53 -25.00
CA ILE C 244 -8.00 -27.97 -25.10
C ILE C 244 -9.33 -28.61 -25.49
N ASN C 245 -10.43 -28.17 -24.88
CA ASN C 245 -11.73 -28.77 -25.17
C ASN C 245 -12.28 -28.40 -26.53
N ASN C 246 -11.88 -27.25 -27.08
CA ASN C 246 -12.23 -26.92 -28.45
C ASN C 246 -11.43 -27.74 -29.45
N ALA C 247 -10.23 -28.20 -29.06
CA ALA C 247 -9.44 -29.06 -29.94
C ALA C 247 -9.79 -30.52 -29.79
N LEU C 248 -10.48 -30.90 -28.71
CA LEU C 248 -10.98 -32.26 -28.61
C LEU C 248 -12.37 -32.43 -29.21
N ARG C 249 -13.05 -31.36 -29.61
CA ARG C 249 -14.41 -31.45 -30.14
C ARG C 249 -14.47 -31.38 -31.66
N THR C 250 -13.32 -31.38 -32.35
CA THR C 250 -13.32 -31.25 -33.80
C THR C 250 -13.60 -32.63 -34.39
N ILE C 251 -14.88 -33.02 -34.35
CA ILE C 251 -15.30 -34.37 -34.70
C ILE C 251 -16.49 -34.34 -35.66
N ASP C 252 -16.82 -33.17 -36.20
CA ASP C 252 -18.02 -33.02 -37.02
C ASP C 252 -17.65 -33.20 -38.48
N THR C 253 -18.08 -34.32 -39.07
CA THR C 253 -17.96 -34.59 -40.49
C THR C 253 -19.32 -34.87 -41.11
N TRP C 254 -20.38 -34.31 -40.53
CA TRP C 254 -21.75 -34.59 -40.96
C TRP C 254 -22.49 -33.33 -41.43
N TYR C 255 -21.76 -32.27 -41.78
CA TYR C 255 -22.41 -31.06 -42.24
C TYR C 255 -22.81 -31.25 -43.71
N PRO C 256 -23.81 -30.48 -44.21
CA PRO C 256 -24.35 -30.73 -45.56
C PRO C 256 -23.36 -30.56 -46.72
N ASP C 257 -22.26 -29.86 -46.53
CA ASP C 257 -21.37 -29.51 -47.64
C ASP C 257 -19.96 -30.02 -47.31
N TYR C 258 -19.88 -31.30 -46.91
CA TYR C 258 -18.62 -31.93 -46.56
C TYR C 258 -17.95 -32.58 -47.77
N THR C 259 -18.66 -32.75 -48.88
CA THR C 259 -18.06 -33.38 -50.04
C THR C 259 -17.24 -32.42 -50.89
N THR C 260 -17.29 -31.12 -50.58
CA THR C 260 -16.42 -30.12 -51.20
C THR C 260 -15.25 -29.76 -50.29
N TYR C 261 -15.56 -29.33 -49.07
CA TYR C 261 -14.53 -29.10 -48.05
C TYR C 261 -14.44 -30.35 -47.19
N GLU C 262 -13.29 -31.00 -47.19
CA GLU C 262 -13.15 -32.33 -46.57
C GLU C 262 -12.23 -32.20 -45.36
N PHE C 263 -12.82 -31.77 -44.22
CA PHE C 263 -12.09 -31.60 -42.98
C PHE C 263 -13.05 -31.52 -41.80
N PRO C 264 -12.74 -32.08 -40.62
CA PRO C 264 -13.61 -31.95 -39.44
C PRO C 264 -13.66 -30.52 -38.95
N ILE C 265 -14.85 -30.11 -38.48
CA ILE C 265 -15.07 -28.78 -37.90
C ILE C 265 -15.49 -28.95 -36.45
N PRO C 266 -15.32 -27.95 -35.59
CA PRO C 266 -15.81 -28.07 -34.21
C PRO C 266 -17.34 -28.10 -34.12
N VAL C 267 -17.82 -28.68 -33.03
CA VAL C 267 -19.25 -28.93 -32.83
C VAL C 267 -19.86 -27.69 -32.18
N GLU C 268 -20.68 -26.97 -32.95
CA GLU C 268 -21.32 -25.74 -32.52
C GLU C 268 -22.77 -25.73 -33.00
N ASN C 269 -23.53 -24.73 -32.54
CA ASN C 269 -24.95 -24.65 -32.85
C ASN C 269 -25.26 -24.18 -34.27
N TYR C 270 -24.36 -23.43 -34.90
CA TYR C 270 -24.60 -22.95 -36.26
C TYR C 270 -23.51 -23.38 -37.23
N GLY C 271 -22.57 -24.21 -36.80
CA GLY C 271 -21.48 -24.67 -37.63
C GLY C 271 -20.54 -23.56 -38.05
N ALA C 272 -20.09 -22.77 -37.10
CA ALA C 272 -19.27 -21.59 -37.40
C ALA C 272 -17.80 -21.96 -37.23
N ALA C 273 -17.07 -22.02 -38.34
CA ALA C 273 -15.66 -22.35 -38.34
C ALA C 273 -14.88 -21.04 -38.43
N ARG C 274 -13.94 -20.84 -37.51
CA ARG C 274 -13.16 -19.62 -37.54
C ARG C 274 -11.97 -19.71 -38.49
N SER C 275 -11.48 -20.90 -38.79
CA SER C 275 -10.40 -21.06 -39.75
C SER C 275 -10.84 -20.65 -41.16
N ILE C 276 -11.74 -21.44 -41.74
CA ILE C 276 -12.40 -21.03 -42.97
C ILE C 276 -13.67 -20.27 -42.61
N GLY C 277 -13.76 -19.02 -43.02
CA GLY C 277 -14.85 -18.18 -42.55
C GLY C 277 -16.17 -18.38 -43.26
N ILE C 278 -16.73 -19.59 -43.19
CA ILE C 278 -18.07 -19.87 -43.70
C ILE C 278 -18.87 -20.55 -42.59
N PRO C 279 -20.14 -20.20 -42.38
CA PRO C 279 -21.03 -20.99 -41.51
C PRO C 279 -21.62 -22.19 -42.25
N PHE C 280 -21.42 -23.38 -41.68
CA PHE C 280 -21.74 -24.61 -42.39
C PHE C 280 -23.13 -25.17 -42.08
N ARG C 281 -23.77 -24.75 -40.98
CA ARG C 281 -25.08 -25.26 -40.59
C ARG C 281 -26.03 -24.11 -40.27
N PRO C 282 -26.48 -23.34 -41.28
CA PRO C 282 -27.19 -22.09 -40.95
C PRO C 282 -28.72 -22.11 -40.89
N ASP C 283 -29.40 -23.05 -41.49
CA ASP C 283 -30.82 -22.98 -41.44
C ASP C 283 -31.48 -24.22 -41.03
N THR C 284 -31.34 -25.22 -41.84
CA THR C 284 -32.12 -26.43 -41.62
C THR C 284 -31.36 -27.52 -40.89
N LYS C 285 -30.05 -27.43 -40.79
CA LYS C 285 -29.26 -28.44 -40.11
C LYS C 285 -28.57 -27.85 -38.90
N SER C 286 -29.23 -26.90 -38.26
CA SER C 286 -28.79 -26.35 -37.00
C SER C 286 -29.35 -27.19 -35.87
N PHE C 287 -28.84 -26.95 -34.66
CA PHE C 287 -29.30 -27.71 -33.50
C PHE C 287 -30.76 -27.42 -33.17
N TYR C 288 -31.18 -26.16 -33.31
CA TYR C 288 -32.51 -25.74 -32.89
C TYR C 288 -33.61 -26.40 -33.72
N LYS C 289 -33.45 -26.37 -35.04
CA LYS C 289 -34.41 -26.99 -35.95
C LYS C 289 -34.45 -28.51 -35.77
N LEU C 290 -33.29 -29.13 -35.58
CA LEU C 290 -33.25 -30.57 -35.42
C LEU C 290 -33.81 -31.03 -34.08
N ILE C 291 -33.59 -30.26 -33.01
CA ILE C 291 -34.14 -30.67 -31.71
C ILE C 291 -35.63 -30.33 -31.65
N ASP C 292 -36.10 -29.38 -32.47
CA ASP C 292 -37.53 -29.10 -32.56
C ASP C 292 -38.20 -29.90 -33.67
N ARG C 293 -37.45 -30.77 -34.35
CA ARG C 293 -38.04 -31.71 -35.29
C ARG C 293 -37.91 -33.15 -34.78
N MET C 294 -37.06 -33.40 -33.79
CA MET C 294 -36.92 -34.73 -33.23
C MET C 294 -37.83 -34.98 -32.05
N ILE C 295 -38.16 -33.94 -31.29
CA ILE C 295 -38.87 -34.10 -30.03
C ILE C 295 -40.26 -33.50 -30.06
N LEU C 296 -40.45 -32.36 -30.73
CA LEU C 296 -41.75 -31.69 -30.76
C LEU C 296 -42.65 -32.18 -31.88
N LYS C 297 -42.13 -32.98 -32.82
CA LYS C 297 -42.96 -33.54 -33.88
C LYS C 297 -42.76 -35.04 -34.05
N ASN C 298 -41.88 -35.66 -33.25
CA ASN C 298 -41.52 -37.08 -33.26
C ASN C 298 -41.23 -37.66 -34.65
N GLU C 299 -40.22 -37.12 -35.33
CA GLU C 299 -39.82 -37.60 -36.65
C GLU C 299 -38.48 -38.30 -36.51
N ASP C 300 -38.38 -39.51 -37.06
CA ASP C 300 -37.13 -40.26 -37.04
C ASP C 300 -36.13 -39.62 -37.98
N LEU C 301 -34.99 -39.22 -37.44
CA LEU C 301 -33.91 -38.57 -38.15
C LEU C 301 -32.86 -39.60 -38.57
N PRO C 302 -32.07 -39.30 -39.60
CA PRO C 302 -30.89 -40.13 -39.87
C PRO C 302 -29.87 -40.08 -38.75
N ILE C 303 -28.99 -41.09 -38.74
CA ILE C 303 -28.10 -41.34 -37.60
C ILE C 303 -27.04 -40.26 -37.45
N GLU C 304 -26.67 -39.59 -38.56
CA GLU C 304 -25.67 -38.53 -38.50
C GLU C 304 -26.18 -37.30 -37.75
N ASP C 305 -27.44 -36.93 -37.97
CA ASP C 305 -28.05 -35.84 -37.23
C ASP C 305 -28.21 -36.18 -35.76
N LYS C 306 -28.48 -37.46 -35.46
CA LYS C 306 -28.51 -37.93 -34.08
C LYS C 306 -27.13 -37.82 -33.43
N HIS C 307 -26.08 -38.11 -34.20
CA HIS C 307 -24.71 -37.98 -33.72
C HIS C 307 -24.39 -36.53 -33.37
N TYR C 308 -24.82 -35.61 -34.23
CA TYR C 308 -24.56 -34.18 -33.99
C TYR C 308 -25.35 -33.66 -32.78
N VAL C 309 -26.60 -34.08 -32.64
CA VAL C 309 -27.43 -33.65 -31.51
C VAL C 309 -26.88 -34.19 -30.19
N MET C 310 -26.43 -35.44 -30.19
CA MET C 310 -25.82 -35.98 -28.97
C MET C 310 -24.47 -35.35 -28.68
N ALA C 311 -23.72 -34.93 -29.71
CA ALA C 311 -22.47 -34.21 -29.46
C ALA C 311 -22.72 -32.85 -28.84
N ILE C 312 -23.78 -32.16 -29.28
CA ILE C 312 -24.16 -30.89 -28.66
C ILE C 312 -24.58 -31.11 -27.21
N LEU C 313 -25.33 -32.18 -26.93
CA LEU C 313 -25.73 -32.45 -25.56
C LEU C 313 -24.58 -32.96 -24.68
N ILE C 314 -23.48 -33.44 -25.26
CA ILE C 314 -22.26 -33.62 -24.47
C ILE C 314 -21.52 -32.30 -24.26
N ARG C 315 -21.66 -31.33 -25.17
CA ARG C 315 -20.97 -30.08 -24.94
C ARG C 315 -21.67 -29.20 -23.90
N GLY C 316 -22.98 -29.03 -24.02
CA GLY C 316 -23.75 -28.25 -23.08
C GLY C 316 -24.17 -26.90 -23.65
N GLY C 317 -25.04 -26.23 -22.91
CA GLY C 317 -25.48 -24.90 -23.31
C GLY C 317 -26.82 -24.56 -22.71
N MET C 318 -27.22 -23.31 -22.93
CA MET C 318 -28.52 -22.79 -22.55
C MET C 318 -29.42 -22.74 -23.78
N PHE C 319 -30.55 -23.44 -23.74
CA PHE C 319 -31.41 -23.63 -24.90
C PHE C 319 -32.85 -23.23 -24.56
N SER C 320 -33.02 -22.06 -23.96
CA SER C 320 -34.33 -21.60 -23.52
C SER C 320 -35.02 -20.79 -24.60
N LYS C 321 -36.35 -20.78 -24.53
CA LYS C 321 -37.19 -20.09 -25.49
C LYS C 321 -38.05 -19.07 -24.75
N LYS C 322 -38.33 -17.95 -25.42
CA LYS C 322 -39.19 -16.92 -24.85
C LYS C 322 -40.58 -17.22 -25.28
N GLN C 323 -41.39 -17.74 -24.36
CA GLN C 323 -42.72 -18.16 -24.72
C GLN C 323 -43.56 -16.99 -25.09
N GLU C 324 -44.26 -17.11 -26.22
CA GLU C 324 -45.10 -16.04 -26.70
C GLU C 324 -45.78 -16.53 -27.95
N THR D 1 -14.92 -12.16 -58.33
CA THR D 1 -13.95 -11.09 -58.33
C THR D 1 -13.75 -10.64 -56.92
N LEU D 2 -12.50 -10.44 -56.54
CA LEU D 2 -12.21 -10.07 -55.19
C LEU D 2 -12.02 -8.57 -55.11
N LYS D 3 -12.76 -7.93 -54.24
CA LYS D 3 -12.64 -6.50 -54.07
C LYS D 3 -12.32 -6.19 -52.64
N SER D 4 -11.09 -5.82 -52.34
CA SER D 4 -10.62 -5.47 -50.99
C SER D 4 -10.06 -6.69 -50.27
N ARG D 5 -9.08 -6.47 -49.41
CA ARG D 5 -8.46 -7.52 -48.62
C ARG D 5 -9.41 -7.96 -47.50
N PRO D 6 -9.23 -9.17 -46.97
CA PRO D 6 -10.11 -9.61 -45.87
C PRO D 6 -9.91 -8.81 -44.61
N GLU D 7 -10.93 -8.89 -43.77
CA GLU D 7 -11.10 -8.02 -42.61
C GLU D 7 -10.31 -8.52 -41.40
N ASN D 8 -9.85 -9.76 -41.43
CA ASN D 8 -8.92 -10.35 -40.45
C ASN D 8 -7.92 -11.18 -41.24
N LEU D 9 -6.69 -10.67 -41.42
CA LEU D 9 -5.64 -11.39 -42.12
C LEU D 9 -4.34 -11.30 -41.34
N SER D 10 -3.65 -12.44 -41.21
CA SER D 10 -2.40 -12.51 -40.46
C SER D 10 -1.54 -13.66 -40.98
N PHE D 11 -0.23 -13.43 -41.02
CA PHE D 11 0.75 -14.46 -41.36
C PHE D 11 1.72 -14.65 -40.20
N ALA D 12 2.18 -15.89 -40.03
CA ALA D 12 3.16 -16.21 -39.00
C ALA D 12 4.58 -16.08 -39.57
N ARG D 13 5.56 -16.30 -38.72
CA ARG D 13 6.96 -16.13 -39.08
C ARG D 13 7.55 -17.46 -39.53
N CYS D 14 8.30 -17.43 -40.63
CA CYS D 14 8.89 -18.63 -41.21
C CYS D 14 10.37 -18.75 -40.93
N LEU D 15 10.94 -17.85 -40.12
CA LEU D 15 12.36 -17.93 -39.76
C LEU D 15 12.44 -17.62 -38.27
N ASN D 16 12.33 -18.67 -37.45
CA ASN D 16 12.33 -18.53 -36.00
C ASN D 16 13.78 -18.54 -35.52
N THR D 17 14.21 -17.44 -34.91
CA THR D 17 15.58 -17.29 -34.44
C THR D 17 15.58 -17.27 -32.91
N THR D 18 16.49 -18.04 -32.32
CA THR D 18 16.63 -18.08 -30.87
C THR D 18 17.50 -16.93 -30.39
N GLU D 19 17.58 -16.81 -29.07
CA GLU D 19 18.39 -15.77 -28.46
C GLU D 19 19.83 -16.24 -28.32
N ALA D 20 20.74 -15.28 -28.19
CA ALA D 20 22.17 -15.54 -28.22
C ALA D 20 22.77 -15.45 -26.82
N LYS D 21 23.81 -16.25 -26.57
CA LYS D 21 24.55 -16.21 -25.32
C LYS D 21 26.03 -16.00 -25.62
N PHE D 22 26.71 -15.29 -24.72
CA PHE D 22 28.10 -14.89 -24.92
C PHE D 22 29.02 -15.77 -24.07
N TRP D 23 30.17 -16.12 -24.63
CA TRP D 23 31.22 -16.83 -23.92
C TRP D 23 32.56 -16.19 -24.24
N GLN D 24 33.60 -16.55 -23.47
CA GLN D 24 34.95 -16.08 -23.73
C GLN D 24 35.91 -17.26 -23.76
N THR D 25 36.90 -17.18 -24.65
CA THR D 25 37.78 -18.30 -24.96
C THR D 25 39.19 -17.78 -25.23
N ASP D 26 40.08 -18.69 -25.59
CA ASP D 26 41.33 -18.38 -26.27
C ASP D 26 41.29 -18.96 -27.67
N PHE D 27 41.88 -18.24 -28.64
CA PHE D 27 41.80 -18.65 -30.03
C PHE D 27 42.58 -19.93 -30.32
N LEU D 28 43.72 -20.12 -29.66
CA LEU D 28 44.47 -21.35 -29.92
C LEU D 28 43.90 -22.56 -29.20
N LYS D 29 42.96 -22.36 -28.28
CA LYS D 29 42.27 -23.45 -27.60
C LYS D 29 40.75 -23.31 -27.68
N ARG D 30 40.24 -22.86 -28.83
CA ARG D 30 38.81 -22.59 -28.95
C ARG D 30 37.97 -23.85 -29.00
N HIS D 31 38.56 -25.00 -29.30
CA HIS D 31 37.81 -26.23 -29.45
C HIS D 31 37.73 -27.05 -28.17
N THR D 32 38.30 -26.54 -27.08
CA THR D 32 38.32 -27.26 -25.82
C THR D 32 37.71 -26.53 -24.65
N PHE D 33 38.00 -25.23 -24.46
CA PHE D 33 37.49 -24.55 -23.27
C PHE D 33 36.58 -23.34 -23.46
N LYS D 34 35.63 -23.13 -22.55
CA LYS D 34 34.75 -21.98 -22.61
C LYS D 34 34.37 -21.51 -21.23
N LEU D 35 34.45 -20.22 -20.97
CA LEU D 35 34.16 -19.60 -19.69
C LEU D 35 33.04 -18.56 -19.85
N PRO D 36 32.26 -18.31 -18.80
CA PRO D 36 31.17 -17.33 -18.92
C PRO D 36 31.63 -15.88 -18.93
N LEU D 37 30.79 -15.04 -19.51
CA LEU D 37 30.97 -13.59 -19.53
C LEU D 37 29.82 -12.95 -18.76
N LEU D 38 30.13 -11.94 -17.95
CA LEU D 38 29.16 -11.33 -17.06
C LEU D 38 29.14 -9.82 -17.24
N ILE D 39 28.03 -9.22 -16.84
CA ILE D 39 27.81 -7.78 -16.97
C ILE D 39 28.10 -7.11 -15.63
N THR D 40 28.92 -6.06 -15.65
CA THR D 40 29.27 -5.30 -14.46
C THR D 40 28.51 -3.98 -14.44
N ASP D 41 28.51 -3.33 -13.27
CA ASP D 41 27.89 -2.04 -13.11
C ASP D 41 28.93 -0.96 -12.99
N LYS D 42 28.68 0.20 -13.59
CA LYS D 42 29.66 1.26 -13.61
C LYS D 42 28.99 2.59 -13.37
N ALA D 43 29.63 3.45 -12.60
CA ALA D 43 29.11 4.77 -12.36
C ALA D 43 30.18 5.75 -12.77
N VAL D 44 29.82 6.82 -13.45
CA VAL D 44 30.74 7.80 -14.00
C VAL D 44 30.42 9.17 -13.44
N LEU D 45 31.42 10.05 -13.47
CA LEU D 45 31.26 11.46 -13.16
C LEU D 45 31.54 12.24 -14.45
N ALA D 46 30.63 13.13 -14.81
CA ALA D 46 30.72 13.82 -16.08
C ALA D 46 30.66 15.32 -15.89
N SER D 47 30.87 16.03 -17.00
CA SER D 47 30.61 17.46 -17.09
C SER D 47 29.33 17.68 -17.89
N LYS D 48 28.74 18.86 -17.70
CA LYS D 48 27.52 19.23 -18.41
C LYS D 48 27.91 19.82 -19.76
N GLY D 49 27.83 19.00 -20.81
CA GLY D 49 28.23 19.44 -22.12
C GLY D 49 27.08 19.48 -23.12
N HIS D 50 25.85 19.40 -22.62
CA HIS D 50 24.70 19.48 -23.49
C HIS D 50 24.33 20.94 -23.74
N GLU D 51 23.58 21.16 -24.81
CA GLU D 51 23.16 22.51 -25.18
C GLU D 51 22.07 22.99 -24.23
N MET D 52 22.21 24.23 -23.78
CA MET D 52 21.34 24.84 -22.80
C MET D 52 20.96 26.24 -23.27
N PRO D 53 19.86 26.80 -22.77
CA PRO D 53 19.57 28.23 -22.95
C PRO D 53 20.68 29.10 -22.37
N PRO D 54 20.90 30.29 -22.97
CA PRO D 54 22.02 31.15 -22.52
C PRO D 54 21.97 31.60 -21.06
N ASP D 55 20.78 31.76 -20.49
CA ASP D 55 20.68 32.13 -19.08
C ASP D 55 21.15 30.99 -18.17
N LYS D 56 20.70 29.77 -18.44
CA LYS D 56 21.07 28.63 -17.60
C LYS D 56 22.53 28.24 -17.75
N LEU D 57 23.12 28.52 -18.92
CA LEU D 57 24.52 28.17 -19.18
C LEU D 57 25.47 28.95 -18.28
N GLU D 58 25.14 30.21 -17.96
CA GLU D 58 26.03 31.02 -17.14
C GLU D 58 26.13 30.48 -15.72
N LYS D 59 25.13 29.76 -15.27
CA LYS D 59 25.12 29.24 -13.93
C LYS D 59 25.21 27.72 -13.86
N GLU D 60 25.34 27.05 -15.00
CA GLU D 60 25.46 25.59 -14.98
C GLU D 60 26.50 25.05 -15.96
N ILE D 61 27.54 25.82 -16.26
CA ILE D 61 28.57 25.34 -17.19
C ILE D 61 29.67 24.55 -16.46
N MET D 62 29.77 24.70 -15.14
CA MET D 62 30.83 24.06 -14.38
C MET D 62 30.26 23.35 -13.17
N ASP D 63 29.19 22.61 -13.35
CA ASP D 63 28.61 21.80 -12.30
C ASP D 63 28.85 20.33 -12.59
N PRO D 64 29.19 19.53 -11.56
CA PRO D 64 29.44 18.10 -11.78
C PRO D 64 28.17 17.36 -12.18
N ASN D 65 28.35 16.31 -12.97
CA ASN D 65 27.23 15.52 -13.51
C ASN D 65 27.48 14.05 -13.22
N PRO D 66 26.95 13.50 -12.14
CA PRO D 66 27.08 12.05 -11.91
C PRO D 66 25.97 11.21 -12.53
N GLN D 67 26.34 10.13 -13.21
CA GLN D 67 25.39 9.31 -13.95
C GLN D 67 25.69 7.83 -13.80
N LYS D 68 24.66 7.00 -13.88
CA LYS D 68 24.78 5.55 -13.77
C LYS D 68 24.85 4.90 -15.15
N SER D 69 25.44 3.71 -15.19
CA SER D 69 25.66 2.98 -16.44
C SER D 69 25.90 1.50 -16.13
N GLN D 70 26.09 0.72 -17.18
CA GLN D 70 26.50 -0.68 -17.10
C GLN D 70 27.44 -0.98 -18.27
N SER D 71 28.33 -1.96 -18.07
CA SER D 71 29.33 -2.29 -19.08
C SER D 71 29.64 -3.78 -19.05
N CYS D 72 30.29 -4.25 -20.11
CA CYS D 72 30.72 -5.63 -20.24
C CYS D 72 32.04 -5.69 -21.00
N THR D 73 33.08 -6.24 -20.38
CA THR D 73 34.39 -6.38 -21.00
C THR D 73 34.86 -7.82 -20.84
N LEU D 74 35.91 -8.17 -21.60
CA LEU D 74 36.54 -9.47 -21.48
C LEU D 74 37.48 -9.51 -20.28
N SER D 75 38.27 -10.57 -20.18
CA SER D 75 39.21 -10.76 -19.09
C SER D 75 40.62 -10.53 -19.58
N THR D 76 41.56 -10.57 -18.63
CA THR D 76 42.97 -10.39 -18.94
C THR D 76 43.57 -11.62 -19.61
N GLU D 77 42.98 -12.80 -19.39
CA GLU D 77 43.52 -14.05 -19.88
C GLU D 77 42.78 -14.61 -21.09
N CYS D 78 41.80 -13.88 -21.62
CA CYS D 78 41.02 -14.33 -22.77
C CYS D 78 41.01 -13.25 -23.84
N ASP D 79 40.93 -13.68 -25.09
CA ASP D 79 40.97 -12.75 -26.20
C ASP D 79 39.87 -12.92 -27.25
N THR D 80 39.01 -13.93 -27.12
CA THR D 80 38.02 -14.21 -28.15
C THR D 80 36.62 -14.32 -27.57
N LEU D 81 35.64 -13.97 -28.40
CA LEU D 81 34.24 -14.06 -28.06
C LEU D 81 33.56 -15.18 -28.83
N ARG D 82 32.77 -16.00 -28.13
CA ARG D 82 32.00 -17.08 -28.74
C ARG D 82 30.53 -16.79 -28.58
N ILE D 83 29.78 -16.87 -29.69
CA ILE D 83 28.36 -16.56 -29.75
C ILE D 83 27.64 -17.77 -30.33
N ASP D 84 26.56 -18.19 -29.67
CA ASP D 84 25.76 -19.34 -30.08
C ASP D 84 24.30 -18.94 -30.22
N PHE D 85 23.69 -19.28 -31.37
CA PHE D 85 22.25 -19.12 -31.56
C PHE D 85 21.76 -20.17 -32.56
N GLY D 86 20.45 -20.23 -32.74
CA GLY D 86 19.85 -21.25 -33.59
C GLY D 86 18.69 -20.69 -34.40
N ILE D 87 18.41 -21.37 -35.51
CA ILE D 87 17.34 -20.98 -36.44
C ILE D 87 16.47 -22.19 -36.76
N LYS D 88 15.15 -21.99 -36.77
CA LYS D 88 14.18 -22.99 -37.21
C LYS D 88 13.46 -22.49 -38.46
N VAL D 89 13.47 -23.31 -39.53
CA VAL D 89 12.88 -22.95 -40.82
C VAL D 89 11.58 -23.73 -40.99
N LEU D 90 10.51 -23.04 -41.38
CA LEU D 90 9.19 -23.59 -41.57
C LEU D 90 8.66 -23.29 -42.97
N PRO D 91 7.73 -24.10 -43.49
CA PRO D 91 7.18 -23.83 -44.83
C PRO D 91 6.36 -22.55 -44.91
N VAL D 92 6.25 -22.02 -46.13
CA VAL D 92 5.61 -20.72 -46.36
C VAL D 92 4.10 -20.86 -46.54
N LYS D 93 3.64 -21.91 -47.21
CA LYS D 93 2.21 -22.08 -47.47
C LYS D 93 1.43 -22.51 -46.23
N GLU D 94 2.11 -22.91 -45.16
CA GLU D 94 1.46 -23.29 -43.91
C GLU D 94 1.64 -22.24 -42.83
N SER D 95 1.96 -21.01 -43.21
CA SER D 95 2.17 -19.92 -42.27
C SER D 95 0.97 -19.00 -42.15
N MET D 96 -0.10 -19.26 -42.90
CA MET D 96 -1.31 -18.46 -42.78
C MET D 96 -2.04 -18.82 -41.50
N TYR D 97 -2.38 -17.80 -40.72
CA TYR D 97 -2.93 -18.05 -39.39
C TYR D 97 -4.36 -17.55 -39.23
N SER D 98 -4.79 -16.59 -40.04
CA SER D 98 -6.14 -16.07 -39.94
C SER D 98 -6.54 -15.49 -41.29
N CYS D 99 -7.70 -15.89 -41.79
CA CYS D 99 -8.27 -15.31 -43.01
C CYS D 99 -9.77 -15.47 -42.94
N SER D 100 -10.50 -14.38 -43.23
CA SER D 100 -11.95 -14.38 -43.14
C SER D 100 -12.62 -14.51 -44.49
N ASP D 101 -11.90 -14.90 -45.53
CA ASP D 101 -12.48 -15.11 -46.85
C ASP D 101 -11.71 -16.23 -47.49
N TYR D 102 -12.39 -17.25 -47.96
CA TYR D 102 -11.74 -18.44 -48.51
C TYR D 102 -11.12 -18.18 -49.89
N ASN D 103 -11.73 -17.28 -50.68
CA ASN D 103 -11.25 -17.03 -52.03
C ASN D 103 -9.91 -16.33 -52.04
N TYR D 104 -9.66 -15.45 -51.07
CA TYR D 104 -8.37 -14.81 -50.92
C TYR D 104 -7.30 -15.82 -50.56
N ARG D 105 -7.64 -16.80 -49.72
CA ARG D 105 -6.73 -17.88 -49.37
C ARG D 105 -6.37 -18.74 -50.59
N THR D 106 -7.36 -19.03 -51.44
CA THR D 106 -7.09 -19.77 -52.66
C THR D 106 -6.21 -18.97 -53.63
N ALA D 107 -6.41 -17.65 -53.69
CA ALA D 107 -5.60 -16.81 -54.56
C ALA D 107 -4.15 -16.74 -54.09
N ILE D 108 -3.92 -16.59 -52.77
CA ILE D 108 -2.57 -16.59 -52.22
C ILE D 108 -1.89 -17.93 -52.48
N TYR D 109 -2.63 -19.03 -52.30
CA TYR D 109 -2.05 -20.36 -52.50
C TYR D 109 -1.66 -20.58 -53.96
N GLN D 110 -2.48 -20.08 -54.89
CA GLN D 110 -2.15 -20.20 -56.31
C GLN D 110 -0.90 -19.37 -56.67
N LYS D 111 -0.78 -18.15 -56.13
CA LYS D 111 0.41 -17.34 -56.43
C LYS D 111 1.69 -17.95 -55.84
N ILE D 112 1.61 -18.53 -54.64
CA ILE D 112 2.78 -19.21 -54.08
C ILE D 112 3.17 -20.44 -54.90
N ASP D 113 2.19 -21.20 -55.43
CA ASP D 113 2.56 -22.33 -56.29
C ASP D 113 3.15 -21.88 -57.63
N GLU D 114 2.70 -20.74 -58.19
CA GLU D 114 3.41 -20.21 -59.36
C GLU D 114 4.83 -19.74 -59.02
N TYR D 115 5.02 -19.20 -57.81
CA TYR D 115 6.37 -18.81 -57.40
C TYR D 115 7.29 -20.01 -57.24
N ILE D 116 6.81 -21.10 -56.65
CA ILE D 116 7.60 -22.33 -56.56
C ILE D 116 7.79 -22.97 -57.94
N ALA D 117 6.88 -22.72 -58.88
CA ALA D 117 7.06 -23.24 -60.22
C ALA D 117 8.03 -22.42 -61.05
N GLU D 118 8.31 -21.16 -60.68
CA GLU D 118 9.35 -20.42 -61.38
C GLU D 118 10.72 -20.53 -60.72
N ASP D 119 10.84 -20.08 -59.47
CA ASP D 119 12.09 -20.10 -58.73
C ASP D 119 11.80 -20.73 -57.38
N GLY D 120 12.41 -21.87 -57.10
CA GLY D 120 12.08 -22.61 -55.90
C GLY D 120 12.67 -22.08 -54.60
N PHE D 121 12.45 -20.79 -54.31
CA PHE D 121 12.90 -20.09 -53.10
C PHE D 121 14.41 -20.15 -52.92
N LEU D 122 15.15 -20.09 -54.03
CA LEU D 122 16.59 -20.34 -53.99
C LEU D 122 17.42 -19.06 -53.92
N THR D 123 16.97 -17.97 -54.57
CA THR D 123 17.70 -16.71 -54.49
C THR D 123 17.64 -16.13 -53.09
N LEU D 124 16.45 -16.13 -52.49
CA LEU D 124 16.26 -15.59 -51.15
C LEU D 124 17.04 -16.39 -50.11
N ALA D 125 17.07 -17.73 -50.26
CA ALA D 125 17.79 -18.58 -49.32
C ALA D 125 19.29 -18.38 -49.42
N LYS D 126 19.81 -18.19 -50.65
CA LYS D 126 21.22 -17.86 -50.83
C LYS D 126 21.57 -16.54 -50.17
N ARG D 127 20.66 -15.56 -50.24
CA ARG D 127 20.89 -14.28 -49.58
C ARG D 127 20.87 -14.41 -48.06
N TYR D 128 19.97 -15.26 -47.52
CA TYR D 128 19.95 -15.48 -46.08
C TYR D 128 21.21 -16.17 -45.57
N VAL D 129 21.66 -17.23 -46.26
CA VAL D 129 22.91 -17.89 -45.86
C VAL D 129 24.12 -16.98 -46.09
N ASN D 130 24.11 -16.03 -46.86
CA ASN D 130 25.23 -15.12 -47.07
C ASN D 130 25.25 -14.14 -45.96
N ASN D 131 24.01 -13.73 -45.52
CA ASN D 131 24.05 -12.89 -44.32
C ASN D 131 24.40 -13.68 -43.06
N ILE D 132 24.24 -15.01 -43.06
CA ILE D 132 24.87 -15.80 -41.99
C ILE D 132 26.38 -15.87 -42.18
N ALA D 133 26.87 -15.82 -43.42
CA ALA D 133 28.29 -15.94 -43.69
C ALA D 133 29.03 -14.60 -43.70
N ASN D 134 28.32 -13.50 -43.96
CA ASN D 134 28.95 -12.18 -43.90
C ASN D 134 29.20 -11.75 -42.45
N ALA D 135 28.49 -12.37 -41.50
CA ALA D 135 28.51 -12.10 -40.07
C ALA D 135 27.97 -10.72 -39.75
N ARG D 136 26.86 -10.34 -40.38
CA ARG D 136 26.20 -9.07 -40.10
C ARG D 136 25.49 -9.05 -38.75
N PHE D 137 25.34 -10.21 -38.09
CA PHE D 137 24.78 -10.22 -36.74
C PHE D 137 25.75 -9.68 -35.70
N LEU D 138 27.03 -9.54 -36.03
CA LEU D 138 27.95 -8.76 -35.23
C LEU D 138 27.77 -7.30 -35.63
N TRP D 139 26.99 -6.55 -34.84
CA TRP D 139 26.72 -5.18 -35.22
C TRP D 139 27.89 -4.25 -34.91
N ARG D 140 28.23 -4.10 -33.64
CA ARG D 140 29.39 -3.27 -33.28
C ARG D 140 30.57 -4.15 -32.86
N ASN D 141 30.38 -5.47 -32.79
CA ASN D 141 31.43 -6.40 -32.42
C ASN D 141 32.24 -6.87 -33.61
N ARG D 142 32.04 -6.23 -34.77
CA ARG D 142 32.73 -6.59 -35.99
C ARG D 142 33.75 -5.53 -36.40
N LYS D 143 33.68 -4.33 -35.82
CA LYS D 143 34.63 -3.27 -36.06
C LYS D 143 35.84 -3.50 -35.17
N GLY D 144 36.95 -3.93 -35.77
CA GLY D 144 38.18 -4.04 -35.02
C GLY D 144 38.55 -5.46 -34.64
N ALA D 145 38.26 -6.41 -35.52
CA ALA D 145 38.52 -7.82 -35.27
C ALA D 145 39.68 -8.30 -36.14
N GLU D 146 40.42 -9.27 -35.61
CA GLU D 146 41.53 -9.86 -36.35
C GLU D 146 41.07 -11.05 -37.20
N ILE D 147 40.39 -12.01 -36.59
CA ILE D 147 39.88 -13.20 -37.28
C ILE D 147 38.42 -13.39 -36.88
N ILE D 148 37.55 -13.61 -37.87
CA ILE D 148 36.15 -13.96 -37.64
C ILE D 148 35.90 -15.29 -38.33
N GLU D 149 35.38 -16.26 -37.58
CA GLU D 149 35.10 -17.60 -38.10
C GLU D 149 33.70 -18.02 -37.71
N THR D 150 32.92 -18.47 -38.68
CA THR D 150 31.54 -18.91 -38.46
C THR D 150 31.38 -20.36 -38.89
N ILE D 151 30.78 -21.18 -38.02
CA ILE D 151 30.57 -22.60 -38.27
C ILE D 151 29.08 -22.89 -38.22
N VAL D 152 28.59 -23.66 -39.19
CA VAL D 152 27.17 -23.98 -39.33
C VAL D 152 26.98 -25.48 -39.15
N THR D 153 26.02 -25.87 -38.31
CA THR D 153 25.76 -27.27 -38.00
C THR D 153 24.30 -27.59 -38.27
N ILE D 154 24.06 -28.53 -39.19
CA ILE D 154 22.73 -29.10 -39.44
C ILE D 154 22.80 -30.58 -39.08
N GLU D 155 21.90 -31.02 -38.20
CA GLU D 155 21.78 -32.39 -37.68
C GLU D 155 23.03 -32.77 -36.90
N ASP D 156 23.82 -33.68 -37.42
CA ASP D 156 25.07 -34.02 -36.79
C ASP D 156 26.20 -33.86 -37.77
N LYS D 157 26.10 -32.92 -38.69
CA LYS D 157 27.13 -32.63 -39.68
C LYS D 157 27.64 -31.21 -39.43
N GLU D 158 28.97 -31.05 -39.40
CA GLU D 158 29.60 -29.75 -39.31
C GLU D 158 30.15 -29.38 -40.68
N TYR D 159 29.58 -28.33 -41.29
CA TYR D 159 30.04 -27.86 -42.58
C TYR D 159 31.37 -27.12 -42.40
N PRO D 160 32.21 -27.05 -43.45
CA PRO D 160 33.48 -26.32 -43.32
C PRO D 160 33.27 -24.83 -43.10
N SER D 161 34.28 -24.21 -42.48
CA SER D 161 34.13 -22.92 -41.85
C SER D 161 34.13 -21.79 -42.87
N PHE D 162 33.93 -20.57 -42.37
CA PHE D 162 33.84 -19.38 -43.19
C PHE D 162 34.81 -18.33 -42.65
N ASN D 163 35.54 -17.68 -43.56
CA ASN D 163 36.36 -16.52 -43.23
C ASN D 163 35.46 -15.31 -43.53
N SER D 164 34.84 -14.77 -42.49
CA SER D 164 33.80 -13.75 -42.68
C SER D 164 34.35 -12.40 -43.13
N LYS D 165 35.65 -12.16 -43.00
CA LYS D 165 36.24 -10.91 -43.43
C LYS D 165 36.70 -10.95 -44.88
N SER D 166 36.48 -12.06 -45.58
CA SER D 166 36.76 -12.15 -47.00
C SER D 166 35.52 -11.90 -47.83
N PHE D 167 34.47 -11.35 -47.23
CA PHE D 167 33.21 -11.06 -47.89
C PHE D 167 32.93 -9.58 -47.79
N ASN D 168 32.16 -9.08 -48.75
CA ASN D 168 31.74 -7.68 -48.77
C ASN D 168 30.30 -7.63 -48.30
N LEU D 169 29.98 -6.59 -47.53
CA LEU D 169 28.63 -6.39 -47.00
C LEU D 169 27.73 -5.63 -47.96
N ASP D 170 28.14 -5.52 -49.23
CA ASP D 170 27.35 -4.84 -50.24
C ASP D 170 27.15 -5.69 -51.49
N THR D 171 27.75 -6.87 -51.56
CA THR D 171 27.71 -7.71 -52.74
C THR D 171 27.35 -9.14 -52.32
N PHE D 172 26.43 -9.76 -53.06
CA PHE D 172 25.95 -11.10 -52.75
C PHE D 172 26.60 -12.09 -53.69
N VAL D 173 27.33 -13.04 -53.12
CA VAL D 173 28.08 -14.07 -53.85
C VAL D 173 27.15 -15.25 -54.09
N GLU D 174 27.20 -15.82 -55.31
CA GLU D 174 26.36 -16.95 -55.67
C GLU D 174 27.17 -18.13 -56.19
N ASP D 175 28.51 -18.11 -56.02
CA ASP D 175 29.37 -19.16 -56.57
C ASP D 175 30.08 -19.98 -55.48
N ASN D 176 29.59 -19.93 -54.24
CA ASN D 176 30.23 -20.65 -53.15
C ASN D 176 29.46 -21.95 -52.90
N ALA D 177 30.20 -23.05 -52.78
CA ALA D 177 29.59 -24.38 -52.75
C ALA D 177 28.86 -24.66 -51.43
N THR D 178 29.45 -24.27 -50.30
CA THR D 178 28.84 -24.55 -49.00
C THR D 178 27.56 -23.74 -48.80
N ILE D 179 27.58 -22.48 -49.26
CA ILE D 179 26.41 -21.61 -49.18
C ILE D 179 25.29 -22.17 -50.03
N ASN D 180 25.62 -22.70 -51.20
CA ASN D 180 24.63 -23.34 -52.07
C ASN D 180 24.07 -24.61 -51.44
N GLU D 181 24.92 -25.38 -50.76
CA GLU D 181 24.49 -26.63 -50.15
C GLU D 181 23.52 -26.39 -48.99
N ILE D 182 23.78 -25.38 -48.16
CA ILE D 182 22.80 -25.03 -47.12
C ILE D 182 21.56 -24.37 -47.72
N ALA D 183 21.73 -23.56 -48.77
CA ALA D 183 20.63 -22.81 -49.34
C ALA D 183 19.63 -23.71 -50.06
N GLN D 184 20.11 -24.82 -50.62
CA GLN D 184 19.21 -25.78 -51.24
C GLN D 184 18.29 -26.44 -50.22
N GLN D 185 18.83 -26.77 -49.05
CA GLN D 185 18.00 -27.36 -47.99
C GLN D 185 17.01 -26.34 -47.44
N ILE D 186 17.43 -25.08 -47.27
CA ILE D 186 16.50 -24.04 -46.81
C ILE D 186 15.41 -23.78 -47.85
N ALA D 187 15.78 -23.82 -49.14
CA ALA D 187 14.81 -23.66 -50.22
C ALA D 187 13.80 -24.80 -50.27
N ASP D 188 14.27 -26.04 -50.09
CA ASP D 188 13.37 -27.19 -50.07
C ASP D 188 12.48 -27.18 -48.83
N THR D 189 12.96 -26.64 -47.72
CA THR D 189 12.11 -26.47 -46.54
C THR D 189 11.05 -25.39 -46.79
N PHE D 190 11.42 -24.31 -47.49
CA PHE D 190 10.45 -23.27 -47.82
C PHE D 190 9.41 -23.73 -48.82
N ALA D 191 9.79 -24.63 -49.74
CA ALA D 191 8.88 -25.03 -50.81
C ALA D 191 7.85 -26.07 -50.37
N GLY D 192 8.07 -26.72 -49.22
CA GLY D 192 7.15 -27.72 -48.73
C GLY D 192 7.59 -29.16 -48.93
N LYS D 193 8.83 -29.39 -49.34
CA LYS D 193 9.34 -30.74 -49.53
C LYS D 193 9.94 -31.32 -48.25
N ARG D 194 9.98 -30.55 -47.17
CA ARG D 194 10.50 -30.99 -45.88
C ARG D 194 9.85 -30.13 -44.81
N GLU D 195 9.43 -30.76 -43.71
CA GLU D 195 8.56 -30.08 -42.75
C GLU D 195 9.29 -29.08 -41.87
N TYR D 196 10.55 -29.32 -41.54
CA TYR D 196 11.27 -28.44 -40.62
C TYR D 196 12.77 -28.57 -40.87
N LEU D 197 13.51 -27.56 -40.46
CA LEU D 197 14.97 -27.58 -40.51
C LEU D 197 15.52 -26.76 -39.35
N ASN D 198 16.46 -27.34 -38.61
CA ASN D 198 17.08 -26.69 -37.46
C ASN D 198 18.56 -26.45 -37.75
N ILE D 199 18.98 -25.19 -37.69
CA ILE D 199 20.35 -24.76 -37.99
C ILE D 199 20.93 -24.13 -36.74
N TYR D 200 22.16 -24.53 -36.37
CA TYR D 200 22.85 -23.97 -35.22
C TYR D 200 24.15 -23.30 -35.66
N VAL D 201 24.39 -22.09 -35.16
CA VAL D 201 25.47 -21.23 -35.61
C VAL D 201 26.40 -20.92 -34.43
N THR D 202 27.71 -21.06 -34.67
CA THR D 202 28.74 -20.71 -33.69
C THR D 202 29.74 -19.77 -34.35
N CYS D 203 30.02 -18.64 -33.70
CA CYS D 203 30.92 -17.62 -34.24
C CYS D 203 32.06 -17.35 -33.26
N PHE D 204 33.26 -17.16 -33.80
CA PHE D 204 34.45 -16.81 -33.02
C PHE D 204 35.01 -15.50 -33.53
N VAL D 205 35.04 -14.48 -32.67
CA VAL D 205 35.56 -13.16 -33.00
C VAL D 205 36.78 -12.88 -32.12
N LYS D 206 37.89 -12.53 -32.75
CA LYS D 206 39.13 -12.23 -32.04
C LYS D 206 39.27 -10.71 -31.94
N ILE D 207 39.10 -10.18 -30.74
CA ILE D 207 39.12 -8.73 -30.52
C ILE D 207 40.26 -8.25 -29.65
N GLY D 208 40.96 -9.15 -28.97
CA GLY D 208 42.07 -8.77 -28.11
C GLY D 208 41.76 -9.00 -26.64
N CYS D 209 42.77 -8.75 -25.82
CA CYS D 209 42.69 -8.99 -24.39
C CYS D 209 42.09 -7.78 -23.67
N ALA D 210 41.13 -8.07 -22.78
CA ALA D 210 40.46 -7.10 -21.89
C ALA D 210 39.73 -6.00 -22.65
N MET D 211 39.30 -6.28 -23.88
CA MET D 211 38.63 -5.29 -24.71
C MET D 211 37.12 -5.36 -24.51
N GLU D 212 36.44 -4.33 -24.99
CA GLU D 212 35.02 -4.16 -24.71
C GLU D 212 34.16 -5.01 -25.62
N VAL D 213 33.09 -5.54 -25.05
CA VAL D 213 32.08 -6.35 -25.73
C VAL D 213 30.77 -5.59 -25.61
N TYR D 214 29.97 -5.61 -26.67
CA TYR D 214 28.76 -4.79 -26.77
C TYR D 214 27.52 -5.66 -26.82
N PRO D 215 26.85 -5.91 -25.69
CA PRO D 215 25.57 -6.64 -25.71
C PRO D 215 24.41 -5.77 -26.19
N SER D 216 23.21 -6.31 -26.14
CA SER D 216 22.01 -5.56 -26.49
C SER D 216 21.49 -4.80 -25.27
N GLN D 217 20.73 -3.74 -25.54
CA GLN D 217 20.31 -2.77 -24.53
C GLN D 217 18.79 -2.74 -24.41
N GLU D 218 18.29 -2.76 -23.19
CA GLU D 218 16.86 -2.78 -22.93
C GLU D 218 16.23 -1.40 -23.10
N MET D 219 14.93 -1.35 -23.26
CA MET D 219 14.23 -0.09 -23.50
C MET D 219 14.13 0.81 -22.28
N THR D 220 13.77 0.27 -21.15
CA THR D 220 13.67 1.00 -19.88
C THR D 220 12.69 2.17 -20.02
N PHE D 221 11.40 1.83 -20.15
CA PHE D 221 10.31 2.82 -20.08
C PHE D 221 10.38 3.68 -18.83
N LYS D 226 15.77 5.64 -15.39
CA LYS D 226 17.10 5.37 -14.87
C LYS D 226 18.15 5.40 -15.97
N GLY D 227 19.15 4.54 -15.87
CA GLY D 227 20.28 4.54 -16.76
C GLY D 227 20.32 3.35 -17.69
N LYS D 228 21.50 3.13 -18.28
CA LYS D 228 21.75 2.04 -19.21
C LYS D 228 21.57 0.68 -18.54
N LYS D 229 20.80 -0.19 -19.18
CA LYS D 229 20.60 -1.56 -18.74
C LYS D 229 20.87 -2.50 -19.90
N LEU D 230 21.74 -3.49 -19.69
CA LEU D 230 22.09 -4.43 -20.74
C LEU D 230 21.41 -5.78 -20.52
N PHE D 231 21.27 -6.53 -21.60
CA PHE D 231 20.50 -7.77 -21.59
C PHE D 231 21.27 -8.90 -20.92
N LYS D 232 20.61 -9.59 -19.99
CA LYS D 232 21.16 -10.77 -19.34
C LYS D 232 20.31 -11.98 -19.72
N PHE D 233 20.94 -12.96 -20.36
CA PHE D 233 20.28 -14.20 -20.75
C PHE D 233 20.93 -15.34 -20.01
N GLU D 234 20.17 -15.97 -19.10
CA GLU D 234 20.62 -17.09 -18.24
C GLU D 234 21.84 -16.71 -17.41
N GLY D 235 21.85 -15.48 -16.90
CA GLY D 235 22.95 -15.01 -16.09
C GLY D 235 24.12 -14.45 -16.84
N SER D 236 24.10 -14.47 -18.17
CA SER D 236 25.21 -14.00 -18.98
C SER D 236 24.68 -13.04 -20.04
N ALA D 237 25.61 -12.32 -20.66
CA ALA D 237 25.26 -11.32 -21.66
C ALA D 237 24.85 -11.97 -22.97
N GLY D 238 24.01 -11.26 -23.72
CA GLY D 238 23.55 -11.77 -25.00
C GLY D 238 22.78 -10.74 -25.78
N MET D 239 22.38 -11.12 -26.99
CA MET D 239 21.62 -10.28 -27.88
C MET D 239 20.19 -10.80 -28.02
N HIS D 240 19.29 -9.90 -28.39
CA HIS D 240 17.90 -10.26 -28.66
C HIS D 240 17.79 -11.02 -29.97
N SER D 241 16.71 -11.78 -30.09
CA SER D 241 16.42 -12.49 -31.34
C SER D 241 16.06 -11.53 -32.46
N GLN D 242 15.37 -10.43 -32.12
CA GLN D 242 14.94 -9.46 -33.12
C GLN D 242 16.11 -8.75 -33.77
N LYS D 243 17.19 -8.51 -33.01
CA LYS D 243 18.37 -7.85 -33.56
C LYS D 243 19.08 -8.75 -34.58
N ILE D 244 19.20 -10.05 -34.26
CA ILE D 244 19.80 -11.00 -35.18
C ILE D 244 18.92 -11.17 -36.42
N ASN D 245 17.60 -11.19 -36.23
CA ASN D 245 16.68 -11.33 -37.36
C ASN D 245 16.72 -10.10 -38.27
N ASN D 246 16.77 -8.90 -37.70
CA ASN D 246 16.96 -7.68 -38.51
C ASN D 246 18.31 -7.69 -39.21
N ALA D 247 19.32 -8.32 -38.61
CA ALA D 247 20.60 -8.46 -39.29
C ALA D 247 20.53 -9.47 -40.44
N LEU D 248 19.58 -10.40 -40.41
CA LEU D 248 19.52 -11.41 -41.46
C LEU D 248 18.58 -11.08 -42.62
N ARG D 249 17.70 -10.09 -42.50
CA ARG D 249 16.80 -9.71 -43.60
C ARG D 249 17.30 -8.56 -44.46
N THR D 250 18.54 -8.11 -44.28
CA THR D 250 19.08 -7.02 -45.10
C THR D 250 19.46 -7.68 -46.43
N ILE D 251 18.43 -7.85 -47.29
CA ILE D 251 18.53 -8.58 -48.56
C ILE D 251 17.83 -7.81 -49.67
N ASP D 252 17.32 -6.62 -49.36
CA ASP D 252 16.49 -5.86 -50.31
C ASP D 252 17.39 -5.00 -51.20
N THR D 253 17.55 -5.42 -52.45
CA THR D 253 18.25 -4.65 -53.47
C THR D 253 17.36 -4.42 -54.69
N TRP D 254 16.05 -4.33 -54.47
CA TRP D 254 15.10 -4.13 -55.57
C TRP D 254 14.20 -2.95 -55.30
N TYR D 255 14.71 -1.92 -54.62
CA TYR D 255 13.93 -0.72 -54.36
C TYR D 255 14.05 0.24 -55.54
N PRO D 256 13.11 1.21 -55.69
CA PRO D 256 13.12 2.06 -56.91
C PRO D 256 14.39 2.83 -57.25
N ASP D 257 15.11 3.37 -56.28
CA ASP D 257 16.31 4.14 -56.52
C ASP D 257 17.57 3.46 -56.00
N TYR D 258 18.01 2.38 -56.62
CA TYR D 258 19.15 1.60 -56.17
C TYR D 258 20.39 1.86 -57.03
N THR D 259 20.23 2.52 -58.16
CA THR D 259 21.39 2.91 -58.95
C THR D 259 22.12 4.09 -58.33
N THR D 260 21.44 4.86 -57.48
CA THR D 260 22.09 5.99 -56.78
C THR D 260 22.66 5.51 -55.43
N TYR D 261 21.80 4.98 -54.57
CA TYR D 261 22.25 4.33 -53.33
C TYR D 261 22.40 2.84 -53.58
N GLU D 262 23.60 2.31 -53.36
CA GLU D 262 23.87 0.96 -53.82
C GLU D 262 24.20 0.04 -52.66
N PHE D 263 23.30 0.01 -51.69
CA PHE D 263 23.46 -0.83 -50.53
C PHE D 263 22.17 -1.56 -50.24
N PRO D 264 22.23 -2.75 -49.66
CA PRO D 264 20.99 -3.45 -49.26
C PRO D 264 20.36 -2.80 -48.05
N ILE D 265 19.02 -2.82 -48.02
CA ILE D 265 18.26 -2.29 -46.90
C ILE D 265 17.47 -3.44 -46.29
N PRO D 266 17.05 -3.37 -45.03
CA PRO D 266 16.18 -4.42 -44.48
C PRO D 266 14.79 -4.42 -45.10
N VAL D 267 14.13 -5.56 -45.02
CA VAL D 267 12.82 -5.77 -45.65
C VAL D 267 11.73 -5.27 -44.71
N GLU D 268 11.08 -4.17 -45.09
CA GLU D 268 9.97 -3.58 -44.36
C GLU D 268 8.86 -3.17 -45.32
N ASN D 269 7.73 -2.77 -44.73
CA ASN D 269 6.52 -2.49 -45.51
C ASN D 269 6.66 -1.20 -46.33
N TYR D 270 7.14 -0.13 -45.70
CA TYR D 270 7.29 1.16 -46.38
C TYR D 270 8.75 1.47 -46.69
N GLY D 271 9.63 0.49 -46.57
CA GLY D 271 11.02 0.71 -46.92
C GLY D 271 11.83 1.51 -45.93
N ALA D 272 11.36 1.67 -44.71
CA ALA D 272 12.05 2.49 -43.74
C ALA D 272 13.35 1.92 -43.28
N ALA D 273 14.36 2.76 -43.15
CA ALA D 273 15.65 2.34 -42.71
C ALA D 273 16.16 3.34 -41.71
N ARG D 274 16.03 3.04 -40.43
CA ARG D 274 16.41 4.00 -39.40
C ARG D 274 17.84 4.46 -39.53
N SER D 275 18.79 3.59 -39.60
CA SER D 275 20.19 3.95 -39.77
C SER D 275 20.43 4.98 -40.86
N ILE D 276 20.12 4.65 -42.12
CA ILE D 276 20.14 5.63 -43.19
C ILE D 276 18.73 6.19 -43.32
N GLY D 277 18.51 7.37 -42.75
CA GLY D 277 17.16 7.89 -42.61
C GLY D 277 16.52 8.43 -43.88
N ILE D 278 16.26 7.53 -44.84
CA ILE D 278 15.56 7.86 -46.08
C ILE D 278 14.52 6.77 -46.31
N PRO D 279 13.22 7.11 -46.42
CA PRO D 279 12.22 6.09 -46.79
C PRO D 279 12.36 5.73 -48.26
N PHE D 280 12.49 4.44 -48.54
CA PHE D 280 12.85 4.01 -49.89
C PHE D 280 11.68 3.51 -50.73
N ARG D 281 10.58 3.06 -50.11
CA ARG D 281 9.42 2.55 -50.84
C ARG D 281 8.15 3.23 -50.34
N PRO D 282 7.91 4.50 -50.69
CA PRO D 282 6.79 5.20 -50.06
C PRO D 282 5.44 5.21 -50.79
N ASP D 283 5.38 5.00 -52.07
CA ASP D 283 4.09 5.08 -52.68
C ASP D 283 3.68 3.96 -53.56
N THR D 284 4.43 3.73 -54.59
CA THR D 284 3.99 2.77 -55.59
C THR D 284 4.60 1.40 -55.44
N LYS D 285 5.70 1.25 -54.73
CA LYS D 285 6.35 -0.04 -54.64
C LYS D 285 6.36 -0.56 -53.22
N SER D 286 5.37 -0.20 -52.42
CA SER D 286 5.21 -0.70 -51.06
C SER D 286 4.48 -2.03 -51.13
N PHE D 287 4.40 -2.69 -49.97
CA PHE D 287 3.75 -4.00 -49.91
C PHE D 287 2.26 -3.91 -50.19
N TYR D 288 1.60 -2.87 -49.69
CA TYR D 288 0.15 -2.76 -49.81
C TYR D 288 -0.30 -2.62 -51.25
N LYS D 289 0.37 -1.75 -52.01
CA LYS D 289 0.03 -1.53 -53.42
C LYS D 289 0.34 -2.75 -54.26
N LEU D 290 1.48 -3.39 -53.99
CA LEU D 290 1.87 -4.57 -54.76
C LEU D 290 1.00 -5.78 -54.45
N ILE D 291 0.55 -5.95 -53.20
CA ILE D 291 -0.30 -7.09 -52.90
C ILE D 291 -1.73 -6.81 -53.35
N ASP D 292 -2.13 -5.53 -53.43
CA ASP D 292 -3.43 -5.19 -53.98
C ASP D 292 -3.41 -5.05 -55.50
N ARG D 293 -2.25 -5.21 -56.13
CA ARG D 293 -2.19 -5.24 -57.58
C ARG D 293 -1.83 -6.65 -58.08
N MET D 294 -1.33 -7.51 -57.21
CA MET D 294 -1.02 -8.88 -57.60
C MET D 294 -2.22 -9.80 -57.51
N ILE D 295 -3.15 -9.54 -56.60
CA ILE D 295 -4.20 -10.48 -56.26
C ILE D 295 -5.58 -9.97 -56.65
N LEU D 296 -5.90 -8.72 -56.29
CA LEU D 296 -7.23 -8.18 -56.54
C LEU D 296 -7.48 -7.91 -58.02
N LYS D 297 -6.46 -7.44 -58.74
CA LYS D 297 -6.54 -7.17 -60.17
C LYS D 297 -5.40 -7.94 -60.82
N ASN D 298 -5.65 -9.20 -61.18
CA ASN D 298 -4.65 -10.18 -61.65
C ASN D 298 -3.75 -9.63 -62.75
N GLU D 299 -2.46 -9.57 -62.45
CA GLU D 299 -1.50 -8.81 -63.24
C GLU D 299 -0.12 -9.38 -62.99
N ASP D 300 0.54 -9.85 -64.03
CA ASP D 300 1.88 -10.40 -63.89
C ASP D 300 2.88 -9.29 -63.59
N LEU D 301 3.55 -9.39 -62.45
CA LEU D 301 4.54 -8.45 -61.98
C LEU D 301 5.94 -8.91 -62.38
N PRO D 302 6.90 -7.99 -62.46
CA PRO D 302 8.30 -8.40 -62.60
C PRO D 302 8.79 -9.17 -61.37
N ILE D 303 9.85 -9.94 -61.59
CA ILE D 303 10.28 -10.97 -60.63
C ILE D 303 10.81 -10.35 -59.35
N GLU D 304 11.34 -9.12 -59.42
CA GLU D 304 11.88 -8.45 -58.23
C GLU D 304 10.76 -8.07 -57.26
N ASP D 305 9.62 -7.62 -57.77
CA ASP D 305 8.49 -7.32 -56.91
C ASP D 305 7.93 -8.59 -56.28
N LYS D 306 7.95 -9.70 -57.02
CA LYS D 306 7.58 -11.00 -56.45
C LYS D 306 8.54 -11.41 -55.34
N HIS D 307 9.83 -11.14 -55.53
CA HIS D 307 10.84 -11.42 -54.52
C HIS D 307 10.57 -10.64 -53.24
N TYR D 308 10.22 -9.36 -53.39
CA TYR D 308 9.93 -8.52 -52.23
C TYR D 308 8.66 -8.96 -51.50
N VAL D 309 7.61 -9.32 -52.26
CA VAL D 309 6.36 -9.78 -51.65
C VAL D 309 6.56 -11.10 -50.91
N MET D 310 7.30 -12.03 -51.50
CA MET D 310 7.59 -13.28 -50.81
C MET D 310 8.50 -13.07 -49.60
N ALA D 311 9.39 -12.06 -49.63
CA ALA D 311 10.21 -11.77 -48.46
C ALA D 311 9.36 -11.23 -47.31
N ILE D 312 8.39 -10.37 -47.63
CA ILE D 312 7.45 -9.90 -46.60
C ILE D 312 6.61 -11.04 -46.06
N LEU D 313 6.24 -12.02 -46.89
CA LEU D 313 5.49 -13.16 -46.40
C LEU D 313 6.34 -14.14 -45.58
N ILE D 314 7.64 -14.22 -45.82
CA ILE D 314 8.50 -14.95 -44.89
C ILE D 314 8.72 -14.18 -43.60
N ARG D 315 8.59 -12.85 -43.62
CA ARG D 315 8.72 -12.12 -42.36
C ARG D 315 7.45 -12.21 -41.51
N GLY D 316 6.30 -11.92 -42.09
CA GLY D 316 5.03 -12.02 -41.39
C GLY D 316 4.54 -10.67 -40.90
N GLY D 317 3.27 -10.64 -40.51
CA GLY D 317 2.66 -9.44 -40.00
C GLY D 317 1.16 -9.48 -40.12
N MET D 318 0.51 -8.44 -39.64
CA MET D 318 -0.93 -8.28 -39.70
C MET D 318 -1.31 -7.34 -40.82
N PHE D 319 -2.03 -7.80 -41.81
CA PHE D 319 -2.40 -7.03 -43.00
C PHE D 319 -3.92 -7.04 -43.12
N SER D 320 -4.59 -6.16 -42.39
CA SER D 320 -6.04 -6.17 -42.30
C SER D 320 -6.60 -4.81 -42.67
N LYS D 321 -7.69 -4.82 -43.44
CA LYS D 321 -8.35 -3.59 -43.87
C LYS D 321 -9.62 -3.39 -43.04
N LYS D 322 -10.03 -2.13 -42.90
CA LYS D 322 -11.11 -1.79 -41.98
C LYS D 322 -12.47 -2.22 -42.52
N GLN D 323 -12.86 -1.62 -43.64
CA GLN D 323 -14.16 -1.92 -44.26
C GLN D 323 -15.30 -1.46 -43.39
N MET E 1 -14.82 43.30 34.66
CA MET E 1 -13.62 43.64 35.39
C MET E 1 -12.50 42.73 34.95
N MET E 2 -12.76 41.88 33.98
CA MET E 2 -11.73 41.04 33.46
C MET E 2 -12.27 40.35 32.25
N LYS E 3 -11.40 39.97 31.34
CA LYS E 3 -11.85 39.34 30.13
C LYS E 3 -10.91 38.23 29.75
N GLY E 4 -11.47 37.12 29.28
CA GLY E 4 -10.67 35.99 28.87
C GLY E 4 -11.26 35.06 27.84
N TYR E 5 -10.68 33.88 27.69
CA TYR E 5 -11.19 32.91 26.72
C TYR E 5 -11.16 31.51 27.33
N ILE E 6 -12.30 30.81 27.25
CA ILE E 6 -12.42 29.44 27.73
C ILE E 6 -12.75 28.55 26.55
N LEU E 7 -12.11 27.38 26.49
CA LEU E 7 -12.27 26.44 25.39
C LEU E 7 -12.92 25.17 25.91
N LEU E 8 -14.04 24.79 25.29
CA LEU E 8 -14.67 23.50 25.54
C LEU E 8 -14.25 22.56 24.42
N GLU E 9 -13.49 21.53 24.74
CA GLU E 9 -12.74 20.79 23.73
C GLU E 9 -13.35 19.43 23.43
N LYS E 10 -13.57 19.17 22.14
CA LYS E 10 -13.99 17.90 21.56
C LYS E 10 -15.20 17.24 22.21
N VAL E 11 -16.37 17.87 22.06
CA VAL E 11 -17.62 17.41 22.67
C VAL E 11 -18.38 16.56 21.66
N ASN E 12 -18.81 15.37 22.10
CA ASN E 12 -19.66 14.48 21.30
C ASN E 12 -21.13 14.81 21.56
N ILE E 13 -21.85 15.16 20.50
CA ILE E 13 -23.29 15.35 20.54
C ILE E 13 -23.95 14.29 19.67
N GLU E 14 -24.91 13.57 20.24
CA GLU E 14 -25.65 12.52 19.55
C GLU E 14 -27.08 12.98 19.33
N ASN E 15 -27.59 12.78 18.10
CA ASN E 15 -28.97 13.06 17.69
C ASN E 15 -29.40 14.52 17.86
N ALA E 16 -28.76 15.41 17.12
CA ALA E 16 -29.13 16.83 17.11
C ALA E 16 -29.99 17.12 15.89
N ASN E 17 -30.85 18.12 16.04
CA ASN E 17 -31.85 18.43 15.01
C ASN E 17 -31.18 18.99 13.77
N ALA E 18 -31.67 18.58 12.60
CA ALA E 18 -31.03 18.89 11.32
C ALA E 18 -32.05 19.23 10.23
N PHE E 19 -33.13 19.92 10.58
CA PHE E 19 -34.15 20.29 9.60
C PHE E 19 -34.62 21.70 9.86
N ASN E 20 -34.47 22.58 8.86
CA ASN E 20 -34.90 23.98 8.95
C ASN E 20 -35.62 24.41 7.67
N ASN E 21 -36.50 23.53 7.18
CA ASN E 21 -37.55 23.71 6.17
C ASN E 21 -37.02 23.89 4.75
N ILE E 22 -35.76 24.26 4.56
CA ILE E 22 -35.09 24.21 3.26
C ILE E 22 -33.69 23.63 3.37
N ILE E 23 -33.20 23.37 4.58
CA ILE E 23 -31.84 22.91 4.82
C ILE E 23 -31.90 21.63 5.64
N VAL E 24 -31.16 20.61 5.19
CA VAL E 24 -30.88 19.41 5.97
C VAL E 24 -29.38 19.29 6.09
N GLY E 25 -28.86 19.40 7.31
CA GLY E 25 -27.43 19.43 7.51
C GLY E 25 -27.01 19.91 8.88
N ILE E 26 -26.10 20.90 8.91
CA ILE E 26 -25.62 21.54 10.14
C ILE E 26 -26.79 22.21 10.83
N PRO E 27 -26.91 22.11 12.17
CA PRO E 27 -27.96 22.84 12.89
C PRO E 27 -27.77 24.34 12.81
N ALA E 28 -28.84 25.06 13.13
CA ALA E 28 -28.82 26.51 13.09
C ALA E 28 -27.92 27.08 14.19
N ILE E 29 -27.44 28.30 13.95
CA ILE E 29 -26.48 28.95 14.84
C ILE E 29 -27.15 29.39 16.15
N THR E 30 -28.46 29.65 16.09
CA THR E 30 -29.22 30.07 17.26
C THR E 30 -29.26 29.01 18.34
N SER E 31 -29.19 27.72 17.96
CA SER E 31 -29.14 26.65 18.94
C SER E 31 -27.82 26.66 19.72
N PHE E 32 -26.71 26.93 19.02
CA PHE E 32 -25.41 26.96 19.69
C PHE E 32 -25.30 28.17 20.60
N LEU E 33 -25.81 29.31 20.13
CA LEU E 33 -25.79 30.52 20.95
C LEU E 33 -26.75 30.40 22.14
N GLY E 34 -27.83 29.63 21.98
CA GLY E 34 -28.71 29.35 23.09
C GLY E 34 -28.14 28.37 24.08
N PHE E 35 -27.29 27.43 23.61
CA PHE E 35 -26.53 26.59 24.53
C PHE E 35 -25.59 27.43 25.38
N ALA E 36 -24.92 28.40 24.75
CA ALA E 36 -24.05 29.32 25.50
C ALA E 36 -24.83 30.15 26.51
N ARG E 37 -26.00 30.66 26.10
CA ARG E 37 -26.83 31.42 27.01
C ARG E 37 -27.41 30.57 28.14
N ALA E 38 -27.74 29.30 27.87
CA ALA E 38 -28.23 28.43 28.92
C ALA E 38 -27.15 28.09 29.93
N LEU E 39 -25.91 27.93 29.46
CA LEU E 39 -24.78 27.75 30.38
C LEU E 39 -24.55 29.00 31.23
N GLU E 40 -24.70 30.18 30.62
CA GLU E 40 -24.60 31.44 31.37
C GLU E 40 -25.69 31.55 32.43
N ARG E 41 -26.93 31.19 32.08
CA ARG E 41 -28.03 31.30 33.04
C ARG E 41 -27.93 30.26 34.15
N LYS E 42 -27.39 29.08 33.86
CA LYS E 42 -27.22 28.11 34.94
C LYS E 42 -26.02 28.44 35.83
N LEU E 43 -24.98 29.07 35.29
CA LEU E 43 -23.88 29.48 36.16
C LEU E 43 -24.23 30.64 37.07
N ASN E 44 -25.18 31.49 36.69
CA ASN E 44 -25.51 32.67 37.49
C ASN E 44 -26.52 32.37 38.59
N ALA E 45 -27.08 31.16 38.63
CA ALA E 45 -27.93 30.74 39.73
C ALA E 45 -27.16 30.03 40.83
N LYS E 46 -25.91 29.65 40.58
CA LYS E 46 -25.00 29.13 41.58
C LYS E 46 -24.12 30.21 42.20
N GLU E 47 -24.50 31.48 42.01
CA GLU E 47 -23.85 32.70 42.49
C GLU E 47 -22.41 32.80 41.98
N ILE E 48 -22.24 32.67 40.67
CA ILE E 48 -20.96 32.83 40.00
C ILE E 48 -21.17 33.78 38.83
N ALA E 49 -20.85 35.06 39.03
CA ALA E 49 -21.09 36.06 38.00
C ALA E 49 -20.16 35.87 36.82
N ILE E 50 -20.75 35.65 35.65
CA ILE E 50 -20.03 35.49 34.39
C ILE E 50 -20.97 35.92 33.27
N ARG E 51 -20.39 36.29 32.13
CA ARG E 51 -21.17 36.73 30.97
C ARG E 51 -20.46 36.27 29.71
N ILE E 52 -21.12 35.40 28.95
CA ILE E 52 -20.58 34.92 27.68
C ILE E 52 -21.05 35.85 26.57
N ASN E 53 -20.09 36.44 25.84
CA ASN E 53 -20.40 37.46 24.85
C ASN E 53 -19.97 37.08 23.44
N GLY E 54 -19.57 35.83 23.22
CA GLY E 54 -19.12 35.42 21.91
C GLY E 54 -18.68 33.97 21.89
N VAL E 55 -19.04 33.24 20.84
CA VAL E 55 -18.76 31.82 20.72
C VAL E 55 -18.22 31.51 19.33
N GLY E 56 -17.16 30.72 19.28
CA GLY E 56 -16.60 30.25 18.03
C GLY E 56 -16.82 28.77 17.83
N LEU E 57 -17.25 28.37 16.65
CA LEU E 57 -17.67 27.01 16.37
C LEU E 57 -16.64 26.33 15.49
N GLU E 58 -16.03 25.26 16.01
CA GLU E 58 -14.99 24.50 15.34
C GLU E 58 -15.47 23.07 15.13
N PHE E 59 -15.20 22.52 13.95
CA PHE E 59 -15.72 21.20 13.55
C PHE E 59 -14.59 20.21 13.39
N HIS E 60 -14.76 19.00 13.91
CA HIS E 60 -13.78 17.94 13.75
C HIS E 60 -14.28 16.72 12.99
N GLU E 61 -15.51 16.27 13.21
CA GLU E 61 -16.10 15.19 12.43
C GLU E 61 -17.60 15.24 12.54
N TYR E 62 -18.28 14.59 11.59
CA TYR E 62 -19.73 14.58 11.51
C TYR E 62 -20.20 13.26 10.94
N GLU E 63 -21.47 12.92 11.20
CA GLU E 63 -22.11 11.77 10.59
C GLU E 63 -23.62 12.02 10.54
N LEU E 64 -24.18 12.02 9.34
CA LEU E 64 -25.62 12.13 9.16
C LEU E 64 -26.25 10.75 9.28
N LYS E 65 -27.32 10.65 10.01
CA LYS E 65 -28.01 9.39 10.22
C LYS E 65 -28.76 8.96 9.00
N GLY E 66 -28.30 7.95 8.34
CA GLY E 66 -28.85 7.48 7.08
C GLY E 66 -27.81 6.66 6.33
N TYR E 67 -27.92 6.69 5.01
CA TYR E 67 -26.97 6.00 4.16
C TYR E 67 -26.86 6.72 2.83
N LYS E 68 -25.82 6.36 2.07
CA LYS E 68 -25.57 6.91 0.74
C LYS E 68 -25.86 5.82 -0.29
N ASN E 69 -26.68 6.16 -1.28
CA ASN E 69 -27.02 5.22 -2.35
C ASN E 69 -25.88 5.10 -3.36
N LYS E 70 -26.12 4.30 -4.41
CA LYS E 70 -25.10 4.10 -5.44
C LYS E 70 -24.92 5.35 -6.30
N ARG E 71 -25.94 6.21 -6.38
CA ARG E 71 -25.86 7.43 -7.15
C ARG E 71 -25.20 8.57 -6.39
N GLY E 72 -24.85 8.38 -5.13
CA GLY E 72 -24.17 9.39 -4.36
C GLY E 72 -25.06 10.32 -3.57
N GLN E 73 -26.32 9.97 -3.35
CA GLN E 73 -27.26 10.82 -2.63
C GLN E 73 -27.59 10.23 -1.26
N TYR E 74 -27.97 11.09 -0.33
CA TYR E 74 -28.29 10.68 1.03
C TYR E 74 -29.76 10.34 1.16
N VAL E 75 -30.05 9.32 1.96
CA VAL E 75 -31.42 8.95 2.33
C VAL E 75 -31.47 8.95 3.85
N THR E 76 -32.30 9.84 4.41
CA THR E 76 -32.33 10.04 5.85
C THR E 76 -33.15 8.96 6.53
N SER E 77 -32.90 8.80 7.83
CA SER E 77 -33.62 7.84 8.67
C SER E 77 -34.22 8.57 9.87
N CYS E 78 -35.37 8.08 10.32
CA CYS E 78 -36.07 8.64 11.47
C CYS E 78 -36.50 7.52 12.41
N PRO E 79 -36.60 7.80 13.71
CA PRO E 79 -37.10 6.78 14.64
C PRO E 79 -38.58 6.52 14.44
N LEU E 80 -39.02 5.37 14.95
CA LEU E 80 -40.41 4.96 14.84
C LEU E 80 -41.26 5.81 15.78
N PRO E 81 -42.32 6.45 15.29
CA PRO E 81 -43.12 7.34 16.14
C PRO E 81 -43.85 6.59 17.25
N GLY E 82 -44.06 7.29 18.36
CA GLY E 82 -44.80 6.76 19.48
C GLY E 82 -46.10 7.50 19.69
N SER E 83 -46.65 7.45 20.90
CA SER E 83 -47.91 8.12 21.17
C SER E 83 -47.73 9.63 21.15
N ILE E 84 -48.61 10.30 20.40
CA ILE E 84 -48.57 11.75 20.21
C ILE E 84 -49.93 12.29 20.64
N PRO E 85 -49.96 13.35 21.45
CA PRO E 85 -51.26 13.91 21.89
C PRO E 85 -52.10 14.45 20.74
N GLY E 86 -53.40 14.26 20.85
CA GLY E 86 -54.31 14.70 19.80
C GLY E 86 -55.61 13.91 19.85
N GLN E 87 -56.20 13.72 18.67
CA GLN E 87 -57.46 13.01 18.55
C GLN E 87 -57.27 11.52 18.30
N ASN E 88 -56.05 11.09 17.99
CA ASN E 88 -55.75 9.69 17.67
C ASN E 88 -54.60 9.21 18.56
N GLU E 89 -54.72 9.49 19.85
CA GLU E 89 -53.66 9.16 20.80
C GLU E 89 -53.74 7.73 21.29
N LYS E 90 -54.91 7.11 21.24
CA LYS E 90 -55.11 5.74 21.70
C LYS E 90 -54.90 4.71 20.61
N LYS E 91 -54.42 5.12 19.44
CA LYS E 91 -54.16 4.20 18.35
C LYS E 91 -52.79 3.55 18.51
N LEU E 92 -52.54 2.54 17.69
CA LEU E 92 -51.30 1.78 17.78
C LEU E 92 -50.22 2.28 16.83
N ASP E 93 -50.59 2.86 15.70
CA ASP E 93 -49.63 3.42 14.75
C ASP E 93 -49.87 4.92 14.62
N ALA E 94 -48.78 5.68 14.72
CA ALA E 94 -48.88 7.11 14.67
C ALA E 94 -48.37 7.71 13.38
N HIS E 95 -48.43 9.02 13.27
CA HIS E 95 -48.07 9.67 12.04
C HIS E 95 -46.60 9.95 11.86
N ILE E 96 -46.16 10.07 10.61
CA ILE E 96 -44.76 10.32 10.32
C ILE E 96 -44.58 11.69 9.69
N MET E 97 -44.00 12.62 10.43
CA MET E 97 -43.74 13.97 9.95
C MET E 97 -42.32 14.08 9.40
N ASN E 98 -41.87 15.30 9.13
CA ASN E 98 -40.57 15.55 8.52
C ASN E 98 -39.53 15.80 9.60
N GLN E 99 -38.44 15.03 9.57
CA GLN E 99 -37.41 15.10 10.60
C GLN E 99 -36.09 14.63 10.02
N ALA E 100 -34.99 15.05 10.68
CA ALA E 100 -33.63 14.66 10.32
C ALA E 100 -32.73 14.87 11.53
N TYR E 101 -31.73 14.00 11.67
CA TYR E 101 -30.84 14.02 12.84
C TYR E 101 -29.40 13.83 12.42
N ILE E 102 -28.48 14.45 13.17
CA ILE E 102 -27.05 14.49 12.84
C ILE E 102 -26.24 14.20 14.10
N ASP E 103 -25.02 13.72 13.90
CA ASP E 103 -24.05 13.41 14.95
C ASP E 103 -22.79 14.24 14.74
N LEU E 104 -22.28 14.87 15.81
CA LEU E 104 -21.20 15.84 15.69
C LEU E 104 -20.15 15.66 16.78
N ASN E 105 -18.91 16.00 16.41
CA ASN E 105 -17.81 16.31 17.32
C ASN E 105 -17.33 17.72 17.05
N MET E 106 -17.35 18.56 18.08
CA MET E 106 -17.07 19.97 17.91
C MET E 106 -16.32 20.52 19.11
N SER E 107 -15.78 21.72 18.95
CA SER E 107 -15.10 22.44 20.01
C SER E 107 -15.60 23.88 20.00
N PHE E 108 -15.68 24.48 21.19
CA PHE E 108 -16.28 25.78 21.39
C PHE E 108 -15.28 26.72 22.05
N LEU E 109 -15.17 27.92 21.51
CA LEU E 109 -14.33 28.97 22.09
C LEU E 109 -15.23 30.05 22.65
N LEU E 110 -15.21 30.22 23.97
CA LEU E 110 -16.10 31.15 24.64
C LEU E 110 -15.33 32.36 25.14
N GLU E 111 -15.84 33.56 24.85
CA GLU E 111 -15.28 34.80 25.37
C GLU E 111 -16.09 35.18 26.60
N VAL E 112 -15.44 35.14 27.76
CA VAL E 112 -16.13 35.39 29.02
C VAL E 112 -15.63 36.70 29.60
N GLU E 113 -16.52 37.42 30.27
CA GLU E 113 -16.20 38.68 30.93
C GLU E 113 -16.87 38.67 32.30
N GLY E 114 -16.06 38.63 33.35
CA GLY E 114 -16.59 38.67 34.70
C GLY E 114 -15.62 39.28 35.68
N PRO E 115 -15.94 39.17 36.98
CA PRO E 115 -15.00 39.65 37.99
C PRO E 115 -13.82 38.73 38.20
N HIS E 116 -14.00 37.42 38.10
CA HIS E 116 -12.91 36.46 38.24
C HIS E 116 -12.97 35.37 37.18
N VAL E 117 -11.87 35.14 36.47
CA VAL E 117 -11.84 34.11 35.45
C VAL E 117 -10.64 33.22 35.66
N ASP E 118 -10.70 32.31 36.62
CA ASP E 118 -9.58 31.46 36.90
C ASP E 118 -9.84 30.06 36.40
N MET E 119 -9.38 29.05 37.09
CA MET E 119 -9.72 27.68 36.76
C MET E 119 -10.85 27.12 37.61
N SER E 120 -11.24 27.83 38.69
CA SER E 120 -12.45 27.47 39.42
C SER E 120 -13.71 27.71 38.57
N THR E 121 -13.66 28.72 37.71
CA THR E 121 -14.70 28.90 36.70
C THR E 121 -14.75 27.71 35.75
N CYS E 122 -13.58 27.19 35.37
CA CYS E 122 -13.51 26.01 34.52
C CYS E 122 -14.07 24.78 35.22
N LYS E 123 -13.83 24.66 36.53
CA LYS E 123 -14.42 23.56 37.30
C LYS E 123 -15.93 23.68 37.40
N SER E 124 -16.44 24.91 37.52
CA SER E 124 -17.89 25.12 37.56
C SER E 124 -18.55 24.81 36.22
N ILE E 125 -17.88 25.18 35.11
CA ILE E 125 -18.38 24.82 33.78
C ILE E 125 -18.35 23.31 33.58
N LYS E 126 -17.32 22.63 34.12
CA LYS E 126 -17.28 21.18 34.09
C LYS E 126 -18.41 20.55 34.90
N SER E 127 -18.78 21.16 36.01
CA SER E 127 -19.86 20.65 36.84
C SER E 127 -21.25 21.04 36.33
N THR E 128 -21.35 21.98 35.40
CA THR E 128 -22.64 22.48 34.94
C THR E 128 -22.97 22.04 33.52
N MET E 129 -22.10 21.27 32.88
CA MET E 129 -22.32 20.87 31.49
C MET E 129 -22.79 19.46 31.38
N GLU E 130 -23.03 18.81 32.49
CA GLU E 130 -23.57 17.46 32.46
C GLU E 130 -25.06 17.46 32.75
N THR E 131 -25.71 18.62 32.58
CA THR E 131 -27.15 18.75 32.77
C THR E 131 -27.77 19.60 31.66
N LEU E 132 -27.11 19.71 30.51
CA LEU E 132 -27.55 20.57 29.41
C LEU E 132 -27.53 19.78 28.12
N ARG E 133 -28.18 20.33 27.09
CA ARG E 133 -28.18 19.76 25.76
C ARG E 133 -27.69 20.78 24.73
N ILE E 134 -27.30 20.27 23.57
CA ILE E 134 -26.90 21.08 22.43
C ILE E 134 -27.81 20.69 21.28
N ALA E 135 -28.50 21.69 20.70
CA ALA E 135 -29.65 21.52 19.80
C ALA E 135 -30.68 20.69 20.58
N GLY E 136 -31.04 19.49 20.12
CA GLY E 136 -31.87 18.62 20.92
C GLY E 136 -31.14 17.34 21.24
N GLY E 137 -29.81 17.39 21.24
CA GLY E 137 -28.99 16.22 21.42
C GLY E 137 -28.27 16.14 22.74
N ILE E 138 -27.88 14.92 23.11
CA ILE E 138 -27.26 14.66 24.41
C ILE E 138 -25.74 14.69 24.25
N ILE E 139 -25.06 15.02 25.35
CA ILE E 139 -23.61 15.05 25.39
C ILE E 139 -23.13 13.73 25.98
N ARG E 140 -22.36 12.97 25.20
CA ARG E 140 -21.82 11.72 25.71
C ARG E 140 -20.54 11.94 26.53
N ASN E 141 -19.58 12.68 26.00
CA ASN E 141 -18.32 12.93 26.70
C ASN E 141 -17.63 14.16 26.12
N TYR E 142 -16.80 14.79 26.95
CA TYR E 142 -15.90 15.87 26.56
C TYR E 142 -14.48 15.49 26.94
N LYS E 143 -13.51 16.25 26.43
CA LYS E 143 -12.13 15.89 26.72
C LYS E 143 -11.53 16.69 27.88
N LYS E 144 -11.56 18.02 27.79
CA LYS E 144 -10.91 18.88 28.78
C LYS E 144 -11.41 20.32 28.66
N ILE E 145 -11.58 21.01 29.78
CA ILE E 145 -12.02 22.41 29.79
C ILE E 145 -10.85 23.24 30.30
N ARG E 146 -10.44 24.23 29.51
CA ARG E 146 -9.18 24.93 29.79
C ARG E 146 -9.26 26.37 29.28
N LEU E 147 -8.35 27.19 29.80
CA LEU E 147 -8.17 28.57 29.36
C LEU E 147 -7.12 28.64 28.26
N ILE E 148 -7.35 29.53 27.29
CA ILE E 148 -6.41 29.76 26.20
C ILE E 148 -6.02 31.24 26.20
N ASP E 149 -4.89 31.53 25.56
CA ASP E 149 -4.34 32.87 25.47
C ASP E 149 -4.16 33.35 24.03
N THR E 150 -3.65 32.51 23.15
CA THR E 150 -3.34 32.88 21.78
C THR E 150 -3.90 31.85 20.80
N LEU E 151 -3.64 32.09 19.51
CA LEU E 151 -4.13 31.23 18.44
C LEU E 151 -3.41 29.89 18.36
N ALA E 152 -2.29 29.73 19.05
CA ALA E 152 -1.48 28.53 18.93
C ALA E 152 -1.81 27.49 20.00
N ASP E 153 -2.70 27.81 20.93
CA ASP E 153 -3.18 26.87 21.92
C ASP E 153 -4.48 26.22 21.50
N ILE E 154 -4.93 26.47 20.28
CA ILE E 154 -6.19 25.95 19.74
C ILE E 154 -5.90 24.63 19.01
N PRO E 155 -6.69 23.59 19.23
CA PRO E 155 -6.51 22.34 18.48
C PRO E 155 -6.85 22.50 17.01
N TYR E 156 -6.47 21.53 16.20
CA TYR E 156 -6.72 21.63 14.78
C TYR E 156 -8.15 21.35 14.42
N GLY E 157 -8.66 22.06 13.43
CA GLY E 157 -10.04 21.89 13.02
C GLY E 157 -10.42 22.90 11.99
N TYR E 158 -11.69 22.99 11.69
CA TYR E 158 -12.16 23.94 10.72
C TYR E 158 -13.29 24.77 11.28
N PHE E 159 -13.12 26.09 11.31
CA PHE E 159 -14.13 27.00 11.85
C PHE E 159 -15.19 27.40 10.83
N LEU E 160 -16.30 27.97 11.28
CA LEU E 160 -17.36 28.41 10.40
C LEU E 160 -17.47 29.90 10.48
N THR E 161 -17.54 30.57 9.34
CA THR E 161 -17.57 32.03 9.27
C THR E 161 -18.59 32.46 8.24
N LEU E 162 -19.05 33.69 8.40
CA LEU E 162 -20.08 34.25 7.52
C LEU E 162 -19.48 34.78 6.23
N ARG E 163 -20.20 34.57 5.12
CA ARG E 163 -19.76 34.94 3.77
C ARG E 163 -20.88 35.68 3.06
N GLN E 164 -21.43 36.71 3.70
CA GLN E 164 -22.53 37.48 3.12
C GLN E 164 -22.09 38.29 1.90
N ASP E 165 -20.79 38.61 1.79
CA ASP E 165 -20.29 39.35 0.63
C ASP E 165 -20.40 38.54 -0.65
N ASN E 166 -20.17 37.23 -0.58
CA ASN E 166 -20.29 36.36 -1.74
C ASN E 166 -21.72 36.13 -2.18
N LEU E 167 -22.71 36.57 -1.41
CA LEU E 167 -24.12 36.44 -1.77
C LEU E 167 -24.70 37.74 -2.31
N ASN E 168 -24.29 38.87 -1.76
CA ASN E 168 -24.72 40.17 -2.28
C ASN E 168 -24.03 40.54 -3.57
N ASP E 169 -22.91 39.93 -3.90
CA ASP E 169 -22.19 40.20 -5.15
C ASP E 169 -22.19 38.93 -5.98
N ALA E 170 -23.29 38.73 -6.71
CA ALA E 170 -23.55 37.59 -7.60
C ALA E 170 -24.83 37.90 -8.36
N ALA E 171 -25.01 37.17 -9.49
CA ALA E 171 -26.16 37.09 -10.40
C ALA E 171 -27.23 38.18 -10.34
N GLY E 172 -28.49 37.79 -10.19
CA GLY E 172 -29.52 38.78 -9.98
C GLY E 172 -30.91 38.18 -10.12
N ASP E 173 -31.88 39.10 -10.20
CA ASP E 173 -33.32 38.99 -10.44
C ASP E 173 -34.13 38.46 -9.24
N ASP E 174 -33.47 37.83 -8.26
CA ASP E 174 -34.00 37.53 -6.93
C ASP E 174 -32.85 37.01 -6.08
N MET E 175 -33.10 36.88 -4.77
CA MET E 175 -32.05 36.44 -3.86
C MET E 175 -31.76 34.95 -3.99
N LEU E 176 -32.77 34.14 -4.33
CA LEU E 176 -32.58 32.70 -4.44
C LEU E 176 -31.72 32.35 -5.66
N ASP E 177 -31.87 33.10 -6.74
CA ASP E 177 -31.00 32.93 -7.90
C ASP E 177 -29.56 33.29 -7.56
N LYS E 178 -29.36 34.33 -6.75
CA LYS E 178 -28.02 34.65 -6.26
C LYS E 178 -27.45 33.53 -5.40
N MET E 179 -28.30 32.91 -4.56
CA MET E 179 -27.89 31.77 -3.74
C MET E 179 -27.43 30.60 -4.60
N ILE E 180 -28.23 30.25 -5.62
CA ILE E 180 -27.90 29.10 -6.47
C ILE E 180 -26.67 29.37 -7.32
N HIS E 181 -26.55 30.59 -7.87
CA HIS E 181 -25.37 30.93 -8.67
C HIS E 181 -24.10 30.98 -7.83
N ALA E 182 -24.17 31.57 -6.62
CA ALA E 182 -23.02 31.63 -5.75
C ALA E 182 -22.61 30.24 -5.25
N LEU E 183 -23.58 29.33 -5.11
CA LEU E 183 -23.22 27.96 -4.79
C LEU E 183 -22.67 27.20 -5.98
N GLN E 184 -23.00 27.60 -7.21
CA GLN E 184 -22.41 26.94 -8.38
C GLN E 184 -21.01 27.44 -8.71
N GLN E 185 -20.67 28.68 -8.34
CA GLN E 185 -19.34 29.16 -8.68
C GLN E 185 -18.27 28.56 -7.78
N GLU E 186 -18.31 28.87 -6.48
CA GLU E 186 -17.33 28.32 -5.55
C GLU E 186 -18.01 27.20 -4.76
N ASP E 187 -17.38 26.03 -4.77
CA ASP E 187 -18.01 24.78 -4.34
C ASP E 187 -17.80 24.47 -2.86
N THR E 188 -17.13 25.33 -2.09
CA THR E 188 -16.80 25.04 -0.71
C THR E 188 -17.66 25.83 0.28
N LEU E 189 -18.85 26.26 -0.12
CA LEU E 189 -19.74 27.04 0.72
C LEU E 189 -21.02 26.26 1.01
N VAL E 190 -21.68 26.62 2.10
CA VAL E 190 -22.91 25.94 2.55
C VAL E 190 -23.99 26.96 2.89
N PRO E 191 -25.26 26.61 2.73
CA PRO E 191 -26.32 27.49 3.25
C PRO E 191 -26.56 27.23 4.74
N ILE E 192 -26.68 28.31 5.51
CA ILE E 192 -26.90 28.22 6.95
C ILE E 192 -28.09 29.11 7.32
N ALA E 193 -28.70 28.78 8.47
CA ALA E 193 -29.75 29.60 9.05
C ALA E 193 -29.17 30.50 10.13
N VAL E 194 -29.55 31.78 10.09
CA VAL E 194 -28.85 32.79 10.89
C VAL E 194 -29.79 33.63 11.74
N GLY E 195 -31.02 33.20 11.90
CA GLY E 195 -31.92 33.91 12.79
C GLY E 195 -33.33 33.98 12.26
N PHE E 196 -34.07 34.98 12.73
CA PHE E 196 -35.50 35.07 12.53
C PHE E 196 -35.90 36.49 12.11
N LYS E 197 -37.03 36.57 11.41
CA LYS E 197 -37.62 37.84 11.00
C LYS E 197 -39.10 37.84 11.36
N ALA E 198 -39.59 39.01 11.77
CA ALA E 198 -40.95 39.14 12.28
C ALA E 198 -41.99 39.04 11.17
N LEU E 199 -43.18 38.56 11.55
CA LEU E 199 -44.32 38.49 10.64
C LEU E 199 -45.57 39.14 11.23
N SER E 200 -45.46 39.77 12.39
CA SER E 200 -46.60 40.39 13.07
C SER E 200 -46.05 41.47 13.99
N GLU E 201 -46.90 41.96 14.88
CA GLU E 201 -46.51 42.93 15.89
C GLU E 201 -46.37 42.24 17.24
N VAL E 202 -45.91 43.01 18.22
CA VAL E 202 -45.59 42.49 19.55
C VAL E 202 -46.81 42.66 20.44
N GLY E 203 -47.20 41.60 21.12
CA GLY E 203 -48.32 41.66 22.02
C GLY E 203 -48.51 40.43 22.86
N HIS E 204 -49.74 40.12 23.22
CA HIS E 204 -50.03 38.98 24.04
C HIS E 204 -51.12 38.16 23.41
N VAL E 205 -50.89 36.87 23.23
CA VAL E 205 -51.85 36.00 22.63
C VAL E 205 -52.12 34.89 23.63
N GLU E 206 -53.09 34.05 23.37
CA GLU E 206 -53.45 32.96 24.26
C GLU E 206 -52.77 31.66 23.82
N GLY E 207 -52.06 31.03 24.75
CA GLY E 207 -51.44 29.74 24.47
C GLY E 207 -49.92 29.74 24.53
N GLN E 208 -49.35 30.75 25.17
CA GLN E 208 -47.90 30.90 25.22
C GLN E 208 -47.26 29.94 26.21
N ARG E 209 -45.96 29.70 26.02
CA ARG E 209 -45.21 28.88 26.96
C ARG E 209 -45.05 29.60 28.30
N ASP E 210 -44.75 30.89 28.29
CA ASP E 210 -44.71 31.70 29.51
C ASP E 210 -45.69 32.81 29.27
N PRO E 211 -46.68 32.96 30.11
CA PRO E 211 -47.75 33.94 29.84
C PRO E 211 -47.44 35.34 30.33
N GLU E 212 -46.19 35.62 30.67
CA GLU E 212 -45.82 36.91 31.25
C GLU E 212 -44.77 37.63 30.41
N LYS E 213 -44.61 37.26 29.14
CA LYS E 213 -43.60 37.86 28.28
C LYS E 213 -44.24 38.36 26.99
N ASP E 214 -43.42 39.01 26.20
CA ASP E 214 -43.86 39.54 24.94
C ASP E 214 -43.81 38.48 23.87
N HIS E 215 -44.61 38.61 22.83
CA HIS E 215 -44.73 37.55 21.84
C HIS E 215 -44.72 38.12 20.43
N CYS E 216 -44.07 37.40 19.51
CA CYS E 216 -44.06 37.77 18.10
C CYS E 216 -44.03 36.51 17.25
N PHE E 217 -44.69 36.56 16.10
CA PHE E 217 -44.67 35.46 15.14
C PHE E 217 -43.54 35.70 14.14
N VAL E 218 -42.72 34.67 13.91
CA VAL E 218 -41.45 34.83 13.20
C VAL E 218 -41.32 33.80 12.08
N GLU E 219 -40.34 34.06 11.21
CA GLU E 219 -39.93 33.22 10.10
C GLU E 219 -38.41 33.17 10.08
N SER E 220 -37.85 32.00 9.74
CA SER E 220 -36.41 31.82 9.70
C SER E 220 -35.81 32.43 8.44
N ILE E 221 -34.63 33.04 8.59
CA ILE E 221 -33.88 33.63 7.49
C ILE E 221 -32.58 32.86 7.31
N PHE E 222 -32.06 32.86 6.08
CA PHE E 222 -30.95 32.00 5.69
C PHE E 222 -29.86 32.82 5.00
N SER E 223 -28.61 32.41 5.19
CA SER E 223 -27.45 33.07 4.58
C SER E 223 -26.41 32.05 4.14
N LEU E 224 -25.20 32.52 3.82
CA LEU E 224 -24.12 31.68 3.29
C LEU E 224 -22.94 31.67 4.25
N GLY E 225 -22.20 30.55 4.25
CA GLY E 225 -21.08 30.37 5.14
C GLY E 225 -20.00 29.53 4.51
N GLY E 226 -18.86 29.46 5.19
CA GLY E 226 -17.70 28.76 4.69
C GLY E 226 -16.81 28.28 5.81
N PHE E 227 -15.82 27.48 5.44
CA PHE E 227 -14.91 26.85 6.38
C PHE E 227 -13.49 27.36 6.22
N GLU E 228 -12.86 27.69 7.35
CA GLU E 228 -11.45 28.10 7.39
C GLU E 228 -10.73 27.30 8.45
N CYS E 229 -9.49 26.90 8.16
CA CYS E 229 -8.72 26.10 9.09
C CYS E 229 -8.24 26.94 10.27
N SER E 230 -7.72 26.27 11.29
CA SER E 230 -7.27 26.92 12.51
C SER E 230 -5.80 27.31 12.46
N LYS E 231 -5.12 27.06 11.34
CA LYS E 231 -3.73 27.40 11.19
C LYS E 231 -3.55 28.40 10.06
N ILE E 232 -4.63 28.94 9.54
CA ILE E 232 -4.63 29.95 8.49
C ILE E 232 -5.48 31.14 8.94
N LEU E 233 -5.74 31.22 10.23
CA LEU E 233 -6.67 32.20 10.78
C LEU E 233 -5.92 33.45 11.23
N GLU E 234 -6.57 34.61 11.10
CA GLU E 234 -5.93 35.87 11.44
C GLU E 234 -6.03 36.17 12.93
N ASP E 235 -7.25 36.32 13.42
CA ASP E 235 -7.50 36.77 14.78
C ASP E 235 -8.63 35.94 15.38
N ILE E 236 -8.71 35.91 16.71
CA ILE E 236 -9.81 35.24 17.41
C ILE E 236 -11.15 35.91 17.09
N ASN E 237 -11.16 37.23 16.94
CA ASN E 237 -12.37 38.03 16.86
C ASN E 237 -13.08 37.82 15.52
N SER E 238 -12.41 37.25 14.52
CA SER E 238 -12.97 37.04 13.20
C SER E 238 -13.64 35.69 13.05
N CYS E 239 -13.88 34.97 14.15
CA CYS E 239 -14.60 33.70 14.11
C CYS E 239 -15.59 33.57 15.26
N LEU E 240 -15.99 34.68 15.87
CA LEU E 240 -16.86 34.68 17.04
C LEU E 240 -18.24 35.18 16.67
N TRP E 241 -19.25 34.36 16.93
CA TRP E 241 -20.63 34.70 16.63
C TRP E 241 -21.26 35.44 17.81
N ARG E 242 -22.04 36.48 17.49
CA ARG E 242 -22.67 37.31 18.51
C ARG E 242 -24.11 37.58 18.13
N TYR E 243 -24.88 38.06 19.10
CA TYR E 243 -26.27 38.44 18.91
C TYR E 243 -26.38 39.89 18.45
N LYS E 244 -27.38 40.15 17.60
CA LYS E 244 -27.71 41.50 17.18
C LYS E 244 -29.22 41.58 16.96
N THR E 245 -29.82 42.67 17.41
CA THR E 245 -31.27 42.83 17.41
C THR E 245 -31.62 44.22 16.89
N GLU E 246 -32.21 44.28 15.69
CA GLU E 246 -32.86 45.50 15.22
C GLU E 246 -34.34 45.43 15.57
N GLU E 247 -35.15 46.32 15.00
CA GLU E 247 -36.59 46.31 15.22
C GLU E 247 -37.21 45.43 14.14
N GLY E 248 -37.59 44.21 14.54
CA GLY E 248 -38.17 43.25 13.62
C GLY E 248 -37.23 42.18 13.14
N LEU E 249 -35.95 42.23 13.53
CA LEU E 249 -34.96 41.28 13.07
C LEU E 249 -34.18 40.74 14.27
N TYR E 250 -34.00 39.43 14.29
CA TYR E 250 -33.32 38.73 15.38
C TYR E 250 -32.20 37.92 14.72
N LEU E 251 -30.98 38.43 14.76
CA LEU E 251 -29.93 37.78 14.03
C LEU E 251 -28.70 37.33 14.76
N CYS E 252 -27.84 36.64 14.06
CA CYS E 252 -26.56 36.19 14.58
C CYS E 252 -25.51 36.52 13.54
N THR E 253 -24.54 37.36 13.91
CA THR E 253 -23.60 37.93 12.95
C THR E 253 -22.17 37.85 13.46
N ILE E 254 -21.23 37.92 12.53
CA ILE E 254 -19.81 38.13 12.81
C ILE E 254 -19.47 39.55 12.39
N ILE E 255 -19.20 40.41 13.38
CA ILE E 255 -18.84 41.80 13.11
C ILE E 255 -17.43 41.89 12.55
N MET F 1 -61.85 20.72 -21.69
CA MET F 1 -63.15 21.10 -21.17
C MET F 1 -63.18 21.07 -19.68
N LEU F 2 -64.20 21.67 -19.08
CA LEU F 2 -64.36 21.55 -17.64
C LEU F 2 -65.56 20.67 -17.52
N ARG F 3 -65.86 19.96 -18.59
CA ARG F 3 -67.03 19.11 -18.59
C ARG F 3 -66.70 17.76 -18.06
N ASN F 4 -66.12 16.92 -18.90
CA ASN F 4 -65.80 15.58 -18.49
C ASN F 4 -65.14 15.56 -17.16
N LYS F 5 -64.33 16.58 -16.89
CA LYS F 5 -63.61 16.64 -15.64
C LYS F 5 -64.50 16.62 -14.43
N ILE F 6 -65.49 17.49 -14.38
CA ILE F 6 -66.32 17.60 -13.20
C ILE F 6 -67.18 16.37 -13.05
N LEU F 7 -66.88 15.34 -13.80
CA LEU F 7 -67.65 14.12 -13.70
C LEU F 7 -66.71 13.04 -13.30
N ALA F 8 -65.52 13.08 -13.86
CA ALA F 8 -64.53 12.12 -13.48
C ALA F 8 -64.40 12.25 -12.00
N ALA F 9 -64.39 13.49 -11.51
CA ALA F 9 -64.27 13.73 -10.10
C ALA F 9 -65.59 13.56 -9.39
N ILE F 10 -66.42 12.62 -9.81
CA ILE F 10 -67.72 12.37 -9.21
C ILE F 10 -68.17 13.49 -8.30
N PRO F 15 -76.97 9.13 -11.27
CA PRO F 15 -77.27 9.40 -12.66
C PRO F 15 -76.08 10.02 -13.35
N GLU F 16 -76.28 11.10 -14.08
CA GLU F 16 -75.19 11.80 -14.70
C GLU F 16 -75.57 13.24 -14.73
N GLU F 17 -76.57 13.57 -13.93
CA GLU F 17 -77.00 14.96 -13.86
C GLU F 17 -77.08 15.38 -12.42
N GLN F 18 -77.50 14.48 -11.54
CA GLN F 18 -77.51 14.81 -10.12
C GLN F 18 -76.07 15.03 -9.73
N LYS F 19 -75.19 14.43 -10.50
CA LYS F 19 -73.78 14.60 -10.25
C LYS F 19 -73.40 16.06 -10.32
N ILE F 20 -73.45 16.63 -11.51
CA ILE F 20 -73.01 18.00 -11.69
C ILE F 20 -73.67 18.90 -10.70
N ASN F 21 -74.75 18.46 -10.07
CA ASN F 21 -75.32 19.32 -9.04
C ASN F 21 -74.57 19.16 -7.73
N LYS F 22 -74.10 17.94 -7.43
CA LYS F 22 -73.43 17.64 -6.18
C LYS F 22 -72.11 18.39 -6.06
N TYR F 23 -71.33 18.44 -7.16
CA TYR F 23 -70.04 19.12 -7.15
C TYR F 23 -70.22 20.62 -6.93
N ILE F 24 -71.17 21.23 -7.64
CA ILE F 24 -71.30 22.69 -7.58
C ILE F 24 -72.00 23.11 -6.28
N GLU F 25 -72.94 22.29 -5.80
CA GLU F 25 -73.54 22.53 -4.48
C GLU F 25 -72.50 22.37 -3.37
N GLY F 26 -71.66 21.34 -3.47
CA GLY F 26 -70.60 21.16 -2.50
C GLY F 26 -69.52 22.22 -2.59
N LEU F 27 -69.44 22.92 -3.71
CA LEU F 27 -68.41 23.93 -3.88
C LEU F 27 -68.75 25.22 -3.18
N PHE F 28 -70.00 25.64 -3.27
CA PHE F 28 -70.37 26.95 -2.73
C PHE F 28 -70.44 26.95 -1.20
N GLN F 29 -70.73 25.80 -0.60
CA GLN F 29 -70.70 25.70 0.86
C GLN F 29 -69.29 25.70 1.45
N SER F 30 -68.24 25.74 0.62
CA SER F 30 -66.87 25.68 1.09
C SER F 30 -65.96 26.80 0.59
N ILE F 31 -66.42 27.69 -0.30
CA ILE F 31 -65.57 28.77 -0.80
C ILE F 31 -65.39 29.90 0.21
N ASP F 32 -66.08 29.83 1.35
CA ASP F 32 -65.87 30.78 2.42
C ASP F 32 -65.02 30.21 3.54
N LYS F 33 -64.50 29.00 3.32
CA LYS F 33 -63.64 28.36 4.31
C LYS F 33 -62.26 28.16 3.76
N ASN F 34 -61.99 28.69 2.58
CA ASN F 34 -60.65 28.63 2.03
C ASN F 34 -60.01 30.00 2.06
N HIS F 35 -58.81 30.11 2.61
CA HIS F 35 -58.13 31.39 2.75
C HIS F 35 -56.78 31.37 2.03
N LEU F 36 -56.12 32.51 1.86
CA LEU F 36 -54.81 32.60 1.19
C LEU F 36 -53.63 32.74 2.15
N ALA F 37 -52.50 32.08 1.88
CA ALA F 37 -51.39 32.11 2.81
C ALA F 37 -50.00 31.91 2.25
N THR F 38 -49.00 32.45 2.93
CA THR F 38 -47.62 32.24 2.53
C THR F 38 -46.93 31.41 3.60
N HIS F 39 -47.45 31.39 4.81
CA HIS F 39 -46.88 30.62 5.90
C HIS F 39 -47.98 29.85 6.61
N VAL F 40 -47.86 28.54 6.74
CA VAL F 40 -48.88 27.71 7.38
C VAL F 40 -48.34 26.95 8.57
N ALA F 41 -49.19 26.57 9.52
CA ALA F 41 -48.73 25.93 10.76
C ALA F 41 -48.78 24.42 10.83
N LYS F 42 -49.71 23.81 10.14
CA LYS F 42 -49.86 22.38 10.19
C LYS F 42 -48.86 21.69 9.29
N PHE F 43 -47.88 22.42 8.79
CA PHE F 43 -46.81 21.82 8.00
C PHE F 43 -45.76 21.31 8.96
N THR F 44 -45.80 21.73 10.22
CA THR F 44 -44.88 21.21 11.22
C THR F 44 -45.55 20.02 11.86
N GLU F 45 -46.64 20.23 12.57
CA GLU F 45 -47.40 19.11 13.11
C GLU F 45 -48.84 19.27 12.69
N THR F 46 -49.39 18.26 12.06
CA THR F 46 -50.74 18.31 11.58
C THR F 46 -51.73 17.97 12.65
N ASN F 47 -51.53 18.48 13.86
CA ASN F 47 -52.46 18.24 14.94
C ASN F 47 -52.69 19.56 15.62
N SER F 48 -52.34 20.64 14.94
CA SER F 48 -52.51 21.97 15.48
C SER F 48 -53.87 22.47 15.28
N PRO F 49 -54.62 22.65 16.36
CA PRO F 49 -56.00 23.03 16.20
C PRO F 49 -56.19 24.37 15.52
N GLY F 50 -57.02 24.46 14.51
CA GLY F 50 -57.34 25.73 13.90
C GLY F 50 -56.77 26.07 12.54
N ASN F 51 -56.93 27.30 12.10
CA ASN F 51 -56.34 27.73 10.86
C ASN F 51 -55.40 28.87 11.15
N ILE F 52 -54.19 28.57 11.57
CA ILE F 52 -53.23 29.59 11.96
C ILE F 52 -52.13 29.73 10.95
N GLY F 53 -51.97 30.90 10.36
CA GLY F 53 -50.96 31.14 9.35
C GLY F 53 -50.80 32.60 9.06
N ALA F 54 -50.12 32.95 7.96
CA ALA F 54 -49.86 34.35 7.65
C ALA F 54 -49.67 34.66 6.17
N TYR F 55 -49.98 35.90 5.76
CA TYR F 55 -49.76 36.31 4.38
C TYR F 55 -48.83 37.48 4.34
N ASP F 56 -47.59 37.25 3.94
CA ASP F 56 -46.60 38.31 3.97
C ASP F 56 -46.43 38.97 2.65
N ILE F 57 -47.15 40.06 2.41
CA ILE F 57 -46.97 40.81 1.20
C ILE F 57 -46.28 42.09 1.59
N LEU F 58 -44.96 42.09 1.50
CA LEU F 58 -44.20 43.27 1.85
C LEU F 58 -43.20 43.53 0.77
N SER F 59 -42.14 44.25 1.09
CA SER F 59 -41.20 44.64 0.05
C SER F 59 -39.81 44.08 0.13
N SER F 60 -39.23 43.78 -1.02
CA SER F 60 -37.91 43.22 -1.08
C SER F 60 -36.80 44.19 -0.74
N ASP F 61 -35.59 43.68 -0.53
CA ASP F 61 -34.46 44.54 -0.28
C ASP F 61 -33.40 44.25 -1.31
N MET F 62 -33.13 42.99 -1.56
CA MET F 62 -32.19 42.58 -2.62
C MET F 62 -30.71 42.76 -2.31
N ASN F 63 -30.38 43.44 -1.24
CA ASN F 63 -28.99 43.58 -0.84
C ASN F 63 -28.97 43.73 0.66
N CYS F 64 -29.33 42.68 1.37
CA CYS F 64 -29.42 42.75 2.80
C CYS F 64 -28.57 41.69 3.47
N GLY F 65 -28.25 40.63 2.76
CA GLY F 65 -27.44 39.56 3.31
C GLY F 65 -28.20 38.31 3.65
N TYR F 66 -29.52 38.34 3.54
CA TYR F 66 -30.32 37.22 3.93
C TYR F 66 -31.49 36.89 3.04
N LEU F 67 -31.84 35.61 2.92
CA LEU F 67 -33.00 35.19 2.13
C LEU F 67 -34.20 35.07 3.02
N ASP F 68 -35.34 35.47 2.52
CA ASP F 68 -36.56 35.44 3.27
C ASP F 68 -37.63 35.05 2.28
N THR F 69 -38.88 35.24 2.62
CA THR F 69 -39.96 34.91 1.72
C THR F 69 -40.32 36.08 0.84
N ALA F 70 -39.78 37.25 1.13
CA ALA F 70 -40.08 38.43 0.37
C ALA F 70 -38.94 38.86 -0.53
N ASN F 71 -37.82 38.18 -0.48
CA ASN F 71 -36.69 38.52 -1.30
C ASN F 71 -36.54 37.49 -2.37
N ALA F 72 -37.32 36.43 -2.31
CA ALA F 72 -37.27 35.43 -3.33
C ALA F 72 -38.34 35.73 -4.33
N GLY F 73 -38.48 34.90 -5.36
CA GLY F 73 -39.42 35.20 -6.39
C GLY F 73 -40.61 34.30 -6.44
N TRP F 74 -41.29 34.15 -5.33
CA TRP F 74 -42.39 33.24 -5.32
C TRP F 74 -43.39 33.71 -6.36
N LYS F 75 -43.87 32.80 -7.18
CA LYS F 75 -44.78 33.17 -8.25
C LYS F 75 -46.23 32.82 -8.01
N GLU F 76 -46.49 31.80 -7.22
CA GLU F 76 -47.85 31.37 -6.98
C GLU F 76 -48.21 31.39 -5.52
N PRO F 77 -49.32 32.03 -5.17
CA PRO F 77 -49.76 32.01 -3.79
C PRO F 77 -50.25 30.63 -3.37
N ASP F 78 -50.78 30.49 -2.17
CA ASP F 78 -51.33 29.22 -1.71
C ASP F 78 -52.70 29.37 -1.11
N ILE F 79 -53.54 28.35 -1.27
CA ILE F 79 -54.89 28.39 -0.78
C ILE F 79 -55.02 27.32 0.28
N VAL F 80 -55.52 27.65 1.46
CA VAL F 80 -55.54 26.70 2.56
C VAL F 80 -56.79 26.60 3.39
N THR F 81 -57.21 25.38 3.71
CA THR F 81 -58.37 25.15 4.55
C THR F 81 -57.95 24.57 5.89
N ASN F 82 -58.90 24.09 6.69
CA ASN F 82 -58.59 23.45 7.97
C ASN F 82 -58.83 21.97 7.92
N ASP F 83 -59.90 21.57 7.25
CA ASP F 83 -60.24 20.17 7.15
C ASP F 83 -60.30 19.79 5.71
N ALA F 84 -59.84 18.59 5.39
CA ALA F 84 -59.84 18.12 4.02
C ALA F 84 -61.24 18.08 3.43
N LYS F 85 -62.22 17.79 4.26
CA LYS F 85 -63.57 17.78 3.79
C LYS F 85 -63.73 18.96 2.91
N TYR F 86 -63.31 20.10 3.39
CA TYR F 86 -63.53 21.31 2.65
C TYR F 86 -62.35 21.65 1.79
N LYS F 87 -62.26 21.05 0.62
CA LYS F 87 -61.09 21.29 -0.22
C LYS F 87 -61.38 21.25 -1.70
N ARG F 88 -62.62 21.48 -2.08
CA ARG F 88 -62.96 21.37 -3.48
C ARG F 88 -62.47 22.57 -4.23
N PRO F 89 -62.55 23.74 -3.62
CA PRO F 89 -62.01 24.86 -4.43
C PRO F 89 -60.60 24.69 -4.98
N GLN F 90 -59.68 24.06 -4.24
CA GLN F 90 -58.30 23.98 -4.73
C GLN F 90 -58.19 23.03 -5.92
N GLY F 91 -59.03 22.00 -5.97
CA GLY F 91 -59.14 21.22 -7.19
C GLY F 91 -59.81 21.98 -8.32
N PHE F 92 -60.83 22.78 -7.98
CA PHE F 92 -61.62 23.51 -8.98
C PHE F 92 -60.78 24.55 -9.71
N VAL F 93 -59.90 25.25 -8.99
CA VAL F 93 -59.03 26.26 -9.56
C VAL F 93 -57.73 25.59 -10.07
N ALA F 94 -57.71 24.26 -10.12
CA ALA F 94 -56.56 23.54 -10.68
C ALA F 94 -56.86 22.78 -11.97
N MET F 95 -58.11 22.53 -12.31
CA MET F 95 -58.47 21.89 -13.59
C MET F 95 -58.06 22.74 -14.78
N GLU F 96 -57.17 22.23 -15.62
CA GLU F 96 -56.77 22.96 -16.81
C GLU F 96 -57.85 22.89 -17.88
N MET F 97 -58.05 23.99 -18.59
CA MET F 97 -59.12 24.02 -19.59
C MET F 97 -58.57 23.77 -20.98
N SER F 98 -59.32 24.14 -22.01
CA SER F 98 -58.91 23.87 -23.38
C SER F 98 -57.59 24.49 -23.81
N ASP F 99 -57.35 25.74 -23.43
CA ASP F 99 -56.16 26.43 -23.91
C ASP F 99 -54.91 26.22 -23.06
N GLY F 100 -54.88 25.14 -22.28
CA GLY F 100 -53.75 24.89 -21.42
C GLY F 100 -53.60 26.01 -20.42
N ARG F 101 -54.71 26.47 -19.88
CA ARG F 101 -54.67 27.51 -18.87
C ARG F 101 -55.44 27.06 -17.66
N THR F 102 -55.22 27.70 -16.52
CA THR F 102 -55.85 27.26 -15.28
C THR F 102 -57.04 28.10 -14.88
N VAL F 103 -58.13 27.45 -14.49
CA VAL F 103 -59.32 28.16 -14.04
C VAL F 103 -58.97 29.51 -13.39
N MET F 104 -57.82 29.56 -12.70
CA MET F 104 -57.36 30.77 -12.02
C MET F 104 -57.16 31.94 -12.98
N GLU F 105 -56.42 31.72 -14.06
CA GLU F 105 -56.13 32.77 -15.02
C GLU F 105 -57.38 33.23 -15.77
N HIS F 106 -58.29 32.30 -16.06
CA HIS F 106 -59.54 32.67 -16.74
C HIS F 106 -60.49 33.42 -15.81
N LEU F 107 -60.46 33.14 -14.51
CA LEU F 107 -61.36 33.84 -13.59
C LEU F 107 -60.88 35.23 -13.22
N GLN F 108 -59.67 35.60 -13.62
CA GLN F 108 -59.19 36.95 -13.38
C GLN F 108 -59.49 37.84 -14.57
N GLU F 109 -59.80 37.24 -15.72
CA GLU F 109 -60.08 37.99 -16.93
C GLU F 109 -61.50 37.75 -17.40
N ASP F 110 -62.09 36.65 -16.97
CA ASP F 110 -63.47 36.32 -17.33
C ASP F 110 -63.67 36.06 -18.82
N SER F 111 -62.67 35.52 -19.50
CA SER F 111 -62.85 35.20 -20.89
C SER F 111 -64.09 34.35 -20.95
N ALA F 112 -64.96 34.62 -21.91
CA ALA F 112 -66.22 33.90 -21.96
C ALA F 112 -66.01 32.44 -22.19
N GLU F 113 -64.79 32.06 -22.53
CA GLU F 113 -64.51 30.68 -22.77
C GLU F 113 -65.06 29.94 -21.59
N LEU F 114 -64.87 30.51 -20.41
CA LEU F 114 -65.44 29.91 -19.23
C LEU F 114 -66.85 30.42 -19.08
N ARG F 115 -67.00 31.73 -19.14
CA ARG F 115 -68.33 32.32 -19.03
C ARG F 115 -69.38 31.40 -19.67
N HIS F 116 -69.08 30.88 -20.87
CA HIS F 116 -70.04 30.06 -21.60
C HIS F 116 -70.19 28.68 -20.97
N GLU F 117 -69.05 28.03 -20.65
CA GLU F 117 -69.06 26.64 -20.22
C GLU F 117 -69.70 26.46 -18.84
N MET F 118 -69.54 27.43 -17.95
CA MET F 118 -70.10 27.27 -16.61
C MET F 118 -71.61 27.42 -16.62
N GLU F 119 -72.11 28.44 -17.34
CA GLU F 119 -73.51 28.85 -17.30
C GLU F 119 -74.45 27.75 -17.82
N GLU F 120 -73.96 26.87 -18.69
CA GLU F 120 -74.77 25.71 -19.06
C GLU F 120 -74.78 24.65 -17.96
N LEU F 121 -73.69 24.56 -17.18
CA LEU F 121 -73.62 23.53 -16.14
C LEU F 121 -74.05 24.00 -14.76
N THR F 122 -74.23 25.29 -14.54
CA THR F 122 -74.70 25.77 -13.25
C THR F 122 -75.54 27.02 -13.43
N ASP F 123 -76.10 27.51 -12.32
CA ASP F 123 -76.97 28.67 -12.30
C ASP F 123 -76.39 29.77 -11.41
N LYS F 124 -75.17 29.60 -10.91
CA LYS F 124 -74.63 30.50 -9.91
C LYS F 124 -73.14 30.79 -10.11
N TYR F 125 -72.68 30.93 -11.37
CA TYR F 125 -71.30 31.31 -11.64
C TYR F 125 -70.95 32.69 -11.09
N ASP F 126 -71.94 33.58 -10.99
CA ASP F 126 -71.71 34.93 -10.48
C ASP F 126 -71.27 34.90 -9.03
N GLU F 127 -71.95 34.11 -8.20
CA GLU F 127 -71.62 34.04 -6.77
C GLU F 127 -70.29 33.33 -6.53
N ILE F 128 -69.99 32.31 -7.34
CA ILE F 128 -68.75 31.54 -7.18
C ILE F 128 -67.54 32.39 -7.53
N ARG F 129 -67.61 33.19 -8.61
CA ARG F 129 -66.45 33.96 -9.06
C ARG F 129 -66.08 35.06 -8.06
N ASP F 130 -67.08 35.68 -7.42
CA ASP F 130 -66.80 36.68 -6.40
C ASP F 130 -66.16 36.08 -5.15
N GLY F 131 -66.37 34.80 -4.91
CA GLY F 131 -65.75 34.15 -3.76
C GLY F 131 -64.43 33.46 -4.03
N ILE F 132 -63.85 33.65 -5.21
CA ILE F 132 -62.54 33.07 -5.52
C ILE F 132 -61.65 34.24 -5.95
N LEU F 133 -62.26 35.41 -6.11
CA LEU F 133 -61.52 36.60 -6.53
C LEU F 133 -61.28 37.61 -5.43
N ASN F 134 -62.11 37.61 -4.39
CA ASN F 134 -61.85 38.36 -3.16
C ASN F 134 -61.78 37.34 -2.01
N MET F 135 -60.61 36.77 -1.80
CA MET F 135 -60.51 35.77 -0.74
C MET F 135 -59.85 36.37 0.49
N PRO F 136 -60.31 35.99 1.69
CA PRO F 136 -59.71 36.51 2.91
C PRO F 136 -58.31 35.97 3.12
N SER F 137 -57.53 36.72 3.91
CA SER F 137 -56.16 36.36 4.22
C SER F 137 -56.10 35.61 5.54
N MET F 138 -55.07 34.77 5.67
CA MET F 138 -54.83 34.03 6.91
C MET F 138 -54.28 34.97 7.98
N GLN F 139 -54.80 34.83 9.20
CA GLN F 139 -54.37 35.70 10.28
C GLN F 139 -53.78 34.89 11.42
N PRO F 140 -52.67 35.35 12.01
CA PRO F 140 -52.16 34.70 13.22
C PRO F 140 -52.89 35.19 14.46
N TYR F 141 -53.64 34.32 15.11
CA TYR F 141 -54.46 34.73 16.25
C TYR F 141 -54.16 34.07 17.59
N ARG F 142 -53.59 32.88 17.56
CA ARG F 142 -53.28 32.19 18.81
C ARG F 142 -52.16 31.20 18.57
N THR F 143 -51.66 30.63 19.66
CA THR F 143 -50.59 29.64 19.63
C THR F 143 -51.02 28.40 20.41
N ASN F 144 -50.32 27.30 20.15
CA ASN F 144 -50.62 26.02 20.78
C ASN F 144 -49.36 25.24 21.08
N GLN F 145 -49.49 24.06 21.65
CA GLN F 145 -48.35 23.22 22.05
C GLN F 145 -47.63 22.59 20.86
N PHE F 146 -48.21 22.62 19.68
CA PHE F 146 -47.66 21.95 18.52
C PHE F 146 -46.85 22.87 17.63
N ILE F 147 -46.85 24.17 17.90
CA ILE F 147 -46.05 25.15 17.19
C ILE F 147 -44.83 25.46 18.04
N LYS F 148 -43.66 25.49 17.40
CA LYS F 148 -42.41 25.62 18.13
C LYS F 148 -42.23 27.02 18.69
N GLN F 149 -42.04 27.10 20.01
CA GLN F 149 -41.88 28.36 20.72
C GLN F 149 -40.52 28.40 21.41
N VAL F 150 -39.74 29.45 21.13
CA VAL F 150 -38.39 29.59 21.65
C VAL F 150 -38.22 31.00 22.22
N PHE F 151 -37.16 31.18 22.99
CA PHE F 151 -36.82 32.46 23.60
C PHE F 151 -35.67 33.11 22.84
N PHE F 152 -35.63 34.44 22.82
CA PHE F 152 -34.54 35.15 22.18
C PHE F 152 -34.19 36.37 23.04
N PRO F 153 -32.91 36.61 23.30
CA PRO F 153 -32.52 37.74 24.15
C PRO F 153 -32.67 39.07 23.42
N VAL F 154 -33.47 39.97 23.98
CA VAL F 154 -33.56 41.33 23.44
C VAL F 154 -33.29 42.27 24.60
N GLY F 155 -32.05 42.77 24.68
CA GLY F 155 -31.65 43.90 25.50
C GLY F 155 -31.90 43.83 27.00
N GLY F 156 -31.27 42.88 27.69
CA GLY F 156 -31.50 42.71 29.10
C GLY F 156 -32.70 41.89 29.47
N SER F 157 -33.55 41.53 28.51
CA SER F 157 -34.72 40.71 28.75
C SER F 157 -34.86 39.75 27.58
N TYR F 158 -36.00 39.07 27.50
CA TYR F 158 -36.22 38.04 26.50
C TYR F 158 -37.55 38.24 25.79
N HIS F 159 -37.61 37.79 24.55
CA HIS F 159 -38.82 37.75 23.75
C HIS F 159 -39.16 36.31 23.41
N LEU F 160 -40.45 35.99 23.45
CA LEU F 160 -40.94 34.65 23.12
C LEU F 160 -41.40 34.64 21.67
N LEU F 161 -40.84 33.73 20.87
CA LEU F 161 -41.07 33.73 19.44
C LEU F 161 -41.67 32.40 19.01
N SER F 162 -42.72 32.45 18.21
CA SER F 162 -43.35 31.27 17.62
C SER F 162 -43.02 31.21 16.15
N ILE F 163 -42.43 30.10 15.72
CA ILE F 163 -41.90 29.96 14.36
C ILE F 163 -42.97 29.30 13.49
N LEU F 164 -43.27 29.92 12.36
CA LEU F 164 -44.16 29.34 11.37
C LEU F 164 -43.38 29.05 10.09
N PRO F 165 -43.51 27.84 9.54
CA PRO F 165 -42.79 27.51 8.32
C PRO F 165 -43.42 28.15 7.09
N SER F 166 -42.60 28.26 6.04
CA SER F 166 -43.01 28.91 4.80
C SER F 166 -43.35 27.85 3.75
N THR F 167 -44.56 27.93 3.21
CA THR F 167 -45.00 26.96 2.21
C THR F 167 -44.60 27.37 0.80
N VAL F 168 -44.59 28.66 0.50
CA VAL F 168 -44.27 29.11 -0.84
C VAL F 168 -42.78 29.00 -1.12
N LEU F 169 -41.94 29.15 -0.08
CA LEU F 169 -40.51 29.03 -0.27
C LEU F 169 -40.09 27.59 -0.50
N ASN F 170 -40.81 26.64 0.08
CA ASN F 170 -40.48 25.24 -0.08
C ASN F 170 -40.80 24.78 -1.48
N TYR F 171 -41.86 25.33 -2.07
CA TYR F 171 -42.23 24.97 -3.43
C TYR F 171 -41.25 25.52 -4.46
N GLU F 172 -40.59 26.64 -4.18
CA GLU F 172 -39.70 27.24 -5.16
C GLU F 172 -38.26 26.79 -5.02
N VAL F 173 -37.85 26.26 -3.87
CA VAL F 173 -36.55 25.62 -3.80
C VAL F 173 -36.57 24.30 -4.57
N SER F 174 -37.68 23.57 -4.51
CA SER F 174 -37.75 22.25 -5.15
C SER F 174 -37.82 22.36 -6.68
N ASP F 175 -38.51 23.37 -7.21
CA ASP F 175 -38.53 23.56 -8.66
C ASP F 175 -37.18 24.03 -9.17
N ARG F 176 -36.53 24.93 -8.45
CA ARG F 176 -35.25 25.47 -8.90
C ARG F 176 -34.06 24.56 -8.58
N LEU F 177 -34.28 23.40 -7.97
CA LEU F 177 -33.21 22.43 -7.74
C LEU F 177 -33.39 21.16 -8.54
N TYR F 178 -34.50 21.01 -9.25
CA TYR F 178 -34.69 19.85 -10.10
C TYR F 178 -33.86 19.95 -11.38
N ARG F 179 -33.34 21.14 -11.68
CA ARG F 179 -32.60 21.42 -12.90
C ARG F 179 -31.26 22.05 -12.53
N SER F 180 -30.56 21.45 -11.57
CA SER F 180 -29.34 22.02 -11.03
C SER F 180 -28.43 20.90 -10.53
N LYS F 181 -27.16 21.25 -10.30
CA LYS F 181 -26.14 20.27 -9.99
C LYS F 181 -25.50 20.45 -8.62
N ILE F 182 -25.95 21.42 -7.83
CA ILE F 182 -25.44 21.58 -6.46
C ILE F 182 -26.05 20.47 -5.60
N PRO F 183 -25.40 20.03 -4.51
CA PRO F 183 -25.93 18.91 -3.71
C PRO F 183 -27.31 19.17 -3.11
N LYS F 184 -28.13 18.13 -3.10
CA LYS F 184 -29.51 18.22 -2.69
C LYS F 184 -29.93 16.90 -2.07
N ILE F 185 -31.02 16.95 -1.30
CA ILE F 185 -31.56 15.79 -0.58
C ILE F 185 -33.07 15.78 -0.77
N ARG F 186 -33.64 14.61 -1.04
CA ARG F 186 -35.08 14.43 -1.13
C ARG F 186 -35.60 13.74 0.11
N LEU F 187 -36.65 14.31 0.70
CA LEU F 187 -37.29 13.78 1.90
C LEU F 187 -38.57 13.07 1.50
N ARG F 188 -38.69 11.80 1.87
CA ARG F 188 -39.82 10.98 1.43
C ARG F 188 -40.64 10.46 2.60
N LEU F 189 -40.95 11.32 3.57
CA LEU F 189 -41.57 10.88 4.81
C LEU F 189 -43.05 11.16 4.92
N LEU F 190 -43.60 12.08 4.11
CA LEU F 190 -44.99 12.48 4.22
C LEU F 190 -45.84 11.67 3.25
N SER F 191 -46.96 11.14 3.74
CA SER F 191 -47.86 10.34 2.92
C SER F 191 -48.89 11.23 2.24
N SER F 192 -49.74 10.61 1.40
CA SER F 192 -50.75 11.36 0.68
C SER F 192 -51.88 11.81 1.59
N ASN F 193 -52.31 10.95 2.52
CA ASN F 193 -53.40 11.28 3.42
C ASN F 193 -53.00 12.36 4.43
N ALA F 194 -51.76 12.33 4.90
CA ALA F 194 -51.31 13.32 5.87
C ALA F 194 -51.04 14.67 5.21
N ALA F 195 -50.66 14.66 3.93
CA ALA F 195 -50.50 15.91 3.19
C ALA F 195 -51.83 16.62 3.00
N SER F 196 -52.91 15.86 2.82
CA SER F 196 -54.24 16.46 2.69
C SER F 196 -54.71 17.04 4.02
N THR F 197 -54.24 16.47 5.13
CA THR F 197 -54.57 16.96 6.47
C THR F 197 -54.00 18.34 6.74
N THR F 198 -52.87 18.68 6.10
CA THR F 198 -52.26 20.01 6.25
C THR F 198 -53.18 21.10 5.71
N GLY F 199 -53.83 20.82 4.58
CA GLY F 199 -54.85 21.70 4.06
C GLY F 199 -54.39 22.64 2.98
N SER F 200 -53.15 22.54 2.54
CA SER F 200 -52.58 23.48 1.58
C SER F 200 -52.41 22.82 0.23
N ARG F 201 -52.56 23.62 -0.82
CA ARG F 201 -52.44 23.11 -2.18
C ARG F 201 -51.00 22.74 -2.52
N LEU F 202 -50.04 23.53 -2.05
CA LEU F 202 -48.65 23.35 -2.43
C LEU F 202 -47.98 22.18 -1.73
N VAL F 203 -48.56 21.66 -0.65
CA VAL F 203 -48.02 20.48 0.03
C VAL F 203 -48.66 19.20 -0.51
N SER F 204 -49.91 19.25 -0.96
CA SER F 204 -50.51 18.09 -1.59
C SER F 204 -50.02 17.87 -3.01
N LYS F 205 -49.37 18.86 -3.62
CA LYS F 205 -48.76 18.69 -4.92
C LYS F 205 -47.30 18.26 -4.81
N ASN F 206 -46.56 18.88 -3.90
CA ASN F 206 -45.21 18.47 -3.58
C ASN F 206 -45.23 17.94 -2.15
N LYS F 207 -45.35 16.61 -2.02
CA LYS F 207 -45.32 15.98 -0.71
C LYS F 207 -43.96 15.42 -0.36
N TRP F 208 -43.11 15.21 -1.37
CA TRP F 208 -41.74 14.75 -1.18
C TRP F 208 -40.81 15.84 -1.71
N PRO F 209 -40.49 16.85 -0.91
CA PRO F 209 -39.75 18.01 -1.42
C PRO F 209 -38.26 17.73 -1.61
N LEU F 210 -37.62 18.63 -2.33
CA LEU F 210 -36.18 18.64 -2.51
C LEU F 210 -35.60 19.84 -1.75
N VAL F 211 -34.55 19.61 -0.98
CA VAL F 211 -33.99 20.62 -0.08
C VAL F 211 -32.49 20.69 -0.28
N PHE F 212 -31.88 21.72 0.33
CA PHE F 212 -30.44 21.91 0.28
C PHE F 212 -29.72 20.92 1.20
N GLN F 213 -28.51 20.56 0.79
CA GLN F 213 -27.60 19.80 1.64
C GLN F 213 -26.48 20.72 2.13
N ALA F 214 -26.31 20.81 3.44
CA ALA F 214 -25.34 21.72 4.06
C ALA F 214 -24.49 20.92 5.05
N LEU F 215 -23.43 20.31 4.57
CA LEU F 215 -22.62 19.47 5.41
C LEU F 215 -21.19 20.02 5.52
N PRO F 216 -20.46 19.66 6.57
CA PRO F 216 -19.01 19.94 6.61
C PRO F 216 -18.27 19.19 5.51
N PRO F 217 -17.04 19.60 5.17
CA PRO F 217 -16.32 18.94 4.07
C PRO F 217 -15.98 17.48 4.34
N LYS F 218 -15.78 16.75 3.25
CA LYS F 218 -15.92 15.30 3.21
C LYS F 218 -14.70 14.57 3.73
N PHE F 219 -13.63 15.27 4.09
CA PHE F 219 -12.51 14.63 4.76
C PHE F 219 -12.72 14.55 6.27
N LEU F 220 -13.85 15.05 6.75
CA LEU F 220 -14.21 15.05 8.16
C LEU F 220 -15.43 14.18 8.42
N GLU F 221 -15.56 13.07 7.71
CA GLU F 221 -16.67 12.16 7.89
C GLU F 221 -16.18 10.90 8.60
N LYS F 222 -16.97 10.43 9.55
CA LYS F 222 -16.59 9.29 10.37
C LYS F 222 -16.51 8.00 9.56
N ASN F 223 -15.55 7.15 9.92
CA ASN F 223 -15.38 5.84 9.33
C ASN F 223 -14.62 4.98 10.32
N LEU F 224 -14.38 3.73 9.94
CA LEU F 224 -13.75 2.77 10.84
C LEU F 224 -12.28 3.11 11.09
N ALA F 225 -11.61 3.71 10.11
CA ALA F 225 -10.20 4.07 10.26
C ALA F 225 -10.01 5.17 11.30
N LYS F 226 -10.93 6.14 11.35
CA LYS F 226 -10.84 7.26 12.27
C LYS F 226 -11.53 6.91 13.59
N ALA F 227 -11.81 5.64 13.79
CA ALA F 227 -12.36 5.14 15.05
C ALA F 227 -11.48 4.09 15.70
N LEU F 228 -10.58 3.49 14.93
CA LEU F 228 -9.65 2.51 15.53
C LEU F 228 -8.39 3.27 15.95
N ASP F 229 -8.34 4.57 15.68
CA ASP F 229 -7.15 5.39 16.03
C ASP F 229 -7.38 6.07 17.39
N LYS F 230 -8.54 5.84 18.00
CA LYS F 230 -8.82 6.43 19.33
C LYS F 230 -8.95 5.29 20.36
N GLU F 231 -8.48 4.10 20.00
CA GLU F 231 -8.50 2.95 20.95
C GLU F 231 -7.06 2.48 21.18
N TYR F 232 -6.80 1.78 22.28
CA TYR F 232 -5.42 1.44 22.60
C TYR F 232 -5.34 0.00 23.09
N LEU F 233 -4.25 -0.68 22.75
CA LEU F 233 -4.10 -2.09 23.04
C LEU F 233 -3.55 -2.33 24.44
N LEU F 234 -3.85 -3.51 24.98
CA LEU F 234 -3.42 -4.00 26.27
C LEU F 234 -2.85 -5.39 26.09
N PRO F 235 -1.88 -5.80 26.92
CA PRO F 235 -1.22 -7.09 26.70
C PRO F 235 -2.08 -8.28 27.12
N ASP F 236 -1.62 -9.46 26.72
CA ASP F 236 -2.33 -10.72 26.95
C ASP F 236 -1.73 -11.54 28.08
N ILE F 237 -0.89 -10.92 28.91
CA ILE F 237 -0.22 -11.61 30.01
C ILE F 237 -0.44 -10.83 31.30
N ASN F 238 -0.80 -11.54 32.37
CA ASN F 238 -0.98 -10.95 33.68
C ASN F 238 0.26 -11.29 34.51
N ILE F 239 1.03 -10.26 34.87
CA ILE F 239 2.30 -10.41 35.58
C ILE F 239 2.06 -10.92 37.01
N ASP F 240 0.88 -10.65 37.58
CA ASP F 240 0.54 -10.91 38.99
C ASP F 240 0.71 -12.38 39.39
N GLU F 241 0.45 -13.31 38.47
CA GLU F 241 0.70 -14.72 38.72
C GLU F 241 1.71 -15.35 37.77
N LEU F 242 2.28 -14.58 36.86
CA LEU F 242 3.23 -15.14 35.89
C LEU F 242 4.61 -15.42 36.50
N GLY F 244 8.34 -16.56 37.06
CA GLY F 244 9.38 -15.96 36.25
C GLY F 244 9.58 -14.50 36.57
N VAL F 245 8.76 -13.99 37.49
CA VAL F 245 8.82 -12.59 37.92
C VAL F 245 8.64 -12.55 39.44
N ASP F 246 9.51 -11.80 40.12
CA ASP F 246 9.37 -11.55 41.55
C ASP F 246 9.14 -10.06 41.81
N ASN F 247 7.92 -9.74 42.29
CA ASN F 247 7.49 -8.40 42.68
C ASN F 247 7.60 -7.37 41.56
N GLY F 248 7.52 -7.81 40.31
CA GLY F 248 7.53 -6.89 39.20
C GLY F 248 8.79 -6.97 38.36
N CYS F 249 9.76 -7.77 38.78
CA CYS F 249 11.07 -7.79 38.14
C CYS F 249 11.30 -9.15 37.51
N LEU F 250 11.76 -9.14 36.26
CA LEU F 250 11.88 -10.35 35.45
C LEU F 250 13.12 -11.14 35.87
N ILE F 251 12.91 -12.25 36.56
CA ILE F 251 14.03 -13.04 37.06
C ILE F 251 14.64 -13.97 36.03
N ASP F 252 13.82 -14.51 35.13
CA ASP F 252 14.31 -15.48 34.18
C ASP F 252 14.69 -14.76 32.88
N GLU F 253 15.90 -15.05 32.40
CA GLU F 253 16.36 -14.47 31.14
C GLU F 253 15.63 -15.09 29.95
N ALA F 254 15.17 -16.34 30.10
CA ALA F 254 14.40 -17.00 29.06
C ALA F 254 12.99 -16.42 28.91
N LEU F 255 12.49 -15.71 29.91
CA LEU F 255 11.19 -15.04 29.81
C LEU F 255 11.28 -13.70 29.11
N LEU F 256 12.50 -13.28 28.78
CA LEU F 256 12.64 -12.05 28.00
C LEU F 256 12.09 -12.31 26.62
N PRO F 257 12.57 -13.36 25.93
CA PRO F 257 11.94 -13.62 24.62
C PRO F 257 10.41 -13.63 24.62
N LEU F 258 9.76 -13.99 25.73
CA LEU F 258 8.30 -13.91 25.81
C LEU F 258 7.82 -12.46 25.69
N ILE F 259 8.51 -11.54 26.38
CA ILE F 259 8.21 -10.10 26.27
C ILE F 259 8.47 -9.62 24.84
N ILE F 260 9.58 -10.07 24.23
CA ILE F 260 9.90 -9.68 22.85
C ILE F 260 8.84 -10.19 21.87
N ASP F 261 8.40 -11.45 22.02
CA ASP F 261 7.39 -11.99 21.12
C ASP F 261 6.01 -11.38 21.36
N GLU F 262 5.66 -11.02 22.61
CA GLU F 262 4.39 -10.36 22.84
C GLU F 262 4.39 -8.98 22.21
N GLY F 263 5.49 -8.23 22.40
CA GLY F 263 5.60 -6.92 21.77
C GLY F 263 5.69 -6.99 20.25
N LYS F 264 6.23 -8.08 19.73
CA LYS F 264 6.24 -8.29 18.29
C LYS F 264 4.85 -8.59 17.77
N ARG F 265 4.10 -9.43 18.48
CA ARG F 265 2.75 -9.82 18.06
C ARG F 265 1.79 -8.64 18.12
N LYS F 266 1.52 -8.12 19.32
CA LYS F 266 0.64 -6.97 19.46
C LYS F 266 1.36 -5.70 19.06
N GLY F 267 0.62 -4.78 18.44
CA GLY F 267 1.17 -3.54 17.93
C GLY F 267 2.30 -3.68 16.93
N GLU F 268 2.13 -4.55 15.94
CA GLU F 268 3.16 -4.77 14.94
C GLU F 268 3.03 -3.80 13.77
N GLY F 269 1.89 -3.81 13.09
CA GLY F 269 1.73 -3.01 11.89
C GLY F 269 0.79 -1.84 12.11
N ASN F 270 0.77 -1.33 13.33
CA ASN F 270 -0.08 -0.19 13.69
C ASN F 270 0.84 0.95 14.11
N TYR F 271 1.33 1.70 13.13
CA TYR F 271 2.09 2.91 13.45
C TYR F 271 1.13 4.07 13.64
N ARG F 272 1.40 4.89 14.66
CA ARG F 272 0.53 6.00 15.00
C ARG F 272 1.38 7.24 15.20
N PRO F 273 1.14 8.30 14.42
CA PRO F 273 1.90 9.53 14.69
C PRO F 273 1.65 10.04 16.08
N ARG F 274 2.39 11.06 16.50
CA ARG F 274 2.28 11.54 17.87
C ARG F 274 0.89 12.01 18.23
N HIS F 275 0.30 12.86 17.40
CA HIS F 275 -1.01 13.40 17.72
C HIS F 275 -1.98 12.29 18.05
N LEU F 276 -1.66 11.08 17.63
CA LEU F 276 -2.52 9.95 17.87
C LEU F 276 -1.84 8.99 18.81
N ARG F 277 -1.53 9.45 20.02
CA ARG F 277 -0.93 8.55 20.99
C ARG F 277 -1.44 9.01 22.35
N ASP F 278 -1.73 8.07 23.24
CA ASP F 278 -2.17 8.46 24.58
C ASP F 278 -1.00 9.01 25.38
N GLU F 279 -1.29 10.03 26.18
CA GLU F 279 -0.26 10.66 26.97
C GLU F 279 0.37 9.69 27.92
N ARG F 280 1.52 10.06 28.44
CA ARG F 280 2.25 9.22 29.39
C ARG F 280 2.24 9.82 30.79
N LYS F 281 1.06 9.80 31.41
CA LYS F 281 0.88 10.27 32.78
C LYS F 281 1.72 9.49 33.78
N GLU F 282 2.32 10.22 34.72
CA GLU F 282 3.22 9.61 35.71
C GLU F 282 2.45 8.75 36.71
N GLU F 283 1.13 8.95 36.83
CA GLU F 283 0.33 8.22 37.81
C GLU F 283 0.32 6.71 37.60
N THR F 284 0.45 6.26 36.35
CA THR F 284 0.39 4.81 36.09
C THR F 284 1.66 4.10 36.56
N VAL F 285 2.84 4.72 36.40
CA VAL F 285 4.05 4.11 36.95
C VAL F 285 4.09 4.31 38.46
N GLN F 286 3.38 5.32 38.97
CA GLN F 286 3.12 5.41 40.39
C GLN F 286 2.20 4.26 40.84
N ALA F 287 1.14 4.01 40.07
CA ALA F 287 0.16 2.98 40.47
C ALA F 287 0.72 1.58 40.34
N PHE F 288 1.62 1.37 39.38
CA PHE F 288 2.28 0.06 39.23
C PHE F 288 3.17 -0.24 40.43
N LEU F 289 3.89 0.77 40.90
CA LEU F 289 4.81 0.55 42.02
C LEU F 289 4.04 0.26 43.29
N ASP F 290 2.96 0.97 43.50
CA ASP F 290 2.14 0.73 44.68
C ASP F 290 1.94 -0.76 44.91
N LYS F 291 1.44 -1.47 43.90
CA LYS F 291 1.17 -2.90 44.04
C LYS F 291 2.36 -3.63 44.65
N TYR F 292 3.58 -3.20 44.33
CA TYR F 292 4.77 -3.89 44.76
C TYR F 292 5.67 -3.05 45.67
N GLY F 293 5.23 -1.85 46.04
CA GLY F 293 6.01 -1.03 46.97
C GLY F 293 7.13 -0.28 46.27
N TYR F 294 8.32 -0.37 46.86
CA TYR F 294 9.63 0.19 46.49
C TYR F 294 9.75 1.70 46.66
N CYS F 295 8.62 2.43 46.70
CA CYS F 295 8.49 3.88 46.83
C CYS F 295 9.29 4.68 45.77
N ASN F 296 9.89 4.04 44.78
CA ASN F 296 11.02 4.56 44.01
C ASN F 296 11.32 3.53 42.93
N ILE F 297 11.90 3.97 41.81
CA ILE F 297 12.34 2.99 40.81
C ILE F 297 13.57 2.26 41.33
N PRO F 298 13.59 0.93 41.38
CA PRO F 298 14.82 0.20 41.73
C PRO F 298 15.85 0.34 40.62
N VAL F 299 16.70 1.37 40.73
CA VAL F 299 17.68 1.80 39.73
C VAL F 299 18.54 0.64 39.23
N GLY F 300 18.71 0.57 37.91
CA GLY F 300 19.06 -0.67 37.25
C GLY F 300 17.87 -1.38 36.63
N TYR F 301 16.67 -0.80 36.74
CA TYR F 301 15.47 -1.32 36.12
C TYR F 301 14.69 -0.16 35.51
N GLU F 302 13.86 -0.47 34.52
CA GLU F 302 13.07 0.54 33.82
C GLU F 302 11.71 -0.05 33.46
N VAL F 303 10.67 0.80 33.54
CA VAL F 303 9.33 0.42 33.13
C VAL F 303 9.27 0.36 31.60
N HIS F 304 8.96 -0.81 31.07
CA HIS F 304 8.78 -1.00 29.63
C HIS F 304 7.34 -1.39 29.35
N HIS F 305 6.65 -0.57 28.55
CA HIS F 305 5.34 -0.93 28.01
C HIS F 305 5.51 -2.14 27.11
N ILE F 306 5.02 -3.29 27.49
CA ILE F 306 5.26 -4.50 26.71
C ILE F 306 4.76 -4.29 25.31
N VAL F 307 3.90 -3.29 25.12
CA VAL F 307 3.45 -2.96 23.77
C VAL F 307 3.76 -1.49 23.66
N PRO F 308 4.64 -1.13 22.73
CA PRO F 308 5.10 0.25 22.63
C PRO F 308 4.01 1.30 22.58
N LEU F 309 4.05 2.29 23.48
CA LEU F 309 3.08 3.39 23.42
C LEU F 309 3.31 4.20 22.21
N SER F 310 4.15 3.72 21.32
CA SER F 310 4.41 4.39 20.05
C SER F 310 3.96 3.57 18.86
N GLN F 311 3.75 2.26 19.03
CA GLN F 311 3.15 1.41 18.00
C GLN F 311 1.73 1.01 18.40
N GLY F 312 1.12 1.79 19.30
CA GLY F 312 -0.23 1.55 19.74
C GLY F 312 -0.28 0.75 21.03
N GLY F 313 -0.58 1.42 22.14
CA GLY F 313 -0.63 0.76 23.42
C GLY F 313 -1.29 1.65 24.45
N ALA F 314 -1.88 1.02 25.46
CA ALA F 314 -2.59 1.77 26.48
C ALA F 314 -1.63 2.25 27.55
N ASP F 315 -1.92 3.43 28.10
CA ASP F 315 -1.15 3.96 29.20
C ASP F 315 -1.78 3.44 30.49
N SER F 316 -1.53 2.17 30.76
CA SER F 316 -2.26 1.46 31.81
C SER F 316 -1.30 0.57 32.59
N ILE F 317 -1.77 0.17 33.77
CA ILE F 317 -1.02 -0.69 34.70
C ILE F 317 -0.67 -2.03 34.05
N LYS F 318 -1.55 -2.55 33.20
CA LYS F 318 -1.30 -3.83 32.54
C LYS F 318 -0.16 -3.74 31.53
N ASN F 319 -0.10 -2.66 30.76
CA ASN F 319 0.90 -2.52 29.70
C ASN F 319 2.17 -1.87 30.25
N MET F 320 2.82 -2.60 31.15
CA MET F 320 4.19 -2.33 31.60
C MET F 320 4.72 -3.56 32.32
N ILE F 321 6.03 -3.74 32.25
CA ILE F 321 6.73 -4.74 33.06
C ILE F 321 8.14 -4.21 33.31
N MET F 322 8.59 -4.33 34.56
CA MET F 322 9.85 -3.76 34.98
C MET F 322 10.98 -4.76 34.74
N LEU F 323 11.94 -4.39 33.89
CA LEU F 323 13.06 -5.25 33.54
C LEU F 323 14.36 -4.46 33.63
N SER F 324 15.46 -5.20 33.71
CA SER F 324 16.78 -4.60 33.88
C SER F 324 17.21 -3.80 32.65
N ILE F 325 18.12 -2.84 32.88
CA ILE F 325 18.65 -1.97 31.82
C ILE F 325 19.38 -2.78 30.76
N GLU F 326 20.15 -3.79 31.18
CA GLU F 326 20.83 -4.70 30.25
C GLU F 326 19.80 -5.47 29.43
N HIS F 327 18.72 -5.90 30.07
CA HIS F 327 17.59 -6.44 29.34
C HIS F 327 16.88 -5.36 28.52
N HIS F 328 16.82 -4.12 29.04
CA HIS F 328 16.10 -3.07 28.34
C HIS F 328 16.79 -2.66 27.03
N GLU F 329 18.13 -2.69 26.99
CA GLU F 329 18.83 -2.41 25.74
C GLU F 329 18.53 -3.47 24.68
N ARG F 330 18.26 -4.71 25.10
CA ARG F 330 17.84 -5.75 24.17
C ARG F 330 16.50 -5.43 23.52
N VAL F 331 15.50 -5.02 24.32
CA VAL F 331 14.14 -4.96 23.81
C VAL F 331 13.92 -3.72 22.95
N THR F 332 14.53 -2.58 23.33
CA THR F 332 14.29 -1.33 22.59
C THR F 332 14.94 -1.37 21.20
N GLU F 333 15.92 -2.24 21.00
CA GLU F 333 16.57 -2.40 19.71
C GLU F 333 15.82 -3.40 18.82
N ALA F 334 15.30 -4.47 19.43
CA ALA F 334 14.57 -5.49 18.67
C ALA F 334 13.30 -4.95 18.06
N HIS F 335 12.53 -4.19 18.85
CA HIS F 335 11.27 -3.65 18.35
C HIS F 335 11.50 -2.45 17.43
N ALA F 336 12.61 -1.74 17.60
CA ALA F 336 13.01 -0.74 16.60
C ALA F 336 13.33 -1.41 15.27
N SER F 337 14.03 -2.53 15.31
CA SER F 337 14.36 -3.29 14.11
C SER F 337 13.13 -4.02 13.58
N THR G 1 21.29 23.30 -49.82
CA THR G 1 21.45 24.12 -48.62
C THR G 1 20.91 23.38 -47.40
N LEU G 2 21.69 23.38 -46.32
CA LEU G 2 21.33 22.70 -45.08
C LEU G 2 21.06 23.73 -44.00
N LYS G 3 19.89 23.64 -43.38
CA LYS G 3 19.56 24.41 -42.20
C LYS G 3 19.41 23.45 -41.02
N SER G 4 20.11 23.77 -39.92
CA SER G 4 20.09 23.07 -38.63
C SER G 4 20.73 21.69 -38.68
N ARG G 5 21.02 21.12 -37.51
CA ARG G 5 21.56 19.79 -37.36
C ARG G 5 20.44 18.77 -37.29
N PRO G 6 20.69 17.50 -37.67
CA PRO G 6 19.63 16.50 -37.66
C PRO G 6 19.15 16.16 -36.26
N GLU G 7 17.97 15.54 -36.22
CA GLU G 7 17.25 15.34 -34.97
C GLU G 7 17.88 14.22 -34.13
N ASN G 8 18.64 13.34 -34.76
CA ASN G 8 19.42 12.31 -34.07
C ASN G 8 20.79 12.26 -34.73
N LEU G 9 21.82 12.76 -34.04
CA LEU G 9 23.19 12.69 -34.52
C LEU G 9 24.09 12.20 -33.40
N SER G 10 24.95 11.23 -33.71
CA SER G 10 25.80 10.64 -32.69
C SER G 10 27.07 10.10 -33.33
N PHE G 11 28.18 10.20 -32.59
CA PHE G 11 29.47 9.66 -33.00
C PHE G 11 29.98 8.67 -31.97
N ALA G 12 30.81 7.74 -32.43
CA ALA G 12 31.41 6.71 -31.59
C ALA G 12 32.89 7.02 -31.38
N ARG G 13 33.47 6.33 -30.40
CA ARG G 13 34.88 6.53 -30.06
C ARG G 13 35.80 6.00 -31.15
N CYS G 14 37.01 6.54 -31.17
CA CYS G 14 38.09 6.03 -32.00
C CYS G 14 39.33 5.67 -31.19
N LEU G 15 39.36 5.98 -29.90
CA LEU G 15 40.43 5.60 -29.00
C LEU G 15 39.78 4.88 -27.82
N ASN G 16 39.67 3.56 -27.92
CA ASN G 16 38.98 2.76 -26.92
C ASN G 16 40.01 2.14 -25.98
N THR G 17 39.95 2.50 -24.70
CA THR G 17 40.95 2.14 -23.71
C THR G 17 40.35 1.14 -22.73
N THR G 18 41.15 0.15 -22.36
CA THR G 18 40.74 -0.90 -21.44
C THR G 18 40.90 -0.42 -20.01
N GLU G 19 40.67 -1.31 -19.05
CA GLU G 19 40.90 -1.02 -17.64
C GLU G 19 42.27 -1.53 -17.22
N ALA G 20 42.82 -0.88 -16.19
CA ALA G 20 44.18 -1.13 -15.75
C ALA G 20 44.17 -2.03 -14.52
N LYS G 21 45.13 -2.94 -14.45
CA LYS G 21 45.32 -3.79 -13.28
C LYS G 21 46.68 -3.52 -12.68
N PHE G 22 46.77 -3.63 -11.35
CA PHE G 22 47.95 -3.24 -10.60
C PHE G 22 48.71 -4.48 -10.14
N TRP G 23 50.03 -4.34 -10.00
CA TRP G 23 50.87 -5.44 -9.55
C TRP G 23 52.00 -4.88 -8.68
N GLN G 24 52.64 -5.78 -7.92
CA GLN G 24 53.85 -5.49 -7.19
C GLN G 24 55.03 -6.16 -7.85
N THR G 25 56.21 -5.55 -7.73
CA THR G 25 57.42 -5.98 -8.41
C THR G 25 58.58 -5.51 -7.53
N ASP G 26 59.79 -6.00 -7.81
CA ASP G 26 61.02 -5.37 -7.36
C ASP G 26 61.73 -4.85 -8.62
N PHE G 27 62.48 -3.76 -8.46
CA PHE G 27 62.96 -3.04 -9.64
C PHE G 27 64.12 -3.72 -10.36
N LEU G 28 64.96 -4.45 -9.65
CA LEU G 28 66.06 -5.13 -10.31
C LEU G 28 65.69 -6.54 -10.75
N LYS G 29 64.47 -6.98 -10.44
CA LYS G 29 63.94 -8.27 -10.84
C LYS G 29 62.59 -8.06 -11.53
N ARG G 30 62.53 -7.09 -12.44
CA ARG G 30 61.24 -6.67 -12.99
C ARG G 30 60.86 -7.37 -14.28
N HIS G 31 61.81 -8.01 -14.98
CA HIS G 31 61.50 -8.72 -16.20
C HIS G 31 61.19 -10.20 -15.95
N THR G 32 61.12 -10.62 -14.67
CA THR G 32 60.93 -12.03 -14.34
C THR G 32 59.82 -12.31 -13.32
N PHE G 33 59.44 -11.35 -12.48
CA PHE G 33 58.77 -11.66 -11.22
C PHE G 33 57.69 -10.62 -10.93
N LYS G 34 56.49 -11.08 -10.54
CA LYS G 34 55.37 -10.19 -10.27
C LYS G 34 54.41 -10.82 -9.27
N LEU G 35 53.84 -9.99 -8.38
CA LEU G 35 52.88 -10.39 -7.35
C LEU G 35 51.64 -9.50 -7.42
N PRO G 36 50.49 -9.91 -6.87
CA PRO G 36 49.33 -9.00 -6.87
C PRO G 36 49.24 -8.04 -5.70
N LEU G 37 48.46 -6.99 -5.95
CA LEU G 37 48.07 -5.97 -4.98
C LEU G 37 46.59 -6.12 -4.62
N LEU G 38 46.27 -5.89 -3.36
CA LEU G 38 44.90 -6.05 -2.87
C LEU G 38 44.54 -4.87 -1.98
N ILE G 39 43.26 -4.58 -1.93
CA ILE G 39 42.70 -3.49 -1.13
C ILE G 39 42.34 -4.03 0.25
N THR G 40 42.63 -3.25 1.29
CA THR G 40 42.32 -3.62 2.66
C THR G 40 41.32 -2.64 3.24
N ASP G 41 40.59 -3.10 4.26
CA ASP G 41 39.59 -2.28 4.92
C ASP G 41 40.20 -1.65 6.17
N LYS G 42 40.19 -0.33 6.22
CA LYS G 42 40.78 0.43 7.31
C LYS G 42 39.75 1.35 7.91
N ALA G 43 39.52 1.21 9.22
CA ALA G 43 38.62 2.09 9.94
C ALA G 43 39.44 3.05 10.78
N VAL G 44 38.93 4.28 10.95
CA VAL G 44 39.71 5.36 11.53
C VAL G 44 38.87 6.10 12.57
N LEU G 45 39.57 6.69 13.55
CA LEU G 45 38.97 7.63 14.47
C LEU G 45 39.29 9.04 13.99
N ALA G 46 38.37 9.98 14.23
CA ALA G 46 38.59 11.36 13.84
C ALA G 46 38.15 12.29 14.95
N SER G 47 38.60 13.53 14.85
CA SER G 47 38.06 14.63 15.62
C SER G 47 37.14 15.45 14.71
N LYS G 48 36.15 16.09 15.33
CA LYS G 48 35.19 16.89 14.58
C LYS G 48 35.86 18.22 14.24
N GLY G 49 36.62 18.20 13.15
CA GLY G 49 37.33 19.36 12.66
C GLY G 49 36.67 20.09 11.51
N HIS G 50 35.45 19.73 11.16
CA HIS G 50 34.74 20.48 10.13
C HIS G 50 34.30 21.83 10.68
N GLU G 51 34.06 22.77 9.76
CA GLU G 51 33.56 24.07 10.17
C GLU G 51 32.07 23.98 10.49
N MET G 52 31.69 24.43 11.67
CA MET G 52 30.34 24.35 12.19
C MET G 52 29.89 25.74 12.61
N PRO G 53 28.58 25.97 12.76
CA PRO G 53 28.12 27.18 13.46
C PRO G 53 28.53 27.16 14.92
N PRO G 54 28.68 28.34 15.54
CA PRO G 54 29.17 28.39 16.94
C PRO G 54 28.26 27.72 17.96
N ASP G 55 26.95 27.64 17.70
CA ASP G 55 26.06 26.88 18.58
C ASP G 55 26.38 25.40 18.57
N LYS G 56 26.64 24.84 17.37
CA LYS G 56 27.14 23.47 17.30
C LYS G 56 28.56 23.35 17.84
N LEU G 57 29.36 24.40 17.66
CA LEU G 57 30.75 24.39 18.13
C LEU G 57 30.83 24.37 19.65
N GLU G 58 29.85 24.95 20.33
CA GLU G 58 29.86 24.92 21.79
C GLU G 58 29.61 23.52 22.32
N LYS G 59 28.72 22.78 21.68
CA LYS G 59 28.27 21.50 22.19
C LYS G 59 28.99 20.29 21.58
N GLU G 60 29.74 20.45 20.49
CA GLU G 60 30.29 19.27 19.81
C GLU G 60 31.74 19.44 19.35
N ILE G 61 32.50 20.37 19.91
CA ILE G 61 33.88 20.57 19.44
C ILE G 61 34.77 19.42 19.89
N MET G 62 34.50 18.83 21.04
CA MET G 62 35.22 17.64 21.50
C MET G 62 34.23 16.51 21.66
N ASP G 63 34.08 15.75 20.58
CA ASP G 63 33.26 14.58 20.54
C ASP G 63 33.96 13.73 19.48
N PRO G 64 34.30 12.46 19.80
CA PRO G 64 34.97 11.58 18.81
C PRO G 64 34.23 11.35 17.50
N ASN G 65 34.92 10.82 16.49
CA ASN G 65 34.32 10.59 15.18
C ASN G 65 34.89 9.32 14.56
N PRO G 66 34.26 8.18 14.79
CA PRO G 66 34.63 6.97 14.02
C PRO G 66 34.22 7.09 12.57
N GLN G 67 35.07 6.60 11.68
CA GLN G 67 34.80 6.64 10.24
C GLN G 67 35.34 5.38 9.57
N LYS G 68 34.59 4.88 8.60
CA LYS G 68 35.02 3.76 7.76
C LYS G 68 35.73 4.27 6.50
N SER G 69 36.64 3.45 5.97
CA SER G 69 37.47 3.83 4.84
C SER G 69 38.07 2.57 4.23
N GLN G 70 38.84 2.75 3.16
CA GLN G 70 39.62 1.70 2.52
C GLN G 70 40.95 2.28 2.10
N SER G 71 41.97 1.43 2.03
CA SER G 71 43.31 1.88 1.69
C SER G 71 44.01 0.82 0.86
N CYS G 72 45.18 1.18 0.32
CA CYS G 72 45.97 0.28 -0.49
C CYS G 72 47.44 0.65 -0.37
N THR G 73 48.27 -0.28 0.11
CA THR G 73 49.70 -0.07 0.27
C THR G 73 50.45 -1.26 -0.32
N LEU G 74 51.76 -1.06 -0.53
CA LEU G 74 52.62 -2.13 -1.00
C LEU G 74 53.06 -3.00 0.17
N SER G 75 53.93 -3.97 -0.11
CA SER G 75 54.45 -4.86 0.90
C SER G 75 55.77 -4.30 1.46
N THR G 76 56.42 -5.07 2.34
CA THR G 76 57.67 -4.64 2.96
C THR G 76 58.86 -5.18 2.16
N GLU G 77 58.58 -5.99 1.13
CA GLU G 77 59.62 -6.61 0.32
C GLU G 77 59.62 -6.12 -1.11
N CYS G 78 58.73 -5.21 -1.49
CA CYS G 78 58.60 -4.69 -2.85
C CYS G 78 58.66 -3.18 -2.82
N ASP G 79 59.08 -2.59 -3.96
CA ASP G 79 59.22 -1.14 -4.04
C ASP G 79 58.71 -0.53 -5.34
N THR G 80 58.07 -1.31 -6.21
CA THR G 80 57.67 -0.78 -7.51
C THR G 80 56.25 -1.22 -7.83
N LEU G 81 55.54 -0.40 -8.59
CA LEU G 81 54.20 -0.68 -9.06
C LEU G 81 54.21 -0.91 -10.57
N ARG G 82 53.40 -1.86 -11.02
CA ARG G 82 53.28 -2.19 -12.43
C ARG G 82 51.84 -2.02 -12.89
N ILE G 83 51.64 -1.22 -13.94
CA ILE G 83 50.32 -0.93 -14.49
C ILE G 83 50.30 -1.37 -15.95
N ASP G 84 49.31 -2.20 -16.30
CA ASP G 84 49.12 -2.69 -17.66
C ASP G 84 47.73 -2.29 -18.16
N PHE G 85 47.66 -1.74 -19.37
CA PHE G 85 46.39 -1.43 -20.02
C PHE G 85 46.61 -1.44 -21.53
N GLY G 86 45.50 -1.35 -22.28
CA GLY G 86 45.56 -1.42 -23.73
C GLY G 86 44.63 -0.43 -24.39
N ILE G 87 44.93 -0.11 -25.66
CA ILE G 87 44.16 0.84 -26.45
C ILE G 87 43.85 0.24 -27.81
N LYS G 88 42.62 0.45 -28.30
CA LYS G 88 42.23 0.12 -29.66
C LYS G 88 42.01 1.41 -30.45
N VAL G 89 42.56 1.49 -31.66
CA VAL G 89 42.46 2.66 -32.52
C VAL G 89 41.63 2.28 -33.74
N LEU G 90 40.59 3.06 -34.03
CA LEU G 90 39.66 2.81 -35.11
C LEU G 90 39.56 4.02 -36.06
N PRO G 91 39.19 3.80 -37.33
CA PRO G 91 39.06 4.93 -38.27
C PRO G 91 37.96 5.92 -37.89
N VAL G 92 38.08 7.13 -38.43
CA VAL G 92 37.26 8.26 -37.99
C VAL G 92 36.03 8.41 -38.88
N LYS G 93 36.17 8.05 -40.15
CA LYS G 93 35.04 8.10 -41.07
C LYS G 93 34.00 7.01 -40.79
N GLU G 94 34.42 5.92 -40.16
CA GLU G 94 33.55 4.80 -39.90
C GLU G 94 33.07 4.80 -38.45
N SER G 95 32.91 5.99 -37.88
CA SER G 95 32.54 6.13 -36.47
C SER G 95 31.29 6.97 -36.29
N MET G 96 30.43 7.04 -37.31
CA MET G 96 29.22 7.85 -37.26
C MET G 96 28.04 6.89 -37.14
N TYR G 97 27.44 6.84 -35.96
CA TYR G 97 26.50 5.78 -35.60
C TYR G 97 25.08 6.04 -36.10
N SER G 98 24.62 7.28 -36.01
CA SER G 98 23.25 7.61 -36.39
C SER G 98 23.18 9.02 -36.95
N CYS G 99 22.43 9.19 -38.03
CA CYS G 99 22.20 10.50 -38.63
C CYS G 99 20.90 10.45 -39.41
N SER G 100 19.96 11.32 -39.07
CA SER G 100 18.65 11.34 -39.71
C SER G 100 18.59 12.22 -40.95
N ASP G 101 19.73 12.57 -41.55
CA ASP G 101 19.74 13.35 -42.79
C ASP G 101 20.99 13.02 -43.57
N TYR G 102 20.81 12.52 -44.80
CA TYR G 102 21.92 12.00 -45.60
C TYR G 102 22.87 13.09 -46.09
N ASN G 103 22.35 14.31 -46.28
CA ASN G 103 23.15 15.42 -46.78
C ASN G 103 24.19 15.87 -45.77
N TYR G 104 23.81 15.84 -44.48
CA TYR G 104 24.72 16.19 -43.41
C TYR G 104 25.86 15.17 -43.32
N ARG G 105 25.53 13.90 -43.55
CA ARG G 105 26.53 12.83 -43.59
C ARG G 105 27.51 13.03 -44.74
N THR G 106 27.00 13.38 -45.92
CA THR G 106 27.87 13.62 -47.07
C THR G 106 28.76 14.85 -46.86
N ALA G 107 28.23 15.89 -46.21
CA ALA G 107 29.03 17.08 -45.90
C ALA G 107 30.14 16.78 -44.91
N ILE G 108 29.82 16.00 -43.85
CA ILE G 108 30.83 15.60 -42.87
C ILE G 108 31.92 14.76 -43.51
N TYR G 109 31.53 13.83 -44.39
CA TYR G 109 32.51 12.98 -45.08
C TYR G 109 33.41 13.80 -46.00
N GLN G 110 32.85 14.84 -46.65
CA GLN G 110 33.67 15.69 -47.50
C GLN G 110 34.66 16.53 -46.69
N LYS G 111 34.25 17.04 -45.51
CA LYS G 111 35.18 17.80 -44.68
C LYS G 111 36.30 16.92 -44.12
N ILE G 112 35.99 15.67 -43.74
CA ILE G 112 37.05 14.76 -43.31
C ILE G 112 37.99 14.41 -44.47
N ASP G 113 37.44 14.28 -45.69
CA ASP G 113 38.29 14.00 -46.83
C ASP G 113 39.18 15.18 -47.21
N GLU G 114 38.75 16.41 -46.94
CA GLU G 114 39.66 17.54 -47.06
C GLU G 114 40.71 17.53 -45.96
N TYR G 115 40.31 17.14 -44.74
CA TYR G 115 41.23 17.09 -43.62
C TYR G 115 42.38 16.13 -43.82
N ILE G 116 42.10 14.91 -44.31
CA ILE G 116 43.14 13.92 -44.57
C ILE G 116 44.09 14.39 -45.68
N ALA G 117 43.61 15.23 -46.58
CA ALA G 117 44.44 15.80 -47.64
C ALA G 117 45.38 16.87 -47.10
N GLU G 118 44.91 17.74 -46.20
CA GLU G 118 45.84 18.74 -45.64
C GLU G 118 46.80 18.11 -44.64
N ASP G 119 46.30 17.62 -43.50
CA ASP G 119 47.14 17.04 -42.45
C ASP G 119 46.61 15.64 -42.16
N GLY G 120 47.47 14.64 -42.30
CA GLY G 120 47.03 13.27 -42.18
C GLY G 120 46.93 12.72 -40.76
N PHE G 121 46.20 13.45 -39.89
CA PHE G 121 45.96 13.11 -38.49
C PHE G 121 47.26 12.89 -37.73
N LEU G 122 48.26 13.71 -38.01
CA LEU G 122 49.60 13.46 -37.50
C LEU G 122 49.98 14.32 -36.31
N THR G 123 49.48 15.56 -36.23
CA THR G 123 49.73 16.40 -35.07
C THR G 123 49.02 15.84 -33.83
N LEU G 124 47.75 15.45 -33.99
CA LEU G 124 46.97 14.94 -32.88
C LEU G 124 47.54 13.62 -32.37
N ALA G 125 47.97 12.74 -33.28
CA ALA G 125 48.53 11.45 -32.90
C ALA G 125 49.86 11.61 -32.17
N LYS G 126 50.67 12.58 -32.61
CA LYS G 126 51.91 12.90 -31.89
C LYS G 126 51.61 13.37 -30.48
N ARG G 127 50.55 14.17 -30.30
CA ARG G 127 50.18 14.60 -28.95
C ARG G 127 49.65 13.44 -28.10
N TYR G 128 48.94 12.48 -28.70
CA TYR G 128 48.48 11.32 -27.94
C TYR G 128 49.63 10.42 -27.50
N VAL G 129 50.58 10.17 -28.36
CA VAL G 129 51.67 9.34 -27.95
C VAL G 129 52.53 10.06 -26.92
N ASN G 130 52.49 11.38 -26.87
CA ASN G 130 53.26 12.13 -25.89
C ASN G 130 52.66 11.97 -24.55
N ASN G 131 51.36 12.04 -24.49
CA ASN G 131 50.69 11.90 -23.23
C ASN G 131 50.95 10.50 -22.82
N ILE G 132 51.10 9.57 -23.76
CA ILE G 132 51.53 8.25 -23.31
C ILE G 132 52.95 8.31 -22.73
N ALA G 133 53.83 9.07 -23.36
CA ALA G 133 55.24 9.11 -22.97
C ALA G 133 55.46 9.91 -21.69
N ASN G 134 54.68 10.97 -21.47
CA ASN G 134 54.82 11.79 -20.26
C ASN G 134 54.35 11.05 -19.01
N ALA G 135 53.55 10.00 -19.19
CA ALA G 135 52.93 9.18 -18.15
C ALA G 135 51.99 10.02 -17.29
N ARG G 136 51.06 10.73 -17.93
CA ARG G 136 50.04 11.49 -17.23
C ARG G 136 48.89 10.62 -16.75
N PHE G 137 48.84 9.34 -17.17
CA PHE G 137 47.88 8.40 -16.61
C PHE G 137 48.19 8.06 -15.16
N LEU G 138 49.40 8.32 -14.70
CA LEU G 138 49.70 8.35 -13.28
C LEU G 138 49.23 9.68 -12.73
N TRP G 139 48.19 9.67 -11.89
CA TRP G 139 47.66 10.93 -11.40
C TRP G 139 48.29 11.36 -10.09
N ARG G 140 48.06 10.61 -9.02
CA ARG G 140 48.74 10.91 -7.77
C ARG G 140 49.92 9.96 -7.53
N ASN G 141 50.14 9.04 -8.47
CA ASN G 141 51.22 8.07 -8.37
C ASN G 141 52.45 8.55 -9.10
N ARG G 142 52.44 9.78 -9.60
CA ARG G 142 53.59 10.37 -10.25
C ARG G 142 54.35 11.29 -9.32
N LYS G 143 53.69 11.83 -8.30
CA LYS G 143 54.33 12.64 -7.28
C LYS G 143 55.12 11.73 -6.36
N GLY G 144 56.42 11.99 -6.23
CA GLY G 144 57.25 11.20 -5.34
C GLY G 144 57.66 9.87 -5.93
N ALA G 145 58.43 9.91 -7.01
CA ALA G 145 58.89 8.69 -7.65
C ALA G 145 60.33 8.87 -8.12
N GLU G 146 61.12 7.80 -8.02
CA GLU G 146 62.53 7.89 -8.41
C GLU G 146 62.77 7.52 -9.86
N ILE G 147 62.16 6.46 -10.36
CA ILE G 147 62.30 6.06 -11.77
C ILE G 147 60.92 5.70 -12.31
N ILE G 148 60.54 6.32 -13.42
CA ILE G 148 59.31 5.97 -14.15
C ILE G 148 59.72 5.56 -15.56
N GLU G 149 59.46 4.31 -15.92
CA GLU G 149 59.73 3.81 -17.26
C GLU G 149 58.46 3.23 -17.88
N THR G 150 58.27 3.48 -19.17
CA THR G 150 57.10 3.04 -19.92
C THR G 150 57.53 2.32 -21.19
N ILE G 151 56.95 1.15 -21.43
CA ILE G 151 57.25 0.32 -22.60
C ILE G 151 55.98 0.13 -23.40
N VAL G 152 56.07 0.30 -24.72
CA VAL G 152 54.92 0.24 -25.63
C VAL G 152 55.13 -0.93 -26.59
N THR G 153 54.12 -1.80 -26.70
CA THR G 153 54.20 -2.99 -27.54
C THR G 153 53.13 -2.93 -28.61
N ILE G 154 53.54 -3.00 -29.88
CA ILE G 154 52.63 -3.15 -31.01
C ILE G 154 53.00 -4.45 -31.71
N GLU G 155 52.03 -5.35 -31.83
CA GLU G 155 52.14 -6.67 -32.48
C GLU G 155 53.10 -7.57 -31.72
N ASP G 156 54.29 -7.77 -32.23
CA ASP G 156 55.27 -8.59 -31.57
C ASP G 156 56.49 -7.80 -31.29
N LYS G 157 56.47 -6.52 -31.60
CA LYS G 157 57.62 -5.63 -31.42
C LYS G 157 57.49 -4.87 -30.12
N GLU G 158 58.56 -4.86 -29.34
CA GLU G 158 58.70 -4.00 -28.17
C GLU G 158 59.59 -2.82 -28.54
N TYR G 159 59.06 -1.62 -28.44
CA TYR G 159 59.79 -0.43 -28.79
C TYR G 159 60.76 -0.08 -27.66
N PRO G 160 61.81 0.73 -27.96
CA PRO G 160 62.68 1.24 -26.90
C PRO G 160 61.92 2.05 -25.85
N SER G 161 62.42 1.99 -24.62
CA SER G 161 61.69 2.46 -23.45
C SER G 161 61.64 3.98 -23.40
N PHE G 162 60.95 4.50 -22.38
CA PHE G 162 60.73 5.93 -22.22
C PHE G 162 61.08 6.32 -20.80
N ASN G 163 61.94 7.33 -20.64
CA ASN G 163 62.24 7.89 -19.33
C ASN G 163 61.20 8.98 -19.15
N SER G 164 60.14 8.68 -18.41
CA SER G 164 58.99 9.56 -18.32
C SER G 164 59.21 10.77 -17.41
N LYS G 165 60.33 10.84 -16.70
CA LYS G 165 60.65 11.99 -15.86
C LYS G 165 61.55 12.98 -16.58
N SER G 166 61.81 12.77 -17.86
CA SER G 166 62.59 13.70 -18.68
C SER G 166 61.73 14.49 -19.65
N PHE G 167 60.41 14.35 -19.56
CA PHE G 167 59.48 15.14 -20.35
C PHE G 167 58.74 16.12 -19.44
N ASN G 168 58.42 17.27 -20.00
CA ASN G 168 57.68 18.31 -19.30
C ASN G 168 56.22 18.12 -19.65
N LEU G 169 55.35 18.30 -18.66
CA LEU G 169 53.92 18.07 -18.84
C LEU G 169 53.22 19.22 -19.56
N ASP G 170 53.89 20.35 -19.77
CA ASP G 170 53.29 21.50 -20.45
C ASP G 170 53.96 21.77 -21.79
N THR G 171 54.72 20.82 -22.31
CA THR G 171 55.46 21.02 -23.55
C THR G 171 55.39 19.73 -24.36
N PHE G 172 55.20 19.86 -25.67
CA PHE G 172 55.03 18.72 -26.57
C PHE G 172 56.26 18.59 -27.46
N VAL G 173 56.77 17.37 -27.58
CA VAL G 173 58.00 17.08 -28.30
C VAL G 173 57.66 16.57 -29.70
N GLU G 174 58.35 17.09 -30.71
CA GLU G 174 58.14 16.67 -32.09
C GLU G 174 59.41 16.13 -32.74
N ASP G 175 60.42 15.76 -31.94
CA ASP G 175 61.71 15.34 -32.48
C ASP G 175 62.12 13.92 -32.10
N ASN G 176 61.43 13.29 -31.15
CA ASN G 176 61.77 11.94 -30.74
C ASN G 176 61.38 10.93 -31.82
N ALA G 177 62.27 9.97 -32.08
CA ALA G 177 62.07 9.03 -33.19
C ALA G 177 60.99 8.00 -32.87
N THR G 178 60.99 7.47 -31.65
CA THR G 178 60.03 6.43 -31.27
C THR G 178 58.61 6.97 -31.23
N ILE G 179 58.44 8.21 -30.74
CA ILE G 179 57.14 8.86 -30.70
C ILE G 179 56.61 9.08 -32.12
N ASN G 180 57.49 9.51 -33.02
CA ASN G 180 57.13 9.71 -34.43
C ASN G 180 56.74 8.38 -35.09
N GLU G 181 57.47 7.31 -34.75
CA GLU G 181 57.23 6.02 -35.38
C GLU G 181 55.90 5.41 -34.96
N ILE G 182 55.56 5.50 -33.66
CA ILE G 182 54.23 5.06 -33.23
C ILE G 182 53.13 5.98 -33.75
N ALA G 183 53.40 7.29 -33.79
CA ALA G 183 52.38 8.27 -34.17
C ALA G 183 52.04 8.17 -35.65
N GLN G 184 52.99 7.76 -36.49
CA GLN G 184 52.70 7.54 -37.90
C GLN G 184 51.71 6.39 -38.10
N GLN G 185 51.84 5.33 -37.31
CA GLN G 185 50.90 4.22 -37.45
C GLN G 185 49.53 4.57 -36.89
N ILE G 186 49.48 5.35 -35.81
CA ILE G 186 48.20 5.82 -35.30
C ILE G 186 47.53 6.77 -36.30
N ALA G 187 48.32 7.62 -36.97
CA ALA G 187 47.81 8.50 -38.00
C ALA G 187 47.28 7.73 -39.20
N ASP G 188 48.00 6.68 -39.63
CA ASP G 188 47.54 5.86 -40.75
C ASP G 188 46.28 5.08 -40.39
N THR G 189 46.13 4.69 -39.12
CA THR G 189 44.90 4.02 -38.70
C THR G 189 43.73 5.00 -38.67
N PHE G 190 43.98 6.24 -38.20
CA PHE G 190 42.94 7.27 -38.20
C PHE G 190 42.50 7.63 -39.62
N ALA G 191 43.45 7.70 -40.55
CA ALA G 191 43.16 8.15 -41.91
C ALA G 191 42.27 7.16 -42.65
N GLY G 192 42.50 5.87 -42.46
CA GLY G 192 41.67 4.87 -43.11
C GLY G 192 42.47 3.91 -43.96
N LYS G 193 43.78 3.98 -43.85
CA LYS G 193 44.68 3.11 -44.60
C LYS G 193 44.97 1.80 -43.87
N ARG G 194 44.42 1.63 -42.66
CA ARG G 194 44.55 0.42 -41.89
C ARG G 194 43.36 0.37 -40.94
N GLU G 195 42.78 -0.81 -40.78
CA GLU G 195 41.45 -0.90 -40.19
C GLU G 195 41.44 -0.99 -38.67
N TYR G 196 42.55 -1.36 -38.03
CA TYR G 196 42.61 -1.42 -36.58
C TYR G 196 44.07 -1.42 -36.14
N LEU G 197 44.31 -0.92 -34.94
CA LEU G 197 45.62 -1.01 -34.32
C LEU G 197 45.44 -1.27 -32.83
N ASN G 198 46.18 -2.23 -32.30
CA ASN G 198 46.11 -2.60 -30.89
C ASN G 198 47.45 -2.30 -30.21
N ILE G 199 47.43 -1.41 -29.22
CA ILE G 199 48.61 -0.97 -28.50
C ILE G 199 48.49 -1.42 -27.05
N TYR G 200 49.57 -1.98 -26.50
CA TYR G 200 49.61 -2.40 -25.10
C TYR G 200 50.70 -1.65 -24.36
N VAL G 201 50.37 -1.12 -23.18
CA VAL G 201 51.24 -0.24 -22.41
C VAL G 201 51.55 -0.89 -21.07
N THR G 202 52.83 -0.85 -20.66
CA THR G 202 53.29 -1.34 -19.37
C THR G 202 54.18 -0.29 -18.73
N CYS G 203 53.88 0.08 -17.49
CA CYS G 203 54.59 1.14 -16.79
C CYS G 203 55.13 0.64 -15.46
N PHE G 204 56.37 1.00 -15.15
CA PHE G 204 57.01 0.68 -13.88
C PHE G 204 57.26 1.98 -13.12
N VAL G 205 56.67 2.11 -11.93
CA VAL G 205 56.80 3.29 -11.10
C VAL G 205 57.47 2.88 -9.80
N LYS G 206 58.66 3.40 -9.55
CA LYS G 206 59.37 3.16 -8.29
C LYS G 206 58.95 4.23 -7.29
N ILE G 207 58.38 3.83 -6.16
CA ILE G 207 57.98 4.76 -5.12
C ILE G 207 58.64 4.46 -3.79
N GLY G 208 58.88 3.18 -3.48
CA GLY G 208 59.54 2.80 -2.24
C GLY G 208 58.84 1.64 -1.56
N CYS G 209 59.45 1.21 -0.46
CA CYS G 209 58.96 0.07 0.31
C CYS G 209 57.83 0.51 1.23
N ALA G 210 56.73 -0.24 1.21
CA ALA G 210 55.54 -0.09 2.05
C ALA G 210 54.82 1.24 1.84
N MET G 211 55.06 1.93 0.73
CA MET G 211 54.43 3.22 0.48
C MET G 211 53.05 3.04 -0.12
N GLU G 212 52.31 4.15 -0.20
CA GLU G 212 50.91 4.10 -0.53
C GLU G 212 50.68 4.16 -2.04
N VAL G 213 49.63 3.48 -2.47
CA VAL G 213 49.19 3.42 -3.87
C VAL G 213 47.78 3.96 -3.90
N TYR G 214 47.44 4.73 -4.94
CA TYR G 214 46.17 5.43 -5.02
C TYR G 214 45.34 4.92 -6.19
N PRO G 215 44.44 3.96 -5.98
CA PRO G 215 43.52 3.53 -7.05
C PRO G 215 42.41 4.54 -7.32
N SER G 216 41.46 4.16 -8.17
CA SER G 216 40.30 4.98 -8.47
C SER G 216 39.20 4.71 -7.47
N GLN G 217 38.53 5.76 -7.02
CA GLN G 217 37.45 5.62 -6.06
C GLN G 217 36.12 5.54 -6.81
N GLU G 218 35.20 4.74 -6.28
CA GLU G 218 33.91 4.51 -6.90
C GLU G 218 32.91 5.53 -6.41
N MET G 219 31.83 5.67 -7.18
CA MET G 219 30.75 6.58 -6.86
C MET G 219 29.52 5.87 -6.32
N THR G 220 29.07 6.22 -5.12
CA THR G 220 27.91 5.62 -4.49
C THR G 220 26.78 6.63 -4.47
N PHE G 221 25.56 6.16 -4.69
CA PHE G 221 24.41 7.02 -4.84
C PHE G 221 23.45 6.97 -3.66
N ASP G 222 23.68 6.11 -2.68
CA ASP G 222 22.79 6.01 -1.52
C ASP G 222 22.89 7.21 -0.57
N LYS G 226 27.95 7.01 2.01
CA LYS G 226 28.61 6.32 3.11
C LYS G 226 30.12 6.52 3.04
N GLY G 227 30.88 5.43 3.09
CA GLY G 227 32.33 5.50 3.20
C GLY G 227 33.04 5.48 1.88
N LYS G 228 34.36 5.29 1.96
CA LYS G 228 35.24 5.31 0.80
C LYS G 228 35.39 3.90 0.25
N LYS G 229 34.87 3.67 -0.96
CA LYS G 229 34.98 2.38 -1.63
C LYS G 229 35.88 2.55 -2.85
N LEU G 230 36.93 1.75 -2.92
CA LEU G 230 37.87 1.76 -4.04
C LEU G 230 37.51 0.70 -5.07
N PHE G 231 38.19 0.76 -6.21
CA PHE G 231 37.85 -0.06 -7.37
C PHE G 231 38.66 -1.35 -7.37
N LYS G 232 37.96 -2.48 -7.56
CA LYS G 232 38.60 -3.79 -7.67
C LYS G 232 38.32 -4.37 -9.04
N PHE G 233 39.38 -4.73 -9.75
CA PHE G 233 39.30 -5.32 -11.08
C PHE G 233 39.97 -6.68 -11.05
N GLU G 234 39.17 -7.74 -11.18
CA GLU G 234 39.59 -9.14 -11.10
C GLU G 234 40.31 -9.46 -9.80
N GLY G 235 39.79 -8.94 -8.70
CA GLY G 235 40.42 -9.11 -7.40
C GLY G 235 41.42 -8.05 -7.02
N SER G 236 42.32 -7.70 -7.95
CA SER G 236 43.34 -6.72 -7.67
C SER G 236 42.78 -5.30 -7.80
N ALA G 237 43.57 -4.33 -7.38
CA ALA G 237 43.20 -2.93 -7.50
C ALA G 237 43.51 -2.41 -8.90
N GLY G 238 42.88 -1.29 -9.26
CA GLY G 238 43.09 -0.78 -10.60
C GLY G 238 42.41 0.56 -10.83
N MET G 239 42.66 1.09 -12.02
CA MET G 239 42.13 2.38 -12.46
C MET G 239 41.05 2.19 -13.52
N HIS G 240 40.13 3.13 -13.56
CA HIS G 240 39.08 3.13 -14.58
C HIS G 240 39.64 3.49 -15.95
N SER G 241 38.88 3.12 -16.98
CA SER G 241 39.26 3.44 -18.35
C SER G 241 39.03 4.91 -18.67
N GLN G 242 37.96 5.48 -18.11
CA GLN G 242 37.64 6.89 -18.31
C GLN G 242 38.71 7.81 -17.75
N LYS G 243 39.36 7.40 -16.66
CA LYS G 243 40.40 8.20 -16.04
C LYS G 243 41.65 8.25 -16.92
N ILE G 244 42.04 7.09 -17.48
CA ILE G 244 43.17 7.01 -18.39
C ILE G 244 42.87 7.77 -19.69
N ASN G 245 41.65 7.75 -20.16
CA ASN G 245 41.32 8.52 -21.35
C ASN G 245 41.35 10.04 -21.15
N ASN G 246 40.91 10.55 -20.02
CA ASN G 246 41.02 11.98 -19.78
C ASN G 246 42.47 12.34 -19.78
N ALA G 247 43.28 11.49 -19.20
CA ALA G 247 44.66 11.77 -19.11
C ALA G 247 45.18 11.85 -20.50
N LEU G 248 44.64 11.05 -21.40
CA LEU G 248 45.24 11.10 -22.73
C LEU G 248 44.67 12.17 -23.66
N ARG G 249 43.59 12.87 -23.29
CA ARG G 249 43.04 13.91 -24.15
C ARG G 249 43.44 15.32 -23.74
N THR G 250 44.42 15.48 -22.85
CA THR G 250 44.90 16.81 -22.48
C THR G 250 45.87 17.30 -23.55
N ILE G 251 45.31 17.67 -24.71
CA ILE G 251 46.11 17.99 -25.89
C ILE G 251 45.69 19.34 -26.48
N ASP G 252 44.79 20.05 -25.79
CA ASP G 252 44.16 21.24 -26.35
C ASP G 252 44.99 22.44 -25.90
N THR G 253 45.78 22.99 -26.83
CA THR G 253 46.50 24.24 -26.63
C THR G 253 46.06 25.29 -27.65
N TRP G 254 44.79 25.24 -28.07
CA TRP G 254 44.29 26.13 -29.10
C TRP G 254 43.11 26.95 -28.62
N TYR G 255 42.98 27.13 -27.31
CA TYR G 255 41.87 27.90 -26.78
C TYR G 255 42.18 29.38 -26.93
N PRO G 256 41.14 30.27 -26.99
CA PRO G 256 41.37 31.72 -27.14
C PRO G 256 42.32 32.39 -26.15
N ASP G 257 42.02 32.33 -24.86
CA ASP G 257 42.83 32.97 -23.82
C ASP G 257 43.95 32.09 -23.35
N TYR G 258 44.90 31.79 -24.19
CA TYR G 258 45.95 30.81 -23.90
C TYR G 258 47.26 31.45 -23.48
N THR G 259 47.57 32.67 -23.95
CA THR G 259 48.89 33.24 -23.72
C THR G 259 49.12 33.62 -22.26
N THR G 260 48.05 33.91 -21.52
CA THR G 260 48.16 34.09 -20.08
C THR G 260 48.29 32.76 -19.35
N TYR G 261 47.31 31.86 -19.51
CA TYR G 261 47.36 30.54 -18.89
C TYR G 261 47.96 29.55 -19.88
N GLU G 262 49.27 29.32 -19.77
CA GLU G 262 50.02 28.58 -20.78
C GLU G 262 50.12 27.09 -20.46
N PHE G 263 49.00 26.40 -20.35
CA PHE G 263 48.93 24.97 -20.11
C PHE G 263 47.92 24.29 -21.01
N PRO G 264 48.08 22.99 -21.30
CA PRO G 264 47.06 22.27 -22.06
C PRO G 264 45.88 21.86 -21.20
N ILE G 265 44.70 21.82 -21.81
CA ILE G 265 43.44 21.52 -21.13
C ILE G 265 42.83 20.29 -21.80
N PRO G 266 41.94 19.57 -21.10
CA PRO G 266 41.22 18.48 -21.76
C PRO G 266 40.26 18.96 -22.84
N VAL G 267 39.90 18.02 -23.72
CA VAL G 267 39.04 18.31 -24.86
C VAL G 267 37.60 18.07 -24.44
N GLU G 268 36.84 19.16 -24.29
CA GLU G 268 35.43 19.11 -23.98
C GLU G 268 34.67 20.06 -24.91
N ASN G 269 33.35 20.09 -24.76
CA ASN G 269 32.52 20.92 -25.62
C ASN G 269 32.66 22.40 -25.26
N TYR G 270 32.40 22.76 -24.01
CA TYR G 270 32.40 24.15 -23.58
C TYR G 270 33.70 24.54 -22.91
N GLY G 271 34.78 23.80 -23.17
CA GLY G 271 36.10 24.13 -22.65
C GLY G 271 36.24 24.08 -21.15
N ALA G 272 35.44 23.26 -20.48
CA ALA G 272 35.47 23.19 -19.02
C ALA G 272 36.76 22.55 -18.53
N ALA G 273 37.33 23.18 -17.51
CA ALA G 273 38.54 22.69 -16.89
C ALA G 273 38.29 22.79 -15.41
N ARG G 274 38.35 21.69 -14.69
CA ARG G 274 37.99 21.70 -13.29
C ARG G 274 39.16 21.94 -12.38
N SER G 275 40.37 22.00 -12.91
CA SER G 275 41.49 22.35 -12.08
C SER G 275 41.21 23.77 -11.76
N ILE G 276 41.60 24.67 -12.65
CA ILE G 276 41.22 26.07 -12.50
C ILE G 276 39.74 26.22 -12.85
N GLY G 277 38.94 26.72 -11.92
CA GLY G 277 37.52 26.80 -12.14
C GLY G 277 37.05 27.88 -13.09
N ILE G 278 37.55 27.85 -14.33
CA ILE G 278 37.21 28.80 -15.37
C ILE G 278 36.82 28.00 -16.62
N PRO G 279 35.69 28.28 -17.25
CA PRO G 279 35.42 27.71 -18.59
C PRO G 279 36.13 28.52 -19.67
N PHE G 280 36.89 27.82 -20.52
CA PHE G 280 37.79 28.47 -21.47
C PHE G 280 37.19 28.64 -22.87
N ARG G 281 35.99 28.12 -23.13
CA ARG G 281 35.37 28.21 -24.46
C ARG G 281 33.87 28.40 -24.31
N PRO G 282 33.42 29.63 -24.03
CA PRO G 282 32.02 29.83 -23.66
C PRO G 282 31.04 30.23 -24.77
N ASP G 283 31.46 30.94 -25.78
CA ASP G 283 30.49 31.28 -26.77
C ASP G 283 30.93 31.15 -28.15
N THR G 284 31.99 31.82 -28.49
CA THR G 284 32.31 31.85 -29.91
C THR G 284 33.13 30.68 -30.38
N LYS G 285 33.91 30.05 -29.51
CA LYS G 285 34.85 29.01 -29.91
C LYS G 285 34.50 27.67 -29.29
N SER G 286 33.21 27.42 -29.14
CA SER G 286 32.71 26.14 -28.68
C SER G 286 32.57 25.21 -29.88
N PHE G 287 32.25 23.94 -29.59
CA PHE G 287 32.04 22.97 -30.65
C PHE G 287 30.81 23.29 -31.47
N TYR G 288 29.73 23.73 -30.82
CA TYR G 288 28.44 23.90 -31.48
C TYR G 288 28.46 25.01 -32.53
N LYS G 289 29.01 26.17 -32.15
CA LYS G 289 29.08 27.31 -33.07
C LYS G 289 30.03 27.03 -34.22
N LEU G 290 31.13 26.34 -33.95
CA LEU G 290 32.10 26.04 -34.99
C LEU G 290 31.60 24.97 -35.95
N ILE G 291 30.87 23.97 -35.44
CA ILE G 291 30.37 22.92 -36.32
C ILE G 291 29.18 23.45 -37.12
N ASP G 292 28.45 24.43 -36.58
CA ASP G 292 27.43 25.11 -37.36
C ASP G 292 28.05 26.05 -38.39
N ARG G 293 29.23 26.60 -38.12
CA ARG G 293 29.86 27.52 -39.04
C ARG G 293 30.78 26.78 -40.02
N MET G 294 30.86 25.46 -39.94
CA MET G 294 31.68 24.68 -40.86
C MET G 294 30.87 23.84 -41.86
N ILE G 295 29.61 23.52 -41.56
CA ILE G 295 28.83 22.64 -42.41
C ILE G 295 27.59 23.37 -42.91
N LEU G 296 26.92 24.11 -42.03
CA LEU G 296 25.68 24.77 -42.40
C LEU G 296 25.90 26.00 -43.28
N LYS G 297 27.01 26.72 -43.08
CA LYS G 297 27.24 28.04 -43.69
C LYS G 297 28.66 28.10 -44.26
N ASN G 298 29.01 27.14 -45.15
CA ASN G 298 30.37 26.67 -45.49
C ASN G 298 31.45 27.74 -45.52
N GLU G 299 32.48 27.55 -44.70
CA GLU G 299 33.50 28.56 -44.47
C GLU G 299 34.80 27.87 -44.08
N ASP G 300 35.89 28.29 -44.70
CA ASP G 300 37.20 27.71 -44.41
C ASP G 300 37.69 28.28 -43.08
N LEU G 301 37.64 27.48 -42.03
CA LEU G 301 38.08 27.82 -40.69
C LEU G 301 39.60 27.73 -40.60
N PRO G 302 40.22 28.45 -39.67
CA PRO G 302 41.65 28.24 -39.41
C PRO G 302 41.94 26.83 -38.90
N ILE G 303 43.20 26.43 -39.07
CA ILE G 303 43.61 25.03 -38.88
C ILE G 303 43.51 24.62 -37.41
N GLU G 304 43.65 25.57 -36.48
CA GLU G 304 43.53 25.27 -35.06
C GLU G 304 42.09 24.87 -34.70
N ASP G 305 41.12 25.54 -35.30
CA ASP G 305 39.72 25.16 -35.11
C ASP G 305 39.43 23.78 -35.69
N LYS G 306 40.04 23.47 -36.84
CA LYS G 306 39.93 22.14 -37.43
C LYS G 306 40.53 21.07 -36.53
N HIS G 307 41.66 21.39 -35.87
CA HIS G 307 42.27 20.51 -34.88
C HIS G 307 41.29 20.20 -33.75
N TYR G 308 40.61 21.24 -33.26
CA TYR G 308 39.67 21.06 -32.16
C TYR G 308 38.44 20.23 -32.57
N VAL G 309 37.86 20.50 -33.75
CA VAL G 309 36.69 19.74 -34.21
C VAL G 309 37.02 18.28 -34.46
N MET G 310 38.18 18.00 -35.08
CA MET G 310 38.54 16.61 -35.29
C MET G 310 38.90 15.91 -33.99
N ALA G 311 39.44 16.62 -33.00
CA ALA G 311 39.68 15.97 -31.72
C ALA G 311 38.38 15.66 -30.97
N ILE G 312 37.37 16.52 -31.13
CA ILE G 312 36.07 16.23 -30.54
C ILE G 312 35.42 15.05 -31.23
N LEU G 313 35.59 14.93 -32.55
CA LEU G 313 35.03 13.78 -33.26
C LEU G 313 35.81 12.48 -33.03
N ILE G 314 37.08 12.55 -32.61
CA ILE G 314 37.73 11.35 -32.07
C ILE G 314 37.25 11.05 -30.65
N ARG G 315 36.75 12.04 -29.92
CA ARG G 315 36.19 11.69 -28.61
C ARG G 315 34.77 11.15 -28.73
N GLY G 316 33.87 11.86 -29.39
CA GLY G 316 32.54 11.37 -29.65
C GLY G 316 31.51 11.92 -28.67
N GLY G 317 30.25 11.78 -29.05
CA GLY G 317 29.17 12.22 -28.19
C GLY G 317 27.87 12.33 -28.95
N MET G 318 26.83 12.74 -28.21
CA MET G 318 25.51 13.02 -28.76
C MET G 318 25.41 14.51 -29.08
N PHE G 319 25.05 14.82 -30.33
CA PHE G 319 24.98 16.21 -30.80
C PHE G 319 23.65 16.52 -31.49
N SER G 320 22.53 16.15 -30.88
CA SER G 320 21.23 16.29 -31.53
C SER G 320 20.57 17.61 -31.16
N LYS G 321 19.66 18.06 -32.01
CA LYS G 321 18.93 19.31 -31.89
C LYS G 321 17.45 19.01 -31.66
N LYS G 322 16.64 20.06 -31.62
CA LYS G 322 15.21 19.91 -31.34
C LYS G 322 14.32 19.94 -32.54
N GLN G 323 14.21 21.09 -33.19
CA GLN G 323 13.25 21.20 -34.29
C GLN G 323 13.56 20.25 -35.39
N GLU G 324 14.81 20.17 -35.79
CA GLU G 324 15.20 19.20 -36.79
C GLU G 324 16.15 18.20 -36.18
N THR H 1 39.00 42.64 -3.34
CA THR H 1 39.09 41.76 -4.50
C THR H 1 38.50 40.39 -4.19
N LEU H 2 38.84 39.87 -3.02
CA LEU H 2 38.42 38.55 -2.59
C LEU H 2 37.43 38.67 -1.44
N LYS H 3 36.35 37.90 -1.49
CA LYS H 3 35.29 38.01 -0.50
C LYS H 3 35.12 36.79 0.39
N SER H 4 35.48 35.60 -0.09
CA SER H 4 35.26 34.38 0.67
C SER H 4 36.15 33.28 0.11
N ARG H 5 36.22 32.17 0.85
CA ARG H 5 36.88 30.97 0.37
C ARG H 5 36.03 30.31 -0.73
N PRO H 6 36.66 29.62 -1.68
CA PRO H 6 35.89 28.99 -2.76
C PRO H 6 35.08 27.80 -2.27
N GLU H 7 34.21 27.32 -3.16
CA GLU H 7 33.26 26.27 -2.84
C GLU H 7 33.90 24.89 -2.83
N ASN H 8 35.14 24.75 -3.29
CA ASN H 8 35.86 23.48 -3.29
C ASN H 8 37.33 23.80 -3.10
N LEU H 9 37.85 23.56 -1.90
CA LEU H 9 39.27 23.75 -1.62
C LEU H 9 39.76 22.57 -0.78
N SER H 10 40.88 21.99 -1.19
CA SER H 10 41.43 20.82 -0.52
C SER H 10 42.95 20.84 -0.64
N PHE H 11 43.61 20.36 0.40
CA PHE H 11 45.05 20.19 0.41
C PHE H 11 45.40 18.74 0.71
N ALA H 12 46.46 18.26 0.07
CA ALA H 12 46.95 16.91 0.30
C ALA H 12 48.04 16.94 1.37
N ARG H 13 48.53 15.77 1.73
CA ARG H 13 49.57 15.67 2.74
C ARG H 13 50.93 16.00 2.16
N CYS H 14 51.85 16.35 3.05
CA CYS H 14 53.26 16.48 2.71
C CYS H 14 54.13 15.60 3.60
N LEU H 15 53.54 14.88 4.54
CA LEU H 15 54.25 13.93 5.40
C LEU H 15 53.46 12.62 5.37
N ASN H 16 53.86 11.71 4.49
CA ASN H 16 53.22 10.41 4.37
C ASN H 16 54.01 9.37 5.14
N THR H 17 53.33 8.62 5.98
CA THR H 17 53.96 7.66 6.88
C THR H 17 53.47 6.26 6.56
N THR H 18 54.41 5.32 6.50
CA THR H 18 54.08 3.91 6.33
C THR H 18 53.64 3.30 7.65
N GLU H 19 53.03 2.12 7.56
CA GLU H 19 52.65 1.41 8.77
C GLU H 19 53.87 0.71 9.38
N ALA H 20 53.79 0.45 10.67
CA ALA H 20 54.89 -0.13 11.44
C ALA H 20 54.70 -1.63 11.56
N LYS H 21 55.82 -2.36 11.67
CA LYS H 21 55.81 -3.80 11.85
C LYS H 21 56.71 -4.18 13.02
N PHE H 22 56.26 -5.14 13.83
CA PHE H 22 56.96 -5.53 15.04
C PHE H 22 57.84 -6.77 14.79
N TRP H 23 58.94 -6.84 15.53
CA TRP H 23 59.82 -8.00 15.49
C TRP H 23 60.32 -8.27 16.90
N GLN H 24 60.76 -9.49 17.15
CA GLN H 24 61.53 -9.81 18.35
C GLN H 24 63.00 -9.92 17.98
N THR H 25 63.86 -9.71 18.97
CA THR H 25 65.30 -9.52 18.77
C THR H 25 65.93 -9.78 20.16
N ASP H 26 67.23 -9.97 20.23
CA ASP H 26 67.95 -10.02 21.49
C ASP H 26 68.84 -8.81 21.33
N PHE H 27 69.31 -8.20 22.39
CA PHE H 27 70.00 -6.92 22.33
C PHE H 27 71.46 -7.06 21.88
N LEU H 28 72.19 -8.01 22.47
CA LEU H 28 73.61 -8.14 22.19
C LEU H 28 73.91 -8.72 20.81
N LYS H 29 72.94 -9.34 20.17
CA LYS H 29 73.07 -9.86 18.82
C LYS H 29 72.03 -9.25 17.89
N ARG H 30 71.76 -7.95 18.07
CA ARG H 30 70.64 -7.31 17.38
C ARG H 30 70.90 -7.20 15.88
N HIS H 31 72.11 -6.85 15.48
CA HIS H 31 72.34 -6.69 14.05
C HIS H 31 72.75 -7.98 13.36
N THR H 32 72.20 -9.14 13.76
CA THR H 32 72.40 -10.36 12.97
C THR H 32 71.16 -11.26 13.13
N PHE H 33 70.02 -10.71 13.54
CA PHE H 33 69.01 -11.63 14.07
C PHE H 33 67.67 -10.90 14.11
N LYS H 34 66.60 -11.62 13.75
CA LYS H 34 65.24 -11.08 13.70
C LYS H 34 64.23 -12.23 13.63
N LEU H 35 63.17 -12.12 14.42
CA LEU H 35 62.09 -13.11 14.49
C LEU H 35 60.76 -12.41 14.45
N PRO H 36 59.72 -13.07 13.92
CA PRO H 36 58.39 -12.46 13.93
C PRO H 36 57.77 -12.45 15.32
N LEU H 37 56.82 -11.54 15.51
CA LEU H 37 56.03 -11.44 16.73
C LEU H 37 54.56 -11.42 16.36
N LEU H 38 53.82 -12.42 16.83
CA LEU H 38 52.43 -12.59 16.46
C LEU H 38 51.52 -12.35 17.66
N ILE H 39 50.24 -12.15 17.36
CA ILE H 39 49.23 -11.86 18.38
C ILE H 39 48.66 -13.18 18.88
N THR H 40 48.65 -13.34 20.20
CA THR H 40 48.20 -14.58 20.84
C THR H 40 46.74 -14.46 21.23
N ASP H 41 45.90 -15.34 20.69
CA ASP H 41 44.48 -15.33 20.99
C ASP H 41 44.27 -15.92 22.39
N SER H 69 39.63 -12.09 24.97
CA SER H 69 40.36 -10.95 24.43
C SER H 69 41.60 -11.41 23.67
N GLN H 70 42.33 -10.46 23.10
CA GLN H 70 43.57 -10.74 22.40
C GLN H 70 44.69 -9.94 23.05
N SER H 71 45.87 -10.55 23.12
CA SER H 71 47.02 -9.92 23.77
C SER H 71 48.28 -10.42 23.10
N CYS H 72 49.36 -9.66 23.26
CA CYS H 72 50.63 -9.99 22.64
C CYS H 72 51.74 -9.80 23.65
N THR H 73 52.61 -10.80 23.78
CA THR H 73 53.67 -10.80 24.78
C THR H 73 54.92 -11.38 24.13
N LEU H 74 56.08 -10.85 24.51
CA LEU H 74 57.35 -11.31 23.96
C LEU H 74 57.68 -12.72 24.44
N SER H 75 58.52 -13.39 23.67
CA SER H 75 58.93 -14.74 24.02
C SER H 75 59.95 -14.73 25.16
N THR H 76 60.19 -15.92 25.71
CA THR H 76 61.11 -16.07 26.82
C THR H 76 62.55 -15.82 26.38
N GLU H 77 62.89 -16.24 25.16
CA GLU H 77 64.27 -16.16 24.68
C GLU H 77 64.65 -14.79 24.12
N CYS H 78 63.73 -13.83 24.07
CA CYS H 78 64.01 -12.51 23.53
C CYS H 78 63.63 -11.43 24.52
N ASP H 79 64.32 -10.28 24.41
CA ASP H 79 64.08 -9.16 25.32
C ASP H 79 64.11 -7.80 24.63
N THR H 80 63.74 -7.72 23.34
CA THR H 80 63.87 -6.48 22.60
C THR H 80 62.80 -6.41 21.52
N LEU H 81 62.09 -5.29 21.47
CA LEU H 81 61.15 -4.98 20.40
C LEU H 81 61.83 -4.13 19.34
N ARG H 82 61.45 -4.35 18.08
CA ARG H 82 62.03 -3.62 16.95
C ARG H 82 60.91 -3.03 16.11
N ILE H 83 60.98 -1.72 15.86
CA ILE H 83 59.97 -0.99 15.10
C ILE H 83 60.62 -0.46 13.83
N ASP H 84 60.05 -0.81 12.68
CA ASP H 84 60.52 -0.32 11.38
C ASP H 84 59.36 0.38 10.67
N PHE H 85 59.58 1.63 10.26
CA PHE H 85 58.64 2.36 9.42
C PHE H 85 59.39 3.42 8.61
N GLY H 86 58.70 4.01 7.64
CA GLY H 86 59.32 5.00 6.78
C GLY H 86 58.40 6.17 6.51
N ILE H 87 59.01 7.30 6.11
CA ILE H 87 58.30 8.57 5.89
C ILE H 87 58.66 9.10 4.50
N LYS H 88 57.67 9.66 3.81
CA LYS H 88 57.84 10.37 2.54
C LYS H 88 57.54 11.85 2.72
N VAL H 89 58.44 12.71 2.22
CA VAL H 89 58.33 14.16 2.36
C VAL H 89 58.11 14.77 0.99
N LEU H 90 57.02 15.54 0.84
CA LEU H 90 56.64 16.15 -0.43
C LEU H 90 56.59 17.68 -0.32
N PRO H 91 56.81 18.40 -1.43
CA PRO H 91 56.74 19.86 -1.40
C PRO H 91 55.35 20.40 -1.08
N VAL H 92 55.32 21.64 -0.58
CA VAL H 92 54.09 22.22 -0.03
C VAL H 92 53.30 22.98 -1.09
N LYS H 93 53.95 23.62 -2.03
CA LYS H 93 53.22 24.29 -3.09
C LYS H 93 52.48 23.30 -3.93
N GLU H 94 53.17 22.25 -4.37
CA GLU H 94 52.54 21.22 -5.18
C GLU H 94 51.76 20.24 -4.31
N SER H 95 50.84 20.77 -3.49
CA SER H 95 50.04 19.95 -2.59
C SER H 95 48.59 20.43 -2.51
N MET H 96 48.15 21.19 -3.50
CA MET H 96 46.77 21.61 -3.56
C MET H 96 46.05 20.78 -4.57
N TYR H 97 44.96 20.15 -4.19
CA TYR H 97 44.26 19.23 -5.07
C TYR H 97 43.12 19.89 -5.83
N SER H 98 42.50 20.92 -5.27
CA SER H 98 41.36 21.55 -5.91
C SER H 98 41.20 22.96 -5.38
N CYS H 99 40.86 23.88 -6.29
CA CYS H 99 40.54 25.27 -5.95
C CYS H 99 39.72 25.82 -7.09
N SER H 100 38.56 26.40 -6.77
CA SER H 100 37.62 26.86 -7.78
C SER H 100 37.77 28.35 -8.12
N ASP H 101 38.90 28.96 -7.79
CA ASP H 101 39.07 30.39 -8.05
C ASP H 101 40.59 30.60 -8.13
N TYR H 102 41.06 31.03 -9.31
CA TYR H 102 42.49 31.17 -9.57
C TYR H 102 43.16 32.25 -8.72
N ASN H 103 42.41 33.28 -8.34
CA ASN H 103 42.96 34.40 -7.56
C ASN H 103 43.38 33.95 -6.17
N TYR H 104 42.58 33.08 -5.54
CA TYR H 104 42.93 32.55 -4.22
C TYR H 104 44.17 31.68 -4.32
N ARG H 105 44.32 30.94 -5.43
CA ARG H 105 45.51 30.14 -5.67
C ARG H 105 46.76 31.00 -5.80
N THR H 106 46.65 32.12 -6.52
CA THR H 106 47.78 33.05 -6.63
C THR H 106 48.13 33.68 -5.28
N ALA H 107 47.10 33.99 -4.48
CA ALA H 107 47.34 34.55 -3.14
C ALA H 107 48.05 33.54 -2.23
N ILE H 108 47.64 32.27 -2.29
CA ILE H 108 48.28 31.21 -1.51
C ILE H 108 49.74 31.05 -1.92
N TYR H 109 50.03 31.05 -3.23
CA TYR H 109 51.41 30.90 -3.69
C TYR H 109 52.27 32.10 -3.32
N GLN H 110 51.70 33.30 -3.32
CA GLN H 110 52.44 34.48 -2.90
C GLN H 110 52.78 34.45 -1.42
N LYS H 111 51.81 34.06 -0.57
CA LYS H 111 52.09 33.96 0.87
C LYS H 111 53.10 32.86 1.18
N ILE H 112 53.06 31.74 0.44
CA ILE H 112 54.05 30.69 0.66
C ILE H 112 55.46 31.16 0.27
N ASP H 113 55.61 31.85 -0.87
CA ASP H 113 56.93 32.38 -1.21
C ASP H 113 57.40 33.47 -0.23
N GLU H 114 56.47 34.23 0.35
CA GLU H 114 56.86 35.14 1.43
C GLU H 114 57.34 34.38 2.67
N TYR H 115 56.76 33.22 2.95
CA TYR H 115 57.29 32.42 4.06
C TYR H 115 58.67 31.84 3.73
N ILE H 116 58.86 31.33 2.52
CA ILE H 116 60.18 30.77 2.16
C ILE H 116 61.23 31.86 1.99
N ALA H 117 60.84 33.13 1.92
CA ALA H 117 61.82 34.20 2.02
C ALA H 117 62.39 34.33 3.44
N GLU H 118 61.53 34.45 4.45
CA GLU H 118 61.99 34.58 5.84
C GLU H 118 62.64 33.33 6.40
N ASP H 119 61.85 32.27 6.58
CA ASP H 119 62.30 31.04 7.22
C ASP H 119 62.07 29.90 6.22
N GLY H 120 63.13 29.18 5.88
CA GLY H 120 63.04 28.12 4.91
C GLY H 120 62.44 26.81 5.40
N PHE H 121 61.28 26.88 6.07
CA PHE H 121 60.58 25.74 6.67
C PHE H 121 61.47 24.95 7.62
N LEU H 122 62.30 25.65 8.38
CA LEU H 122 63.40 25.03 9.12
C LEU H 122 63.09 24.80 10.59
N THR H 123 62.35 25.71 11.22
CA THR H 123 61.94 25.52 12.62
C THR H 123 60.96 24.37 12.75
N LEU H 124 59.98 24.33 11.83
CA LEU H 124 58.98 23.27 11.81
C LEU H 124 59.63 21.91 11.57
N ALA H 125 60.59 21.86 10.64
CA ALA H 125 61.29 20.63 10.33
C ALA H 125 62.16 20.16 11.49
N LYS H 126 62.82 21.10 12.17
CA LYS H 126 63.55 20.78 13.40
C LYS H 126 62.65 20.17 14.45
N ARG H 127 61.42 20.68 14.59
CA ARG H 127 60.48 20.11 15.55
C ARG H 127 60.04 18.70 15.13
N TYR H 128 59.88 18.46 13.82
CA TYR H 128 59.52 17.12 13.35
C TYR H 128 60.63 16.10 13.56
N VAL H 129 61.89 16.47 13.30
CA VAL H 129 63.01 15.58 13.64
C VAL H 129 63.14 15.40 15.16
N ASN H 130 62.77 16.42 15.93
CA ASN H 130 62.81 16.32 17.39
C ASN H 130 61.79 15.31 17.90
N ASN H 131 60.63 15.22 17.24
CA ASN H 131 59.66 14.20 17.65
C ASN H 131 60.13 12.78 17.31
N ILE H 132 60.94 12.62 16.27
CA ILE H 132 61.56 11.33 15.99
C ILE H 132 62.62 11.00 17.04
N ALA H 133 63.42 12.00 17.42
CA ALA H 133 64.50 11.80 18.39
C ALA H 133 63.96 11.51 19.78
N ASN H 134 62.89 12.20 20.18
CA ASN H 134 62.27 12.01 21.49
C ASN H 134 61.66 10.63 21.66
N ALA H 135 61.37 9.94 20.54
CA ALA H 135 60.83 8.58 20.45
C ALA H 135 59.38 8.57 20.96
N ARG H 136 58.66 9.65 20.67
CA ARG H 136 57.25 9.78 21.06
C ARG H 136 56.36 8.73 20.39
N PHE H 137 56.77 8.21 19.23
CA PHE H 137 55.96 7.26 18.48
C PHE H 137 55.72 5.97 19.27
N LEU H 138 56.68 5.56 20.08
CA LEU H 138 56.44 4.54 21.10
C LEU H 138 55.53 5.16 22.15
N TRP H 139 54.22 4.97 21.99
CA TRP H 139 53.27 5.62 22.88
C TRP H 139 53.32 5.10 24.31
N ARG H 140 52.84 3.88 24.54
CA ARG H 140 52.90 3.33 25.89
C ARG H 140 54.19 2.55 26.09
N ASN H 141 54.82 2.12 24.98
CA ASN H 141 56.01 1.29 25.01
C ASN H 141 57.28 2.03 25.42
N ARG H 142 57.17 3.31 25.75
CA ARG H 142 58.31 4.11 26.17
C ARG H 142 58.54 4.05 27.67
N LYS H 143 57.49 3.90 28.45
CA LYS H 143 57.61 3.81 29.91
C LYS H 143 58.05 2.41 30.30
N GLY H 144 59.09 2.34 31.11
CA GLY H 144 59.53 1.06 31.64
C GLY H 144 60.52 0.34 30.75
N ALA H 145 61.24 1.10 29.93
CA ALA H 145 62.34 0.58 29.13
C ALA H 145 63.67 0.97 29.77
N GLU H 146 64.71 0.23 29.40
CA GLU H 146 66.04 0.43 29.96
C GLU H 146 67.06 0.95 28.97
N ILE H 147 66.98 0.55 27.70
CA ILE H 147 67.77 1.16 26.64
C ILE H 147 66.85 1.29 25.43
N ILE H 148 66.78 2.50 24.86
CA ILE H 148 66.09 2.74 23.60
C ILE H 148 67.10 3.37 22.65
N GLU H 149 67.25 2.81 21.46
CA GLU H 149 68.11 3.39 20.44
C GLU H 149 67.32 3.56 19.14
N THR H 150 67.65 4.60 18.39
CA THR H 150 66.97 4.92 17.13
C THR H 150 68.00 5.32 16.09
N ILE H 151 67.99 4.65 14.94
CA ILE H 151 68.89 4.94 13.83
C ILE H 151 68.05 5.39 12.64
N VAL H 152 68.54 6.41 11.92
CA VAL H 152 67.82 7.02 10.82
C VAL H 152 68.62 6.81 9.54
N THR H 153 67.98 6.26 8.52
CA THR H 153 68.64 5.98 7.25
C THR H 153 68.03 6.86 6.16
N ILE H 154 68.87 7.60 5.44
CA ILE H 154 68.49 8.35 4.25
C ILE H 154 69.49 8.00 3.15
N GLU H 155 68.96 7.43 2.05
CA GLU H 155 69.61 7.15 0.76
C GLU H 155 70.39 5.87 1.06
N ASP H 156 71.72 5.89 1.00
CA ASP H 156 72.53 4.79 1.52
C ASP H 156 73.45 5.22 2.66
N LYS H 157 73.09 6.25 3.42
CA LYS H 157 73.90 6.69 4.56
C LYS H 157 73.10 6.51 5.83
N GLU H 158 73.71 5.87 6.83
CA GLU H 158 73.10 5.71 8.14
C GLU H 158 73.63 6.79 9.07
N TYR H 159 72.72 7.53 9.67
CA TYR H 159 73.22 8.61 10.52
C TYR H 159 73.41 8.10 11.94
N PRO H 160 74.42 8.69 12.66
CA PRO H 160 74.66 8.36 14.09
C PRO H 160 73.43 8.31 14.97
N SER H 161 73.41 7.34 15.89
CA SER H 161 72.18 6.93 16.57
C SER H 161 71.75 7.96 17.61
N PHE H 162 70.67 7.65 18.32
CA PHE H 162 70.12 8.52 19.33
C PHE H 162 69.96 7.76 20.63
N ASN H 163 69.96 8.49 21.74
CA ASN H 163 69.92 7.89 23.07
C ASN H 163 68.49 7.79 23.58
N SER H 164 67.60 8.64 23.12
CA SER H 164 66.15 8.53 23.45
C SER H 164 65.69 8.78 24.86
N LYS H 165 66.55 8.59 25.83
CA LYS H 165 66.23 8.79 27.23
C LYS H 165 67.03 9.96 27.77
N SER H 166 67.51 10.80 26.86
CA SER H 166 68.20 12.04 27.19
C SER H 166 67.46 13.24 26.59
N PHE H 167 66.27 13.02 26.04
CA PHE H 167 65.45 14.06 25.46
C PHE H 167 64.10 14.07 26.16
N ASN H 168 63.71 15.23 26.66
CA ASN H 168 62.43 15.37 27.34
C ASN H 168 61.31 15.43 26.31
N LEU H 169 60.09 15.16 26.77
CA LEU H 169 58.92 15.19 25.89
C LEU H 169 58.20 16.53 25.94
N ASP H 170 58.84 17.55 26.54
CA ASP H 170 58.21 18.86 26.65
C ASP H 170 59.15 19.99 26.21
N THR H 171 60.36 19.69 25.75
CA THR H 171 61.30 20.69 25.26
C THR H 171 61.62 20.41 23.79
N PHE H 172 62.51 21.23 23.22
CA PHE H 172 62.88 21.08 21.81
C PHE H 172 64.34 21.50 21.65
N VAL H 173 65.22 20.52 21.44
CA VAL H 173 66.64 20.79 21.29
C VAL H 173 66.91 21.42 19.92
N GLU H 174 67.79 22.44 19.89
CA GLU H 174 68.07 23.13 18.65
C GLU H 174 69.56 23.19 18.33
N ASP H 175 70.40 22.47 19.07
CA ASP H 175 71.86 22.54 18.89
C ASP H 175 72.48 21.19 18.53
N ASN H 176 71.68 20.18 18.22
CA ASN H 176 72.21 18.86 17.92
C ASN H 176 72.52 18.82 16.42
N ALA H 177 73.74 18.38 16.09
CA ALA H 177 74.24 18.48 14.72
C ALA H 177 73.53 17.52 13.76
N THR H 178 73.31 16.28 14.20
CA THR H 178 72.64 15.29 13.35
C THR H 178 71.19 15.66 13.08
N ILE H 179 70.51 16.20 14.09
CA ILE H 179 69.15 16.68 13.94
C ILE H 179 69.10 17.84 12.94
N ASN H 180 70.11 18.71 13.01
CA ASN H 180 70.22 19.83 12.07
C ASN H 180 70.48 19.34 10.65
N GLU H 181 71.31 18.30 10.50
CA GLU H 181 71.63 17.78 9.17
C GLU H 181 70.43 17.10 8.52
N ILE H 182 69.62 16.38 9.31
CA ILE H 182 68.38 15.82 8.77
C ILE H 182 67.37 16.93 8.47
N ALA H 183 67.26 17.91 9.38
CA ALA H 183 66.24 18.95 9.26
C ALA H 183 66.51 19.88 8.10
N GLN H 184 67.78 20.06 7.73
CA GLN H 184 68.12 20.86 6.55
C GLN H 184 67.58 20.23 5.28
N GLN H 185 67.76 18.91 5.13
CA GLN H 185 67.25 18.22 3.94
C GLN H 185 65.74 18.17 3.92
N ILE H 186 65.10 17.95 5.07
CA ILE H 186 63.64 17.98 5.16
C ILE H 186 63.09 19.36 4.80
N ALA H 187 63.74 20.41 5.31
CA ALA H 187 63.33 21.79 5.01
C ALA H 187 63.54 22.13 3.55
N ASP H 188 64.65 21.69 2.95
CA ASP H 188 64.91 21.96 1.55
C ASP H 188 63.92 21.23 0.64
N THR H 189 63.52 20.01 1.03
CA THR H 189 62.50 19.30 0.26
C THR H 189 61.14 19.97 0.41
N PHE H 190 60.74 20.51 1.44
CA PHE H 190 59.44 21.19 1.57
C PHE H 190 59.46 22.49 0.85
N ALA H 191 60.66 23.18 0.92
CA ALA H 191 60.77 24.44 0.19
C ALA H 191 60.46 24.25 -1.29
N GLY H 192 61.20 23.37 -1.95
CA GLY H 192 61.01 23.16 -3.36
C GLY H 192 62.29 22.91 -4.11
N LYS H 193 63.42 23.05 -3.41
CA LYS H 193 64.73 22.80 -4.01
C LYS H 193 65.01 21.31 -4.23
N ARG H 194 64.16 20.42 -3.72
CA ARG H 194 64.22 19.00 -3.99
C ARG H 194 62.79 18.50 -4.11
N GLU H 195 62.60 17.43 -4.88
CA GLU H 195 61.25 17.01 -5.25
C GLU H 195 60.69 15.88 -4.40
N TYR H 196 61.54 15.14 -3.67
CA TYR H 196 61.09 14.08 -2.76
C TYR H 196 62.22 13.76 -1.81
N LEU H 197 61.86 13.14 -0.68
CA LEU H 197 62.83 12.57 0.24
C LEU H 197 62.20 11.38 0.95
N ASN H 198 62.92 10.26 0.99
CA ASN H 198 62.48 9.05 1.67
C ASN H 198 63.35 8.83 2.91
N ILE H 199 62.72 8.76 4.08
CA ILE H 199 63.40 8.61 5.36
C ILE H 199 62.96 7.30 5.99
N TYR H 200 63.91 6.44 6.32
CA TYR H 200 63.63 5.15 6.95
C TYR H 200 64.24 5.11 8.34
N VAL H 201 63.44 4.70 9.32
CA VAL H 201 63.81 4.77 10.73
C VAL H 201 63.65 3.39 11.37
N THR H 202 64.64 2.95 12.14
CA THR H 202 64.54 1.73 12.92
C THR H 202 64.70 2.09 14.40
N CYS H 203 64.00 1.35 15.26
CA CYS H 203 64.02 1.59 16.69
C CYS H 203 64.22 0.28 17.43
N PHE H 204 65.06 0.30 18.47
CA PHE H 204 65.30 -0.86 19.32
C PHE H 204 64.91 -0.50 20.75
N VAL H 205 63.95 -1.22 21.31
CA VAL H 205 63.45 -0.97 22.66
C VAL H 205 63.67 -2.22 23.49
N LYS H 206 64.44 -2.10 24.57
CA LYS H 206 64.73 -3.23 25.46
C LYS H 206 63.75 -3.14 26.63
N ILE H 207 62.77 -4.03 26.66
CA ILE H 207 61.82 -4.06 27.76
C ILE H 207 62.07 -5.21 28.73
N GLY H 208 62.63 -6.32 28.25
CA GLY H 208 62.80 -7.49 29.08
C GLY H 208 62.01 -8.67 28.56
N CYS H 209 62.36 -9.87 29.03
CA CYS H 209 61.66 -11.08 28.62
C CYS H 209 60.27 -11.14 29.24
N ALA H 210 59.34 -11.74 28.50
CA ALA H 210 57.95 -12.04 28.87
C ALA H 210 57.13 -10.80 29.20
N MET H 211 57.49 -9.63 28.71
CA MET H 211 56.69 -8.43 28.94
C MET H 211 55.79 -8.14 27.76
N GLU H 212 54.77 -7.32 28.01
CA GLU H 212 53.73 -7.01 27.05
C GLU H 212 54.17 -5.83 26.17
N VAL H 213 53.67 -5.80 24.94
CA VAL H 213 54.19 -4.91 23.90
C VAL H 213 53.21 -3.79 23.56
N TYR H 214 51.91 -3.99 23.86
CA TYR H 214 50.82 -3.02 23.68
C TYR H 214 50.67 -2.48 22.25
N PRO H 215 50.16 -3.26 21.28
CA PRO H 215 49.97 -2.69 19.93
C PRO H 215 48.62 -2.02 19.77
N SER H 216 48.42 -1.37 18.62
CA SER H 216 47.22 -0.58 18.38
C SER H 216 45.99 -1.47 18.20
N GLN H 217 44.85 -0.91 18.52
CA GLN H 217 43.59 -1.64 18.57
C GLN H 217 42.67 -1.16 17.45
N GLU H 218 41.91 -2.08 16.90
CA GLU H 218 41.08 -1.82 15.74
C GLU H 218 39.74 -1.26 16.17
N MET H 219 38.94 -0.85 15.19
CA MET H 219 37.65 -0.22 15.42
C MET H 219 36.56 -1.23 15.12
N THR H 220 35.67 -1.44 16.08
CA THR H 220 34.58 -2.39 15.93
C THR H 220 33.27 -1.62 15.81
N PHE H 221 32.68 -1.63 14.61
CA PHE H 221 31.36 -1.06 14.42
C PHE H 221 30.27 -2.10 14.70
N LYS H 226 31.81 -7.49 20.99
CA LYS H 226 32.65 -6.80 21.96
C LYS H 226 33.98 -7.52 22.13
N GLY H 227 34.94 -6.82 22.74
CA GLY H 227 36.26 -7.39 22.95
C GLY H 227 37.36 -6.60 22.28
N LYS H 228 38.52 -6.51 22.94
CA LYS H 228 39.65 -5.80 22.36
C LYS H 228 40.27 -6.64 21.25
N LYS H 229 40.10 -6.18 20.01
CA LYS H 229 40.65 -6.86 18.84
C LYS H 229 41.81 -6.03 18.31
N LEU H 230 42.98 -6.66 18.22
CA LEU H 230 44.22 -5.96 17.92
C LEU H 230 44.46 -5.97 16.41
N PHE H 231 45.52 -5.29 15.98
CA PHE H 231 45.75 -5.01 14.57
C PHE H 231 46.90 -5.84 14.05
N LYS H 232 46.68 -6.52 12.93
CA LYS H 232 47.67 -7.40 12.32
C LYS H 232 48.09 -6.84 10.96
N PHE H 233 49.39 -6.79 10.73
CA PHE H 233 49.95 -6.32 9.46
C PHE H 233 50.94 -7.37 8.97
N GLU H 234 50.61 -8.01 7.85
CA GLU H 234 51.40 -9.06 7.20
C GLU H 234 51.65 -10.25 8.12
N GLY H 235 50.67 -10.60 8.95
CA GLY H 235 50.78 -11.68 9.91
C GLY H 235 51.29 -11.25 11.27
N SER H 236 52.27 -10.35 11.31
CA SER H 236 52.81 -9.83 12.56
C SER H 236 51.93 -8.72 13.11
N ALA H 237 52.42 -8.00 14.11
CA ALA H 237 51.68 -6.93 14.75
C ALA H 237 52.34 -5.59 14.44
N GLY H 238 51.57 -4.51 14.55
CA GLY H 238 52.14 -3.20 14.28
C GLY H 238 51.18 -2.09 14.66
N MET H 239 51.64 -0.87 14.44
CA MET H 239 50.83 0.32 14.67
C MET H 239 50.32 0.90 13.36
N HIS H 240 49.19 1.60 13.44
CA HIS H 240 48.69 2.34 12.30
C HIS H 240 49.60 3.53 12.00
N SER H 241 49.55 3.98 10.74
CA SER H 241 50.29 5.17 10.35
C SER H 241 49.71 6.44 10.96
N GLN H 242 48.39 6.44 11.23
CA GLN H 242 47.72 7.59 11.85
C GLN H 242 48.27 7.86 13.24
N LYS H 243 48.55 6.81 14.01
CA LYS H 243 49.04 6.96 15.37
C LYS H 243 50.45 7.53 15.40
N ILE H 244 51.29 7.14 14.44
CA ILE H 244 52.63 7.71 14.33
C ILE H 244 52.57 9.15 13.84
N ASN H 245 51.66 9.44 12.89
CA ASN H 245 51.53 10.79 12.38
C ASN H 245 51.00 11.75 13.44
N ASN H 246 50.13 11.25 14.33
CA ASN H 246 49.73 12.03 15.49
C ASN H 246 50.90 12.33 16.42
N ALA H 247 51.85 11.40 16.53
CA ALA H 247 53.03 11.61 17.36
C ALA H 247 53.93 12.69 16.77
N LEU H 248 54.10 12.70 15.46
CA LEU H 248 55.00 13.66 14.84
C LEU H 248 54.44 15.08 14.81
N ARG H 249 53.11 15.24 14.81
CA ARG H 249 52.49 16.57 14.74
C ARG H 249 52.35 17.28 16.08
N THR H 250 52.88 16.74 17.18
CA THR H 250 52.78 17.44 18.46
C THR H 250 53.91 18.45 18.54
N ILE H 251 53.73 19.55 17.79
CA ILE H 251 54.77 20.56 17.60
C ILE H 251 54.21 21.95 17.82
N ASP H 252 53.01 22.04 18.40
CA ASP H 252 52.34 23.32 18.62
C ASP H 252 52.64 23.81 20.03
N THR H 253 53.43 24.88 20.13
CA THR H 253 53.69 25.61 21.37
C THR H 253 53.42 27.08 21.15
N TRP H 254 52.38 27.41 20.39
CA TRP H 254 52.06 28.79 20.08
C TRP H 254 50.58 29.05 20.32
N TYR H 255 50.03 28.42 21.29
CA TYR H 255 48.63 28.59 21.60
C TYR H 255 48.47 29.70 22.64
N PRO H 256 47.26 30.35 22.69
CA PRO H 256 46.99 31.41 23.67
C PRO H 256 47.36 31.15 25.14
N ASP H 257 46.84 30.08 25.72
CA ASP H 257 47.13 29.76 27.12
C ASP H 257 48.35 28.85 27.28
N TYR H 258 49.49 29.26 26.71
CA TYR H 258 50.68 28.43 26.79
C TYR H 258 51.34 28.50 28.16
N THR H 259 51.32 29.68 28.80
CA THR H 259 52.06 29.87 30.04
C THR H 259 51.46 29.08 31.19
N THR H 260 50.14 28.95 31.22
CA THR H 260 49.51 28.14 32.24
C THR H 260 49.93 26.71 32.04
N TYR H 261 49.27 25.99 31.14
CA TYR H 261 49.67 24.61 30.84
C TYR H 261 50.78 24.61 29.83
N GLU H 262 51.98 24.20 30.23
CA GLU H 262 53.12 24.27 29.32
C GLU H 262 53.48 22.97 28.66
N PHE H 263 52.60 22.45 27.81
CA PHE H 263 52.78 21.18 27.17
C PHE H 263 52.42 21.27 25.70
N PRO H 264 53.24 20.69 24.79
CA PRO H 264 52.88 20.70 23.37
C PRO H 264 51.55 19.99 23.09
N ILE H 265 50.79 20.54 22.14
CA ILE H 265 49.48 20.03 21.77
C ILE H 265 49.58 19.59 20.31
N PRO H 266 48.92 18.51 19.87
CA PRO H 266 48.94 18.20 18.44
C PRO H 266 48.12 19.18 17.60
N VAL H 267 48.57 19.37 16.36
CA VAL H 267 48.11 20.44 15.49
C VAL H 267 46.74 20.08 14.92
N GLU H 268 45.74 20.91 15.23
CA GLU H 268 44.37 20.70 14.76
C GLU H 268 43.73 22.06 14.50
N ASN H 269 42.62 22.04 13.74
CA ASN H 269 41.94 23.27 13.31
C ASN H 269 41.35 24.05 14.48
N TYR H 270 40.27 23.52 15.06
CA TYR H 270 39.76 23.97 16.35
C TYR H 270 40.57 23.23 17.40
N GLY H 271 41.77 23.77 17.66
CA GLY H 271 42.83 23.13 18.43
C GLY H 271 42.43 22.46 19.72
N ALA H 272 42.60 21.14 19.75
CA ALA H 272 41.96 20.28 20.72
C ALA H 272 42.93 19.20 21.17
N ALA H 273 42.83 18.83 22.45
CA ALA H 273 43.67 17.79 23.03
C ALA H 273 42.77 16.84 23.80
N ARG H 274 42.69 15.59 23.33
CA ARG H 274 41.86 14.58 23.99
C ARG H 274 42.40 14.17 25.35
N SER H 275 43.66 14.52 25.67
CA SER H 275 44.22 14.28 26.99
C SER H 275 43.40 14.93 28.10
N ILE H 276 43.33 16.25 28.10
CA ILE H 276 42.50 16.95 29.08
C ILE H 276 41.56 17.97 28.43
N GLY H 277 40.42 17.46 27.93
CA GLY H 277 39.10 18.07 27.87
C GLY H 277 38.92 19.57 27.72
N ILE H 278 39.72 20.20 26.86
CA ILE H 278 39.68 21.65 26.78
C ILE H 278 40.01 22.14 25.37
N PRO H 279 39.10 22.86 24.71
CA PRO H 279 39.43 23.49 23.44
C PRO H 279 40.40 24.66 23.58
N PHE H 280 41.64 24.43 23.20
CA PHE H 280 42.67 25.46 23.34
C PHE H 280 42.63 26.50 22.27
N ARG H 281 41.72 26.39 21.33
CA ARG H 281 41.53 27.42 20.30
C ARG H 281 40.09 27.51 19.80
N PRO H 282 39.13 28.12 20.53
CA PRO H 282 37.73 28.07 20.09
C PRO H 282 37.33 29.13 19.07
N ASP H 283 38.17 30.13 18.85
CA ASP H 283 37.71 31.45 18.43
C ASP H 283 38.87 32.03 17.63
N THR H 284 39.07 33.36 17.63
CA THR H 284 39.89 34.12 16.69
C THR H 284 41.34 33.66 16.52
N LYS H 285 41.73 32.63 17.23
CA LYS H 285 43.05 32.08 17.01
C LYS H 285 42.92 30.76 16.23
N SER H 286 41.70 30.35 15.86
CA SER H 286 41.50 29.13 15.09
C SER H 286 42.04 29.30 13.67
N PHE H 287 42.09 28.20 12.93
CA PHE H 287 42.65 28.23 11.58
C PHE H 287 41.74 28.97 10.60
N TYR H 288 40.43 28.81 10.73
CA TYR H 288 39.50 29.40 9.76
C TYR H 288 39.57 30.92 9.76
N LYS H 289 39.60 31.53 10.93
CA LYS H 289 39.70 32.99 11.01
C LYS H 289 41.11 33.46 10.65
N LEU H 290 42.12 32.72 11.09
CA LEU H 290 43.50 33.13 10.80
C LEU H 290 43.85 32.98 9.33
N ILE H 291 43.14 32.12 8.59
CA ILE H 291 43.33 32.07 7.14
C ILE H 291 42.36 33.02 6.43
N ASP H 292 41.19 33.31 7.01
CA ASP H 292 40.37 34.40 6.49
C ASP H 292 40.69 35.72 7.18
N ARG H 293 41.96 35.93 7.51
CA ARG H 293 42.48 37.20 7.99
C ARG H 293 43.86 37.44 7.40
N MET H 294 44.29 36.52 6.53
CA MET H 294 45.58 36.62 5.85
C MET H 294 45.44 36.76 4.34
N ILE H 295 44.35 36.26 3.76
CA ILE H 295 44.24 36.13 2.32
C ILE H 295 43.05 36.97 1.86
N LEU H 296 42.07 37.14 2.74
CA LEU H 296 40.93 38.01 2.43
C LEU H 296 41.16 39.45 2.85
N LYS H 297 41.96 39.69 3.88
CA LYS H 297 42.32 40.99 4.42
C LYS H 297 43.82 40.93 4.66
N ASN H 298 44.57 41.50 3.72
CA ASN H 298 46.00 41.27 3.57
C ASN H 298 46.69 42.02 4.72
N GLU H 299 46.65 41.42 5.90
CA GLU H 299 47.30 41.91 7.10
C GLU H 299 48.47 40.98 7.44
N ASP H 300 49.57 41.57 7.90
CA ASP H 300 50.77 40.80 8.18
C ASP H 300 50.65 40.29 9.62
N LEU H 301 50.61 38.97 9.75
CA LEU H 301 50.41 38.25 11.01
C LEU H 301 51.74 38.05 11.71
N PRO H 302 51.72 37.75 13.02
CA PRO H 302 52.97 37.35 13.70
C PRO H 302 53.51 36.03 13.18
N ILE H 303 54.77 35.77 13.52
CA ILE H 303 55.49 34.62 12.96
C ILE H 303 54.95 33.30 13.53
N GLU H 304 54.46 33.32 14.77
CA GLU H 304 53.94 32.10 15.39
C GLU H 304 52.64 31.65 14.73
N ASP H 305 51.76 32.59 14.42
CA ASP H 305 50.53 32.26 13.72
C ASP H 305 50.79 31.80 12.30
N LYS H 306 51.80 32.36 11.64
CA LYS H 306 52.21 31.88 10.33
C LYS H 306 52.78 30.46 10.41
N HIS H 307 53.50 30.15 11.48
CA HIS H 307 53.99 28.80 11.73
C HIS H 307 52.82 27.82 11.85
N TYR H 308 51.79 28.21 12.60
CA TYR H 308 50.63 27.33 12.79
C TYR H 308 49.84 27.12 11.50
N VAL H 309 49.65 28.19 10.72
CA VAL H 309 48.94 28.08 9.44
C VAL H 309 49.69 27.19 8.45
N MET H 310 51.02 27.36 8.37
CA MET H 310 51.78 26.49 7.48
C MET H 310 51.80 25.04 7.98
N ALA H 311 51.79 24.83 9.30
CA ALA H 311 51.72 23.47 9.83
C ALA H 311 50.40 22.78 9.50
N ILE H 312 49.30 23.55 9.51
CA ILE H 312 48.03 23.01 9.07
C ILE H 312 48.07 22.66 7.58
N LEU H 313 48.77 23.46 6.78
CA LEU H 313 48.89 23.13 5.36
C LEU H 313 49.84 21.96 5.09
N ILE H 314 50.77 21.66 6.01
CA ILE H 314 51.57 20.43 5.91
C ILE H 314 50.78 19.28 6.53
N ARG H 315 49.59 19.55 7.08
CA ARG H 315 48.77 18.43 7.50
C ARG H 315 47.70 18.10 6.46
N GLY H 316 46.88 19.07 6.06
CA GLY H 316 45.94 18.83 4.98
C GLY H 316 44.51 18.66 5.44
N GLY H 317 43.57 18.83 4.51
CA GLY H 317 42.16 18.68 4.85
C GLY H 317 41.30 19.40 3.85
N MET H 318 39.99 19.25 4.06
CA MET H 318 38.99 19.94 3.24
C MET H 318 38.60 21.23 3.95
N PHE H 319 38.78 22.36 3.25
CA PHE H 319 38.51 23.69 3.80
C PHE H 319 37.58 24.42 2.81
N SER H 320 36.28 24.19 2.92
CA SER H 320 35.34 24.80 1.98
C SER H 320 34.35 25.70 2.70
N LYS H 321 33.52 26.38 1.92
CA LYS H 321 32.54 27.28 2.48
C LYS H 321 31.28 27.28 1.64
N LYS H 322 30.16 26.98 2.27
CA LYS H 322 28.92 26.96 1.54
C LYS H 322 28.73 28.32 0.96
N GLN H 323 28.11 28.39 -0.22
CA GLN H 323 27.96 29.68 -0.90
C GLN H 323 29.31 30.35 -1.09
N MET L 1 52.52 18.60 60.03
CA MET L 1 51.64 18.80 58.89
C MET L 1 52.19 19.80 57.88
N PHE L 2 53.34 19.51 57.30
CA PHE L 2 53.88 20.37 56.27
C PHE L 2 53.61 19.66 54.94
N SER L 3 54.45 19.80 53.91
CA SER L 3 54.11 19.11 52.65
C SER L 3 55.17 19.00 51.55
N GLN L 4 54.89 18.19 50.53
CA GLN L 4 55.78 18.00 49.39
C GLN L 4 54.87 17.66 48.24
N ILE L 5 54.92 18.41 47.13
CA ILE L 5 54.01 18.20 46.00
C ILE L 5 54.64 17.55 44.81
N LEU L 6 54.14 16.39 44.42
CA LEU L 6 54.66 15.69 43.26
C LEU L 6 53.64 15.83 42.14
N ILE L 7 54.07 16.19 40.93
CA ILE L 7 53.12 16.47 39.86
C ILE L 7 53.11 15.42 38.73
N ILE L 8 51.94 15.09 38.17
CA ILE L 8 51.85 14.15 37.02
C ILE L 8 51.71 14.93 35.72
N LYS L 9 52.79 15.14 35.01
CA LYS L 9 52.82 15.95 33.80
C LYS L 9 51.74 15.50 32.82
N PRO L 10 51.01 16.43 32.19
CA PRO L 10 50.01 16.05 31.19
C PRO L 10 50.65 15.83 29.83
N GLY L 11 49.83 15.57 28.82
CA GLY L 11 50.33 15.08 27.55
C GLY L 11 50.96 13.72 27.77
N THR L 12 52.21 13.55 27.35
CA THR L 12 53.12 12.42 27.61
C THR L 12 52.65 11.08 27.02
N GLY L 13 51.49 11.04 26.38
CA GLY L 13 51.01 9.84 25.74
C GLY L 13 50.19 8.93 26.63
N ILE L 14 50.82 8.40 27.68
CA ILE L 14 50.15 7.52 28.63
C ILE L 14 49.20 8.36 29.49
N SER L 15 48.07 7.76 29.87
CA SER L 15 47.08 8.37 30.75
C SER L 15 47.66 8.60 32.14
N PRO L 16 47.22 9.63 32.88
CA PRO L 16 47.76 9.84 34.23
C PRO L 16 47.31 8.82 35.26
N ASN L 17 46.14 8.20 35.02
CA ASN L 17 45.63 7.12 35.88
C ASN L 17 46.61 5.95 35.94
N ILE L 18 47.10 5.52 34.77
CA ILE L 18 48.06 4.41 34.69
C ILE L 18 49.37 4.78 35.37
N ILE L 19 49.81 6.03 35.18
CA ILE L 19 51.06 6.53 35.75
C ILE L 19 50.98 6.52 37.28
N ILE L 20 49.85 6.98 37.82
CA ILE L 20 49.49 6.92 39.23
C ILE L 20 49.57 5.48 39.73
N SER L 21 48.86 4.56 39.06
CA SER L 21 48.84 3.14 39.42
C SER L 21 50.20 2.45 39.49
N GLU L 22 50.85 2.27 38.32
CA GLU L 22 52.10 1.52 38.23
C GLU L 22 53.28 2.03 39.06
N ASP L 23 53.86 3.16 38.66
CA ASP L 23 55.00 3.76 39.32
C ASP L 23 54.78 4.12 40.79
N ILE L 24 53.81 5.01 41.03
CA ILE L 24 53.73 5.76 42.29
C ILE L 24 53.37 4.84 43.47
N PHE L 25 52.33 4.04 43.30
CA PHE L 25 51.68 3.44 44.48
C PHE L 25 52.48 2.30 45.09
N PRO L 26 53.14 1.39 44.32
CA PRO L 26 54.17 0.53 44.94
C PRO L 26 55.26 1.21 45.77
N VAL L 27 55.83 2.28 45.25
CA VAL L 27 56.92 2.92 45.96
C VAL L 27 56.35 3.48 47.20
N LEU L 28 55.17 4.05 47.10
CA LEU L 28 54.54 4.57 48.27
C LEU L 28 54.28 3.48 49.32
N HIS L 29 53.70 2.34 48.90
CA HIS L 29 53.43 1.30 49.87
C HIS L 29 54.69 1.06 50.65
N SER L 30 55.75 0.74 49.98
CA SER L 30 57.00 0.46 50.63
C SER L 30 57.41 1.57 51.53
N LEU L 31 57.39 2.78 51.02
CA LEU L 31 57.81 3.90 51.82
C LEU L 31 57.02 3.93 53.08
N PHE L 32 55.72 3.91 52.96
CA PHE L 32 54.88 4.01 54.13
C PHE L 32 55.12 2.88 55.13
N VAL L 33 55.28 1.63 54.69
CA VAL L 33 55.41 0.51 55.62
C VAL L 33 56.60 0.58 56.53
N GLU L 34 57.79 0.65 55.94
CA GLU L 34 58.99 0.64 56.75
C GLU L 34 58.88 1.80 57.70
N HIS L 35 58.48 2.94 57.21
CA HIS L 35 58.27 4.03 58.10
C HIS L 35 57.18 3.66 59.07
N ASP L 36 56.09 3.06 58.56
CA ASP L 36 54.95 2.65 59.40
C ASP L 36 54.14 3.82 59.93
N LYS L 37 54.81 4.90 60.30
CA LYS L 37 54.12 6.05 60.84
C LYS L 37 53.04 6.40 59.88
N LYS L 38 51.81 6.33 60.32
CA LYS L 38 50.71 6.55 59.41
C LYS L 38 50.78 7.95 58.79
N PHE L 39 50.93 8.03 57.47
CA PHE L 39 50.98 9.32 56.78
C PHE L 39 49.65 9.60 56.13
N GLY L 40 49.69 10.11 54.90
CA GLY L 40 48.47 10.43 54.18
C GLY L 40 48.80 10.96 52.80
N ILE L 41 47.81 11.14 51.94
CA ILE L 41 48.10 11.55 50.59
C ILE L 41 47.17 12.60 50.09
N THR L 42 47.74 13.70 49.65
CA THR L 42 46.92 14.81 49.22
C THR L 42 46.67 14.84 47.75
N PHE L 43 45.42 14.68 47.37
CA PHE L 43 45.08 14.67 46.00
C PHE L 43 44.29 15.89 45.78
N PRO L 44 44.99 16.99 45.61
CA PRO L 44 44.31 18.23 45.37
C PRO L 44 43.45 18.15 44.15
N ALA L 45 42.96 19.28 43.69
CA ALA L 45 42.05 19.33 42.55
C ALA L 45 41.42 17.97 42.31
N TYR L 46 40.81 17.39 43.36
CA TYR L 46 40.13 16.10 43.25
C TYR L 46 38.72 16.20 42.74
N SER L 47 38.48 17.23 41.93
CA SER L 47 37.19 17.42 41.25
C SER L 47 35.90 16.77 41.71
N PHE L 48 35.12 16.24 40.75
CA PHE L 48 33.77 15.75 41.10
C PHE L 48 33.48 14.28 41.32
N ASP L 49 32.33 14.01 41.94
CA ASP L 49 31.92 12.63 42.18
C ASP L 49 31.51 11.97 40.89
N LYS L 50 30.74 12.69 40.08
CA LYS L 50 30.36 12.15 38.79
C LYS L 50 31.65 11.87 38.10
N LYS L 51 32.69 12.57 38.52
CA LYS L 51 33.98 12.41 37.87
C LYS L 51 34.83 11.32 38.49
N GLY L 52 35.72 11.68 39.40
CA GLY L 52 36.65 10.72 39.94
C GLY L 52 38.01 11.08 39.36
N HIS L 53 38.06 12.23 38.70
CA HIS L 53 39.29 12.69 38.12
C HIS L 53 40.28 12.96 39.21
N LEU L 54 41.17 12.03 39.47
CA LEU L 54 42.05 12.26 40.62
C LEU L 54 42.91 13.51 40.42
N GLY L 55 43.18 13.89 39.18
CA GLY L 55 43.93 15.08 38.89
C GLY L 55 45.38 14.80 38.57
N ASN L 56 46.11 15.88 38.34
CA ASN L 56 47.52 15.81 37.93
C ASN L 56 48.47 16.17 39.07
N ILE L 57 48.00 16.21 40.30
CA ILE L 57 48.77 16.70 41.45
C ILE L 57 48.77 15.64 42.54
N ILE L 58 49.90 15.48 43.22
CA ILE L 58 50.03 14.58 44.37
C ILE L 58 50.76 15.33 45.47
N GLU L 59 50.19 15.36 46.67
CA GLU L 59 50.90 15.88 47.84
C GLU L 59 50.90 14.87 48.96
N VAL L 60 51.97 14.90 49.75
CA VAL L 60 52.20 13.95 50.84
C VAL L 60 51.97 14.67 52.15
N LEU L 61 51.15 14.08 53.02
CA LEU L 61 50.91 14.61 54.36
C LEU L 61 51.90 14.02 55.35
N SER L 62 52.48 14.88 56.19
CA SER L 62 53.46 14.47 57.19
C SER L 62 53.24 15.30 58.46
N GLU L 63 53.94 14.93 59.51
CA GLU L 63 53.81 15.65 60.78
C GLU L 63 55.05 16.47 61.04
N ASP L 64 56.18 15.80 61.21
CA ASP L 64 57.42 16.53 61.42
C ASP L 64 58.04 16.86 60.06
N LYS L 65 58.97 17.79 60.09
CA LYS L 65 59.67 18.14 58.89
C LYS L 65 60.58 17.00 58.60
N GLU L 66 61.43 16.65 59.56
CA GLU L 66 62.25 15.48 59.38
C GLU L 66 61.20 14.45 59.22
N ALA L 67 59.97 14.88 59.43
CA ALA L 67 58.84 13.97 59.32
C ALA L 67 58.62 13.51 57.87
N LEU L 68 58.70 14.42 56.90
CA LEU L 68 58.51 14.06 55.50
C LEU L 68 59.86 13.83 54.87
N ALA L 69 60.88 14.52 55.36
CA ALA L 69 62.21 14.28 54.86
C ALA L 69 62.50 12.89 55.28
N SER L 70 61.64 12.36 56.12
CA SER L 70 61.80 10.99 56.53
C SER L 70 61.86 10.15 55.26
N LEU L 71 60.98 10.43 54.31
CA LEU L 71 60.96 9.69 53.05
C LEU L 71 61.80 10.40 52.02
N CYS L 72 62.65 9.66 51.32
CA CYS L 72 63.46 10.25 50.26
C CYS L 72 62.70 10.24 48.96
N LEU L 73 61.69 11.09 48.82
CA LEU L 73 60.87 11.06 47.63
C LEU L 73 61.79 11.18 46.47
N GLU L 74 62.50 12.29 46.38
CA GLU L 74 63.44 12.47 45.34
C GLU L 74 64.40 11.37 45.51
N GLU L 75 64.91 10.82 44.43
CA GLU L 75 65.88 9.71 44.49
C GLU L 75 65.12 8.43 44.47
N HIS L 76 63.85 8.48 44.83
CA HIS L 76 63.06 7.29 44.72
C HIS L 76 62.25 7.38 43.45
N LEU L 77 61.19 8.16 43.47
CA LEU L 77 60.42 8.36 42.28
C LEU L 77 61.31 9.23 41.46
N ALA L 78 62.44 8.70 41.02
CA ALA L 78 63.38 9.56 40.32
C ALA L 78 63.65 9.10 38.92
N GLU L 79 64.04 7.85 38.78
CA GLU L 79 64.26 7.34 37.46
C GLU L 79 63.16 7.82 36.51
N VAL L 80 61.90 7.73 36.92
CA VAL L 80 60.82 8.19 36.08
C VAL L 80 60.74 9.69 36.19
N THR L 81 61.59 10.41 35.48
CA THR L 81 61.63 11.84 35.64
C THR L 81 60.91 12.58 34.55
N ASP L 82 60.23 11.87 33.68
CA ASP L 82 59.60 12.52 32.55
C ASP L 82 58.12 12.38 32.62
N TYR L 83 57.66 11.63 33.59
CA TYR L 83 56.26 11.45 33.75
C TYR L 83 55.82 11.86 35.16
N VAL L 84 56.74 12.17 36.07
CA VAL L 84 56.35 12.62 37.41
C VAL L 84 57.39 13.65 37.87
N LYS L 85 56.91 14.75 38.45
CA LYS L 85 57.77 15.79 38.98
C LYS L 85 57.89 15.68 40.50
N VAL L 86 59.04 16.08 41.02
CA VAL L 86 59.28 16.14 42.46
C VAL L 86 59.70 17.57 42.79
N LYS L 87 58.77 18.31 43.39
CA LYS L 87 59.06 19.68 43.83
C LYS L 87 60.12 19.65 44.91
N LYS L 88 60.67 20.81 45.25
CA LYS L 88 61.79 20.82 46.20
C LYS L 88 61.58 21.74 47.39
N GLU L 89 60.38 21.74 47.96
CA GLU L 89 60.14 22.55 49.14
C GLU L 89 59.18 21.86 50.09
N ILE L 90 59.36 22.08 51.38
CA ILE L 90 58.43 21.52 52.34
C ILE L 90 57.58 22.66 52.85
N THR L 91 56.33 22.75 52.40
CA THR L 91 55.47 23.86 52.78
C THR L 91 54.52 23.42 53.89
N PHE L 92 54.33 24.32 54.86
CA PHE L 92 53.41 24.06 55.97
C PHE L 92 51.99 24.49 55.59
N THR L 93 51.40 23.74 54.66
CA THR L 93 50.05 24.01 54.21
C THR L 93 49.03 23.71 55.31
N ASP L 94 48.04 24.60 55.44
CA ASP L 94 47.00 24.47 56.45
C ASP L 94 45.59 24.34 55.87
N ASP L 95 45.40 24.66 54.60
CA ASP L 95 44.11 24.51 53.93
C ASP L 95 43.90 23.11 53.35
N TYR L 96 44.70 22.13 53.77
CA TYR L 96 44.58 20.75 53.32
C TYR L 96 43.25 20.13 53.72
N VAL L 97 42.81 19.16 52.92
CA VAL L 97 41.63 18.35 53.18
C VAL L 97 42.05 16.88 53.11
N LEU L 98 41.67 16.09 54.13
CA LEU L 98 42.06 14.69 54.18
C LEU L 98 41.21 13.83 53.23
N PHE L 99 41.68 12.61 53.00
CA PHE L 99 41.09 11.68 52.03
C PHE L 99 40.83 10.33 52.70
N LYS L 100 39.69 9.72 52.38
CA LYS L 100 39.22 8.52 53.04
C LYS L 100 38.90 7.42 52.03
N ARG L 101 38.85 6.18 52.53
CA ARG L 101 38.55 5.00 51.71
C ARG L 101 37.14 4.49 51.98
N ILE L 102 36.28 4.57 50.96
CA ILE L 102 34.98 3.90 50.99
C ILE L 102 35.23 2.46 50.54
N ARG L 103 34.23 1.62 50.57
CA ARG L 103 34.41 0.31 49.98
C ARG L 103 33.16 0.22 49.14
N GLU L 104 32.81 -0.92 48.57
CA GLU L 104 31.63 -0.94 47.67
C GLU L 104 30.89 -2.27 47.60
N GLU L 105 31.36 -3.29 48.30
CA GLU L 105 30.74 -4.61 48.41
C GLU L 105 31.31 -5.54 47.34
N ASN L 106 31.27 -6.85 47.58
CA ASN L 106 31.73 -7.80 46.58
C ASN L 106 30.60 -8.16 45.62
N GLN L 107 30.90 -9.08 44.72
CA GLN L 107 29.91 -9.48 43.73
C GLN L 107 28.87 -10.46 44.23
N TYR L 108 27.77 -10.58 43.50
CA TYR L 108 26.71 -11.51 43.86
C TYR L 108 27.23 -12.93 44.00
N GLU L 109 28.05 -13.37 43.04
CA GLU L 109 28.57 -14.74 43.06
C GLU L 109 29.65 -14.90 44.10
N THR L 110 30.56 -13.93 44.17
CA THR L 110 31.58 -13.98 45.21
C THR L 110 30.95 -14.22 46.58
N HIS L 130 20.82 -6.07 45.50
CA HIS L 130 21.46 -5.12 46.40
C HIS L 130 22.93 -4.88 46.06
N ILE L 131 23.57 -5.87 45.44
CA ILE L 131 24.92 -5.78 44.88
C ILE L 131 24.94 -4.62 43.88
N LYS L 132 23.91 -4.57 43.03
CA LYS L 132 23.81 -3.53 42.01
C LYS L 132 23.53 -2.16 42.62
N LYS L 133 22.82 -2.13 43.76
CA LYS L 133 22.57 -0.88 44.47
C LYS L 133 23.86 -0.25 44.97
N LYS L 134 24.73 -1.06 45.58
CA LYS L 134 26.02 -0.55 46.04
C LYS L 134 26.94 -0.27 44.88
N ASN L 135 26.82 -1.07 43.81
CA ASN L 135 27.50 -0.80 42.56
C ASN L 135 27.00 0.51 41.97
N GLN L 136 27.90 1.23 41.28
CA GLN L 136 27.66 2.52 40.64
C GLN L 136 27.22 3.62 41.62
N GLN L 137 27.50 3.43 42.92
CA GLN L 137 27.36 4.46 43.96
C GLN L 137 28.72 4.93 44.46
N ILE L 138 29.68 4.01 44.53
CA ILE L 138 31.07 4.34 44.81
C ILE L 138 31.91 4.19 43.55
N PHE L 139 31.40 3.53 42.51
CA PHE L 139 32.12 3.25 41.27
C PHE L 139 32.35 4.50 40.41
N CYS L 140 31.76 5.63 40.81
CA CYS L 140 32.06 6.92 40.19
C CYS L 140 33.30 7.57 40.77
N ALA L 142 37.40 7.18 42.54
CA ALA L 142 38.64 6.63 42.03
C ALA L 142 38.69 5.12 42.23
N TYR L 143 39.49 4.47 41.35
CA TYR L 143 39.54 3.00 41.29
C TYR L 143 40.94 2.42 41.14
N ILE L 144 41.91 2.96 41.81
CA ILE L 144 43.32 2.60 41.73
C ILE L 144 43.56 1.10 41.87
N LYS L 145 44.40 0.53 41.01
CA LYS L 145 44.58 -0.92 40.93
C LYS L 145 45.94 -1.32 41.46
N VAL L 146 45.95 -2.30 42.36
CA VAL L 146 47.14 -2.75 43.07
C VAL L 146 47.21 -4.27 42.96
N LYS L 147 48.39 -4.78 42.62
CA LYS L 147 48.61 -6.23 42.51
C LYS L 147 49.26 -6.73 43.80
N SER L 148 48.65 -7.75 44.40
CA SER L 148 49.07 -8.23 45.71
C SER L 148 50.22 -9.22 45.59
N ALA L 149 51.15 -9.13 46.55
CA ALA L 149 52.32 -9.99 46.53
C ALA L 149 51.98 -11.43 46.92
N SER L 150 51.15 -11.61 47.95
CA SER L 150 50.94 -12.94 48.50
C SER L 150 49.77 -13.66 47.83
N THR L 151 48.59 -13.03 47.85
CA THR L 151 47.40 -13.62 47.23
C THR L 151 47.42 -13.54 45.72
N GLY L 152 48.32 -12.74 45.17
CA GLY L 152 48.49 -12.65 43.72
C GLY L 152 47.23 -12.29 42.96
N GLN L 153 46.44 -11.37 43.49
CA GLN L 153 45.15 -11.02 42.89
C GLN L 153 45.01 -9.51 42.88
N SER L 154 44.89 -8.93 41.69
CA SER L 154 44.77 -7.49 41.53
C SER L 154 43.32 -7.05 41.76
N TYR L 155 43.17 -5.86 42.32
CA TYR L 155 41.87 -5.39 42.75
C TYR L 155 41.86 -3.86 42.71
N ASN L 156 40.70 -3.28 43.00
CA ASN L 156 40.51 -1.83 42.96
C ASN L 156 40.31 -1.29 44.37
N ILE L 157 40.83 -0.09 44.62
CA ILE L 157 40.67 0.60 45.90
C ILE L 157 40.01 1.95 45.61
N PHE L 158 38.92 2.22 46.31
CA PHE L 158 38.15 3.42 46.07
C PHE L 158 38.41 4.47 47.15
N LEU L 159 38.30 5.74 46.77
CA LEU L 159 38.73 6.84 47.61
C LEU L 159 37.57 7.81 47.88
N ALA L 160 37.84 8.88 48.64
CA ALA L 160 36.85 9.88 49.03
C ALA L 160 37.55 11.14 49.50
N PRO L 161 36.83 12.24 49.75
CA PRO L 161 37.52 13.38 50.37
C PRO L 161 36.79 13.81 51.63
N THR L 162 37.47 14.07 52.76
CA THR L 162 36.68 14.37 53.99
C THR L 162 37.20 15.36 55.10
N ASP L 163 36.28 15.74 56.02
CA ASP L 163 36.60 16.50 57.25
C ASP L 163 36.84 15.60 58.46
N ILE L 164 38.07 15.52 58.95
CA ILE L 164 38.47 14.59 60.00
C ILE L 164 39.71 15.15 60.68
N LYS L 165 40.36 16.13 60.02
CA LYS L 165 41.68 16.66 60.36
C LYS L 165 42.70 15.63 60.81
N HIS L 166 43.08 15.65 62.09
CA HIS L 166 44.05 14.71 62.64
C HIS L 166 43.47 13.30 62.73
N PHE L 169 46.29 6.94 59.95
CA PHE L 169 46.03 6.41 58.63
C PHE L 169 46.58 4.99 58.48
N SER L 170 46.59 4.48 57.25
CA SER L 170 46.95 3.10 56.94
C SER L 170 48.19 3.05 56.05
N ALA L 171 48.50 1.83 55.59
CA ALA L 171 49.65 1.61 54.72
C ALA L 171 49.46 2.27 53.36
N TYR L 172 48.25 2.24 52.82
CA TYR L 172 47.97 2.85 51.53
C TYR L 172 47.98 4.39 51.55
N GLY L 173 48.28 5.07 52.66
CA GLY L 173 48.17 6.50 52.75
C GLY L 173 46.79 7.00 53.08
N LEU L 174 45.78 6.15 52.99
CA LEU L 174 44.42 6.53 53.31
C LEU L 174 44.17 6.31 54.80
N LEU L 175 43.18 7.03 55.33
CA LEU L 175 42.84 6.95 56.75
C LEU L 175 42.34 5.56 57.11
N ARG L 176 42.72 5.10 58.30
CA ARG L 176 42.42 3.74 58.74
C ARG L 176 40.93 3.57 59.01
N GLY L 177 40.45 2.36 58.78
CA GLY L 177 39.06 2.03 59.04
C GLY L 177 38.82 1.66 60.49
#